data_5GUG
#
_entry.id   5GUG
#
_cell.length_a   211.988
_cell.length_b   223.488
_cell.length_c   319.869
_cell.angle_alpha   90.00
_cell.angle_beta   90.00
_cell.angle_gamma   90.00
#
_symmetry.space_group_name_H-M   'C 2 2 21'
#
loop_
_entity.id
_entity.type
_entity.pdbx_description
1 polymer 'Inositol 1,4,5-trisphosphate receptor type 1'
2 non-polymer D-MYO-INOSITOL-1,4,5-TRIPHOSPHATE
#
_entity_poly.entity_id   1
_entity_poly.type   'polypeptide(L)'
_entity_poly.pdbx_seq_one_letter_code
;MSDKMSSFLHIGDICSLYAEGSTNGFISTLGLVDDRCVVQPEAGDLNNPPKKFRDCLFKLCPMNRYSAQKQFWKAAKPGA
NSTTDAVLLNKLHHAADLEKKQNETENRKLLGTVIQYGNVIQLLHLKSNKYLTVNKRLPALLEKNAMRVTLDEAGNEGSW
FYIQPFYKLRSIGDSVVIGDKVVLNPVNAGQPLHASSHQLVDNPGCNEVNSVNCNTSWKIVLFMKWSDNKDDILKGGDVV
RLFHAEQEKFLTCDEHRKKQHVFLRTTGRQSATSATSSKALWEVEVVQHDPCRGGAGYWNSLFRFKHLATGHYLAAEVDP
DFEEECLEFQPSVDPDQDASRSRLRNAQEKMVYSLVSVPEGNDISSIFELDPTTLRGGDSLVPRNSYVRLRHLCTNTWVH
STNIPIDKEEEKPVMLKIGTSPLKEDKEAFAIVPVSPAEVRDLDFANDASKVLGSIAGKLEKGTITQNERRSVTKLLEDL
VYFVTGGTNSGQDVLEVVFSKPNRERQKLMREQNILKQIFKLLQAPFTDCGDGPMLRLEELGDQRHAPFRHICRLCYRVL
RHSQQDYRKNQEYIAKQFGFMQKQIGYDVLAEDTITALLHNNRKLLEKHITAAEIDTFVSLVRKNREPRFLDYLSDLCVS
MNKSIPVTQELICKAVLNPTNADILIETKLVLSRFEFEGVSTGENALEAGEDEEEVWLFWRDSNKEIRSKSVRELAQDAK
EGQKEDRDILSYYRYQLNLFARMCLDRQYLAINEISGQLDVDLILRCMSDENLPYDLRASFCRLMLHMHVDRDPQEQVTP
VKYARLWSEIPSEIAIDDYDSSGTSKDEIKERFAQTMEFVEEYLRDVVCQRFPFSDKEKNKLTFEVVNLARNLIYFGFYN
FSDLLRLTKILLAILDCVHVTTIFPISKMTKGEENKGSNVMRSIHGVGELMTQVVLRGGGFLPMTPMAAAPEGNVKQAEP
EKEDIMVMDTKLKIIEILQFILNVRLDYRISCLLCIFKREFDESNSQSSETSSGNSSQEGPSNVPGALDFEHIEEQAEGI
FGGSEENTPLDLDDHGGRTFLRVLLHLTMHDYPPLVSGALQLLFRHFSQRQEVLQAFKQVQLLVTSQDVDNYKQIKQDLD
QLRSIVEKSELWVYKGQGPDEPMDGASGENEHKKTEEGTSKPLKHESTSSYNYRVVKEILIRLSKLCVQESASVRKSRKQ
QQRLLRNMGAHAVVLELLQIPYEKAEDTKMQEIMRLAHEFLQNFCAGNQQNQALLHKHINLFLNPGILEAVTMQHIFMNN
FQLCSEINERVVQHFVHCIETHGRNVQYIKFLQTIVKAEGKFIKKCQDMVMAELVNSGEDVLVFYNDRASFQTLIQMMRS
ERDRMDENSPLMYHIHLVELLAVCTEGKNVYTEIKCNSLLPLDDIVRVVTHEDCIPEVKIAYINFLNHCYVDTEVEMKEI
YTSNHMWKLFENFLVDICRACNNTSDRKHADSILEKYVTEIVMSIVTTFFSSPFSDQSTTLQTRQPVFVQLLQGVFRVYH
CNWLMPSQKASVESCIRVLSDVAKSRAIAIPVDLDSQVNNLFLKSHNIVQKTALNWRLSARNAARRDSVLAASRDYRNII
ERLQDIVSALEDRLRPLVQAELSVLVDVLHRPELLFPENTDARRKCESGGFICKLIKHTKQLLEENEEKLCIKVLQTLRE
MMTKDRGYGEKQISIDESENAELPQAPEAENSTEQELEPSPPLRQLEDHKRGEALRQILVNRYYGNIRPSGRRESLTSFG
NGPLSPGGPSKPGGGGGGPGSSSTSRGEMSLAEVQCHLDKEGASNLVIDLIMNASSDRVFHESILLAIALLEGGNTTIQH
SFFCRLTEDKKSEKFFKVFYDRMKVAQQEIKATVTVNTSDLGNKKKDDEVDRDAPSRKKAKEPTTQITEEVRDQLLEASA
ATRKAFTTFRREADPDDHYQSGEGTQATTDKAKDDLEMSAVITIMQPILRFLQLLCENHNRDLQNFLRCQNNKTNYNLVC
ETLQFLDCICGSTTGGLGLLGLYINEKNVALINQTLESLTEYCQGPCHENQNCIATHESNGIDIITALILNDINPLGKKR
MDLVLELKNNASKLLLAIMESRHDSENAERILYNMRPKELVEVIKKAYMQGEVEFEDGENGEDGAASPRNVGHNIYILAH
QLARHNKELQTMLKPGGQVDGDEALEFYAKHTAQIEIVRLDRTMEQIVFPVPSICEF
;
_entity_poly.pdbx_strand_id   A,B
#
loop_
_chem_comp.id
_chem_comp.type
_chem_comp.name
_chem_comp.formula
I3P non-polymer D-MYO-INOSITOL-1,4,5-TRIPHOSPHATE 'C6 H15 O15 P3'
#
# COMPACT_ATOMS: atom_id res chain seq x y z
N SER A 6 -19.36 -5.53 -48.58
CA SER A 6 -18.76 -6.84 -48.81
C SER A 6 -17.64 -7.14 -47.79
N SER A 7 -16.36 -7.21 -48.22
CA SER A 7 -15.25 -7.65 -47.36
C SER A 7 -14.00 -6.80 -47.56
N PHE A 8 -13.55 -6.18 -46.49
CA PHE A 8 -12.55 -5.13 -46.55
C PHE A 8 -11.22 -5.61 -46.00
N LEU A 9 -10.31 -4.67 -45.92
CA LEU A 9 -9.09 -4.83 -45.19
C LEU A 9 -9.09 -3.95 -43.93
N HIS A 10 -8.34 -4.36 -42.91
CA HIS A 10 -8.35 -3.66 -41.64
C HIS A 10 -6.94 -3.57 -41.08
N ILE A 11 -6.70 -2.58 -40.22
CA ILE A 11 -5.41 -2.57 -39.55
C ILE A 11 -5.31 -3.86 -38.75
N GLY A 12 -4.32 -4.69 -39.05
CA GLY A 12 -4.07 -5.92 -38.31
C GLY A 12 -4.41 -7.18 -39.05
N ASP A 13 -5.23 -7.08 -40.09
CA ASP A 13 -5.19 -8.08 -41.12
C ASP A 13 -3.74 -8.34 -41.54
N ILE A 14 -3.50 -9.56 -41.98
CA ILE A 14 -2.20 -10.00 -42.47
C ILE A 14 -2.38 -10.54 -43.89
N CYS A 15 -1.70 -9.94 -44.86
CA CYS A 15 -1.93 -10.32 -46.26
C CYS A 15 -0.63 -10.38 -47.04
N SER A 16 -0.76 -10.68 -48.33
CA SER A 16 0.33 -10.64 -49.30
C SER A 16 -0.02 -9.81 -50.52
N LEU A 17 1.02 -9.27 -51.17
CA LEU A 17 0.87 -8.34 -52.26
C LEU A 17 1.37 -9.00 -53.52
N TYR A 18 0.54 -8.99 -54.53
CA TYR A 18 0.92 -9.58 -55.80
C TYR A 18 0.95 -8.49 -56.86
N ALA A 19 2.16 -8.19 -57.34
CA ALA A 19 2.39 -7.26 -58.44
C ALA A 19 1.85 -7.82 -59.76
N GLU A 20 1.41 -6.86 -60.60
CA GLU A 20 0.79 -7.12 -61.89
C GLU A 20 1.11 -6.02 -62.91
N GLY A 21 2.27 -5.36 -62.79
CA GLY A 21 2.73 -4.45 -63.83
C GLY A 21 3.16 -5.24 -65.05
N SER A 22 4.30 -4.86 -65.65
CA SER A 22 4.89 -5.69 -66.69
C SER A 22 5.44 -6.99 -66.10
N THR A 23 5.90 -6.95 -64.85
CA THR A 23 6.30 -8.12 -64.09
C THR A 23 5.22 -8.44 -63.05
N ASN A 24 5.00 -9.74 -62.79
CA ASN A 24 4.02 -10.19 -61.79
C ASN A 24 4.65 -11.06 -60.71
N GLY A 25 4.16 -10.98 -59.48
CA GLY A 25 4.80 -11.72 -58.39
C GLY A 25 4.43 -11.20 -57.02
N PHE A 26 4.82 -11.93 -55.99
CA PHE A 26 4.67 -11.43 -54.64
C PHE A 26 6.00 -10.85 -54.17
N ILE A 27 5.93 -9.77 -53.41
CA ILE A 27 7.16 -9.20 -52.88
C ILE A 27 7.76 -10.18 -51.86
N SER A 28 9.08 -10.07 -51.60
CA SER A 28 9.77 -10.96 -50.64
C SER A 28 11.25 -10.58 -50.43
N THR A 29 11.82 -11.11 -49.34
CA THR A 29 13.16 -10.78 -48.88
C THR A 29 14.14 -11.83 -49.30
N LEU A 30 15.41 -11.46 -49.29
CA LEU A 30 16.50 -12.40 -49.49
C LEU A 30 17.01 -12.97 -48.19
N GLY A 31 16.44 -12.57 -47.07
CA GLY A 31 16.78 -13.13 -45.78
C GLY A 31 17.07 -12.05 -44.77
N LEU A 32 17.51 -12.47 -43.58
CA LEU A 32 17.75 -11.58 -42.45
C LEU A 32 19.15 -11.00 -42.47
N VAL A 33 19.99 -11.47 -43.34
CA VAL A 33 21.28 -10.87 -43.45
C VAL A 33 21.13 -9.71 -44.43
N ASP A 34 20.69 -10.05 -45.63
CA ASP A 34 20.61 -9.09 -46.73
C ASP A 34 19.28 -8.36 -46.67
N ASP A 35 19.33 -7.03 -46.60
CA ASP A 35 18.12 -6.19 -46.54
C ASP A 35 17.86 -5.55 -47.91
N ARG A 36 17.32 -6.36 -48.83
CA ARG A 36 16.86 -5.91 -50.14
C ARG A 36 15.50 -6.51 -50.43
N CYS A 37 14.69 -5.77 -51.17
CA CYS A 37 13.33 -6.17 -51.48
C CYS A 37 13.27 -6.63 -52.92
N VAL A 38 12.38 -7.60 -53.18
CA VAL A 38 12.27 -8.11 -54.54
C VAL A 38 10.96 -8.82 -54.84
N VAL A 39 10.76 -9.28 -56.08
CA VAL A 39 9.67 -10.17 -56.44
C VAL A 39 10.27 -11.24 -57.33
N GLN A 40 10.32 -12.47 -56.83
CA GLN A 40 10.80 -13.58 -57.64
C GLN A 40 9.63 -14.08 -58.45
N PRO A 41 9.59 -13.80 -59.75
CA PRO A 41 8.29 -13.93 -60.43
C PRO A 41 7.89 -15.36 -60.67
N GLU A 42 8.84 -16.26 -60.88
CA GLU A 42 8.51 -17.64 -61.20
C GLU A 42 8.40 -18.48 -59.97
N ALA A 43 8.66 -17.88 -58.83
CA ALA A 43 8.51 -18.61 -57.58
C ALA A 43 7.05 -18.98 -57.33
N GLY A 44 6.09 -18.12 -57.73
CA GLY A 44 4.67 -18.30 -57.43
C GLY A 44 3.74 -17.26 -58.05
N ASP A 45 2.60 -17.73 -58.52
CA ASP A 45 1.56 -16.85 -59.02
C ASP A 45 0.34 -16.97 -58.10
N LEU A 46 -0.79 -16.44 -58.55
CA LEU A 46 -2.03 -16.58 -57.77
C LEU A 46 -2.49 -18.04 -57.67
N ASN A 47 -2.69 -18.68 -58.80
CA ASN A 47 -3.20 -20.04 -58.73
C ASN A 47 -2.22 -20.94 -58.00
N ASN A 48 -0.98 -20.92 -58.42
CA ASN A 48 0.03 -21.77 -57.85
C ASN A 48 0.75 -20.95 -56.84
N PRO A 49 0.29 -21.01 -55.59
CA PRO A 49 0.94 -20.22 -54.59
C PRO A 49 2.39 -20.59 -54.49
N PRO A 50 3.26 -19.68 -54.11
CA PRO A 50 4.69 -20.00 -53.93
C PRO A 50 5.01 -21.10 -52.93
N LYS A 51 6.30 -21.42 -52.76
CA LYS A 51 6.71 -22.48 -51.88
C LYS A 51 6.89 -21.98 -50.45
N LYS A 52 7.72 -20.96 -50.31
CA LYS A 52 8.06 -20.35 -49.01
C LYS A 52 7.24 -19.09 -48.71
N PHE A 53 5.94 -19.19 -48.80
CA PHE A 53 5.05 -18.02 -48.72
C PHE A 53 4.99 -17.34 -47.36
N ARG A 54 5.72 -17.79 -46.37
CA ARG A 54 5.78 -17.04 -45.13
C ARG A 54 6.61 -15.77 -45.23
N ASP A 55 7.36 -15.62 -46.31
CA ASP A 55 8.18 -14.44 -46.53
C ASP A 55 7.48 -13.40 -47.40
N CYS A 56 6.20 -13.64 -47.80
CA CYS A 56 5.38 -12.67 -48.55
C CYS A 56 4.08 -12.28 -47.83
N LEU A 57 4.07 -12.28 -46.50
CA LEU A 57 2.95 -11.77 -45.72
C LEU A 57 3.30 -10.45 -45.06
N PHE A 58 2.39 -9.47 -45.15
CA PHE A 58 2.59 -8.21 -44.46
C PHE A 58 1.39 -7.89 -43.58
N LYS A 59 1.65 -7.17 -42.51
CA LYS A 59 0.57 -6.71 -41.66
C LYS A 59 0.34 -5.25 -41.91
N LEU A 60 -0.90 -4.87 -41.83
CA LEU A 60 -1.27 -3.51 -42.06
C LEU A 60 -1.08 -2.79 -40.77
N CYS A 61 -0.22 -1.94 -40.76
CA CYS A 61 -0.07 -1.21 -39.57
C CYS A 61 -0.54 0.18 -39.79
N PRO A 62 -1.11 0.78 -38.77
CA PRO A 62 -1.37 2.23 -38.80
C PRO A 62 -0.09 3.05 -39.02
N MET A 63 -0.20 4.41 -39.07
CA MET A 63 0.92 5.33 -39.29
C MET A 63 1.75 5.59 -38.02
N ASN A 64 3.09 5.41 -38.09
CA ASN A 64 3.97 5.48 -36.92
C ASN A 64 4.48 6.90 -36.63
N ARG A 65 4.71 7.18 -35.36
CA ARG A 65 5.13 8.50 -34.94
C ARG A 65 6.64 8.48 -34.98
N TYR A 66 7.20 9.27 -35.86
CA TYR A 66 8.62 9.34 -36.05
C TYR A 66 9.01 10.81 -36.02
N SER A 67 8.96 11.38 -34.83
CA SER A 67 9.48 12.71 -34.53
C SER A 67 10.66 12.70 -33.53
N ALA A 68 10.51 12.20 -32.26
CA ALA A 68 11.57 12.25 -31.19
C ALA A 68 12.62 11.11 -31.26
N GLN A 69 12.27 10.06 -32.01
CA GLN A 69 13.23 9.06 -32.40
C GLN A 69 14.16 9.52 -33.55
N LYS A 70 13.69 10.36 -34.52
CA LYS A 70 14.56 10.83 -35.58
C LYS A 70 15.45 11.98 -35.12
N GLN A 71 15.04 12.66 -34.03
CA GLN A 71 15.89 13.56 -33.22
C GLN A 71 16.88 12.80 -32.34
N PHE A 72 16.44 11.79 -31.57
CA PHE A 72 17.46 11.04 -30.88
C PHE A 72 18.47 10.43 -31.87
N TRP A 73 18.17 10.43 -33.20
CA TRP A 73 18.95 9.99 -34.41
C TRP A 73 19.83 11.09 -35.02
N LYS A 74 20.37 11.86 -34.09
CA LYS A 74 21.44 12.81 -34.27
C LYS A 74 22.41 12.65 -33.08
N ALA A 75 22.77 11.41 -32.81
CA ALA A 75 23.90 11.06 -31.95
C ALA A 75 25.14 10.86 -32.87
N SER A 82 26.93 15.22 -32.99
CA SER A 82 26.58 16.62 -33.02
C SER A 82 26.27 17.15 -31.64
N THR A 83 26.36 16.26 -30.65
CA THR A 83 25.98 16.59 -29.29
C THR A 83 27.10 16.13 -28.40
N THR A 84 27.66 17.05 -27.62
CA THR A 84 28.62 16.74 -26.55
C THR A 84 27.95 16.46 -25.21
N ASP A 85 26.81 17.06 -24.93
CA ASP A 85 26.22 16.89 -23.62
C ASP A 85 25.64 15.50 -23.49
N ALA A 86 25.73 15.00 -22.27
CA ALA A 86 25.21 13.69 -22.01
C ALA A 86 23.76 13.79 -21.62
N VAL A 87 23.42 14.70 -20.70
CA VAL A 87 22.05 14.73 -20.22
C VAL A 87 21.05 15.09 -21.34
N LEU A 88 21.49 15.74 -22.43
CA LEU A 88 20.59 16.07 -23.56
C LEU A 88 20.42 14.93 -24.57
N LEU A 89 21.42 14.09 -24.73
CA LEU A 89 21.19 12.90 -25.52
C LEU A 89 20.19 11.97 -24.80
N ASN A 90 20.25 11.93 -23.43
CA ASN A 90 19.37 11.08 -22.60
C ASN A 90 17.93 11.57 -22.67
N LYS A 91 17.75 12.88 -22.56
CA LYS A 91 16.44 13.44 -22.91
C LYS A 91 15.99 12.98 -24.32
N LEU A 92 16.84 13.19 -25.32
CA LEU A 92 16.43 12.91 -26.71
C LEU A 92 16.00 11.47 -26.92
N HIS A 93 16.76 10.55 -26.39
CA HIS A 93 16.43 9.16 -26.55
C HIS A 93 15.22 8.78 -25.72
N HIS A 94 15.20 9.18 -24.44
CA HIS A 94 14.00 8.96 -23.65
C HIS A 94 12.80 9.31 -24.49
N ALA A 95 12.85 10.46 -25.15
CA ALA A 95 11.75 10.80 -26.04
C ALA A 95 11.64 9.75 -27.15
N ALA A 96 12.72 9.47 -27.85
CA ALA A 96 12.64 8.51 -28.93
C ALA A 96 11.98 7.23 -28.50
N ASP A 97 12.17 6.90 -27.24
CA ASP A 97 11.61 5.71 -26.67
C ASP A 97 10.11 5.93 -26.47
N LEU A 98 9.75 6.94 -25.67
CA LEU A 98 8.35 7.16 -25.33
C LEU A 98 7.48 7.26 -26.59
N GLU A 99 8.04 7.80 -27.66
CA GLU A 99 7.30 7.86 -28.91
C GLU A 99 7.23 6.51 -29.55
N LYS A 100 8.36 5.83 -29.59
CA LYS A 100 8.35 4.50 -30.11
C LYS A 100 7.18 3.72 -29.51
N LYS A 101 6.89 4.00 -28.26
CA LYS A 101 5.78 3.31 -27.62
C LYS A 101 4.45 3.93 -27.97
N GLN A 102 4.32 5.24 -27.73
CA GLN A 102 3.05 5.89 -27.98
C GLN A 102 2.52 5.44 -29.33
N ASN A 103 3.45 5.19 -30.23
CA ASN A 103 3.13 4.46 -31.42
C ASN A 103 2.38 3.17 -31.10
N GLU A 104 3.01 2.29 -30.33
CA GLU A 104 2.39 1.02 -30.03
C GLU A 104 0.95 1.26 -29.59
N THR A 105 0.77 2.02 -28.51
CA THR A 105 -0.55 2.23 -27.93
C THR A 105 -1.55 2.60 -29.00
N GLU A 106 -1.30 3.69 -29.71
CA GLU A 106 -2.32 4.13 -30.63
C GLU A 106 -2.57 3.04 -31.67
N ASN A 107 -1.53 2.41 -32.16
CA ASN A 107 -1.74 1.48 -33.24
C ASN A 107 -2.59 0.31 -32.82
N ARG A 108 -2.49 -0.05 -31.55
CA ARG A 108 -3.38 -1.08 -31.06
C ARG A 108 -4.80 -0.64 -31.27
N LYS A 109 -5.07 0.61 -30.92
CA LYS A 109 -6.42 1.13 -31.05
C LYS A 109 -6.90 1.05 -32.50
N LEU A 110 -6.01 1.33 -33.45
CA LEU A 110 -6.37 1.33 -34.87
C LEU A 110 -6.47 -0.05 -35.45
N LEU A 111 -6.36 -1.04 -34.59
CA LEU A 111 -6.48 -2.41 -35.02
C LEU A 111 -7.88 -2.71 -35.50
N GLY A 112 -7.99 -3.49 -36.56
CA GLY A 112 -9.26 -3.88 -37.08
C GLY A 112 -9.84 -2.87 -38.03
N THR A 113 -9.41 -1.62 -37.89
CA THR A 113 -10.04 -0.52 -38.58
C THR A 113 -9.87 -0.69 -40.06
N VAL A 114 -10.98 -0.48 -40.78
CA VAL A 114 -10.96 -0.51 -42.23
C VAL A 114 -10.08 0.61 -42.71
N ILE A 115 -9.07 0.26 -43.50
CA ILE A 115 -8.31 1.28 -44.16
C ILE A 115 -9.19 1.91 -45.23
N GLN A 116 -9.11 3.22 -45.32
CA GLN A 116 -9.66 3.90 -46.46
C GLN A 116 -8.52 4.14 -47.44
N TYR A 117 -8.90 4.32 -48.71
CA TYR A 117 -7.91 4.62 -49.73
C TYR A 117 -7.36 6.01 -49.51
N GLY A 118 -6.04 6.15 -49.47
CA GLY A 118 -5.51 7.44 -49.08
C GLY A 118 -5.49 7.64 -47.58
N ASN A 119 -5.79 6.61 -46.83
CA ASN A 119 -5.25 6.59 -45.51
C ASN A 119 -3.77 6.31 -45.67
N VAL A 120 -3.05 6.57 -44.60
CA VAL A 120 -1.59 6.57 -44.62
C VAL A 120 -1.06 5.36 -43.83
N ILE A 121 -1.04 4.08 -44.47
CA ILE A 121 -0.71 2.83 -43.79
C ILE A 121 0.71 2.34 -44.05
N GLN A 122 1.37 1.86 -43.02
CA GLN A 122 2.66 1.25 -43.18
C GLN A 122 2.39 -0.23 -43.30
N LEU A 123 3.34 -0.91 -43.91
CA LEU A 123 3.18 -2.31 -44.25
C LEU A 123 4.32 -3.10 -43.63
N LEU A 124 4.03 -3.84 -42.57
CA LEU A 124 5.07 -4.52 -41.80
C LEU A 124 5.41 -5.88 -42.40
N HIS A 125 6.72 -6.18 -42.46
CA HIS A 125 7.25 -7.46 -42.91
C HIS A 125 7.37 -8.39 -41.72
N LEU A 126 6.49 -9.38 -41.68
CA LEU A 126 6.41 -10.25 -40.51
C LEU A 126 7.67 -11.07 -40.31
N LYS A 127 7.96 -11.97 -41.25
CA LYS A 127 9.03 -12.92 -41.00
C LYS A 127 10.30 -12.17 -40.74
N SER A 128 10.47 -11.07 -41.44
CA SER A 128 11.55 -10.16 -41.16
C SER A 128 11.19 -9.19 -40.06
N ASN A 129 9.92 -8.87 -39.84
CA ASN A 129 9.50 -7.89 -38.83
C ASN A 129 9.98 -6.50 -39.19
N LYS A 130 10.69 -6.33 -40.28
CA LYS A 130 11.20 -5.04 -40.66
C LYS A 130 10.07 -4.34 -41.38
N TYR A 131 10.13 -3.01 -41.32
CA TYR A 131 9.24 -2.15 -42.09
C TYR A 131 9.82 -1.87 -43.47
N LEU A 132 8.96 -1.98 -44.47
CA LEU A 132 9.31 -1.55 -45.82
C LEU A 132 9.51 -0.05 -45.85
N THR A 133 10.57 0.39 -46.53
CA THR A 133 10.94 1.79 -46.46
C THR A 133 11.57 2.22 -47.76
N VAL A 134 11.16 3.38 -48.28
CA VAL A 134 11.87 4.09 -49.34
C VAL A 134 12.86 5.02 -48.69
N ASN A 135 14.07 5.04 -49.23
CA ASN A 135 15.14 5.90 -48.74
C ASN A 135 15.27 6.99 -49.78
N LYS A 136 14.57 8.07 -49.53
CA LYS A 136 14.43 9.08 -50.54
C LYS A 136 15.77 9.47 -51.18
N ARG A 137 16.86 9.57 -50.39
CA ARG A 137 18.03 10.31 -50.83
C ARG A 137 19.08 9.43 -51.51
N LEU A 138 18.66 8.39 -52.18
CA LEU A 138 19.61 7.45 -52.74
C LEU A 138 19.23 7.14 -54.17
N PRO A 139 20.15 6.55 -54.93
CA PRO A 139 19.74 5.73 -56.06
C PRO A 139 19.50 4.30 -55.61
N ALA A 140 18.72 3.60 -56.43
CA ALA A 140 18.52 2.19 -56.22
C ALA A 140 19.78 1.44 -56.66
N LEU A 141 19.84 0.16 -56.32
CA LEU A 141 21.00 -0.64 -56.63
C LEU A 141 20.97 -1.12 -58.09
N LEU A 142 19.89 -1.77 -58.53
CA LEU A 142 19.82 -2.29 -59.89
C LEU A 142 19.23 -1.32 -60.89
N GLU A 143 18.33 -0.47 -60.46
CA GLU A 143 17.82 0.60 -61.30
C GLU A 143 18.49 1.89 -60.87
N LYS A 144 18.82 2.75 -61.82
CA LYS A 144 19.70 3.88 -61.54
C LYS A 144 18.96 5.10 -61.02
N ASN A 145 17.82 5.43 -61.63
CA ASN A 145 17.10 6.61 -61.18
C ASN A 145 16.28 6.34 -59.92
N ALA A 146 15.68 5.13 -59.81
CA ALA A 146 14.71 4.80 -58.76
C ALA A 146 15.34 4.90 -57.37
N MET A 147 14.53 5.33 -56.40
CA MET A 147 14.98 5.41 -55.03
C MET A 147 15.06 4.01 -54.46
N ARG A 148 16.03 3.83 -53.56
CA ARG A 148 16.28 2.52 -52.99
C ARG A 148 15.17 2.16 -51.99
N VAL A 149 14.52 1.00 -52.17
CA VAL A 149 13.51 0.47 -51.24
C VAL A 149 14.06 -0.74 -50.47
N THR A 150 14.13 -0.60 -49.14
CA THR A 150 14.73 -1.60 -48.27
C THR A 150 13.82 -1.96 -47.09
N LEU A 151 14.38 -2.65 -46.09
CA LEU A 151 13.64 -3.10 -44.88
C LEU A 151 14.35 -2.68 -43.60
N ASP A 152 13.90 -1.58 -43.03
CA ASP A 152 14.47 -1.05 -41.79
C ASP A 152 13.73 -1.58 -40.60
N GLU A 153 14.45 -1.80 -39.51
CA GLU A 153 13.86 -2.48 -38.38
C GLU A 153 12.77 -1.64 -37.74
N ALA A 154 13.11 -0.44 -37.29
CA ALA A 154 12.20 0.39 -36.52
C ALA A 154 11.24 1.21 -37.40
N GLY A 155 11.56 1.45 -38.68
CA GLY A 155 10.77 2.29 -39.54
C GLY A 155 11.20 3.76 -39.54
N ASN A 156 10.57 4.53 -40.43
CA ASN A 156 10.80 5.98 -40.46
C ASN A 156 9.65 6.58 -41.27
N GLU A 157 9.76 7.89 -41.51
CA GLU A 157 8.72 8.56 -42.30
C GLU A 157 8.60 7.92 -43.69
N GLY A 158 9.69 7.35 -44.22
CA GLY A 158 9.64 6.73 -45.51
C GLY A 158 9.08 5.32 -45.42
N SER A 159 8.44 4.99 -44.30
CA SER A 159 7.67 3.76 -44.18
C SER A 159 6.18 4.02 -44.33
N TRP A 160 5.80 5.27 -44.57
CA TRP A 160 4.42 5.65 -44.80
C TRP A 160 4.06 5.49 -46.28
N PHE A 161 2.89 4.88 -46.55
CA PHE A 161 2.43 4.59 -47.92
C PHE A 161 0.91 4.80 -48.11
N TYR A 162 0.53 5.86 -48.83
CA TYR A 162 -0.87 6.05 -49.15
C TYR A 162 -1.37 4.81 -49.87
N ILE A 163 -2.41 4.24 -49.29
CA ILE A 163 -3.09 3.13 -49.90
C ILE A 163 -4.09 3.83 -50.81
N GLN A 164 -3.66 4.17 -51.98
CA GLN A 164 -4.58 4.91 -52.80
C GLN A 164 -4.98 4.07 -53.96
N PRO A 165 -6.11 4.34 -54.56
CA PRO A 165 -6.58 3.42 -55.61
C PRO A 165 -5.81 3.55 -56.89
N PHE A 166 -5.77 2.43 -57.65
CA PHE A 166 -5.10 2.34 -58.96
C PHE A 166 -6.05 2.59 -60.14
N TYR A 167 -6.92 1.61 -60.44
CA TYR A 167 -8.04 1.81 -61.33
C TYR A 167 -9.21 2.43 -60.57
N LYS A 168 -9.96 3.29 -61.27
CA LYS A 168 -10.97 4.12 -60.62
C LYS A 168 -12.21 3.36 -60.21
N LEU A 169 -12.18 2.01 -60.13
CA LEU A 169 -13.33 1.23 -59.67
C LEU A 169 -13.72 1.60 -58.25
N ARG A 170 -12.77 2.09 -57.47
CA ARG A 170 -13.00 2.72 -56.17
C ARG A 170 -12.09 3.95 -56.04
N SER A 171 -12.36 4.83 -55.07
CA SER A 171 -11.67 6.12 -55.00
C SER A 171 -11.27 6.48 -53.57
N ILE A 172 -10.55 7.60 -53.47
CA ILE A 172 -10.16 8.12 -52.18
C ILE A 172 -11.39 8.32 -51.29
N GLY A 173 -11.29 7.88 -50.04
CA GLY A 173 -12.41 7.90 -49.12
C GLY A 173 -12.94 6.50 -48.99
N ASP A 174 -13.28 5.93 -50.14
CA ASP A 174 -13.80 4.58 -50.19
C ASP A 174 -12.92 3.63 -49.37
N SER A 175 -13.58 2.70 -48.70
CA SER A 175 -12.84 1.73 -47.93
C SER A 175 -12.15 0.77 -48.87
N VAL A 176 -11.07 0.24 -48.41
CA VAL A 176 -10.27 -0.63 -49.24
C VAL A 176 -10.82 -2.04 -49.13
N VAL A 177 -11.20 -2.62 -50.25
CA VAL A 177 -11.69 -3.99 -50.23
C VAL A 177 -10.52 -4.96 -50.31
N ILE A 178 -10.77 -6.19 -49.88
CA ILE A 178 -9.74 -7.21 -50.05
C ILE A 178 -9.58 -7.48 -51.53
N GLY A 179 -8.36 -7.76 -51.96
CA GLY A 179 -8.08 -7.98 -53.37
C GLY A 179 -7.66 -6.73 -54.11
N ASP A 180 -8.38 -5.61 -53.91
CA ASP A 180 -8.24 -4.41 -54.73
C ASP A 180 -6.82 -4.17 -55.22
N LYS A 181 -6.65 -3.65 -56.42
CA LYS A 181 -5.35 -3.17 -56.87
C LYS A 181 -5.18 -1.69 -56.53
N VAL A 182 -4.07 -1.34 -55.85
CA VAL A 182 -3.82 0.05 -55.41
C VAL A 182 -2.41 0.48 -55.80
N VAL A 183 -2.17 1.77 -55.70
CA VAL A 183 -0.83 2.34 -55.69
C VAL A 183 -0.54 2.63 -54.23
N LEU A 184 0.47 1.95 -53.72
CA LEU A 184 1.08 2.40 -52.50
C LEU A 184 2.05 3.47 -52.89
N ASN A 185 1.89 4.63 -52.32
CA ASN A 185 2.69 5.76 -52.74
C ASN A 185 3.37 6.32 -51.49
N PRO A 186 4.69 6.32 -51.41
CA PRO A 186 5.36 6.91 -50.24
C PRO A 186 4.79 8.29 -49.93
N VAL A 187 4.73 8.61 -48.68
CA VAL A 187 4.06 9.83 -48.28
C VAL A 187 4.87 11.05 -48.74
N ASN A 188 6.18 10.98 -48.52
CA ASN A 188 7.09 12.06 -48.84
C ASN A 188 8.30 11.48 -49.56
N ALA A 189 8.59 10.18 -49.36
CA ALA A 189 9.77 9.59 -49.93
C ALA A 189 9.75 9.51 -51.44
N GLY A 190 8.73 10.05 -52.06
CA GLY A 190 8.78 10.31 -53.49
C GLY A 190 8.04 9.24 -54.26
N GLN A 191 8.67 8.72 -55.30
CA GLN A 191 7.95 7.99 -56.32
C GLN A 191 7.27 6.77 -55.72
N PRO A 192 6.18 6.32 -56.37
CA PRO A 192 5.44 5.19 -55.83
C PRO A 192 6.17 3.91 -56.11
N LEU A 193 5.76 2.90 -55.36
CA LEU A 193 6.37 1.60 -55.47
C LEU A 193 6.30 1.13 -56.93
N HIS A 194 7.34 0.38 -57.35
CA HIS A 194 7.41 -0.14 -58.71
C HIS A 194 8.27 -1.40 -58.70
N ALA A 195 7.65 -2.55 -58.98
CA ALA A 195 8.41 -3.79 -59.15
C ALA A 195 9.14 -3.71 -60.48
N SER A 196 10.41 -4.16 -60.45
CA SER A 196 11.36 -3.87 -61.52
C SER A 196 11.25 -4.87 -62.68
N SER A 197 12.13 -4.72 -63.68
CA SER A 197 12.28 -5.67 -64.77
C SER A 197 13.67 -6.24 -64.83
N HIS A 198 14.48 -5.92 -63.83
CA HIS A 198 15.87 -6.27 -63.74
C HIS A 198 15.96 -7.35 -62.66
N GLN A 199 16.50 -8.50 -63.03
CA GLN A 199 16.83 -9.53 -62.03
C GLN A 199 18.14 -9.18 -61.25
N LEU A 200 18.47 -9.96 -60.19
CA LEU A 200 19.66 -9.68 -59.38
C LEU A 200 20.84 -10.62 -59.66
N VAL A 201 22.04 -10.14 -59.27
CA VAL A 201 23.30 -10.75 -59.71
C VAL A 201 23.39 -12.23 -59.31
N ASP A 202 22.95 -12.56 -58.10
CA ASP A 202 23.23 -13.88 -57.50
C ASP A 202 22.07 -14.87 -57.60
N ASN A 203 20.82 -14.42 -57.67
CA ASN A 203 19.69 -15.36 -57.60
C ASN A 203 18.99 -15.63 -58.93
N GLY A 205 16.77 -14.91 -60.78
CA GLY A 205 15.34 -15.14 -60.88
C GLY A 205 14.56 -14.41 -59.84
N CYS A 206 14.91 -13.14 -59.68
CA CYS A 206 14.30 -12.30 -58.68
C CYS A 206 14.53 -10.85 -59.03
N ASN A 207 13.52 -10.01 -58.87
CA ASN A 207 13.55 -8.63 -59.31
C ASN A 207 13.54 -7.68 -58.11
N GLU A 208 14.35 -6.60 -58.19
CA GLU A 208 14.57 -5.66 -57.08
C GLU A 208 13.55 -4.52 -57.10
N VAL A 209 12.72 -4.46 -56.08
CA VAL A 209 11.67 -3.45 -56.05
C VAL A 209 12.24 -2.07 -55.66
N ASN A 210 11.81 -1.01 -56.37
CA ASN A 210 12.34 0.32 -56.14
C ASN A 210 11.27 1.38 -56.42
N SER A 211 11.54 2.57 -55.91
CA SER A 211 10.53 3.63 -55.81
C SER A 211 10.66 4.48 -57.05
N VAL A 212 9.75 4.32 -57.99
CA VAL A 212 9.81 5.06 -59.23
C VAL A 212 8.42 5.11 -59.80
N ASN A 213 8.04 6.27 -60.34
CA ASN A 213 6.77 6.38 -61.00
C ASN A 213 6.76 5.37 -62.14
N CYS A 214 5.98 4.29 -62.01
CA CYS A 214 5.81 3.31 -63.07
C CYS A 214 4.42 2.72 -62.94
N ASN A 215 3.97 2.05 -64.00
CA ASN A 215 2.61 1.51 -64.09
C ASN A 215 2.56 0.08 -63.53
N THR A 216 2.91 -0.01 -62.25
CA THR A 216 2.81 -1.25 -61.49
C THR A 216 1.65 -1.15 -60.50
N SER A 217 0.74 -2.12 -60.54
CA SER A 217 -0.43 -2.18 -59.66
C SER A 217 -0.35 -3.40 -58.73
N TRP A 218 -0.86 -3.26 -57.50
CA TRP A 218 -0.62 -4.24 -56.45
C TRP A 218 -1.90 -4.97 -56.03
N LYS A 219 -1.90 -6.29 -56.16
CA LYS A 219 -3.08 -7.09 -55.83
C LYS A 219 -3.03 -7.48 -54.37
N ILE A 220 -4.08 -7.12 -53.64
CA ILE A 220 -4.13 -7.23 -52.21
C ILE A 220 -4.71 -8.57 -51.82
N VAL A 221 -3.83 -9.51 -51.54
CA VAL A 221 -4.20 -10.88 -51.24
C VAL A 221 -4.16 -11.09 -49.74
N LEU A 222 -5.34 -11.15 -49.12
CA LEU A 222 -5.41 -11.32 -47.68
C LEU A 222 -4.95 -12.71 -47.24
N PHE A 223 -4.18 -12.75 -46.17
CA PHE A 223 -3.74 -14.02 -45.62
C PHE A 223 -4.49 -14.38 -44.35
N MET A 224 -4.16 -13.76 -43.23
CA MET A 224 -4.80 -14.03 -41.94
C MET A 224 -5.44 -12.77 -41.42
N LYS A 225 -6.76 -12.77 -41.25
CA LYS A 225 -7.48 -11.62 -40.74
C LYS A 225 -6.75 -10.99 -39.55
N TRP A 226 -7.13 -9.78 -39.15
CA TRP A 226 -6.61 -9.26 -37.92
C TRP A 226 -7.14 -10.03 -36.73
N SER A 227 -8.09 -10.92 -36.96
CA SER A 227 -8.63 -11.76 -35.90
C SER A 227 -7.65 -12.91 -35.79
N ASP A 228 -6.54 -12.61 -35.14
CA ASP A 228 -5.51 -13.59 -34.82
C ASP A 228 -5.08 -13.24 -33.39
N ASN A 229 -5.83 -13.76 -32.42
CA ASN A 229 -5.53 -13.58 -31.00
C ASN A 229 -4.32 -14.42 -30.66
N LYS A 230 -3.23 -13.77 -30.32
CA LYS A 230 -2.02 -14.47 -30.05
C LYS A 230 -1.10 -13.57 -29.27
N ASP A 231 -0.42 -14.11 -28.25
CA ASP A 231 -0.43 -15.55 -27.94
C ASP A 231 -1.60 -15.99 -27.10
N ASP A 232 -2.55 -16.65 -27.72
CA ASP A 232 -3.81 -16.98 -27.08
C ASP A 232 -4.38 -18.21 -27.78
N ILE A 233 -4.03 -18.37 -29.05
CA ILE A 233 -4.62 -19.39 -29.88
C ILE A 233 -3.52 -19.95 -30.73
N LEU A 234 -3.44 -21.23 -30.76
CA LEU A 234 -2.73 -21.84 -31.82
C LEU A 234 -3.55 -21.57 -33.06
N LYS A 235 -3.01 -20.76 -33.94
CA LYS A 235 -3.56 -20.57 -35.27
C LYS A 235 -2.44 -20.91 -36.24
N GLY A 236 -2.81 -21.41 -37.44
CA GLY A 236 -1.83 -21.82 -38.44
C GLY A 236 -0.59 -20.96 -38.43
N GLY A 237 0.58 -21.55 -38.70
CA GLY A 237 1.83 -20.80 -38.77
C GLY A 237 2.48 -20.53 -37.44
N ASP A 238 1.80 -20.81 -36.35
CA ASP A 238 2.44 -20.75 -35.06
C ASP A 238 3.57 -21.76 -35.03
N VAL A 239 4.56 -21.49 -34.17
CA VAL A 239 5.74 -22.34 -33.96
C VAL A 239 5.71 -22.88 -32.52
N VAL A 240 5.72 -24.23 -32.36
CA VAL A 240 5.59 -24.86 -31.05
C VAL A 240 6.46 -26.10 -30.98
N ARG A 241 6.98 -26.33 -29.81
CA ARG A 241 7.51 -27.64 -29.58
C ARG A 241 6.38 -28.52 -29.07
N LEU A 242 6.59 -29.83 -29.21
CA LEU A 242 5.60 -30.83 -28.79
C LEU A 242 6.13 -31.71 -27.67
N PHE A 243 6.12 -31.16 -26.45
CA PHE A 243 6.69 -31.89 -25.31
C PHE A 243 5.91 -33.21 -25.11
N HIS A 244 6.62 -34.22 -24.60
CA HIS A 244 5.96 -35.44 -24.14
C HIS A 244 5.60 -35.31 -22.65
N ALA A 245 4.32 -35.55 -22.29
CA ALA A 245 3.87 -35.40 -20.89
C ALA A 245 4.54 -36.42 -19.96
N GLU A 246 4.47 -37.69 -20.33
CA GLU A 246 5.10 -38.80 -19.63
C GLU A 246 6.62 -38.86 -19.85
N GLN A 247 7.05 -39.07 -21.09
CA GLN A 247 8.47 -39.26 -21.41
C GLN A 247 9.32 -38.00 -21.15
N GLU A 248 8.69 -36.91 -20.69
CA GLU A 248 9.37 -35.65 -20.33
C GLU A 248 10.43 -35.32 -21.35
N LYS A 249 10.07 -35.59 -22.58
CA LYS A 249 10.97 -35.58 -23.70
C LYS A 249 10.30 -34.82 -24.82
N PHE A 250 11.01 -33.83 -25.31
CA PHE A 250 10.55 -33.13 -26.48
C PHE A 250 10.50 -34.12 -27.67
N LEU A 251 9.68 -33.78 -28.67
CA LEU A 251 9.75 -34.45 -29.97
C LEU A 251 10.72 -33.73 -30.94
N THR A 252 11.68 -34.49 -31.56
CA THR A 252 12.93 -34.06 -32.21
C THR A 252 13.27 -34.83 -33.48
N CYS A 253 13.67 -34.13 -34.53
CA CYS A 253 13.90 -34.78 -35.82
C CYS A 253 15.31 -34.51 -36.25
N ASP A 254 16.09 -35.56 -36.46
CA ASP A 254 17.47 -35.41 -36.84
C ASP A 254 17.88 -36.56 -37.78
N GLU A 255 19.18 -36.61 -38.04
CA GLU A 255 19.77 -37.65 -38.85
C GLU A 255 20.55 -38.55 -37.93
N HIS A 256 20.21 -39.81 -37.99
CA HIS A 256 21.07 -40.83 -37.49
C HIS A 256 21.30 -41.68 -38.72
N ARG A 257 22.54 -42.05 -38.95
CA ARG A 257 22.88 -42.87 -40.11
C ARG A 257 22.54 -42.14 -41.40
N LYS A 258 22.90 -40.88 -41.43
CA LYS A 258 22.60 -40.07 -42.61
C LYS A 258 21.12 -40.14 -42.93
N LYS A 259 20.31 -40.68 -42.03
CA LYS A 259 18.89 -40.90 -42.28
C LYS A 259 18.03 -40.03 -41.39
N GLN A 260 17.09 -39.35 -41.98
CA GLN A 260 16.22 -38.49 -41.21
C GLN A 260 15.24 -39.31 -40.43
N HIS A 261 15.23 -39.08 -39.15
CA HIS A 261 14.45 -39.83 -38.22
C HIS A 261 13.96 -38.83 -37.19
N VAL A 262 12.82 -39.06 -36.73
CA VAL A 262 12.25 -38.32 -35.63
C VAL A 262 12.40 -39.12 -34.35
N PHE A 263 12.41 -38.44 -33.19
CA PHE A 263 12.75 -39.05 -31.91
C PHE A 263 12.42 -38.09 -30.78
N LEU A 264 12.14 -38.62 -29.58
CA LEU A 264 12.21 -37.81 -28.39
C LEU A 264 13.66 -37.89 -27.94
N ARG A 265 14.22 -36.79 -27.47
CA ARG A 265 15.64 -36.71 -27.10
C ARG A 265 15.77 -36.78 -25.56
N THR A 266 16.73 -37.59 -25.08
CA THR A 266 17.10 -37.66 -23.65
C THR A 266 18.10 -36.52 -23.29
N THR A 267 17.81 -35.72 -22.25
CA THR A 267 18.63 -34.55 -21.85
C THR A 267 19.31 -34.79 -20.50
N GLY A 268 20.56 -34.34 -20.34
CA GLY A 268 21.31 -34.54 -19.10
C GLY A 268 21.16 -33.43 -18.10
N ARG A 269 20.35 -32.48 -18.44
CA ARG A 269 19.99 -31.44 -17.52
C ARG A 269 19.16 -32.02 -16.40
N GLN A 270 18.91 -31.17 -15.43
CA GLN A 270 17.96 -31.45 -14.38
C GLN A 270 16.61 -30.73 -14.56
N SER A 271 16.21 -30.41 -15.80
CA SER A 271 14.95 -29.66 -16.07
C SER A 271 14.50 -29.86 -17.54
N ALA A 272 13.63 -30.86 -17.76
CA ALA A 272 13.34 -31.38 -19.11
C ALA A 272 12.89 -30.30 -20.11
N THR A 273 12.33 -29.18 -19.63
CA THR A 273 11.89 -28.10 -20.49
C THR A 273 12.96 -27.08 -20.81
N SER A 274 14.13 -27.20 -20.22
CA SER A 274 15.25 -26.36 -20.63
C SER A 274 16.11 -27.02 -21.73
N ALA A 275 15.92 -28.31 -22.04
CA ALA A 275 16.75 -29.02 -23.02
C ALA A 275 16.26 -28.64 -24.40
N THR A 276 16.20 -27.34 -24.57
CA THR A 276 15.68 -26.75 -25.76
C THR A 276 16.76 -26.85 -26.84
N SER A 277 16.41 -27.39 -27.99
CA SER A 277 17.36 -27.46 -29.09
C SER A 277 16.69 -26.95 -30.35
N SER A 278 17.37 -26.06 -31.08
CA SER A 278 16.82 -25.58 -32.33
C SER A 278 16.40 -26.72 -33.19
N LYS A 279 16.95 -27.85 -32.97
CA LYS A 279 16.53 -28.95 -33.76
C LYS A 279 15.21 -29.51 -33.26
N ALA A 280 14.49 -28.81 -32.38
CA ALA A 280 13.29 -29.37 -31.72
C ALA A 280 11.97 -28.61 -31.94
N LEU A 281 11.88 -27.84 -33.00
CA LEU A 281 10.67 -27.04 -33.17
C LEU A 281 9.84 -27.54 -34.35
N TRP A 282 8.62 -26.98 -34.45
CA TRP A 282 7.70 -27.27 -35.56
C TRP A 282 6.67 -26.15 -35.88
N GLU A 283 6.47 -25.82 -37.17
CA GLU A 283 5.50 -24.79 -37.63
C GLU A 283 4.15 -25.38 -38.01
N VAL A 284 3.06 -24.63 -37.64
CA VAL A 284 1.69 -25.16 -37.58
C VAL A 284 0.99 -24.87 -38.89
N GLU A 285 0.30 -25.88 -39.39
CA GLU A 285 -0.42 -25.78 -40.64
C GLU A 285 -1.84 -26.05 -40.27
N VAL A 286 -2.52 -25.03 -39.81
CA VAL A 286 -3.96 -25.13 -39.67
C VAL A 286 -4.49 -25.20 -41.08
N VAL A 287 -4.65 -26.43 -41.57
CA VAL A 287 -5.03 -26.61 -42.95
C VAL A 287 -6.22 -25.71 -43.30
N GLN A 288 -6.18 -25.11 -44.48
CA GLN A 288 -7.29 -24.32 -45.00
C GLN A 288 -7.66 -24.85 -46.38
N HIS A 289 -8.46 -24.11 -47.10
CA HIS A 289 -8.72 -24.42 -48.50
C HIS A 289 -7.76 -23.56 -49.29
N ASP A 290 -8.19 -22.37 -49.59
CA ASP A 290 -7.23 -21.46 -50.12
C ASP A 290 -6.11 -21.34 -49.11
N PRO A 291 -4.90 -21.24 -49.54
CA PRO A 291 -3.85 -20.92 -48.58
C PRO A 291 -4.20 -19.63 -47.83
N CYS A 292 -4.74 -19.75 -46.63
CA CYS A 292 -5.17 -18.57 -45.84
C CYS A 292 -5.06 -18.89 -44.34
N ARG A 293 -5.70 -18.08 -43.49
CA ARG A 293 -5.51 -18.10 -42.00
C ARG A 293 -5.95 -19.44 -41.37
N TRP A 299 -9.51 -25.29 -34.15
CA TRP A 299 -9.76 -26.22 -33.04
C TRP A 299 -10.53 -27.45 -33.52
N ASN A 300 -11.19 -27.38 -34.69
CA ASN A 300 -11.96 -28.50 -35.23
C ASN A 300 -11.36 -29.10 -36.51
N SER A 301 -10.63 -28.35 -37.28
CA SER A 301 -10.05 -28.94 -38.46
C SER A 301 -8.74 -29.57 -38.06
N LEU A 302 -8.05 -30.06 -39.00
CA LEU A 302 -6.85 -30.77 -38.66
C LEU A 302 -5.67 -29.85 -38.76
N PHE A 303 -4.48 -30.38 -38.52
CA PHE A 303 -3.27 -29.60 -38.57
C PHE A 303 -2.13 -30.44 -39.10
N ARG A 304 -1.19 -29.77 -39.76
CA ARG A 304 0.01 -30.41 -40.29
C ARG A 304 1.20 -29.74 -39.65
N PHE A 305 2.31 -30.47 -39.56
CA PHE A 305 3.50 -30.01 -38.84
C PHE A 305 4.71 -30.04 -39.76
N LYS A 306 5.31 -28.86 -40.00
CA LYS A 306 6.51 -28.76 -40.81
C LYS A 306 7.72 -28.61 -39.92
N HIS A 307 8.68 -29.50 -40.08
CA HIS A 307 9.86 -29.40 -39.26
C HIS A 307 10.52 -28.12 -39.61
N LEU A 308 10.56 -27.28 -38.60
CA LEU A 308 11.09 -25.97 -38.80
C LEU A 308 12.48 -26.04 -39.45
N ALA A 309 13.37 -26.91 -38.96
CA ALA A 309 14.77 -26.74 -39.33
C ALA A 309 15.01 -27.13 -40.80
N THR A 310 14.63 -28.32 -41.20
CA THR A 310 14.95 -28.72 -42.56
C THR A 310 13.94 -28.17 -43.56
N GLY A 311 12.66 -28.22 -43.21
CA GLY A 311 11.59 -27.84 -44.08
C GLY A 311 10.59 -28.95 -44.32
N HIS A 312 10.89 -30.18 -43.94
CA HIS A 312 10.02 -31.30 -44.26
C HIS A 312 8.83 -31.36 -43.31
N TYR A 313 7.90 -32.27 -43.61
CA TYR A 313 6.69 -32.46 -42.82
C TYR A 313 6.64 -33.87 -42.23
N LEU A 314 5.78 -34.02 -41.24
CA LEU A 314 5.82 -35.19 -40.37
C LEU A 314 4.88 -36.24 -40.90
N ALA A 315 5.22 -37.52 -40.74
CA ALA A 315 4.22 -38.49 -41.12
C ALA A 315 4.60 -39.86 -40.58
N ALA A 316 3.59 -40.67 -40.25
CA ALA A 316 3.77 -42.00 -39.67
C ALA A 316 3.48 -43.05 -40.76
N GLU A 317 4.53 -43.68 -41.32
CA GLU A 317 4.39 -44.70 -42.38
C GLU A 317 5.32 -45.88 -42.12
N VAL A 318 4.77 -47.09 -41.99
CA VAL A 318 5.54 -48.32 -41.79
C VAL A 318 6.69 -48.17 -40.82
N MET A 351 3.34 -52.24 -34.05
CA MET A 351 2.67 -50.98 -34.33
C MET A 351 2.52 -50.84 -35.84
N VAL A 352 1.39 -50.26 -36.22
CA VAL A 352 1.05 -50.14 -37.63
C VAL A 352 1.80 -48.99 -38.30
N TYR A 353 2.20 -47.98 -37.54
CA TYR A 353 2.85 -46.82 -38.13
C TYR A 353 3.72 -46.09 -37.10
N SER A 354 4.77 -45.47 -37.64
CA SER A 354 5.80 -44.86 -36.83
C SER A 354 6.10 -43.49 -37.39
N LEU A 355 6.14 -42.50 -36.54
CA LEU A 355 6.49 -41.21 -37.08
C LEU A 355 7.89 -41.19 -37.70
N VAL A 356 7.98 -40.60 -38.91
CA VAL A 356 9.24 -40.22 -39.57
C VAL A 356 8.99 -39.19 -40.67
N SER A 357 10.08 -38.62 -41.16
CA SER A 357 10.05 -37.43 -42.01
C SER A 357 9.56 -37.75 -43.40
N VAL A 358 8.86 -36.78 -44.01
CA VAL A 358 8.44 -36.80 -45.42
C VAL A 358 8.76 -35.49 -46.18
N PRO A 359 9.25 -35.54 -47.43
CA PRO A 359 9.93 -34.37 -48.03
C PRO A 359 9.02 -33.34 -48.63
N GLU A 360 7.76 -33.63 -48.84
CA GLU A 360 6.82 -32.62 -49.28
C GLU A 360 5.56 -32.72 -48.44
N GLY A 361 5.02 -31.58 -48.02
CA GLY A 361 3.83 -31.53 -47.19
C GLY A 361 2.56 -31.37 -48.01
N ASN A 362 2.15 -32.43 -48.67
CA ASN A 362 0.94 -32.40 -49.45
C ASN A 362 0.14 -33.70 -49.35
N ASP A 363 0.87 -34.82 -49.36
CA ASP A 363 0.26 -36.14 -49.16
C ASP A 363 -0.53 -36.20 -47.83
N ILE A 364 -1.53 -37.09 -47.78
CA ILE A 364 -2.46 -37.12 -46.64
C ILE A 364 -2.03 -37.93 -45.43
N SER A 365 -0.87 -38.56 -45.48
CA SER A 365 -0.29 -39.15 -44.28
C SER A 365 0.04 -38.07 -43.27
N SER A 366 0.63 -36.92 -43.78
CA SER A 366 1.16 -35.78 -43.01
C SER A 366 0.05 -35.02 -42.21
N ILE A 367 -1.16 -35.59 -42.17
CA ILE A 367 -2.35 -34.93 -41.65
C ILE A 367 -2.74 -35.54 -40.31
N PHE A 368 -2.79 -34.66 -39.29
CA PHE A 368 -3.08 -34.98 -37.90
C PHE A 368 -4.22 -34.12 -37.32
N GLU A 369 -4.76 -34.63 -36.20
CA GLU A 369 -5.82 -33.96 -35.45
C GLU A 369 -5.46 -33.95 -33.96
N LEU A 370 -6.12 -33.07 -33.21
CA LEU A 370 -5.74 -32.83 -31.82
C LEU A 370 -6.84 -33.23 -30.86
N ASP A 371 -6.42 -33.59 -29.67
CA ASP A 371 -7.32 -34.12 -28.69
C ASP A 371 -7.08 -33.37 -27.40
N PRO A 372 -8.14 -33.02 -26.69
CA PRO A 372 -7.88 -32.45 -25.38
C PRO A 372 -7.56 -33.55 -24.41
N VAL A 382 -9.04 -24.02 -29.89
CA VAL A 382 -7.73 -24.52 -29.45
C VAL A 382 -6.95 -23.47 -28.63
N PRO A 383 -6.28 -23.88 -27.53
CA PRO A 383 -5.57 -22.90 -26.69
C PRO A 383 -4.04 -23.02 -26.76
N ARG A 384 -3.33 -21.90 -26.84
CA ARG A 384 -1.88 -21.93 -26.78
C ARG A 384 -1.45 -22.76 -25.59
N ASN A 385 -0.22 -23.26 -25.59
CA ASN A 385 0.27 -24.04 -24.48
C ASN A 385 -0.72 -25.12 -24.11
N SER A 386 -1.45 -25.66 -25.07
CA SER A 386 -2.32 -26.78 -24.79
C SER A 386 -1.50 -28.06 -24.77
N TYR A 387 -1.99 -29.05 -23.99
CA TYR A 387 -1.34 -30.36 -23.86
C TYR A 387 -2.24 -31.44 -24.47
N VAL A 388 -2.10 -31.67 -25.77
CA VAL A 388 -3.12 -32.40 -26.51
C VAL A 388 -2.70 -33.85 -26.71
N ARG A 389 -3.66 -34.65 -27.15
CA ARG A 389 -3.42 -36.01 -27.56
C ARG A 389 -3.73 -36.02 -29.03
N LEU A 390 -2.73 -36.23 -29.83
CA LEU A 390 -2.93 -36.17 -31.26
C LEU A 390 -3.17 -37.57 -31.83
N ARG A 391 -3.75 -37.60 -33.04
CA ARG A 391 -4.01 -38.85 -33.75
C ARG A 391 -3.79 -38.71 -35.25
N HIS A 392 -3.43 -39.80 -35.91
CA HIS A 392 -3.08 -39.75 -37.34
C HIS A 392 -4.31 -39.91 -38.20
N LEU A 393 -4.48 -39.01 -39.17
CA LEU A 393 -5.74 -38.92 -39.88
C LEU A 393 -5.83 -39.99 -40.94
N CYS A 394 -4.89 -40.00 -41.85
CA CYS A 394 -4.97 -40.97 -42.90
C CYS A 394 -4.93 -42.40 -42.40
N THR A 395 -4.72 -42.59 -41.09
CA THR A 395 -4.58 -43.92 -40.45
C THR A 395 -5.26 -44.11 -39.09
N ASN A 396 -5.86 -43.10 -38.47
CA ASN A 396 -6.61 -43.24 -37.20
C ASN A 396 -5.81 -44.05 -36.17
N THR A 397 -4.73 -43.45 -35.75
CA THR A 397 -3.93 -44.02 -34.69
C THR A 397 -3.49 -42.87 -33.83
N TRP A 398 -3.34 -43.18 -32.57
CA TRP A 398 -3.02 -42.25 -31.54
C TRP A 398 -1.55 -42.50 -31.29
N VAL A 399 -0.72 -41.51 -31.56
CA VAL A 399 0.71 -41.71 -31.44
C VAL A 399 1.06 -42.54 -30.20
N HIS A 400 2.23 -43.17 -30.20
CA HIS A 400 2.66 -43.86 -28.99
C HIS A 400 4.16 -44.08 -29.01
N SER A 401 4.76 -43.80 -27.83
CA SER A 401 6.20 -43.75 -27.63
C SER A 401 6.68 -45.14 -27.24
N THR A 402 7.88 -45.46 -27.71
CA THR A 402 8.55 -46.68 -27.36
C THR A 402 9.79 -46.36 -26.57
N ASN A 403 10.61 -47.38 -26.32
CA ASN A 403 11.90 -47.19 -25.68
C ASN A 403 13.08 -47.67 -26.53
N ILE A 404 12.83 -48.28 -27.69
CA ILE A 404 13.87 -48.80 -28.59
C ILE A 404 14.45 -47.70 -29.49
N PRO A 405 15.74 -47.33 -29.31
CA PRO A 405 16.56 -46.18 -29.75
C PRO A 405 17.41 -46.33 -31.02
N LYS A 408 20.95 -46.59 -31.22
CA LYS A 408 21.46 -47.64 -32.07
C LYS A 408 22.96 -47.87 -31.83
N GLU A 409 23.82 -47.40 -32.72
CA GLU A 409 25.23 -47.71 -32.65
C GLU A 409 25.92 -47.11 -31.44
N GLU A 410 25.31 -46.10 -30.81
CA GLU A 410 25.93 -45.39 -29.69
C GLU A 410 25.86 -46.22 -28.40
N GLU A 411 26.62 -45.74 -27.35
CA GLU A 411 26.68 -46.32 -25.98
C GLU A 411 26.09 -45.36 -24.92
N LYS A 412 24.80 -45.57 -24.60
CA LYS A 412 23.95 -44.68 -23.78
C LYS A 412 23.11 -43.67 -24.58
N PRO A 413 22.20 -44.09 -25.47
CA PRO A 413 21.72 -43.17 -26.54
C PRO A 413 20.60 -42.24 -26.07
N VAL A 414 20.10 -41.44 -27.06
CA VAL A 414 19.16 -40.37 -26.78
C VAL A 414 17.97 -40.25 -27.74
N MET A 415 18.21 -40.53 -29.03
CA MET A 415 17.14 -40.32 -30.01
C MET A 415 16.21 -41.53 -29.88
N LEU A 416 15.18 -41.38 -29.07
CA LEU A 416 14.15 -42.41 -28.86
C LEU A 416 13.15 -42.42 -30.02
N LYS A 417 12.73 -43.64 -30.51
CA LYS A 417 11.91 -43.87 -31.74
C LYS A 417 10.39 -43.97 -31.51
N ILE A 418 9.59 -43.31 -32.37
CA ILE A 418 8.18 -42.97 -32.09
C ILE A 418 7.25 -43.57 -33.12
N GLY A 419 6.18 -44.17 -32.64
CA GLY A 419 5.17 -44.62 -33.56
C GLY A 419 3.83 -44.05 -33.25
N THR A 420 2.84 -44.84 -33.54
CA THR A 420 1.50 -44.45 -33.22
C THR A 420 0.82 -45.71 -32.80
N SER A 421 -0.47 -45.65 -32.61
CA SER A 421 -1.22 -46.78 -32.07
C SER A 421 -2.74 -46.63 -32.20
N PRO A 422 -3.42 -47.62 -32.76
CA PRO A 422 -4.88 -47.51 -32.81
C PRO A 422 -5.54 -47.28 -31.44
N LEU A 423 -4.84 -47.52 -30.34
CA LEU A 423 -5.44 -47.43 -28.99
C LEU A 423 -5.14 -46.08 -28.36
N LYS A 424 -6.19 -45.43 -27.90
CA LYS A 424 -6.05 -44.14 -27.25
C LYS A 424 -5.46 -44.39 -25.87
N GLU A 425 -4.20 -44.04 -25.69
CA GLU A 425 -3.66 -44.14 -24.36
C GLU A 425 -4.19 -42.94 -23.63
N ASP A 426 -3.59 -42.57 -22.51
CA ASP A 426 -4.00 -41.38 -21.75
C ASP A 426 -2.81 -40.50 -21.37
N LYS A 427 -1.70 -41.16 -21.10
CA LYS A 427 -0.48 -40.45 -20.70
C LYS A 427 0.27 -39.87 -21.89
N GLU A 428 0.03 -40.42 -23.08
CA GLU A 428 0.72 -39.95 -24.27
C GLU A 428 0.24 -38.53 -24.68
N ALA A 429 0.30 -37.52 -23.79
CA ALA A 429 -0.16 -36.18 -24.14
C ALA A 429 1.01 -35.26 -24.40
N PHE A 430 0.85 -34.42 -25.40
CA PHE A 430 1.89 -33.51 -25.77
C PHE A 430 1.49 -32.14 -25.30
N ALA A 431 2.46 -31.42 -24.77
CA ALA A 431 2.27 -30.01 -24.46
C ALA A 431 2.54 -29.21 -25.73
N ILE A 432 1.57 -28.44 -26.16
CA ILE A 432 1.68 -27.60 -27.33
C ILE A 432 2.41 -26.36 -26.92
N VAL A 433 3.68 -26.52 -26.63
CA VAL A 433 4.43 -25.42 -26.05
C VAL A 433 4.69 -24.39 -27.13
N PRO A 434 4.34 -23.14 -26.93
CA PRO A 434 4.61 -22.07 -27.91
C PRO A 434 5.99 -21.41 -27.77
N VAL A 435 6.61 -20.98 -28.89
CA VAL A 435 8.00 -20.49 -28.89
C VAL A 435 8.12 -19.03 -29.27
N SER A 436 9.16 -18.40 -28.76
CA SER A 436 9.32 -16.99 -28.94
C SER A 436 9.52 -16.62 -30.39
N PRO A 437 8.63 -15.91 -30.96
CA PRO A 437 8.92 -15.39 -32.29
C PRO A 437 10.33 -14.85 -32.34
N ALA A 438 10.79 -14.12 -31.35
CA ALA A 438 12.16 -13.61 -31.43
C ALA A 438 13.14 -14.74 -31.56
N GLU A 439 13.03 -15.69 -30.66
CA GLU A 439 13.79 -16.90 -30.84
C GLU A 439 13.72 -17.24 -32.31
N VAL A 440 12.50 -17.24 -32.82
CA VAL A 440 12.29 -17.53 -34.22
C VAL A 440 13.27 -16.74 -35.08
N ARG A 441 13.17 -15.45 -35.00
CA ARG A 441 14.01 -14.65 -35.86
C ARG A 441 15.48 -14.94 -35.63
N ASP A 442 15.82 -15.48 -34.48
CA ASP A 442 17.20 -15.84 -34.26
C ASP A 442 17.58 -16.94 -35.23
N LEU A 443 16.85 -18.04 -35.20
CA LEU A 443 17.20 -19.11 -36.10
C LEU A 443 17.24 -18.62 -37.53
N ASP A 444 16.30 -17.79 -37.91
CA ASP A 444 16.31 -17.30 -39.27
C ASP A 444 17.61 -16.57 -39.55
N PHE A 445 17.87 -15.55 -38.75
CA PHE A 445 19.05 -14.74 -38.96
C PHE A 445 20.32 -15.56 -38.96
N ALA A 446 20.26 -16.79 -38.45
CA ALA A 446 21.42 -17.65 -38.39
C ALA A 446 21.56 -18.54 -39.60
N ASN A 447 20.48 -19.22 -39.92
CA ASN A 447 20.44 -19.89 -41.19
C ASN A 447 21.12 -18.97 -42.20
N ASP A 448 20.63 -17.72 -42.28
CA ASP A 448 21.17 -16.75 -43.24
C ASP A 448 22.68 -16.87 -43.28
N ALA A 449 23.29 -16.68 -42.15
CA ALA A 449 24.74 -16.80 -42.07
C ALA A 449 25.23 -18.10 -42.65
N SER A 450 24.61 -19.19 -42.21
CA SER A 450 25.09 -20.47 -42.65
C SER A 450 25.22 -20.48 -44.15
N LYS A 451 24.23 -19.93 -44.86
CA LYS A 451 24.24 -19.97 -46.31
C LYS A 451 25.14 -18.91 -46.93
N VAL A 452 25.21 -17.76 -46.32
CA VAL A 452 26.12 -16.76 -46.84
C VAL A 452 27.53 -17.33 -46.87
N LEU A 453 27.98 -17.84 -45.74
CA LEU A 453 29.25 -18.52 -45.79
C LEU A 453 29.16 -19.73 -46.68
N GLY A 454 27.96 -20.29 -46.85
CA GLY A 454 27.81 -21.41 -47.74
C GLY A 454 28.31 -21.05 -49.11
N SER A 455 27.89 -19.90 -49.61
CA SER A 455 28.31 -19.47 -50.92
C SER A 455 29.74 -18.97 -50.89
N ILE A 456 30.09 -18.17 -49.91
CA ILE A 456 31.37 -17.47 -49.97
C ILE A 456 32.51 -18.41 -49.76
N ALA A 457 32.35 -19.24 -48.76
CA ALA A 457 33.34 -20.23 -48.45
C ALA A 457 33.38 -21.23 -49.58
N GLY A 458 32.26 -21.48 -50.24
CA GLY A 458 32.31 -22.31 -51.43
C GLY A 458 32.86 -21.57 -52.62
N LYS A 459 33.00 -20.23 -52.51
CA LYS A 459 33.43 -19.34 -53.58
C LYS A 459 34.79 -18.75 -53.37
N LEU A 460 35.32 -18.70 -52.17
CA LEU A 460 36.72 -18.36 -52.03
C LEU A 460 37.58 -19.59 -51.84
N GLU A 461 37.00 -20.80 -51.98
CA GLU A 461 37.65 -22.09 -51.86
C GLU A 461 38.18 -22.67 -53.17
N LYS A 462 37.44 -22.54 -54.28
CA LYS A 462 37.88 -23.03 -55.58
C LYS A 462 38.16 -21.84 -56.50
N GLY A 463 38.75 -20.81 -55.95
CA GLY A 463 38.96 -19.64 -56.71
C GLY A 463 38.74 -18.40 -55.87
N THR A 464 38.47 -17.35 -56.63
CA THR A 464 38.48 -16.01 -56.09
C THR A 464 37.07 -15.61 -55.77
N ILE A 465 36.96 -14.65 -54.89
CA ILE A 465 35.72 -13.96 -54.63
C ILE A 465 35.85 -12.48 -55.07
N THR A 466 34.72 -11.87 -55.51
CA THR A 466 34.68 -10.50 -56.04
C THR A 466 34.95 -9.45 -54.95
N GLN A 467 34.99 -8.19 -55.34
CA GLN A 467 35.12 -7.19 -54.29
C GLN A 467 33.80 -6.86 -53.61
N ASN A 468 32.67 -7.20 -54.25
CA ASN A 468 31.38 -6.93 -53.64
C ASN A 468 31.18 -7.81 -52.43
N GLU A 469 31.63 -9.05 -52.55
CA GLU A 469 31.45 -10.00 -51.48
C GLU A 469 32.15 -9.51 -50.21
N ARG A 470 33.49 -9.42 -50.28
CA ARG A 470 34.26 -9.03 -49.11
C ARG A 470 33.47 -8.01 -48.32
N ARG A 471 32.98 -7.03 -49.04
CA ARG A 471 32.28 -5.96 -48.37
C ARG A 471 31.11 -6.48 -47.57
N SER A 472 30.50 -7.55 -48.02
CA SER A 472 29.36 -7.98 -47.28
C SER A 472 29.76 -8.96 -46.19
N VAL A 473 30.68 -9.87 -46.47
CA VAL A 473 30.99 -10.90 -45.49
C VAL A 473 31.65 -10.27 -44.29
N THR A 474 32.63 -9.44 -44.53
CA THR A 474 33.22 -8.79 -43.39
C THR A 474 32.14 -8.11 -42.60
N LYS A 475 31.29 -7.42 -43.31
CA LYS A 475 30.15 -6.86 -42.66
C LYS A 475 29.62 -7.88 -41.71
N LEU A 476 29.17 -8.98 -42.28
CA LEU A 476 28.59 -10.03 -41.51
C LEU A 476 29.50 -10.20 -40.32
N LEU A 477 30.68 -10.73 -40.56
CA LEU A 477 31.64 -11.05 -39.53
C LEU A 477 31.56 -10.04 -38.44
N GLU A 478 31.17 -8.87 -38.86
CA GLU A 478 30.80 -7.92 -37.86
C GLU A 478 29.50 -8.35 -37.19
N ASP A 479 28.46 -8.43 -37.99
CA ASP A 479 27.13 -8.55 -37.44
C ASP A 479 27.09 -9.63 -36.40
N LEU A 480 27.86 -10.67 -36.59
CA LEU A 480 27.88 -11.79 -35.67
C LEU A 480 28.36 -11.39 -34.30
N VAL A 481 29.58 -10.90 -34.25
CA VAL A 481 30.12 -10.50 -32.99
C VAL A 481 28.95 -9.76 -32.35
N TYR A 482 28.11 -9.11 -33.17
CA TYR A 482 26.97 -8.34 -32.64
C TYR A 482 25.88 -9.23 -32.06
N PHE A 483 25.53 -10.28 -32.74
CA PHE A 483 24.40 -11.01 -32.24
C PHE A 483 24.81 -11.80 -31.03
N VAL A 484 25.94 -12.51 -31.12
CA VAL A 484 26.24 -13.55 -30.15
C VAL A 484 26.49 -12.99 -28.77
N THR A 485 26.88 -11.74 -28.67
CA THR A 485 27.04 -11.13 -27.36
C THR A 485 25.76 -10.46 -26.90
N GLY A 486 24.62 -10.85 -27.48
CA GLY A 486 23.33 -10.29 -27.11
C GLY A 486 23.25 -8.82 -27.38
N GLY A 487 23.98 -8.34 -28.36
CA GLY A 487 24.14 -6.92 -28.57
C GLY A 487 24.94 -6.19 -27.49
N THR A 488 26.18 -6.61 -27.22
CA THR A 488 27.12 -5.83 -26.39
C THR A 488 28.40 -5.44 -27.11
N ASN A 489 29.16 -6.41 -27.65
CA ASN A 489 30.42 -6.15 -28.35
C ASN A 489 30.17 -5.79 -29.82
N SER A 490 31.24 -5.44 -30.54
CA SER A 490 31.11 -5.07 -31.94
C SER A 490 32.23 -5.64 -32.79
N LEU A 495 36.19 -0.55 -34.47
CA LEU A 495 35.43 -0.74 -33.27
C LEU A 495 36.24 -0.63 -32.03
N GLU A 496 35.67 0.11 -31.12
CA GLU A 496 36.31 0.39 -29.85
C GLU A 496 35.22 -0.11 -28.94
N VAL A 497 35.41 -1.30 -28.42
CA VAL A 497 34.36 -1.93 -27.64
C VAL A 497 34.42 -1.37 -26.22
N VAL A 498 33.50 -1.83 -25.35
CA VAL A 498 33.44 -1.48 -23.92
C VAL A 498 33.30 -2.74 -23.06
N PHE A 499 32.28 -3.56 -23.30
CA PHE A 499 32.11 -4.82 -22.58
C PHE A 499 31.98 -5.92 -23.60
N SER A 500 31.86 -7.12 -23.08
CA SER A 500 31.78 -8.25 -23.96
C SER A 500 31.30 -9.36 -23.10
N LYS A 501 29.99 -9.57 -23.01
CA LYS A 501 29.41 -10.59 -22.19
C LYS A 501 28.60 -11.52 -23.05
N PRO A 502 28.79 -12.85 -22.90
CA PRO A 502 28.29 -13.78 -23.91
C PRO A 502 26.81 -14.07 -23.67
N ASN A 503 26.22 -14.73 -24.68
CA ASN A 503 24.81 -15.13 -24.67
C ASN A 503 24.69 -16.62 -24.95
N ARG A 504 24.04 -17.35 -24.04
CA ARG A 504 24.14 -18.80 -24.07
C ARG A 504 23.34 -19.40 -25.22
N GLU A 505 22.07 -19.02 -25.33
CA GLU A 505 21.20 -19.60 -26.34
C GLU A 505 21.83 -19.48 -27.75
N ARG A 506 22.40 -18.32 -28.08
CA ARG A 506 22.93 -18.07 -29.43
C ARG A 506 24.26 -18.80 -29.67
N GLN A 507 25.17 -18.81 -28.72
CA GLN A 507 26.31 -19.71 -28.82
C GLN A 507 25.83 -21.09 -29.27
N LYS A 508 24.93 -21.66 -28.45
CA LYS A 508 24.40 -22.98 -28.77
C LYS A 508 23.97 -23.03 -30.24
N LEU A 509 23.26 -22.00 -30.69
CA LEU A 509 22.86 -21.96 -32.10
C LEU A 509 24.08 -22.09 -33.02
N MET A 510 25.17 -21.45 -32.65
CA MET A 510 26.37 -21.54 -33.47
C MET A 510 26.75 -22.95 -33.73
N ARG A 511 26.62 -23.77 -32.72
CA ARG A 511 27.03 -25.13 -32.93
C ARG A 511 25.99 -25.90 -33.72
N GLU A 512 24.72 -25.81 -33.32
CA GLU A 512 23.75 -26.76 -33.85
C GLU A 512 23.25 -26.40 -35.24
N GLN A 513 23.48 -25.17 -35.71
CA GLN A 513 23.12 -24.74 -37.07
C GLN A 513 24.35 -24.60 -37.94
N ASN A 514 25.48 -25.10 -37.49
CA ASN A 514 26.63 -25.28 -38.34
C ASN A 514 27.05 -23.94 -38.88
N ILE A 515 26.89 -22.92 -38.09
CA ILE A 515 27.66 -21.74 -38.36
C ILE A 515 29.14 -22.07 -38.20
N LEU A 516 29.48 -22.67 -37.06
CA LEU A 516 30.88 -22.99 -36.78
C LEU A 516 31.49 -23.78 -37.94
N LYS A 517 30.84 -24.88 -38.31
CA LYS A 517 31.34 -25.69 -39.40
C LYS A 517 31.75 -24.79 -40.58
N GLN A 518 30.94 -23.78 -40.87
CA GLN A 518 31.19 -22.89 -42.00
C GLN A 518 32.43 -22.05 -41.79
N ILE A 519 32.50 -21.39 -40.66
CA ILE A 519 33.65 -20.56 -40.42
C ILE A 519 34.91 -21.33 -40.72
N PHE A 520 35.11 -22.40 -39.96
CA PHE A 520 36.32 -23.15 -40.17
C PHE A 520 36.43 -23.42 -41.64
N LYS A 521 35.36 -23.95 -42.19
CA LYS A 521 35.30 -24.22 -43.61
C LYS A 521 35.42 -22.92 -44.39
N LEU A 522 35.77 -21.87 -43.76
CA LEU A 522 35.95 -20.67 -44.51
C LEU A 522 37.39 -20.28 -44.48
N LEU A 523 37.95 -20.22 -43.30
CA LEU A 523 39.35 -19.97 -43.16
C LEU A 523 40.11 -20.85 -44.10
N GLN A 524 39.83 -22.14 -44.02
CA GLN A 524 40.71 -23.09 -44.59
C GLN A 524 41.19 -22.51 -45.89
N ALA A 525 42.46 -22.67 -46.15
CA ALA A 525 42.90 -22.62 -47.53
C ALA A 525 44.01 -23.62 -47.53
N PRO A 548 44.37 -8.33 -46.44
CA PRO A 548 43.83 -9.62 -46.87
C PRO A 548 42.96 -10.37 -45.79
N PHE A 549 43.55 -10.92 -44.70
CA PHE A 549 42.81 -11.60 -43.63
C PHE A 549 42.60 -10.72 -42.40
N ARG A 550 43.31 -9.60 -42.35
CA ARG A 550 43.33 -8.66 -41.23
C ARG A 550 41.98 -8.42 -40.58
N HIS A 551 40.94 -8.74 -41.30
CA HIS A 551 39.61 -8.54 -40.77
C HIS A 551 38.78 -9.76 -41.03
N ILE A 552 39.45 -10.89 -41.04
CA ILE A 552 38.74 -12.12 -41.23
C ILE A 552 39.19 -12.91 -40.04
N CYS A 553 40.40 -13.41 -40.15
CA CYS A 553 41.05 -13.96 -39.01
C CYS A 553 42.04 -12.92 -38.56
N ARG A 554 42.45 -12.88 -37.30
CA ARG A 554 41.79 -13.53 -36.19
C ARG A 554 40.67 -12.60 -35.82
N LEU A 555 40.19 -11.86 -36.80
CA LEU A 555 38.84 -11.32 -36.72
C LEU A 555 37.90 -12.45 -36.40
N CYS A 556 38.01 -13.53 -37.14
CA CYS A 556 37.35 -14.77 -36.78
C CYS A 556 37.76 -15.18 -35.36
N TYR A 557 39.07 -15.24 -35.10
CA TYR A 557 39.54 -15.76 -33.82
C TYR A 557 39.09 -14.89 -32.67
N ARG A 558 38.65 -13.68 -32.96
CA ARG A 558 38.01 -12.89 -31.93
C ARG A 558 36.58 -13.34 -31.70
N VAL A 559 35.85 -13.58 -32.78
CA VAL A 559 34.56 -14.20 -32.60
C VAL A 559 34.74 -15.44 -31.75
N LEU A 560 35.57 -16.37 -32.18
CA LEU A 560 35.75 -17.60 -31.41
C LEU A 560 36.15 -17.32 -29.99
N ARG A 561 37.14 -16.47 -29.80
CA ARG A 561 37.50 -16.09 -28.45
C ARG A 561 36.26 -15.81 -27.69
N HIS A 562 35.32 -15.20 -28.39
CA HIS A 562 34.03 -14.98 -27.78
C HIS A 562 33.36 -16.32 -27.49
N SER A 563 33.06 -17.07 -28.55
CA SER A 563 32.06 -18.15 -28.44
C SER A 563 32.38 -19.14 -27.34
N GLN A 564 33.63 -19.27 -26.99
CA GLN A 564 34.02 -20.28 -26.04
C GLN A 564 33.89 -19.75 -24.64
N GLN A 565 33.57 -18.49 -24.48
CA GLN A 565 33.78 -17.85 -23.20
C GLN A 565 32.93 -18.53 -22.15
N ASP A 566 33.55 -18.88 -21.02
CA ASP A 566 32.88 -19.45 -19.84
C ASP A 566 32.07 -20.66 -20.18
N TYR A 567 31.82 -20.83 -21.46
CA TYR A 567 30.96 -21.89 -21.96
C TYR A 567 31.88 -23.09 -22.05
N ARG A 568 31.86 -23.89 -20.98
CA ARG A 568 32.65 -25.10 -20.94
C ARG A 568 32.41 -25.93 -22.19
N LYS A 569 31.15 -26.29 -22.45
CA LYS A 569 30.85 -27.18 -23.58
C LYS A 569 31.53 -26.66 -24.83
N ASN A 570 31.48 -25.36 -25.07
CA ASN A 570 32.13 -24.79 -26.27
C ASN A 570 33.62 -24.72 -26.11
N GLN A 571 34.05 -24.50 -24.89
CA GLN A 571 35.48 -24.43 -24.66
C GLN A 571 36.15 -25.70 -25.13
N GLU A 572 35.56 -26.86 -24.89
CA GLU A 572 36.26 -28.07 -25.24
C GLU A 572 36.37 -28.12 -26.82
N TYR A 573 36.92 -27.01 -27.42
CA TYR A 573 36.85 -26.77 -28.86
C TYR A 573 37.91 -25.71 -29.07
N ILE A 574 37.79 -24.58 -28.33
CA ILE A 574 38.67 -23.38 -28.44
C ILE A 574 40.10 -23.64 -27.94
N ALA A 575 40.35 -24.74 -27.22
CA ALA A 575 41.69 -25.22 -26.92
C ALA A 575 42.21 -26.25 -27.97
N LYS A 576 41.26 -26.95 -28.58
CA LYS A 576 41.52 -27.94 -29.56
C LYS A 576 41.36 -27.43 -30.97
N GLN A 577 40.54 -26.42 -31.15
CA GLN A 577 39.96 -25.85 -32.39
C GLN A 577 41.05 -25.24 -33.51
N PHE A 578 42.35 -25.01 -33.11
CA PHE A 578 43.22 -24.62 -31.99
C PHE A 578 44.60 -25.34 -32.38
N GLY A 579 44.58 -26.49 -32.90
CA GLY A 579 45.67 -26.99 -33.53
C GLY A 579 45.93 -26.02 -34.67
N PHE A 580 44.89 -25.41 -35.27
CA PHE A 580 45.05 -24.25 -36.12
C PHE A 580 45.48 -23.01 -35.30
N MET A 581 44.58 -22.56 -34.40
CA MET A 581 44.54 -21.27 -33.71
C MET A 581 45.78 -20.95 -32.87
N GLN A 582 46.72 -21.94 -32.76
CA GLN A 582 48.10 -21.64 -32.37
C GLN A 582 48.92 -21.08 -33.53
N LYS A 583 48.95 -21.76 -34.67
CA LYS A 583 49.53 -21.15 -35.87
C LYS A 583 48.87 -19.77 -36.11
N GLN A 584 47.54 -19.77 -36.21
CA GLN A 584 46.75 -18.51 -36.27
C GLN A 584 46.91 -17.61 -35.05
N ILE A 585 47.32 -18.21 -33.95
CA ILE A 585 47.63 -17.42 -32.82
C ILE A 585 48.91 -16.67 -33.09
N GLY A 586 49.74 -17.17 -34.00
CA GLY A 586 50.82 -16.36 -34.52
C GLY A 586 50.30 -15.25 -35.39
N TYR A 587 49.40 -15.60 -36.32
CA TYR A 587 49.08 -14.65 -37.41
C TYR A 587 48.61 -13.31 -36.91
N ASP A 588 48.16 -13.23 -35.69
CA ASP A 588 47.55 -11.99 -35.25
C ASP A 588 48.31 -11.56 -34.00
N VAL A 589 48.99 -10.39 -34.03
CA VAL A 589 49.12 -9.58 -32.82
C VAL A 589 47.72 -9.50 -32.24
N LEU A 590 46.71 -9.70 -33.08
CA LEU A 590 45.31 -9.83 -32.63
C LEU A 590 44.99 -11.26 -32.13
N ALA A 591 45.93 -12.19 -32.06
CA ALA A 591 45.66 -13.59 -31.82
C ALA A 591 46.06 -14.07 -30.44
N GLU A 592 46.99 -13.36 -29.78
CA GLU A 592 47.34 -13.43 -28.36
C GLU A 592 46.08 -13.45 -27.51
N ASP A 593 45.18 -12.53 -27.80
CA ASP A 593 43.89 -12.53 -27.15
C ASP A 593 43.30 -13.96 -27.10
N THR A 594 43.26 -14.66 -28.26
CA THR A 594 42.77 -16.04 -28.34
C THR A 594 43.32 -16.81 -27.13
N ILE A 595 44.63 -17.02 -27.14
CA ILE A 595 45.28 -17.74 -26.04
C ILE A 595 44.83 -17.20 -24.69
N THR A 596 44.97 -15.89 -24.47
CA THR A 596 44.74 -15.34 -23.14
C THR A 596 43.32 -15.64 -22.64
N ALA A 597 42.30 -15.42 -23.48
CA ALA A 597 40.96 -15.78 -23.05
C ALA A 597 41.00 -17.19 -22.52
N LEU A 598 41.52 -18.08 -23.37
CA LEU A 598 41.95 -19.42 -23.05
C LEU A 598 42.42 -19.36 -21.62
N LEU A 599 43.66 -18.97 -21.44
CA LEU A 599 44.35 -19.04 -20.17
C LEU A 599 43.33 -18.87 -19.04
N HIS A 600 42.56 -17.82 -19.13
CA HIS A 600 41.77 -17.48 -17.98
C HIS A 600 40.81 -18.63 -17.78
N ASN A 601 39.79 -18.62 -18.61
CA ASN A 601 38.79 -19.65 -18.58
C ASN A 601 39.41 -20.95 -19.07
N ASN A 602 39.64 -21.05 -20.35
CA ASN A 602 40.20 -22.26 -20.88
C ASN A 602 41.52 -22.58 -20.15
N ARG A 603 41.85 -23.88 -20.05
CA ARG A 603 42.97 -24.36 -19.25
C ARG A 603 43.04 -25.90 -19.26
N LYS A 604 44.22 -26.48 -18.99
CA LYS A 604 44.52 -27.96 -19.00
C LYS A 604 44.82 -28.68 -20.31
N LEU A 605 44.09 -28.37 -21.31
CA LEU A 605 44.32 -28.99 -22.59
C LEU A 605 45.20 -28.15 -23.51
N LEU A 606 45.19 -26.81 -23.33
CA LEU A 606 46.02 -25.91 -24.12
C LEU A 606 47.45 -26.45 -24.02
N GLU A 607 48.09 -26.23 -22.85
CA GLU A 607 49.50 -26.56 -22.60
C GLU A 607 49.93 -27.71 -23.51
N LYS A 608 49.14 -28.76 -23.54
CA LYS A 608 49.53 -29.97 -24.23
C LYS A 608 50.08 -29.71 -25.60
N HIS A 609 49.21 -29.27 -26.48
CA HIS A 609 49.63 -29.21 -27.89
C HIS A 609 50.83 -28.27 -28.09
N ILE A 610 51.11 -27.32 -27.19
CA ILE A 610 52.21 -26.38 -27.42
C ILE A 610 53.52 -27.08 -27.19
N THR A 611 53.70 -27.65 -25.99
CA THR A 611 55.06 -28.08 -25.62
C THR A 611 56.03 -26.98 -26.02
N ALA A 612 57.16 -27.43 -26.52
CA ALA A 612 58.17 -26.49 -26.86
C ALA A 612 57.81 -25.66 -28.08
N ALA A 613 56.71 -25.96 -28.75
CA ALA A 613 56.15 -25.02 -29.70
C ALA A 613 56.18 -23.65 -29.10
N GLU A 614 55.75 -23.60 -27.85
CA GLU A 614 55.79 -22.35 -27.15
C GLU A 614 57.09 -21.65 -27.43
N ILE A 615 58.16 -22.41 -27.27
CA ILE A 615 59.52 -21.90 -27.39
C ILE A 615 59.74 -21.13 -28.70
N ASP A 616 59.24 -21.65 -29.78
CA ASP A 616 59.46 -20.91 -31.01
C ASP A 616 58.74 -19.59 -30.94
N THR A 617 57.52 -19.66 -30.42
CA THR A 617 56.65 -18.50 -30.32
C THR A 617 57.25 -17.48 -29.39
N PHE A 618 57.77 -17.91 -28.26
CA PHE A 618 58.42 -16.94 -27.41
C PHE A 618 59.79 -16.54 -27.95
N VAL A 619 60.57 -17.48 -28.45
CA VAL A 619 61.80 -17.05 -29.13
C VAL A 619 61.41 -16.04 -30.17
N SER A 620 60.57 -16.50 -31.09
CA SER A 620 59.94 -15.61 -32.02
C SER A 620 59.46 -14.35 -31.27
N LEU A 621 58.48 -14.48 -30.34
CA LEU A 621 57.86 -13.30 -29.71
C LEU A 621 58.90 -12.45 -28.95
N VAL A 622 59.87 -13.08 -28.29
CA VAL A 622 60.83 -12.26 -27.53
C VAL A 622 61.71 -11.55 -28.49
N ARG A 623 61.87 -12.16 -29.64
CA ARG A 623 62.49 -11.50 -30.74
C ARG A 623 61.56 -10.42 -31.33
N LYS A 624 60.23 -10.65 -31.40
CA LYS A 624 59.30 -9.81 -32.17
C LYS A 624 58.43 -8.88 -31.33
N ASN A 625 58.19 -9.21 -30.09
CA ASN A 625 57.45 -8.36 -29.16
C ASN A 625 58.51 -7.72 -28.31
N ARG A 626 58.73 -6.42 -28.56
CA ARG A 626 59.89 -5.71 -28.01
C ARG A 626 59.55 -5.16 -26.63
N GLU A 627 58.68 -4.09 -26.58
CA GLU A 627 57.92 -3.78 -25.41
C GLU A 627 57.36 -5.17 -24.93
N PRO A 628 57.29 -6.14 -25.95
CA PRO A 628 56.98 -7.58 -25.57
C PRO A 628 55.55 -7.65 -25.21
N ARG A 629 54.85 -6.56 -25.55
CA ARG A 629 53.42 -6.49 -25.21
C ARG A 629 52.74 -7.80 -25.54
N PHE A 630 52.80 -8.19 -26.80
CA PHE A 630 52.37 -9.53 -27.15
C PHE A 630 53.12 -10.56 -26.33
N LEU A 631 54.42 -10.37 -26.25
CA LEU A 631 55.17 -11.16 -25.32
C LEU A 631 54.48 -11.11 -23.97
N ASP A 632 54.16 -9.90 -23.51
CA ASP A 632 53.66 -9.73 -22.17
C ASP A 632 52.32 -10.44 -21.97
N TYR A 633 51.34 -10.18 -22.85
CA TYR A 633 50.06 -10.87 -22.75
C TYR A 633 50.27 -12.38 -22.82
N LEU A 634 51.34 -12.80 -23.50
CA LEU A 634 51.81 -14.16 -23.34
C LEU A 634 52.12 -14.44 -21.87
N SER A 635 52.82 -13.52 -21.20
CA SER A 635 53.15 -13.67 -19.79
C SER A 635 51.95 -13.80 -18.84
N ASP A 636 51.14 -12.73 -18.68
CA ASP A 636 49.92 -12.83 -17.87
C ASP A 636 49.06 -14.02 -18.28
N LEU A 637 49.28 -14.54 -19.50
CA LEU A 637 48.70 -15.83 -19.87
C LEU A 637 49.15 -16.92 -18.90
N CYS A 638 50.32 -16.77 -18.26
CA CYS A 638 50.78 -17.71 -17.24
C CYS A 638 49.77 -17.87 -16.09
N VAL A 639 49.36 -19.11 -15.81
CA VAL A 639 48.51 -19.42 -14.63
C VAL A 639 48.46 -20.94 -14.43
N SER A 640 48.10 -21.38 -13.21
CA SER A 640 48.10 -22.80 -12.84
C SER A 640 49.51 -23.34 -12.58
N MET A 641 49.68 -24.46 -11.86
CA MET A 641 51.01 -24.92 -11.46
C MET A 641 51.83 -25.41 -12.65
N ASN A 642 51.21 -26.24 -13.50
CA ASN A 642 51.92 -26.86 -14.60
C ASN A 642 52.70 -25.89 -15.46
N LYS A 643 52.44 -24.59 -15.34
CA LYS A 643 53.11 -23.62 -16.19
C LYS A 643 54.62 -23.48 -15.92
N SER A 644 55.10 -23.70 -14.69
CA SER A 644 56.41 -23.13 -14.32
C SER A 644 57.60 -23.64 -15.19
N ILE A 645 57.46 -24.80 -15.87
CA ILE A 645 58.56 -25.55 -16.54
C ILE A 645 59.03 -25.00 -17.87
N PRO A 646 58.28 -25.18 -18.94
CA PRO A 646 58.61 -24.44 -20.16
C PRO A 646 59.16 -23.09 -19.75
N VAL A 647 58.42 -22.37 -18.86
CA VAL A 647 58.84 -21.08 -18.31
C VAL A 647 60.33 -21.09 -18.00
N THR A 648 60.74 -21.95 -17.09
CA THR A 648 62.14 -21.91 -16.66
C THR A 648 63.09 -22.16 -17.83
N GLN A 649 62.75 -23.10 -18.70
CA GLN A 649 63.59 -23.34 -19.86
C GLN A 649 63.75 -22.07 -20.67
N GLU A 650 62.67 -21.32 -20.80
CA GLU A 650 62.74 -20.00 -21.41
C GLU A 650 63.76 -19.12 -20.73
N LEU A 651 63.68 -19.03 -19.40
CA LEU A 651 64.70 -18.31 -18.67
C LEU A 651 66.01 -18.62 -19.35
N ILE A 652 66.25 -19.90 -19.61
CA ILE A 652 67.44 -20.36 -20.33
C ILE A 652 67.58 -19.65 -21.66
N CYS A 653 66.68 -19.89 -22.58
CA CYS A 653 66.74 -19.11 -23.79
C CYS A 653 66.63 -17.63 -23.49
N LYS A 654 65.88 -17.27 -22.44
CA LYS A 654 65.76 -15.88 -22.03
C LYS A 654 67.04 -15.40 -21.43
N ALA A 655 67.78 -16.27 -20.76
CA ALA A 655 69.13 -15.95 -20.36
C ALA A 655 70.00 -15.81 -21.58
N VAL A 656 69.68 -16.60 -22.60
CA VAL A 656 70.11 -16.32 -23.96
C VAL A 656 69.64 -14.91 -24.35
N LEU A 657 68.35 -14.61 -24.13
CA LEU A 657 67.77 -13.35 -24.59
C LEU A 657 68.27 -12.12 -23.80
N ASN A 658 68.84 -12.29 -22.60
CA ASN A 658 69.37 -11.18 -21.79
C ASN A 658 70.42 -10.34 -22.50
N PRO A 659 70.07 -9.11 -22.82
CA PRO A 659 71.04 -8.18 -23.43
C PRO A 659 70.55 -6.75 -23.30
N THR A 660 69.45 -6.44 -24.02
CA THR A 660 68.68 -5.22 -23.74
C THR A 660 69.45 -3.92 -24.06
N ASN A 661 70.73 -4.02 -24.42
CA ASN A 661 71.50 -2.86 -24.92
C ASN A 661 71.40 -1.65 -23.99
N ALA A 662 70.81 -1.83 -22.82
CA ALA A 662 70.51 -0.73 -21.94
C ALA A 662 70.87 -1.17 -20.55
N ASP A 663 70.83 -0.25 -19.64
CA ASP A 663 71.36 -0.49 -18.32
C ASP A 663 70.30 -0.37 -17.24
N ILE A 664 70.33 -1.32 -16.32
CA ILE A 664 69.45 -1.33 -15.16
C ILE A 664 70.32 -1.52 -13.96
N LEU A 665 70.75 -0.44 -13.32
CA LEU A 665 72.00 -0.53 -12.59
C LEU A 665 72.13 0.63 -11.61
N ILE A 666 73.32 0.66 -10.93
CA ILE A 666 73.67 1.58 -9.80
C ILE A 666 74.80 1.22 -8.71
N GLU A 667 74.66 0.15 -7.92
CA GLU A 667 73.55 -0.81 -7.94
C GLU A 667 72.37 -0.23 -7.19
N THR A 668 72.63 0.30 -5.98
CA THR A 668 71.65 1.18 -5.32
C THR A 668 71.45 2.49 -6.12
N LYS A 669 72.57 3.12 -6.54
CA LYS A 669 72.62 4.42 -7.22
C LYS A 669 71.80 4.59 -8.54
N LEU A 670 72.43 4.41 -9.73
CA LEU A 670 71.84 4.58 -11.09
C LEU A 670 70.47 3.95 -11.41
N VAL A 671 70.05 3.00 -10.63
CA VAL A 671 68.68 2.61 -10.72
C VAL A 671 67.81 3.64 -10.00
N LEU A 672 68.07 3.94 -8.68
CA LEU A 672 67.26 5.00 -8.00
C LEU A 672 67.21 6.25 -8.86
N SER A 673 68.27 6.48 -9.64
CA SER A 673 68.25 7.52 -10.66
C SER A 673 67.30 7.20 -11.81
N ARG A 674 67.41 6.01 -12.40
CA ARG A 674 66.51 5.72 -13.51
C ARG A 674 65.06 5.84 -13.07
N PHE A 675 64.81 5.80 -11.76
CA PHE A 675 63.49 5.90 -11.17
C PHE A 675 63.08 7.30 -10.82
N GLU A 676 64.05 8.14 -10.47
CA GLU A 676 63.76 9.56 -10.52
C GLU A 676 63.45 9.94 -11.97
N PHE A 677 64.33 9.57 -12.90
CA PHE A 677 64.23 9.88 -14.33
C PHE A 677 62.90 9.42 -14.90
N GLU A 678 62.49 8.26 -14.49
CA GLU A 678 61.12 7.91 -14.77
C GLU A 678 60.15 8.69 -13.90
N GLY A 679 60.57 9.09 -12.69
CA GLY A 679 59.75 9.91 -11.79
C GLY A 679 59.32 11.23 -12.39
N VAL A 680 60.15 11.80 -13.26
CA VAL A 680 59.68 12.81 -14.18
C VAL A 680 58.70 12.21 -15.18
N SER A 681 57.60 12.91 -15.41
CA SER A 681 56.54 12.37 -16.26
C SER A 681 57.00 12.17 -17.72
N THR A 682 58.29 12.42 -17.98
CA THR A 682 58.80 12.54 -19.32
C THR A 682 58.17 11.60 -20.31
N GLY A 683 58.39 11.90 -21.57
CA GLY A 683 58.02 11.03 -22.62
C GLY A 683 59.23 10.31 -23.16
N GLU A 684 59.07 9.77 -24.36
CA GLU A 684 60.14 9.02 -24.98
C GLU A 684 60.71 8.19 -23.84
N ASN A 685 61.87 8.60 -23.33
CA ASN A 685 62.53 7.89 -22.23
C ASN A 685 61.49 7.46 -21.20
N ALA A 686 61.00 8.41 -20.39
CA ALA A 686 60.10 8.03 -19.32
C ALA A 686 58.93 7.23 -19.86
N LEU A 687 58.52 7.51 -21.08
CA LEU A 687 57.54 6.64 -21.72
C LEU A 687 58.02 5.20 -21.73
N GLU A 688 59.11 4.95 -22.42
CA GLU A 688 59.51 3.57 -22.62
C GLU A 688 59.55 2.83 -21.32
N ALA A 689 60.12 3.46 -20.28
CA ALA A 689 60.37 2.75 -19.04
C ALA A 689 59.21 1.78 -18.77
N GLY A 690 58.02 2.31 -18.66
CA GLY A 690 56.90 1.54 -18.12
C GLY A 690 56.86 0.10 -18.61
N GLU A 691 57.25 -0.06 -19.86
CA GLU A 691 57.24 -1.37 -20.48
C GLU A 691 57.83 -2.40 -19.53
N ASP A 692 59.07 -2.18 -19.17
CA ASP A 692 59.72 -3.15 -18.33
C ASP A 692 58.92 -3.46 -17.05
N GLU A 693 58.74 -2.45 -16.20
CA GLU A 693 58.10 -2.68 -14.92
C GLU A 693 56.97 -3.65 -15.06
N GLU A 694 56.05 -3.29 -15.96
CA GLU A 694 54.96 -4.20 -16.25
C GLU A 694 55.50 -5.62 -16.47
N GLU A 695 56.29 -5.74 -17.54
CA GLU A 695 56.80 -7.03 -17.94
C GLU A 695 57.29 -7.82 -16.74
N VAL A 696 57.83 -7.14 -15.74
CA VAL A 696 58.43 -7.82 -14.60
C VAL A 696 57.37 -8.29 -13.63
N TRP A 697 56.57 -7.37 -13.14
CA TRP A 697 55.67 -7.74 -12.05
C TRP A 697 54.88 -8.99 -12.43
N LEU A 698 54.30 -9.00 -13.64
CA LEU A 698 53.37 -10.08 -13.99
C LEU A 698 54.08 -11.45 -13.97
N PHE A 699 55.11 -11.61 -14.79
CA PHE A 699 55.76 -12.92 -14.90
C PHE A 699 56.32 -13.37 -13.57
N TRP A 700 56.97 -12.45 -12.88
CA TRP A 700 57.50 -12.73 -11.55
C TRP A 700 56.43 -13.40 -10.69
N ARG A 701 55.35 -12.69 -10.47
CA ARG A 701 54.30 -13.35 -9.75
C ARG A 701 53.89 -14.65 -10.45
N ASP A 702 54.11 -14.76 -11.75
CA ASP A 702 53.73 -15.98 -12.45
C ASP A 702 54.25 -17.17 -11.69
N SER A 703 55.38 -17.02 -11.07
CA SER A 703 55.79 -18.03 -10.11
C SER A 703 54.80 -18.08 -8.97
N ASN A 704 54.25 -19.25 -8.76
CA ASN A 704 53.32 -19.48 -7.67
C ASN A 704 54.09 -19.73 -6.37
N LYS A 705 53.73 -20.82 -5.66
CA LYS A 705 54.45 -21.30 -4.49
C LYS A 705 55.66 -22.03 -5.00
N GLU A 706 56.20 -21.51 -6.08
CA GLU A 706 57.39 -22.01 -6.71
C GLU A 706 58.50 -21.02 -6.32
N ILE A 707 59.53 -21.53 -5.65
CA ILE A 707 60.74 -20.76 -5.35
C ILE A 707 62.01 -21.56 -5.67
N ARG A 708 63.03 -21.50 -4.83
CA ARG A 708 64.28 -22.18 -5.11
C ARG A 708 64.75 -21.73 -6.47
N SER A 709 64.24 -22.30 -7.55
CA SER A 709 64.61 -21.73 -8.82
C SER A 709 64.09 -20.33 -8.91
N LYS A 710 63.03 -20.03 -8.18
CA LYS A 710 62.60 -18.64 -7.97
C LYS A 710 63.24 -18.06 -6.73
N SER A 711 63.17 -18.78 -5.65
CA SER A 711 63.86 -18.30 -4.48
C SER A 711 65.32 -18.22 -4.74
N VAL A 712 65.85 -19.09 -5.58
CA VAL A 712 67.12 -18.80 -6.23
C VAL A 712 66.92 -17.59 -7.11
N ARG A 713 65.94 -17.63 -7.99
CA ARG A 713 65.72 -16.47 -8.81
C ARG A 713 65.52 -15.21 -7.96
N GLU A 714 65.14 -15.34 -6.69
CA GLU A 714 64.90 -14.21 -5.80
C GLU A 714 65.96 -14.13 -4.71
N LEU A 715 66.83 -13.14 -4.79
CA LEU A 715 67.94 -13.06 -3.85
C LEU A 715 67.70 -11.88 -2.98
N ALA A 716 68.51 -10.84 -3.14
CA ALA A 716 68.31 -9.65 -2.36
C ALA A 716 66.83 -9.45 -2.21
N GLN A 717 66.43 -9.33 -0.98
CA GLN A 717 65.05 -9.05 -0.66
C GLN A 717 65.08 -7.58 -0.32
N ASP A 718 65.05 -6.78 -1.36
CA ASP A 718 65.11 -5.36 -1.19
C ASP A 718 63.75 -4.79 -1.58
N ALA A 719 63.37 -3.67 -0.96
CA ALA A 719 62.04 -3.16 -1.22
C ALA A 719 61.82 -1.74 -0.70
N LYS A 720 62.90 -0.96 -0.63
CA LYS A 720 62.82 0.40 -0.12
C LYS A 720 61.86 1.21 -0.97
N GLU A 721 62.22 1.43 -2.23
CA GLU A 721 61.26 1.87 -3.23
C GLU A 721 60.44 0.64 -3.60
N GLY A 722 59.68 0.19 -2.63
CA GLY A 722 58.92 -0.99 -2.84
C GLY A 722 58.11 -0.89 -4.12
N GLN A 723 57.66 0.33 -4.48
CA GLN A 723 56.81 0.63 -5.62
C GLN A 723 55.61 -0.32 -5.52
N LYS A 724 55.10 -0.79 -6.65
CA LYS A 724 53.88 -1.60 -6.66
C LYS A 724 54.19 -3.08 -6.40
N GLU A 725 54.18 -3.49 -5.11
CA GLU A 725 54.27 -4.87 -4.56
C GLU A 725 55.35 -5.74 -5.20
N ASP A 726 56.10 -5.15 -6.10
CA ASP A 726 57.37 -5.72 -6.46
C ASP A 726 57.98 -6.14 -5.14
N ARG A 727 58.55 -5.19 -4.42
CA ARG A 727 58.92 -5.41 -3.05
C ARG A 727 58.11 -6.54 -2.45
N ASP A 728 56.79 -6.43 -2.60
CA ASP A 728 55.87 -7.40 -2.01
C ASP A 728 55.97 -8.80 -2.65
N ILE A 729 55.80 -8.91 -3.97
CA ILE A 729 55.86 -10.23 -4.57
C ILE A 729 57.17 -10.89 -4.21
N LEU A 730 58.19 -10.07 -3.90
CA LEU A 730 59.55 -10.51 -3.62
C LEU A 730 59.69 -11.11 -2.25
N SER A 731 59.29 -10.36 -1.23
CA SER A 731 59.16 -11.01 0.05
C SER A 731 58.25 -12.25 -0.11
N TYR A 732 57.39 -12.27 -1.15
CA TYR A 732 56.44 -13.36 -1.39
C TYR A 732 57.11 -14.64 -1.87
N TYR A 733 57.88 -14.53 -2.90
CA TYR A 733 58.74 -15.64 -3.22
C TYR A 733 59.69 -15.96 -2.07
N ARG A 734 60.33 -14.92 -1.48
CA ARG A 734 61.28 -15.07 -0.37
C ARG A 734 60.65 -15.75 0.82
N TYR A 735 59.31 -15.75 0.89
CA TYR A 735 58.54 -16.55 1.84
C TYR A 735 58.24 -17.95 1.30
N GLN A 736 57.91 -18.06 0.02
CA GLN A 736 57.86 -19.38 -0.59
C GLN A 736 59.13 -20.15 -0.28
N LEU A 737 60.25 -19.42 -0.02
CA LEU A 737 61.54 -19.98 0.44
C LEU A 737 61.57 -20.40 1.93
N ASN A 738 60.61 -19.99 2.78
CA ASN A 738 60.64 -20.27 4.23
C ASN A 738 59.26 -20.66 4.81
N LEU A 739 59.18 -21.84 5.44
CA LEU A 739 58.03 -22.32 6.20
C LEU A 739 56.72 -22.24 5.43
N PHE A 740 56.25 -23.37 4.90
CA PHE A 740 54.89 -23.47 4.38
C PHE A 740 53.94 -23.59 5.56
N ALA A 741 53.22 -22.50 5.85
CA ALA A 741 52.25 -22.46 6.94
C ALA A 741 51.15 -23.49 6.76
N ARG A 742 51.11 -24.48 7.64
CA ARG A 742 50.25 -25.61 7.43
C ARG A 742 48.99 -25.48 8.24
N MET A 743 48.53 -24.28 8.44
CA MET A 743 47.30 -24.09 9.14
C MET A 743 47.34 -24.99 10.34
N CYS A 744 48.27 -24.67 11.21
CA CYS A 744 48.45 -25.44 12.42
C CYS A 744 47.15 -26.11 12.85
N LEU A 745 46.34 -25.42 13.63
CA LEU A 745 45.17 -26.06 14.21
C LEU A 745 45.56 -27.29 15.01
N ASP A 746 46.03 -27.09 16.24
CA ASP A 746 46.67 -28.18 16.97
C ASP A 746 45.69 -29.08 17.75
N ARG A 747 44.58 -28.54 18.27
CA ARG A 747 43.74 -29.17 19.32
C ARG A 747 42.30 -29.43 18.85
N GLN A 748 41.48 -30.00 19.76
CA GLN A 748 40.22 -30.64 19.38
C GLN A 748 39.25 -30.67 20.56
N TYR A 749 38.21 -31.49 20.40
CA TYR A 749 37.32 -31.92 21.46
C TYR A 749 36.28 -30.86 21.81
N LEU A 750 35.27 -31.21 22.59
CA LEU A 750 34.15 -30.32 22.87
C LEU A 750 34.63 -28.90 23.11
N ALA A 751 35.89 -28.81 23.52
CA ALA A 751 36.50 -27.52 23.74
C ALA A 751 36.01 -26.57 22.65
N ILE A 752 36.46 -26.77 21.43
CA ILE A 752 36.18 -25.84 20.33
C ILE A 752 34.81 -25.18 20.51
N ASN A 753 33.77 -25.96 20.53
CA ASN A 753 32.43 -25.39 20.36
C ASN A 753 32.14 -24.31 21.38
N GLU A 754 32.38 -24.64 22.65
CA GLU A 754 32.04 -23.71 23.69
C GLU A 754 32.45 -22.32 23.22
N ILE A 755 33.71 -22.23 22.83
CA ILE A 755 34.31 -20.93 22.54
C ILE A 755 33.60 -20.24 21.38
N SER A 756 33.33 -20.98 20.32
CA SER A 756 32.67 -20.35 19.18
C SER A 756 31.50 -19.54 19.67
N GLY A 757 30.75 -20.17 20.59
CA GLY A 757 29.67 -19.47 21.23
C GLY A 757 30.11 -18.11 21.74
N GLN A 758 31.14 -18.12 22.56
CA GLN A 758 31.71 -16.87 23.03
C GLN A 758 31.83 -15.86 21.91
N LEU A 759 32.54 -16.22 20.85
CA LEU A 759 32.77 -15.27 19.78
C LEU A 759 31.48 -14.54 19.47
N ASP A 760 30.39 -15.26 19.47
CA ASP A 760 29.13 -14.59 19.25
C ASP A 760 29.03 -14.09 17.83
N VAL A 761 28.04 -13.23 17.63
CA VAL A 761 27.60 -12.86 16.29
C VAL A 761 28.75 -12.36 15.44
N ASP A 762 29.66 -11.60 16.04
CA ASP A 762 30.69 -11.01 15.21
C ASP A 762 31.29 -12.04 14.23
N LEU A 763 31.45 -13.31 14.69
CA LEU A 763 31.99 -14.34 13.81
C LEU A 763 31.26 -14.23 12.53
N ILE A 764 30.05 -14.67 12.67
CA ILE A 764 29.01 -14.30 11.76
C ILE A 764 29.36 -12.96 11.09
N LEU A 765 29.24 -11.79 11.77
CA LEU A 765 29.44 -10.45 11.16
C LEU A 765 30.54 -10.50 10.15
N ARG A 766 31.73 -10.66 10.67
CA ARG A 766 32.86 -10.80 9.77
C ARG A 766 32.57 -11.84 8.70
N CYS A 767 32.39 -13.10 9.12
CA CYS A 767 31.98 -14.13 8.19
C CYS A 767 31.06 -13.59 7.06
N MET A 768 29.88 -13.11 7.40
CA MET A 768 28.88 -12.75 6.38
C MET A 768 29.35 -11.63 5.47
N SER A 769 29.95 -10.65 6.09
CA SER A 769 30.55 -9.61 5.32
C SER A 769 31.31 -10.19 4.15
N ASP A 770 32.32 -11.02 4.46
CA ASP A 770 33.28 -11.47 3.46
C ASP A 770 32.71 -12.69 2.78
N GLU A 771 32.61 -13.79 3.51
CA GLU A 771 31.97 -14.99 3.03
C GLU A 771 30.85 -14.53 2.17
N ASN A 772 30.04 -13.58 2.70
CA ASN A 772 28.95 -13.07 1.85
C ASN A 772 29.46 -11.66 1.77
N LEU A 773 28.55 -10.55 2.02
CA LEU A 773 28.69 -9.19 1.67
C LEU A 773 29.76 -9.08 0.59
N PRO A 774 29.67 -9.97 -0.37
CA PRO A 774 30.29 -9.69 -1.66
C PRO A 774 29.94 -8.22 -1.85
N TYR A 775 28.65 -7.89 -1.88
CA TYR A 775 28.28 -6.49 -1.83
C TYR A 775 28.99 -5.78 -0.67
N ASP A 776 29.68 -4.71 -1.01
CA ASP A 776 30.51 -4.06 -0.02
C ASP A 776 29.68 -3.70 1.17
N LEU A 777 28.57 -3.06 0.92
CA LEU A 777 27.76 -2.59 2.01
C LEU A 777 27.71 -3.59 3.17
N ARG A 778 27.13 -4.75 2.93
CA ARG A 778 26.88 -5.70 4.01
C ARG A 778 28.09 -5.90 4.85
N ALA A 779 29.14 -6.28 4.19
CA ALA A 779 30.35 -6.35 4.91
C ALA A 779 30.50 -5.05 5.69
N SER A 780 30.41 -3.92 5.00
CA SER A 780 30.56 -2.60 5.58
C SER A 780 29.92 -2.54 6.95
N PHE A 781 28.69 -2.91 6.99
CA PHE A 781 28.04 -3.10 8.25
C PHE A 781 28.87 -3.90 9.24
N CYS A 782 29.12 -5.19 8.93
CA CYS A 782 29.82 -6.01 9.92
C CYS A 782 30.97 -5.20 10.46
N ARG A 783 31.42 -4.23 9.66
CA ARG A 783 32.39 -3.22 10.09
C ARG A 783 31.80 -2.29 11.12
N LEU A 784 30.68 -1.70 10.80
CA LEU A 784 30.06 -0.94 11.84
C LEU A 784 30.29 -1.80 13.09
N MET A 785 30.12 -3.13 12.96
CA MET A 785 30.41 -4.07 14.05
C MET A 785 31.83 -3.87 14.57
N LEU A 786 32.78 -3.73 13.69
CA LEU A 786 34.17 -3.57 14.13
C LEU A 786 34.40 -2.27 14.88
N HIS A 787 34.13 -1.15 14.22
CA HIS A 787 34.33 0.14 14.83
C HIS A 787 33.76 0.11 16.21
N MET A 788 32.68 -0.65 16.42
CA MET A 788 32.15 -0.83 17.78
C MET A 788 33.07 -1.71 18.66
N HIS A 789 33.59 -2.79 18.11
CA HIS A 789 34.32 -3.74 18.92
C HIS A 789 35.33 -3.06 19.82
N VAL A 790 36.15 -2.19 19.24
CA VAL A 790 37.08 -1.40 20.01
C VAL A 790 37.97 -2.33 20.84
N ASP A 791 37.43 -2.85 21.93
CA ASP A 791 38.23 -3.59 22.92
C ASP A 791 39.29 -4.53 22.34
N SER A 825 63.19 -20.05 9.90
CA SER A 825 64.01 -18.83 9.92
C SER A 825 63.22 -17.68 10.58
N LYS A 826 62.85 -17.85 11.86
CA LYS A 826 62.09 -16.81 12.56
C LYS A 826 62.85 -15.48 12.57
N ASP A 827 64.15 -15.53 12.87
CA ASP A 827 65.00 -14.34 12.82
C ASP A 827 65.17 -13.75 11.40
N GLU A 828 65.95 -14.43 10.53
CA GLU A 828 66.35 -13.88 9.23
C GLU A 828 65.15 -13.47 8.38
N ILE A 829 64.04 -14.18 8.50
CA ILE A 829 62.81 -13.69 7.90
C ILE A 829 62.34 -12.42 8.63
N LYS A 830 62.39 -12.46 9.97
CA LYS A 830 62.03 -11.29 10.74
C LYS A 830 62.55 -10.02 10.03
N GLU A 831 63.85 -9.97 9.85
CA GLU A 831 64.44 -8.76 9.27
C GLU A 831 63.63 -8.15 8.12
N ARG A 832 63.38 -8.93 7.10
CA ARG A 832 62.52 -8.41 6.06
C ARG A 832 61.25 -7.90 6.68
N PHE A 833 60.75 -8.67 7.64
CA PHE A 833 59.52 -8.27 8.27
C PHE A 833 59.58 -6.81 8.69
N ALA A 834 60.61 -6.44 9.46
CA ALA A 834 60.58 -5.12 10.10
C ALA A 834 60.24 -4.05 9.08
N GLN A 835 61.01 -4.08 8.00
CA GLN A 835 60.61 -3.36 6.82
C GLN A 835 59.07 -3.43 6.70
N THR A 836 58.51 -4.63 6.87
CA THR A 836 57.04 -4.75 6.80
C THR A 836 56.17 -3.92 7.79
N MET A 837 56.23 -4.19 9.10
CA MET A 837 55.27 -3.57 10.03
C MET A 837 55.28 -2.07 9.88
N GLU A 838 56.44 -1.50 9.55
CA GLU A 838 56.38 -0.11 9.14
C GLU A 838 55.37 0.07 8.00
N PHE A 839 55.71 -0.43 6.78
CA PHE A 839 54.91 -0.09 5.60
C PHE A 839 53.42 -0.23 5.88
N VAL A 840 53.13 -1.04 6.86
CA VAL A 840 51.80 -1.09 7.40
C VAL A 840 51.47 0.24 8.02
N GLU A 841 52.10 0.48 9.16
CA GLU A 841 51.80 1.67 9.94
C GLU A 841 51.63 2.85 9.00
N GLU A 842 52.59 3.01 8.11
CA GLU A 842 52.42 3.88 6.97
C GLU A 842 51.05 3.74 6.34
N TYR A 843 50.80 2.57 5.79
CA TYR A 843 49.51 2.38 5.14
C TYR A 843 48.37 2.87 6.03
N LEU A 844 48.61 2.97 7.33
CA LEU A 844 47.69 3.62 8.23
C LEU A 844 47.64 5.13 8.07
N ARG A 845 48.67 5.86 8.46
CA ARG A 845 48.58 7.33 8.37
C ARG A 845 47.97 7.75 7.04
N ASP A 846 48.47 7.17 5.96
CA ASP A 846 47.75 7.26 4.71
C ASP A 846 46.29 6.95 4.94
N VAL A 847 46.01 5.97 5.77
CA VAL A 847 44.63 5.77 6.18
C VAL A 847 44.09 7.00 6.92
N VAL A 848 44.94 7.72 7.65
CA VAL A 848 44.50 9.02 8.10
C VAL A 848 44.04 9.79 6.90
N CYS A 849 44.74 9.64 5.78
CA CYS A 849 44.18 10.06 4.52
C CYS A 849 42.88 9.32 4.33
N GLN A 850 41.81 10.04 4.51
CA GLN A 850 40.52 9.48 4.19
C GLN A 850 40.38 9.20 2.69
N ARG A 851 40.40 10.28 1.88
CA ARG A 851 40.33 10.11 0.44
C ARG A 851 41.13 8.89 0.09
N PHE A 852 40.50 7.97 -0.46
CA PHE A 852 41.24 6.85 -0.92
C PHE A 852 41.10 7.03 -2.40
N PRO A 853 40.57 8.16 -2.84
CA PRO A 853 40.51 8.40 -4.29
C PRO A 853 41.85 8.03 -4.94
N PHE A 854 41.75 7.43 -6.15
CA PHE A 854 42.85 7.11 -7.05
C PHE A 854 44.19 6.77 -6.41
N SER A 855 44.66 7.62 -5.50
CA SER A 855 45.75 7.22 -4.65
C SER A 855 45.53 5.77 -4.27
N ASP A 856 44.31 5.47 -3.85
CA ASP A 856 44.00 4.14 -3.37
C ASP A 856 43.98 3.07 -4.48
N LYS A 857 44.09 3.41 -5.75
CA LYS A 857 44.46 2.37 -6.69
C LYS A 857 45.84 1.92 -6.23
N GLU A 858 46.76 2.81 -6.45
CA GLU A 858 48.11 2.55 -6.03
C GLU A 858 48.16 2.00 -4.62
N LYS A 859 48.07 2.89 -3.65
CA LYS A 859 48.25 2.50 -2.27
C LYS A 859 47.51 1.21 -1.98
N ASN A 860 46.32 1.06 -2.56
CA ASN A 860 45.54 -0.11 -2.21
C ASN A 860 46.16 -1.31 -2.87
N LYS A 861 46.34 -1.20 -4.15
CA LYS A 861 47.07 -2.23 -4.83
C LYS A 861 48.23 -2.68 -3.94
N LEU A 862 49.05 -1.71 -3.60
CA LEU A 862 50.20 -1.97 -2.76
C LEU A 862 49.79 -2.68 -1.51
N THR A 863 49.00 -2.00 -0.75
CA THR A 863 48.49 -2.67 0.40
C THR A 863 48.10 -4.10 0.01
N PHE A 864 47.36 -4.27 -1.08
CA PHE A 864 46.75 -5.53 -1.44
C PHE A 864 47.68 -6.72 -1.38
N GLU A 865 48.56 -6.82 -2.32
CA GLU A 865 49.52 -7.87 -2.17
C GLU A 865 49.91 -7.97 -0.69
N VAL A 866 50.45 -6.86 -0.21
CA VAL A 866 50.94 -6.67 1.15
C VAL A 866 50.09 -7.44 2.14
N VAL A 867 48.84 -7.18 2.09
CA VAL A 867 47.96 -7.68 3.13
C VAL A 867 47.85 -9.20 3.07
N ASN A 868 47.46 -9.68 1.92
CA ASN A 868 47.55 -11.09 1.73
C ASN A 868 48.81 -11.43 2.40
N LEU A 869 49.80 -10.86 1.80
CA LEU A 869 51.13 -10.97 2.35
C LEU A 869 51.10 -10.74 3.82
N ALA A 870 50.72 -9.58 4.24
CA ALA A 870 50.75 -9.31 5.63
C ALA A 870 49.90 -10.31 6.34
N ARG A 871 48.70 -10.46 5.90
CA ARG A 871 47.94 -11.58 6.35
C ARG A 871 48.88 -12.74 6.30
N ASN A 872 49.13 -13.14 5.10
CA ASN A 872 50.06 -14.23 4.92
C ASN A 872 51.24 -14.08 5.81
N LEU A 873 51.75 -12.88 5.87
CA LEU A 873 52.87 -12.56 6.71
C LEU A 873 52.59 -13.07 8.11
N ILE A 874 51.65 -12.45 8.82
CA ILE A 874 51.38 -12.88 10.19
C ILE A 874 51.41 -14.41 10.25
N TYR A 875 50.78 -15.01 9.26
CA TYR A 875 50.61 -16.46 9.25
C TYR A 875 51.92 -17.22 9.24
N PHE A 876 52.81 -16.88 8.32
CA PHE A 876 54.04 -17.63 8.25
C PHE A 876 54.97 -17.33 9.43
N GLY A 877 54.71 -16.23 10.20
CA GLY A 877 55.64 -15.71 11.22
C GLY A 877 54.98 -15.30 12.52
N PHE A 878 53.76 -15.73 12.71
CA PHE A 878 53.19 -15.73 14.03
C PHE A 878 54.08 -16.52 14.99
N TYR A 879 54.03 -16.19 16.27
CA TYR A 879 54.76 -16.95 17.30
C TYR A 879 54.02 -16.95 18.64
N ASN A 880 54.16 -18.06 19.39
CA ASN A 880 53.25 -18.44 20.49
C ASN A 880 53.54 -17.66 21.77
N PHE A 881 53.22 -16.39 21.70
CA PHE A 881 53.45 -15.52 22.83
C PHE A 881 52.63 -14.26 22.63
N SER A 882 52.60 -13.40 23.65
CA SER A 882 51.73 -12.25 23.62
C SER A 882 51.93 -11.43 22.37
N ASP A 883 53.02 -11.65 21.62
CA ASP A 883 53.53 -10.63 20.71
C ASP A 883 52.93 -10.65 19.31
N LEU A 884 53.07 -11.75 18.54
CA LEU A 884 52.42 -11.72 17.25
C LEU A 884 50.97 -11.29 17.47
N LEU A 885 50.48 -11.50 18.71
CA LEU A 885 49.17 -11.06 19.20
C LEU A 885 49.07 -9.54 19.33
N ARG A 886 49.86 -8.97 20.20
CA ARG A 886 49.81 -7.53 20.34
C ARG A 886 49.90 -6.85 18.95
N LEU A 887 50.69 -7.46 18.04
CA LEU A 887 50.69 -7.08 16.63
C LEU A 887 49.27 -7.06 16.06
N THR A 888 48.43 -8.00 16.49
CA THR A 888 47.01 -7.81 16.26
C THR A 888 46.48 -6.47 16.82
N LYS A 889 46.76 -6.14 18.08
CA LYS A 889 46.22 -4.88 18.61
C LYS A 889 46.47 -3.73 17.64
N ILE A 890 47.74 -3.47 17.34
CA ILE A 890 48.04 -2.50 16.31
C ILE A 890 47.18 -2.80 15.07
N LEU A 891 46.83 -4.06 14.87
CA LEU A 891 45.90 -4.41 13.79
C LEU A 891 44.52 -3.80 13.99
N LEU A 892 43.93 -4.00 15.14
CA LEU A 892 42.66 -3.37 15.40
C LEU A 892 42.69 -1.95 14.88
N ALA A 893 43.75 -1.25 15.26
CA ALA A 893 43.89 0.11 14.76
C ALA A 893 43.96 0.13 13.27
N ILE A 894 44.71 -0.79 12.70
CA ILE A 894 44.76 -0.85 11.25
C ILE A 894 43.36 -1.02 10.67
N LEU A 895 42.71 -2.09 11.02
CA LEU A 895 41.39 -2.38 10.48
C LEU A 895 40.47 -1.18 10.60
N ASP A 896 40.42 -0.62 11.78
CA ASP A 896 39.55 0.52 12.00
C ASP A 896 40.02 1.75 11.25
N CYS A 897 41.28 2.11 11.44
CA CYS A 897 41.91 3.16 10.67
C CYS A 897 41.82 2.88 9.19
N VAL A 898 41.50 1.62 8.84
CA VAL A 898 41.52 1.02 7.52
C VAL A 898 40.24 1.47 6.90
N HIS A 899 39.59 2.45 7.55
CA HIS A 899 38.41 3.09 7.10
C HIS A 899 37.79 2.18 6.07
N VAL A 900 37.49 0.91 6.45
CA VAL A 900 37.79 0.30 7.79
C VAL A 900 37.62 -1.17 7.73
N PRO A 960 26.01 5.48 -8.84
CA PRO A 960 26.47 4.19 -9.38
C PRO A 960 27.46 4.38 -10.54
N GLU A 961 27.14 3.82 -11.70
CA GLU A 961 27.92 4.05 -12.90
C GLU A 961 29.39 3.71 -12.54
N LYS A 962 30.39 4.56 -12.85
CA LYS A 962 31.82 4.23 -12.75
C LYS A 962 32.19 3.64 -11.37
N GLU A 963 31.38 3.98 -10.37
CA GLU A 963 31.65 3.62 -8.99
C GLU A 963 31.63 2.10 -8.76
N ASP A 964 31.02 1.34 -9.66
CA ASP A 964 31.17 -0.11 -9.54
C ASP A 964 32.59 -0.55 -9.92
N ILE A 965 33.05 -0.15 -11.12
CA ILE A 965 34.38 -0.56 -11.56
C ILE A 965 35.36 -0.28 -10.42
N MET A 966 35.33 0.95 -9.96
CA MET A 966 36.12 1.34 -8.80
C MET A 966 35.88 0.42 -7.60
N VAL A 967 34.63 0.28 -7.16
CA VAL A 967 34.37 -0.49 -5.95
C VAL A 967 35.16 -1.79 -5.99
N MET A 968 35.40 -2.28 -7.21
CA MET A 968 36.20 -3.48 -7.39
C MET A 968 37.27 -3.50 -6.30
N ASP A 969 38.06 -2.47 -6.24
CA ASP A 969 39.17 -2.39 -5.30
C ASP A 969 38.78 -2.50 -3.85
N THR A 970 38.01 -1.53 -3.38
CA THR A 970 37.58 -1.65 -2.02
C THR A 970 37.12 -3.08 -1.81
N LYS A 971 36.53 -3.66 -2.85
CA LYS A 971 36.02 -5.01 -2.88
C LYS A 971 37.10 -6.04 -2.56
N LEU A 972 38.10 -6.17 -3.43
CA LEU A 972 39.17 -7.05 -3.02
C LEU A 972 39.62 -6.60 -1.65
N LYS A 973 39.66 -5.28 -1.46
CA LYS A 973 39.94 -4.64 -0.18
C LYS A 973 39.18 -5.28 0.96
N ILE A 974 38.19 -6.05 0.64
CA ILE A 974 37.42 -6.79 1.60
C ILE A 974 37.92 -8.23 1.77
N ILE A 975 37.85 -9.01 0.71
CA ILE A 975 38.15 -10.43 0.82
C ILE A 975 39.32 -10.52 1.75
N GLU A 976 40.29 -9.70 1.46
CA GLU A 976 41.45 -9.68 2.29
C GLU A 976 41.16 -9.01 3.63
N ILE A 977 40.73 -7.74 3.62
CA ILE A 977 40.51 -7.05 4.87
C ILE A 977 39.79 -7.98 5.80
N LEU A 978 38.87 -8.73 5.25
CA LEU A 978 38.23 -9.76 6.01
C LEU A 978 39.02 -11.02 6.00
N GLN A 979 39.40 -11.45 4.83
CA GLN A 979 40.33 -12.52 4.80
C GLN A 979 41.22 -12.20 5.94
N PHE A 980 42.03 -11.20 5.73
CA PHE A 980 42.78 -10.70 6.84
C PHE A 980 41.92 -10.67 8.08
N ILE A 981 40.99 -9.77 8.12
CA ILE A 981 40.22 -9.64 9.35
C ILE A 981 39.84 -11.00 9.86
N LEU A 982 39.29 -11.77 9.00
CA LEU A 982 38.90 -13.10 9.37
C LEU A 982 40.08 -13.83 9.98
N ASN A 983 41.11 -14.06 9.19
CA ASN A 983 42.17 -14.97 9.59
C ASN A 983 42.54 -14.84 11.04
N VAL A 984 43.35 -13.84 11.31
CA VAL A 984 43.67 -13.49 12.67
C VAL A 984 42.37 -13.69 13.42
N ARG A 985 41.42 -12.81 13.16
CA ARG A 985 40.17 -12.82 13.91
C ARG A 985 39.71 -14.23 14.16
N LEU A 986 39.79 -14.99 13.11
CA LEU A 986 39.28 -16.32 13.18
C LEU A 986 40.12 -17.14 14.13
N ASP A 987 40.80 -18.11 13.55
CA ASP A 987 41.38 -19.18 14.34
C ASP A 987 42.42 -18.61 15.26
N TYR A 988 43.13 -17.63 14.78
CA TYR A 988 43.98 -16.93 15.68
C TYR A 988 43.18 -16.54 16.91
N ARG A 989 42.15 -15.72 16.72
CA ARG A 989 41.47 -15.17 17.87
C ARG A 989 41.25 -16.28 18.85
N ILE A 990 41.92 -16.22 20.00
CA ILE A 990 41.46 -16.83 21.23
C ILE A 990 42.14 -18.14 21.64
N SER A 991 43.39 -18.37 21.26
CA SER A 991 43.95 -19.71 21.48
C SER A 991 44.30 -20.01 22.96
N CYS A 992 44.76 -19.00 23.69
CA CYS A 992 45.36 -19.24 25.02
C CYS A 992 44.32 -19.63 26.04
N LEU A 993 43.31 -18.76 26.18
CA LEU A 993 42.24 -18.94 27.16
C LEU A 993 42.07 -20.43 27.36
N LEU A 994 42.07 -21.14 26.23
CA LEU A 994 41.93 -22.58 26.24
C LEU A 994 42.69 -23.18 27.39
N CYS A 995 43.95 -23.27 27.23
CA CYS A 995 44.63 -23.98 28.27
C CYS A 995 44.81 -23.13 29.50
N ILE A 996 44.72 -21.82 29.35
CA ILE A 996 45.14 -20.97 30.43
C ILE A 996 44.35 -21.31 31.69
N PHE A 997 43.06 -21.50 31.56
CA PHE A 997 42.23 -21.76 32.72
C PHE A 997 42.61 -23.06 33.40
N LYS A 998 43.57 -23.77 32.80
CA LYS A 998 44.20 -24.79 33.59
C LYS A 998 44.33 -24.05 34.91
N ARG A 999 43.46 -24.45 35.83
CA ARG A 999 43.53 -24.28 37.27
C ARG A 999 42.77 -25.50 37.74
N GLU A 1000 42.94 -25.94 38.99
CA GLU A 1000 42.55 -27.31 39.34
C GLU A 1000 41.17 -27.45 40.01
N PHE A 1001 40.71 -28.70 40.05
CA PHE A 1001 39.28 -29.03 40.11
C PHE A 1001 39.03 -30.20 41.03
N ASP A 1002 38.22 -29.98 42.04
CA ASP A 1002 37.91 -31.07 42.95
C ASP A 1002 39.15 -31.40 43.77
N GLU A 1003 40.28 -31.71 43.14
CA GLU A 1003 41.40 -32.42 43.77
C GLU A 1003 42.48 -31.54 44.42
N SER A 1004 43.23 -30.75 43.65
CA SER A 1004 44.29 -29.93 44.22
C SER A 1004 44.84 -29.02 43.14
N ASN A 1005 45.12 -27.75 43.48
CA ASN A 1005 45.35 -26.72 42.47
C ASN A 1005 46.30 -27.22 41.39
N SER A 1006 46.12 -26.63 40.19
CA SER A 1006 46.80 -27.03 38.96
C SER A 1006 46.53 -25.99 37.86
N GLN A 1007 46.92 -24.74 38.14
CA GLN A 1007 46.93 -23.68 37.15
C GLN A 1007 48.00 -23.91 36.10
N SER A 1008 47.69 -23.68 34.83
CA SER A 1008 48.78 -23.75 33.85
C SER A 1008 49.95 -22.75 34.14
N SER A 1009 50.26 -22.52 35.42
CA SER A 1009 51.24 -21.52 35.77
C SER A 1009 52.64 -21.91 35.35
N GLY A 1026 43.22 -38.70 24.70
CA GLY A 1026 43.67 -39.93 24.04
C GLY A 1026 45.14 -40.28 24.31
N ALA A 1027 45.53 -40.37 25.56
CA ALA A 1027 46.87 -40.82 26.01
C ALA A 1027 47.94 -39.89 25.46
N LEU A 1028 49.12 -40.44 25.07
CA LEU A 1028 50.28 -39.73 24.55
C LEU A 1028 49.95 -39.04 23.24
N ASP A 1029 48.97 -38.10 23.28
CA ASP A 1029 48.53 -37.37 22.10
C ASP A 1029 49.68 -36.59 21.44
N PHE A 1030 50.65 -36.13 22.23
CA PHE A 1030 51.81 -35.42 21.68
C PHE A 1030 52.77 -36.33 20.87
N GLU A 1031 52.90 -37.63 21.21
CA GLU A 1031 53.82 -38.50 20.50
C GLU A 1031 53.30 -39.06 19.17
N HIS A 1032 51.98 -39.10 18.95
CA HIS A 1032 51.37 -39.33 17.64
C HIS A 1032 50.98 -38.04 16.88
N ILE A 1033 51.09 -36.86 17.54
CA ILE A 1033 51.08 -35.55 16.85
C ILE A 1033 52.46 -34.93 16.72
N GLU A 1034 53.52 -35.64 17.16
CA GLU A 1034 54.91 -35.29 16.99
C GLU A 1034 55.62 -36.32 16.20
N GLU A 1035 55.19 -37.57 16.29
CA GLU A 1035 55.10 -38.45 15.13
C GLU A 1035 54.29 -37.78 14.00
N GLN A 1036 53.08 -37.22 14.30
CA GLN A 1036 52.30 -36.52 13.27
C GLN A 1036 52.98 -35.22 12.84
N ALA A 1037 53.86 -34.66 13.69
CA ALA A 1037 54.75 -33.59 13.23
C ALA A 1037 55.87 -34.15 12.38
N GLU A 1038 56.39 -35.30 12.75
CA GLU A 1038 57.18 -36.06 11.82
C GLU A 1038 56.38 -36.30 10.55
N GLY A 1039 55.10 -36.08 10.62
CA GLY A 1039 54.22 -36.20 9.50
C GLY A 1039 54.08 -34.89 8.80
N ILE A 1040 53.96 -33.80 9.49
CA ILE A 1040 54.09 -32.53 8.80
C ILE A 1040 55.41 -32.53 8.06
N PHE A 1041 56.45 -32.68 8.83
CA PHE A 1041 57.74 -33.07 8.38
C PHE A 1041 57.60 -33.96 7.16
N GLY A 1042 56.83 -35.03 7.27
CA GLY A 1042 56.60 -35.84 6.12
C GLY A 1042 56.04 -35.04 4.96
N GLY A 1043 54.99 -34.27 5.20
CA GLY A 1043 54.40 -33.48 4.14
C GLY A 1043 55.46 -32.78 3.35
N SER A 1044 56.51 -32.34 4.04
CA SER A 1044 57.53 -31.51 3.40
C SER A 1044 58.22 -32.21 2.22
N GLU A 1045 58.47 -33.50 2.33
CA GLU A 1045 59.55 -34.06 1.53
C GLU A 1045 59.22 -34.11 0.04
N GLU A 1046 60.20 -34.59 -0.74
CA GLU A 1046 60.08 -34.90 -2.17
C GLU A 1046 60.90 -36.18 -2.46
N ASN A 1047 60.93 -36.68 -3.73
CA ASN A 1047 61.47 -38.02 -4.08
C ASN A 1047 62.95 -38.05 -4.45
N THR A 1048 63.54 -36.93 -4.91
CA THR A 1048 64.94 -36.87 -5.32
C THR A 1048 65.97 -37.06 -4.19
N PRO A 1049 65.62 -36.55 -2.97
CA PRO A 1049 66.41 -36.85 -1.79
C PRO A 1049 66.57 -38.35 -1.66
N LEU A 1050 67.23 -38.94 -2.64
CA LEU A 1050 67.37 -40.37 -2.67
C LEU A 1050 67.76 -40.84 -1.26
N ASP A 1051 68.51 -40.01 -0.53
CA ASP A 1051 68.98 -40.36 0.81
C ASP A 1051 67.82 -40.56 1.82
N LEU A 1052 66.97 -39.54 2.03
CA LEU A 1052 65.92 -39.64 3.06
C LEU A 1052 64.57 -40.25 2.60
N ASP A 1053 64.36 -40.56 1.31
CA ASP A 1053 63.01 -40.83 0.75
C ASP A 1053 62.37 -42.11 1.29
N ASP A 1054 63.10 -43.20 1.22
CA ASP A 1054 62.52 -44.47 1.63
C ASP A 1054 62.79 -44.79 3.10
N HIS A 1055 64.05 -44.58 3.54
CA HIS A 1055 64.63 -45.11 4.78
C HIS A 1055 64.03 -44.65 6.09
N GLY A 1056 64.30 -43.39 6.46
CA GLY A 1056 63.93 -42.88 7.76
C GLY A 1056 62.43 -42.84 7.99
N GLY A 1057 61.73 -42.10 7.13
CA GLY A 1057 60.28 -42.02 7.25
C GLY A 1057 59.62 -43.38 7.31
N ARG A 1058 59.91 -44.24 6.34
CA ARG A 1058 59.44 -45.63 6.36
C ARG A 1058 57.91 -45.62 6.46
N THR A 1059 57.32 -46.45 7.31
CA THR A 1059 55.85 -46.65 7.33
C THR A 1059 55.28 -46.24 8.68
N PHE A 1060 55.23 -44.94 8.95
CA PHE A 1060 54.60 -44.51 10.19
C PHE A 1060 53.17 -45.06 10.33
N LEU A 1061 52.60 -45.50 9.23
CA LEU A 1061 51.24 -45.97 9.20
C LEU A 1061 50.86 -46.81 10.39
N ARG A 1062 51.85 -47.50 10.92
CA ARG A 1062 51.63 -48.41 12.02
C ARG A 1062 51.00 -47.71 13.20
N VAL A 1063 51.70 -46.71 13.76
CA VAL A 1063 51.07 -45.92 14.79
C VAL A 1063 49.67 -45.58 14.31
N LEU A 1064 49.55 -45.14 13.05
CA LEU A 1064 48.24 -44.95 12.42
C LEU A 1064 47.33 -46.18 12.56
N LEU A 1065 47.75 -47.27 11.96
CA LEU A 1065 46.97 -48.49 12.06
C LEU A 1065 46.63 -48.83 13.50
N HIS A 1066 47.56 -48.56 14.43
CA HIS A 1066 47.35 -48.92 15.82
C HIS A 1066 46.27 -48.05 16.46
N LEU A 1067 46.12 -46.79 16.04
CA LEU A 1067 45.21 -45.82 16.65
C LEU A 1067 44.17 -45.35 15.65
N THR A 1068 43.99 -46.12 14.59
CA THR A 1068 42.78 -45.99 13.83
C THR A 1068 41.61 -46.18 14.78
N MET A 1069 41.70 -47.24 15.60
CA MET A 1069 40.71 -47.51 16.61
C MET A 1069 40.45 -46.32 17.52
N HIS A 1070 41.42 -45.40 17.67
CA HIS A 1070 41.34 -44.33 18.70
C HIS A 1070 40.64 -43.05 18.24
N ASP A 1071 39.83 -42.49 19.16
CA ASP A 1071 39.01 -41.31 18.90
C ASP A 1071 39.82 -40.40 18.01
N TYR A 1072 39.20 -40.01 16.91
CA TYR A 1072 39.93 -39.17 15.99
C TYR A 1072 40.69 -38.11 16.80
N PRO A 1073 41.95 -37.81 16.46
CA PRO A 1073 42.67 -36.65 17.07
C PRO A 1073 42.28 -35.36 16.38
N PRO A 1074 42.55 -34.18 16.96
CA PRO A 1074 42.22 -32.95 16.21
C PRO A 1074 42.96 -32.83 14.88
N LEU A 1075 44.21 -33.25 14.87
CA LEU A 1075 45.08 -33.18 13.67
C LEU A 1075 44.89 -34.42 12.77
N VAL A 1076 43.63 -34.57 12.33
CA VAL A 1076 43.25 -35.48 11.23
C VAL A 1076 43.02 -34.76 9.89
N SER A 1077 42.28 -33.65 9.90
CA SER A 1077 42.37 -32.76 8.76
C SER A 1077 43.85 -32.58 8.40
N GLY A 1078 44.67 -32.37 9.43
CA GLY A 1078 46.12 -32.35 9.25
C GLY A 1078 46.69 -33.70 8.94
N ALA A 1079 46.11 -34.75 9.51
CA ALA A 1079 46.25 -36.03 8.85
C ALA A 1079 45.96 -35.88 7.35
N LEU A 1080 44.73 -35.46 7.00
CA LEU A 1080 44.41 -35.26 5.60
C LEU A 1080 45.49 -34.45 4.90
N GLN A 1081 46.20 -33.60 5.62
CA GLN A 1081 47.26 -32.84 5.00
C GLN A 1081 48.19 -33.79 4.33
N LEU A 1082 48.83 -34.56 5.15
CA LEU A 1082 49.57 -35.66 4.65
C LEU A 1082 48.87 -36.13 3.39
N LEU A 1083 47.60 -36.48 3.57
CA LEU A 1083 46.75 -36.93 2.48
C LEU A 1083 47.07 -36.12 1.23
N PHE A 1084 46.55 -34.92 1.14
CA PHE A 1084 46.43 -34.22 -0.15
C PHE A 1084 47.56 -34.52 -1.14
N ARG A 1085 48.79 -34.41 -0.68
CA ARG A 1085 49.95 -34.55 -1.55
C ARG A 1085 49.80 -35.69 -2.56
N HIS A 1086 49.57 -36.88 -2.02
CA HIS A 1086 49.70 -38.09 -2.80
C HIS A 1086 48.91 -38.06 -4.11
N PHE A 1087 48.06 -37.07 -4.29
CA PHE A 1087 47.29 -37.10 -5.52
C PHE A 1087 48.17 -37.05 -6.75
N SER A 1088 49.47 -36.81 -6.62
CA SER A 1088 50.27 -36.65 -7.84
C SER A 1088 50.42 -37.95 -8.64
N GLN A 1089 50.81 -39.08 -8.01
CA GLN A 1089 51.12 -40.31 -8.79
C GLN A 1089 51.39 -41.52 -7.87
N ARG A 1090 51.92 -42.63 -8.45
CA ARG A 1090 52.33 -43.79 -7.66
C ARG A 1090 53.01 -44.91 -8.45
N GLN A 1091 54.15 -44.65 -9.08
CA GLN A 1091 54.89 -45.71 -9.74
C GLN A 1091 55.49 -46.62 -8.71
N GLU A 1092 56.26 -46.05 -7.79
CA GLU A 1092 56.80 -46.81 -6.68
C GLU A 1092 55.71 -47.71 -6.12
N VAL A 1093 56.18 -48.78 -5.47
CA VAL A 1093 55.29 -49.64 -4.72
C VAL A 1093 55.10 -49.25 -3.25
N LEU A 1094 56.10 -48.63 -2.57
CA LEU A 1094 56.03 -48.27 -1.13
C LEU A 1094 54.76 -47.47 -0.76
N GLN A 1095 54.13 -46.82 -1.75
CA GLN A 1095 52.89 -46.08 -1.53
C GLN A 1095 51.98 -46.76 -0.51
N ALA A 1096 51.32 -47.84 -0.95
CA ALA A 1096 50.33 -48.58 -0.17
C ALA A 1096 50.58 -48.39 1.33
N PHE A 1097 51.81 -48.72 1.80
CA PHE A 1097 52.13 -48.82 3.24
C PHE A 1097 51.78 -47.53 3.99
N LYS A 1098 52.55 -46.49 3.75
CA LYS A 1098 52.19 -45.27 4.44
C LYS A 1098 50.70 -44.95 4.16
N GLN A 1099 50.31 -45.13 2.88
CA GLN A 1099 48.95 -44.80 2.42
C GLN A 1099 47.89 -45.56 3.21
N VAL A 1100 48.16 -46.82 3.55
CA VAL A 1100 47.11 -47.58 4.16
C VAL A 1100 46.84 -47.05 5.54
N GLN A 1101 47.86 -46.49 6.21
CA GLN A 1101 47.55 -45.87 7.48
C GLN A 1101 46.33 -45.00 7.30
N LEU A 1102 46.25 -44.34 6.14
CA LEU A 1102 45.14 -43.49 5.81
C LEU A 1102 43.87 -44.30 5.66
N LEU A 1103 43.93 -45.36 4.86
CA LEU A 1103 42.87 -46.35 4.88
C LEU A 1103 42.46 -46.72 6.32
N VAL A 1104 43.41 -46.71 7.26
CA VAL A 1104 43.15 -47.00 8.68
C VAL A 1104 42.46 -45.80 9.34
N THR A 1105 41.15 -45.92 9.63
CA THR A 1105 40.34 -44.82 10.16
C THR A 1105 39.10 -45.38 10.84
N SER A 1106 38.57 -44.60 11.79
CA SER A 1106 37.43 -45.06 12.56
C SER A 1106 36.34 -44.00 12.65
N GLN A 1107 36.34 -43.02 11.74
CA GLN A 1107 35.37 -41.95 11.73
C GLN A 1107 35.02 -41.69 10.27
N ASP A 1108 34.38 -42.70 9.66
CA ASP A 1108 34.10 -42.67 8.22
C ASP A 1108 33.13 -41.54 7.90
N VAL A 1109 31.91 -41.53 8.47
CA VAL A 1109 30.99 -40.45 8.17
C VAL A 1109 31.72 -39.08 8.16
N ASP A 1110 32.17 -38.60 9.34
CA ASP A 1110 32.81 -37.26 9.48
C ASP A 1110 34.02 -37.05 8.59
N ASN A 1111 34.87 -38.05 8.46
CA ASN A 1111 36.03 -37.89 7.59
C ASN A 1111 35.65 -37.92 6.11
N TYR A 1112 34.77 -38.86 5.72
CA TYR A 1112 34.40 -39.10 4.33
C TYR A 1112 33.77 -37.87 3.70
N LYS A 1113 32.78 -37.23 4.36
CA LYS A 1113 32.27 -35.95 3.86
C LYS A 1113 33.44 -35.06 3.47
N GLN A 1114 34.45 -34.97 4.33
CA GLN A 1114 35.70 -34.33 3.94
C GLN A 1114 36.30 -35.01 2.70
N ILE A 1115 36.20 -36.33 2.64
CA ILE A 1115 36.88 -37.09 1.62
C ILE A 1115 36.43 -36.72 0.22
N LYS A 1116 35.17 -36.35 0.09
CA LYS A 1116 34.70 -36.08 -1.23
C LYS A 1116 35.61 -35.10 -1.93
N GLN A 1117 36.26 -34.24 -1.17
CA GLN A 1117 37.10 -33.20 -1.73
C GLN A 1117 37.64 -33.65 -3.06
N ASP A 1118 38.47 -34.73 -3.11
CA ASP A 1118 38.96 -35.16 -4.44
C ASP A 1118 37.82 -35.31 -5.55
N LEU A 1119 36.69 -35.48 -4.95
CA LEU A 1119 35.62 -36.04 -5.70
C LEU A 1119 35.90 -35.97 -7.20
N ASP A 1120 36.23 -34.81 -7.75
CA ASP A 1120 36.60 -34.78 -9.16
C ASP A 1120 37.93 -35.49 -9.38
N GLN A 1121 38.91 -35.13 -8.57
CA GLN A 1121 40.17 -35.84 -8.56
C GLN A 1121 39.95 -37.33 -8.42
N LEU A 1122 39.05 -37.69 -7.55
CA LEU A 1122 38.77 -39.09 -7.36
C LEU A 1122 38.17 -39.75 -8.62
N ARG A 1123 37.14 -39.14 -9.27
CA ARG A 1123 36.49 -39.77 -10.45
C ARG A 1123 37.50 -40.01 -11.55
N SER A 1124 38.54 -39.21 -11.54
CA SER A 1124 39.80 -39.65 -12.09
C SER A 1124 40.25 -40.99 -11.46
N ILE A 1125 40.59 -41.00 -10.16
CA ILE A 1125 41.26 -42.16 -9.53
C ILE A 1125 40.47 -43.45 -9.72
N VAL A 1126 39.18 -43.36 -9.97
CA VAL A 1126 38.39 -44.51 -10.35
C VAL A 1126 38.34 -44.64 -11.86
N GLU A 1127 38.64 -43.57 -12.59
CA GLU A 1127 38.76 -43.61 -14.04
C GLU A 1127 40.14 -44.12 -14.45
N LYS A 1128 41.18 -43.69 -13.76
CA LYS A 1128 42.50 -44.26 -13.84
C LYS A 1128 42.55 -45.56 -13.05
N SER A 1129 42.36 -45.48 -11.75
CA SER A 1129 42.26 -46.68 -10.95
C SER A 1129 41.36 -47.73 -11.57
N GLU A 1130 40.37 -47.32 -12.35
CA GLU A 1130 39.49 -48.25 -13.07
C GLU A 1130 39.99 -48.59 -14.47
N LEU A 1131 40.87 -47.77 -15.08
CA LEU A 1131 41.48 -48.16 -16.37
C LEU A 1131 42.53 -49.27 -16.22
N TRP A 1132 43.08 -49.48 -14.99
CA TRP A 1132 43.91 -50.64 -14.59
C TRP A 1132 43.35 -51.36 -13.35
N VAL A 1133 42.12 -51.90 -13.45
CA VAL A 1133 41.49 -52.67 -12.35
C VAL A 1133 40.15 -53.30 -12.82
N TYR A 1134 39.66 -54.27 -12.08
CA TYR A 1134 38.35 -54.94 -12.25
C TYR A 1134 38.18 -55.79 -11.02
N VAL A 1176 52.21 -49.23 -7.38
CA VAL A 1176 51.41 -48.79 -8.51
C VAL A 1176 49.98 -49.29 -8.47
N LYS A 1177 49.71 -50.34 -7.66
CA LYS A 1177 48.35 -50.87 -7.59
C LYS A 1177 47.40 -50.06 -6.68
N GLU A 1178 47.90 -49.10 -5.84
CA GLU A 1178 47.20 -48.45 -4.69
C GLU A 1178 46.14 -47.40 -5.03
N ILE A 1179 45.87 -47.11 -6.31
CA ILE A 1179 44.93 -46.07 -6.65
C ILE A 1179 43.55 -46.63 -7.05
N LEU A 1180 43.52 -47.89 -7.51
CA LEU A 1180 42.29 -48.64 -7.65
C LEU A 1180 41.85 -49.27 -6.35
N ILE A 1181 42.80 -49.75 -5.53
CA ILE A 1181 42.47 -50.22 -4.19
C ILE A 1181 42.23 -49.06 -3.25
N ARG A 1182 43.10 -48.07 -3.23
CA ARG A 1182 42.81 -46.91 -2.41
C ARG A 1182 41.69 -46.07 -3.00
N LEU A 1183 41.53 -46.09 -4.31
CA LEU A 1183 40.35 -45.50 -4.91
C LEU A 1183 39.09 -46.26 -4.46
N SER A 1184 39.23 -47.57 -4.29
CA SER A 1184 38.14 -48.37 -3.77
C SER A 1184 37.84 -48.01 -2.31
N LYS A 1185 38.82 -48.24 -1.39
CA LYS A 1185 38.70 -47.96 0.07
C LYS A 1185 38.03 -46.62 0.34
N LEU A 1186 38.43 -45.63 -0.44
CA LEU A 1186 37.64 -44.42 -0.54
C LEU A 1186 36.16 -44.74 -0.83
N CYS A 1187 35.93 -45.47 -1.94
CA CYS A 1187 34.56 -45.81 -2.31
C CYS A 1187 33.77 -46.34 -1.12
N VAL A 1188 34.24 -47.39 -0.44
CA VAL A 1188 33.46 -48.02 0.63
C VAL A 1188 33.31 -47.10 1.85
N GLN A 1189 34.41 -46.54 2.38
CA GLN A 1189 34.29 -45.69 3.56
C GLN A 1189 33.20 -44.67 3.36
N GLU A 1190 33.09 -44.14 2.14
CA GLU A 1190 31.88 -43.42 1.76
C GLU A 1190 30.62 -44.31 1.76
N SER A 1191 30.72 -45.52 1.18
CA SER A 1191 29.55 -46.35 0.85
C SER A 1191 28.81 -46.84 2.08
N ALA A 1192 29.57 -47.16 3.13
CA ALA A 1192 29.03 -47.37 4.46
C ALA A 1192 28.92 -46.01 5.14
N SER A 1193 27.89 -45.24 4.72
CA SER A 1193 27.71 -43.87 5.24
C SER A 1193 26.27 -43.39 4.97
N VAL A 1194 26.01 -42.14 5.37
CA VAL A 1194 24.65 -41.68 5.63
C VAL A 1194 23.82 -41.75 4.37
N ARG A 1195 22.54 -42.07 4.55
CA ARG A 1195 21.62 -41.87 3.47
C ARG A 1195 21.96 -40.59 2.80
N LYS A 1196 22.05 -39.52 3.55
CA LYS A 1196 22.53 -38.27 2.98
C LYS A 1196 23.82 -38.50 2.24
N SER A 1197 24.64 -39.40 2.74
CA SER A 1197 25.82 -39.80 1.98
C SER A 1197 25.42 -40.39 0.64
N ARG A 1198 24.72 -41.52 0.68
CA ARG A 1198 24.22 -42.13 -0.54
C ARG A 1198 23.73 -41.07 -1.50
N LYS A 1199 22.92 -40.16 -0.99
CA LYS A 1199 22.48 -38.99 -1.75
C LYS A 1199 23.64 -38.23 -2.38
N GLN A 1200 24.70 -38.04 -1.63
CA GLN A 1200 25.75 -37.14 -2.10
C GLN A 1200 26.54 -37.71 -3.28
N GLN A 1201 26.43 -39.02 -3.53
CA GLN A 1201 27.04 -39.56 -4.75
C GLN A 1201 26.67 -38.77 -6.00
N GLN A 1202 25.51 -38.14 -6.00
CA GLN A 1202 25.00 -37.33 -7.11
C GLN A 1202 25.75 -37.45 -8.42
N ARG A 1203 25.80 -38.66 -8.94
CA ARG A 1203 26.78 -38.96 -9.96
C ARG A 1203 26.27 -38.67 -11.37
N LEU A 1204 25.50 -37.60 -11.56
CA LEU A 1204 25.38 -36.94 -12.86
C LEU A 1204 26.68 -36.27 -13.29
N LEU A 1205 27.59 -36.19 -12.37
CA LEU A 1205 28.91 -35.77 -12.67
C LEU A 1205 29.88 -36.53 -11.77
N ARG A 1206 30.25 -37.82 -12.00
CA ARG A 1206 29.90 -38.61 -13.15
C ARG A 1206 29.89 -40.15 -12.84
N ASN A 1207 28.75 -40.64 -12.38
CA ASN A 1207 28.44 -42.08 -12.38
C ASN A 1207 28.41 -42.68 -13.77
N MET A 1208 27.38 -42.36 -14.58
CA MET A 1208 27.20 -42.94 -15.92
C MET A 1208 28.50 -43.01 -16.70
N GLY A 1209 29.54 -42.32 -16.21
CA GLY A 1209 30.89 -42.34 -16.73
C GLY A 1209 31.85 -43.13 -15.86
N ALA A 1210 31.60 -43.29 -14.55
CA ALA A 1210 32.40 -44.21 -13.76
C ALA A 1210 31.86 -45.62 -13.90
N HIS A 1211 30.57 -45.69 -14.16
CA HIS A 1211 29.97 -46.86 -14.76
C HIS A 1211 30.23 -46.95 -16.26
N ALA A 1212 29.91 -45.92 -17.05
CA ALA A 1212 30.03 -46.13 -18.50
C ALA A 1212 31.47 -46.27 -18.90
N VAL A 1213 32.34 -45.57 -18.23
CA VAL A 1213 33.75 -45.81 -18.41
C VAL A 1213 34.23 -46.99 -17.56
N VAL A 1214 33.78 -47.11 -16.31
CA VAL A 1214 34.32 -48.15 -15.42
C VAL A 1214 33.99 -49.50 -15.96
N LEU A 1215 32.82 -49.60 -16.51
CA LEU A 1215 32.48 -50.71 -17.35
C LEU A 1215 33.29 -50.67 -18.63
N GLU A 1216 33.40 -49.49 -19.25
CA GLU A 1216 34.01 -49.34 -20.57
C GLU A 1216 35.24 -50.25 -20.68
N LEU A 1217 35.85 -50.60 -19.54
CA LEU A 1217 36.90 -51.61 -19.49
C LEU A 1217 36.64 -52.76 -18.54
N LEU A 1218 35.82 -52.59 -17.49
CA LEU A 1218 35.64 -53.63 -16.50
C LEU A 1218 34.65 -54.73 -16.92
N GLN A 1219 33.84 -54.50 -17.94
CA GLN A 1219 32.87 -55.52 -18.34
C GLN A 1219 33.54 -56.64 -19.07
N ILE A 1220 34.26 -56.30 -20.11
CA ILE A 1220 35.17 -57.24 -20.72
C ILE A 1220 36.02 -57.78 -19.58
N PRO A 1221 36.54 -56.95 -18.69
CA PRO A 1221 37.51 -57.47 -17.71
C PRO A 1221 36.90 -57.95 -16.39
N TYR A 1222 37.09 -59.25 -16.09
CA TYR A 1222 36.67 -59.88 -14.86
C TYR A 1222 37.78 -60.72 -14.27
N GLU A 1223 37.94 -60.67 -12.96
CA GLU A 1223 39.02 -61.39 -12.31
C GLU A 1223 38.47 -62.71 -11.79
N LYS A 1224 39.27 -63.79 -11.94
CA LYS A 1224 38.89 -65.08 -11.39
C LYS A 1224 38.94 -65.02 -9.87
N ALA A 1225 38.24 -65.96 -9.23
CA ALA A 1225 38.34 -66.08 -7.78
C ALA A 1225 39.79 -66.44 -7.38
N GLU A 1226 40.33 -65.96 -6.24
CA GLU A 1226 39.58 -65.30 -5.18
C GLU A 1226 39.85 -63.80 -5.05
N ASP A 1227 40.93 -63.34 -5.64
CA ASP A 1227 41.17 -61.92 -5.72
C ASP A 1227 40.51 -61.37 -7.00
N THR A 1228 39.56 -60.46 -6.85
CA THR A 1228 38.95 -59.75 -7.98
C THR A 1228 38.22 -58.56 -7.43
N LYS A 1229 38.19 -57.47 -8.19
CA LYS A 1229 37.90 -56.18 -7.58
C LYS A 1229 36.85 -55.31 -8.30
N MET A 1230 36.24 -55.76 -9.38
CA MET A 1230 35.35 -54.86 -10.11
C MET A 1230 34.01 -54.75 -9.38
N GLN A 1231 33.63 -55.86 -8.73
CA GLN A 1231 32.38 -55.96 -7.99
C GLN A 1231 32.36 -55.15 -6.70
N GLU A 1232 33.51 -54.68 -6.16
CA GLU A 1232 33.55 -53.90 -4.92
C GLU A 1232 33.48 -52.38 -5.11
N ILE A 1233 34.25 -51.81 -6.02
CA ILE A 1233 34.11 -50.37 -6.26
C ILE A 1233 32.80 -50.11 -6.95
N MET A 1234 32.40 -51.00 -7.86
CA MET A 1234 31.04 -50.91 -8.33
C MET A 1234 30.07 -51.22 -7.20
N ARG A 1235 30.39 -52.19 -6.32
CA ARG A 1235 29.41 -52.72 -5.38
C ARG A 1235 29.18 -51.82 -4.16
N LEU A 1236 30.22 -51.24 -3.56
CA LEU A 1236 30.06 -50.32 -2.44
C LEU A 1236 29.12 -49.20 -2.79
N ALA A 1237 28.90 -48.99 -4.07
CA ALA A 1237 28.08 -47.88 -4.56
C ALA A 1237 26.56 -48.09 -4.36
N HIS A 1238 26.01 -49.32 -4.60
CA HIS A 1238 24.55 -49.52 -4.65
C HIS A 1238 23.91 -49.82 -3.28
N GLU A 1239 24.71 -49.87 -2.18
CA GLU A 1239 24.19 -49.98 -0.81
C GLU A 1239 23.02 -49.02 -0.69
N PHE A 1240 21.85 -49.47 -1.12
CA PHE A 1240 20.62 -48.69 -1.06
C PHE A 1240 19.91 -49.05 0.25
N LEU A 1241 20.52 -48.58 1.33
CA LEU A 1241 20.04 -48.84 2.69
C LEU A 1241 20.26 -50.28 3.10
N GLN A 1242 21.25 -50.93 2.52
CA GLN A 1242 21.47 -52.35 2.78
C GLN A 1242 20.21 -53.16 2.47
N ASN A 1243 19.68 -52.97 1.27
CA ASN A 1243 18.43 -53.62 0.85
C ASN A 1243 17.24 -52.88 1.45
N PHE A 1244 16.04 -53.00 0.87
CA PHE A 1244 15.79 -53.84 -0.29
C PHE A 1244 15.97 -53.04 -1.55
N CYS A 1245 15.04 -53.22 -2.48
CA CYS A 1245 15.01 -52.47 -3.72
C CYS A 1245 14.21 -51.21 -3.47
N ALA A 1246 14.93 -50.17 -3.05
CA ALA A 1246 14.47 -48.79 -2.87
C ALA A 1246 15.72 -47.89 -2.85
N GLY A 1247 15.51 -46.59 -3.16
CA GLY A 1247 16.59 -45.61 -3.35
C GLY A 1247 17.77 -45.94 -4.30
N ASN A 1248 17.47 -46.40 -5.54
CA ASN A 1248 18.47 -46.56 -6.59
C ASN A 1248 17.91 -46.08 -7.92
N GLN A 1249 17.03 -45.06 -7.87
CA GLN A 1249 16.36 -44.51 -9.06
C GLN A 1249 17.37 -44.21 -10.14
N GLN A 1250 18.54 -43.74 -9.73
CA GLN A 1250 19.56 -43.37 -10.70
C GLN A 1250 19.92 -44.49 -11.65
N ASN A 1251 19.48 -45.70 -11.38
CA ASN A 1251 20.09 -46.81 -12.07
C ASN A 1251 19.55 -46.99 -13.48
N GLN A 1252 18.30 -46.58 -13.71
CA GLN A 1252 17.72 -46.88 -15.00
C GLN A 1252 18.57 -46.30 -16.11
N ALA A 1253 18.90 -45.03 -16.00
CA ALA A 1253 19.64 -44.35 -17.07
C ALA A 1253 21.06 -44.88 -17.16
N LEU A 1254 21.76 -44.83 -16.06
CA LEU A 1254 23.12 -45.35 -16.07
C LEU A 1254 23.09 -46.81 -16.46
N LEU A 1255 22.27 -47.58 -15.76
CA LEU A 1255 22.05 -48.93 -16.22
C LEU A 1255 21.28 -48.94 -17.53
N HIS A 1256 20.57 -47.86 -17.86
CA HIS A 1256 19.93 -47.79 -19.19
C HIS A 1256 20.94 -47.96 -20.29
N LYS A 1257 22.13 -47.48 -20.04
CA LYS A 1257 23.09 -47.16 -21.06
C LYS A 1257 24.35 -47.95 -20.82
N HIS A 1258 24.51 -49.05 -21.51
CA HIS A 1258 25.58 -49.95 -21.10
C HIS A 1258 25.79 -51.02 -22.17
N ILE A 1259 26.79 -51.86 -21.90
CA ILE A 1259 27.05 -53.09 -22.61
C ILE A 1259 26.94 -54.22 -21.61
N ASN A 1260 26.26 -55.29 -21.99
CA ASN A 1260 25.86 -56.29 -21.01
C ASN A 1260 27.06 -57.09 -20.51
N LEU A 1261 26.76 -58.21 -19.88
CA LEU A 1261 27.73 -59.26 -19.62
C LEU A 1261 27.40 -60.46 -20.50
N PHE A 1262 28.26 -61.50 -20.54
CA PHE A 1262 28.37 -62.58 -21.55
C PHE A 1262 27.41 -63.80 -21.34
N LEU A 1263 27.36 -64.75 -22.30
CA LEU A 1263 26.34 -65.85 -22.33
C LEU A 1263 26.78 -67.08 -23.16
N ASN A 1264 25.79 -68.02 -23.39
CA ASN A 1264 25.74 -69.19 -24.30
C ASN A 1264 27.06 -69.95 -24.55
N PRO A 1265 27.30 -70.43 -25.78
CA PRO A 1265 28.44 -71.34 -26.04
C PRO A 1265 29.73 -70.73 -25.53
N GLY A 1266 30.62 -71.59 -25.06
CA GLY A 1266 31.77 -71.08 -24.35
C GLY A 1266 31.50 -70.91 -22.88
N ILE A 1267 32.01 -69.82 -22.33
CA ILE A 1267 31.88 -69.50 -20.91
C ILE A 1267 32.67 -68.22 -20.76
N LEU A 1268 32.78 -67.67 -19.54
CA LEU A 1268 33.41 -66.35 -19.32
C LEU A 1268 34.22 -66.34 -18.00
N GLU A 1269 34.70 -65.13 -17.59
CA GLU A 1269 35.70 -64.94 -16.53
C GLU A 1269 35.04 -64.66 -15.19
N ALA A 1270 35.61 -65.22 -14.13
CA ALA A 1270 34.88 -65.33 -12.88
C ALA A 1270 34.79 -63.97 -12.20
N VAL A 1271 34.05 -63.96 -11.09
CA VAL A 1271 33.82 -62.75 -10.32
C VAL A 1271 32.88 -61.79 -11.05
N THR A 1272 33.35 -61.18 -12.13
CA THR A 1272 32.58 -60.08 -12.71
C THR A 1272 31.17 -60.52 -13.08
N MET A 1273 30.91 -61.79 -13.25
CA MET A 1273 29.55 -62.26 -13.50
C MET A 1273 28.67 -62.13 -12.29
N GLN A 1274 29.01 -62.88 -11.25
CA GLN A 1274 28.29 -62.77 -10.00
C GLN A 1274 28.01 -61.31 -9.71
N HIS A 1275 29.12 -60.54 -9.66
CA HIS A 1275 29.08 -59.08 -9.64
C HIS A 1275 27.95 -58.60 -10.55
N ILE A 1276 27.88 -59.17 -11.75
CA ILE A 1276 26.97 -58.67 -12.78
C ILE A 1276 25.49 -58.86 -12.37
N PHE A 1277 25.15 -60.04 -11.86
CA PHE A 1277 23.77 -60.35 -11.55
C PHE A 1277 23.23 -59.48 -10.40
N MET A 1278 23.89 -59.51 -9.23
CA MET A 1278 23.32 -58.74 -8.11
C MET A 1278 23.27 -57.25 -8.43
N ASN A 1279 24.37 -56.71 -8.96
CA ASN A 1279 24.36 -55.30 -9.30
C ASN A 1279 23.16 -54.95 -10.17
N ASN A 1280 22.91 -55.79 -11.18
CA ASN A 1280 21.68 -55.70 -11.93
C ASN A 1280 20.51 -55.51 -10.99
N PHE A 1281 20.30 -56.47 -10.08
CA PHE A 1281 19.20 -56.30 -9.15
C PHE A 1281 19.16 -54.87 -8.60
N GLN A 1282 20.31 -54.33 -8.17
CA GLN A 1282 20.36 -53.04 -7.46
C GLN A 1282 20.06 -51.86 -8.34
N LEU A 1283 20.44 -51.93 -9.60
CA LEU A 1283 20.11 -50.83 -10.49
C LEU A 1283 18.60 -50.79 -10.75
N CYS A 1284 18.00 -51.95 -11.11
CA CYS A 1284 16.61 -52.06 -11.62
C CYS A 1284 15.61 -52.71 -10.66
N SER A 1285 15.84 -52.57 -9.37
CA SER A 1285 14.94 -53.09 -8.37
C SER A 1285 14.03 -51.99 -7.79
N GLU A 1286 13.95 -50.82 -8.43
CA GLU A 1286 13.00 -49.80 -7.98
C GLU A 1286 11.59 -50.35 -8.00
N ILE A 1287 10.98 -50.35 -6.84
CA ILE A 1287 9.59 -50.69 -6.71
C ILE A 1287 8.89 -49.35 -6.83
N ASN A 1288 8.48 -49.01 -8.05
CA ASN A 1288 7.77 -47.77 -8.36
C ASN A 1288 7.58 -47.57 -9.87
N GLU A 1289 8.44 -48.14 -10.72
CA GLU A 1289 8.38 -48.01 -12.19
C GLU A 1289 8.35 -49.36 -12.93
N ARG A 1290 7.39 -49.50 -13.89
CA ARG A 1290 7.09 -50.76 -14.59
C ARG A 1290 8.26 -51.24 -15.43
N VAL A 1291 9.25 -50.39 -15.67
CA VAL A 1291 10.48 -50.88 -16.26
C VAL A 1291 10.90 -52.15 -15.53
N VAL A 1292 10.93 -52.08 -14.20
CA VAL A 1292 11.59 -53.08 -13.37
C VAL A 1292 11.11 -54.49 -13.68
N GLN A 1293 9.88 -54.66 -14.15
CA GLN A 1293 9.41 -55.97 -14.57
C GLN A 1293 10.07 -56.36 -15.88
N HIS A 1294 9.84 -55.54 -16.90
CA HIS A 1294 10.53 -55.71 -18.14
C HIS A 1294 12.02 -55.71 -17.94
N PHE A 1295 12.45 -55.23 -16.78
CA PHE A 1295 13.85 -55.15 -16.40
C PHE A 1295 14.30 -56.52 -15.88
N VAL A 1296 13.80 -56.94 -14.70
CA VAL A 1296 14.13 -58.25 -14.14
C VAL A 1296 13.82 -59.32 -15.21
N HIS A 1297 13.17 -58.88 -16.29
CA HIS A 1297 12.91 -59.60 -17.52
C HIS A 1297 13.74 -59.15 -18.73
N CYS A 1298 13.88 -57.86 -19.02
CA CYS A 1298 14.61 -57.44 -20.21
C CYS A 1298 16.00 -58.06 -20.19
N ILE A 1299 16.44 -58.61 -21.33
CA ILE A 1299 17.72 -59.33 -21.40
C ILE A 1299 17.57 -60.76 -20.83
N GLU A 1300 17.88 -60.99 -19.53
CA GLU A 1300 18.00 -62.37 -18.99
C GLU A 1300 16.68 -63.16 -18.94
N THR A 1301 15.61 -62.52 -18.46
CA THR A 1301 14.22 -62.97 -18.61
C THR A 1301 13.94 -64.31 -17.93
N HIS A 1302 12.88 -65.00 -18.42
CA HIS A 1302 12.57 -66.37 -18.05
C HIS A 1302 13.64 -67.30 -18.59
N GLY A 1303 14.03 -67.12 -19.86
CA GLY A 1303 15.04 -67.97 -20.48
C GLY A 1303 16.21 -68.21 -19.54
N ARG A 1304 16.61 -67.19 -18.81
CA ARG A 1304 17.78 -67.33 -17.94
C ARG A 1304 17.77 -68.66 -17.21
N ASN A 1305 16.62 -69.04 -16.64
CA ASN A 1305 16.54 -70.22 -15.79
C ASN A 1305 17.29 -71.42 -16.41
N VAL A 1306 17.15 -71.62 -17.72
CA VAL A 1306 17.66 -72.83 -18.35
C VAL A 1306 19.16 -72.94 -18.20
N GLN A 1307 19.90 -71.86 -18.51
CA GLN A 1307 21.35 -71.94 -18.49
C GLN A 1307 21.85 -72.13 -17.07
N TYR A 1308 21.04 -71.80 -16.05
CA TYR A 1308 21.37 -72.08 -14.66
C TYR A 1308 20.97 -73.50 -14.26
N ILE A 1309 20.70 -74.38 -15.23
CA ILE A 1309 20.58 -75.82 -14.98
C ILE A 1309 21.94 -76.53 -15.05
N LYS A 1310 22.84 -76.18 -15.99
CA LYS A 1310 24.18 -76.82 -16.10
C LYS A 1310 25.19 -75.96 -16.89
N PHE A 1311 26.52 -76.17 -16.60
CA PHE A 1311 27.69 -75.58 -17.29
C PHE A 1311 28.34 -74.36 -16.61
N LEU A 1312 27.69 -73.85 -15.55
CA LEU A 1312 28.24 -72.78 -14.71
C LEU A 1312 29.15 -73.34 -13.63
N GLN A 1313 28.87 -74.56 -13.15
CA GLN A 1313 29.87 -75.32 -12.42
C GLN A 1313 31.13 -75.52 -13.25
N THR A 1314 30.98 -75.89 -14.53
CA THR A 1314 32.11 -75.96 -15.45
C THR A 1314 32.89 -74.63 -15.50
N ILE A 1315 32.17 -73.52 -15.65
CA ILE A 1315 32.83 -72.22 -15.72
C ILE A 1315 33.55 -71.88 -14.40
N VAL A 1316 32.97 -72.25 -13.25
CA VAL A 1316 33.59 -71.91 -11.96
C VAL A 1316 34.77 -72.82 -11.66
N LYS A 1317 34.62 -74.10 -11.95
CA LYS A 1317 35.73 -75.04 -11.95
C LYS A 1317 36.92 -74.46 -12.64
N ALA A 1318 36.73 -74.20 -13.92
CA ALA A 1318 37.75 -73.51 -14.66
C ALA A 1318 38.06 -72.15 -14.04
N GLU A 1319 37.20 -71.60 -13.18
CA GLU A 1319 37.24 -70.20 -12.79
C GLU A 1319 38.07 -69.92 -11.55
N GLY A 1320 38.17 -70.86 -10.64
CA GLY A 1320 39.03 -70.69 -9.49
C GLY A 1320 39.32 -72.01 -8.82
N LYS A 1321 40.39 -72.03 -8.03
CA LYS A 1321 40.71 -73.22 -7.25
C LYS A 1321 39.53 -73.62 -6.39
N PHE A 1322 38.84 -72.63 -5.82
CA PHE A 1322 37.53 -72.84 -5.21
C PHE A 1322 36.47 -72.47 -6.25
N ILE A 1323 36.33 -73.38 -7.19
CA ILE A 1323 35.30 -73.26 -8.20
C ILE A 1323 33.91 -73.29 -7.58
N LYS A 1324 33.73 -74.21 -6.61
CA LYS A 1324 32.45 -74.42 -5.97
C LYS A 1324 31.93 -73.13 -5.35
N LYS A 1325 32.84 -72.25 -4.89
CA LYS A 1325 32.46 -70.93 -4.37
C LYS A 1325 31.82 -70.04 -5.46
N CYS A 1326 32.44 -69.99 -6.65
CA CYS A 1326 31.85 -69.28 -7.78
C CYS A 1326 30.50 -69.90 -8.22
N GLN A 1327 30.31 -71.24 -8.11
CA GLN A 1327 29.09 -71.91 -8.61
C GLN A 1327 27.89 -71.87 -7.65
N ASP A 1328 28.13 -71.80 -6.32
CA ASP A 1328 27.06 -71.54 -5.37
C ASP A 1328 26.68 -70.05 -5.32
N MET A 1329 27.64 -69.10 -5.42
CA MET A 1329 27.26 -67.67 -5.61
C MET A 1329 26.41 -67.49 -6.87
N VAL A 1330 26.68 -68.30 -7.91
CA VAL A 1330 25.78 -68.35 -9.06
C VAL A 1330 24.41 -68.92 -8.70
N MET A 1331 24.34 -69.89 -7.76
CA MET A 1331 23.03 -70.38 -7.30
C MET A 1331 22.21 -69.30 -6.58
N ALA A 1332 22.88 -68.46 -5.77
CA ALA A 1332 22.19 -67.34 -5.10
C ALA A 1332 21.68 -66.34 -6.11
N GLU A 1333 22.59 -65.87 -6.97
CA GLU A 1333 22.19 -65.00 -8.07
C GLU A 1333 20.95 -65.58 -8.75
N LEU A 1334 21.07 -66.82 -9.27
CA LEU A 1334 19.96 -67.49 -9.95
C LEU A 1334 18.72 -67.67 -9.08
N VAL A 1335 18.88 -67.59 -7.76
CA VAL A 1335 17.75 -67.68 -6.85
C VAL A 1335 17.10 -66.32 -6.51
N ASN A 1336 17.79 -65.20 -6.73
CA ASN A 1336 17.42 -63.92 -6.11
C ASN A 1336 16.52 -62.97 -6.95
N SER A 1337 16.02 -63.37 -8.13
CA SER A 1337 15.30 -62.43 -9.01
C SER A 1337 13.99 -61.98 -8.42
N GLY A 1338 13.48 -62.75 -7.47
CA GLY A 1338 12.33 -62.32 -6.75
C GLY A 1338 12.67 -61.09 -5.94
N GLU A 1339 13.81 -61.12 -5.25
CA GLU A 1339 13.96 -60.32 -4.02
C GLU A 1339 13.91 -58.79 -4.24
N ASP A 1340 14.54 -58.27 -5.28
CA ASP A 1340 14.75 -56.84 -5.39
C ASP A 1340 13.59 -56.20 -6.13
N VAL A 1341 12.84 -55.33 -5.43
CA VAL A 1341 11.65 -54.71 -5.97
C VAL A 1341 10.69 -55.79 -6.37
N LEU A 1342 10.53 -56.83 -5.55
CA LEU A 1342 9.71 -57.98 -5.96
C LEU A 1342 8.25 -57.57 -6.23
N VAL A 1343 7.73 -56.62 -5.39
CA VAL A 1343 6.51 -55.87 -5.68
C VAL A 1343 6.61 -55.26 -7.07
N PHE A 1344 7.80 -54.73 -7.43
CA PHE A 1344 8.03 -54.15 -8.75
C PHE A 1344 8.11 -55.20 -9.87
N TYR A 1345 8.75 -56.36 -9.59
CA TYR A 1345 8.83 -57.44 -10.59
C TYR A 1345 7.43 -57.88 -11.03
N ASN A 1346 6.57 -58.32 -10.09
CA ASN A 1346 5.21 -58.72 -10.51
C ASN A 1346 4.48 -57.64 -11.35
N ASP A 1347 3.77 -56.69 -10.71
CA ASP A 1347 3.35 -55.44 -11.35
C ASP A 1347 2.08 -55.44 -12.21
N ARG A 1348 2.15 -54.87 -13.39
CA ARG A 1348 0.98 -54.94 -14.22
C ARG A 1348 0.82 -56.31 -14.80
N ALA A 1349 1.93 -57.04 -15.03
CA ALA A 1349 1.83 -58.42 -15.54
C ALA A 1349 3.10 -59.30 -15.61
N SER A 1350 3.96 -59.34 -14.58
CA SER A 1350 5.18 -60.16 -14.66
C SER A 1350 4.90 -61.67 -14.46
N PHE A 1351 4.20 -62.04 -13.39
CA PHE A 1351 4.10 -63.46 -13.04
C PHE A 1351 3.37 -64.29 -14.10
N GLN A 1352 2.32 -63.72 -14.67
CA GLN A 1352 1.55 -64.44 -15.66
C GLN A 1352 2.42 -64.90 -16.80
N THR A 1353 3.43 -64.12 -17.15
CA THR A 1353 4.32 -64.52 -18.22
C THR A 1353 5.11 -65.77 -17.83
N LEU A 1354 5.72 -65.79 -16.65
CA LEU A 1354 6.49 -66.93 -16.20
C LEU A 1354 5.61 -67.92 -15.51
N ILE A 1355 4.30 -67.68 -15.51
CA ILE A 1355 3.39 -68.62 -14.91
C ILE A 1355 3.69 -70.00 -15.45
N GLN A 1356 3.83 -70.94 -14.55
CA GLN A 1356 3.84 -72.37 -14.87
C GLN A 1356 5.21 -72.91 -15.20
N MET A 1357 6.16 -72.04 -15.55
CA MET A 1357 7.46 -72.54 -15.95
C MET A 1357 8.45 -72.46 -14.83
N MET A 1358 8.48 -71.34 -14.16
CA MET A 1358 9.56 -71.05 -13.25
C MET A 1358 9.47 -71.88 -11.98
N ARG A 1359 8.28 -72.18 -11.47
CA ARG A 1359 8.19 -73.04 -10.28
C ARG A 1359 8.52 -74.48 -10.62
N SER A 1360 7.89 -74.97 -11.69
CA SER A 1360 8.31 -76.22 -12.27
C SER A 1360 9.83 -76.25 -12.44
N GLU A 1361 10.40 -75.15 -12.93
CA GLU A 1361 11.84 -75.09 -13.12
C GLU A 1361 12.58 -75.08 -11.78
N ARG A 1362 11.90 -74.65 -10.72
CA ARG A 1362 12.54 -74.46 -9.44
C ARG A 1362 12.74 -75.78 -8.71
N ASP A 1363 11.79 -76.69 -8.79
CA ASP A 1363 12.07 -77.98 -8.19
C ASP A 1363 13.49 -78.46 -8.58
N ARG A 1364 13.90 -78.21 -9.83
CA ARG A 1364 15.18 -78.70 -10.34
C ARG A 1364 16.32 -78.38 -9.42
N MET A 1365 16.50 -77.13 -9.12
CA MET A 1365 17.49 -76.77 -8.15
C MET A 1365 17.05 -77.03 -6.68
N ASP A 1366 16.10 -77.94 -6.41
CA ASP A 1366 15.51 -78.04 -5.07
C ASP A 1366 16.51 -78.57 -4.03
N GLU A 1367 17.63 -79.16 -4.46
CA GLU A 1367 18.55 -79.87 -3.58
C GLU A 1367 19.95 -79.31 -3.65
N ASN A 1368 20.59 -79.23 -2.51
CA ASN A 1368 21.94 -78.65 -2.37
C ASN A 1368 22.47 -79.13 -1.01
N SER A 1369 23.62 -78.53 -0.57
CA SER A 1369 24.37 -78.89 0.65
C SER A 1369 25.65 -78.07 0.89
N PRO A 1370 26.38 -78.31 2.02
CA PRO A 1370 27.60 -77.53 2.33
C PRO A 1370 27.46 -76.01 2.14
N LEU A 1371 26.34 -75.48 2.61
CA LEU A 1371 25.84 -74.22 2.11
C LEU A 1371 25.94 -73.09 3.11
N MET A 1372 26.74 -73.21 4.18
CA MET A 1372 26.87 -72.05 5.05
C MET A 1372 26.80 -70.79 4.19
N TYR A 1373 27.63 -70.77 3.14
CA TYR A 1373 27.49 -69.80 2.06
C TYR A 1373 26.21 -70.06 1.25
N HIS A 1374 26.05 -71.27 0.77
CA HIS A 1374 24.83 -71.60 0.02
C HIS A 1374 23.49 -71.72 0.90
N ILE A 1375 23.64 -71.38 2.18
CA ILE A 1375 22.51 -71.24 3.10
C ILE A 1375 22.31 -69.82 3.57
N HIS A 1376 23.29 -68.93 3.35
CA HIS A 1376 22.92 -67.59 2.91
C HIS A 1376 22.27 -67.66 1.52
N LEU A 1377 22.41 -68.77 0.78
CA LEU A 1377 21.61 -69.11 -0.40
C LEU A 1377 20.47 -70.08 -0.13
N VAL A 1378 20.20 -70.36 1.14
CA VAL A 1378 18.96 -70.96 1.60
C VAL A 1378 18.32 -70.08 2.67
N GLU A 1379 18.94 -68.93 2.97
CA GLU A 1379 18.29 -67.81 3.58
C GLU A 1379 18.08 -66.70 2.59
N LEU A 1380 18.89 -66.66 1.52
CA LEU A 1380 18.69 -66.00 0.21
C LEU A 1380 18.14 -66.96 -0.83
N LEU A 1381 18.24 -68.28 -0.57
CA LEU A 1381 17.24 -69.25 -1.02
C LEU A 1381 16.27 -69.63 0.11
N ALA A 1382 16.19 -68.78 1.16
CA ALA A 1382 14.99 -68.61 1.96
C ALA A 1382 14.35 -67.24 1.86
N VAL A 1383 14.95 -66.28 1.15
CA VAL A 1383 14.27 -65.03 0.76
C VAL A 1383 13.94 -65.01 -0.73
N CYS A 1384 14.82 -65.58 -1.54
CA CYS A 1384 14.42 -65.97 -2.87
C CYS A 1384 13.33 -67.02 -2.83
N THR A 1385 13.49 -68.04 -1.97
CA THR A 1385 12.47 -69.07 -1.76
C THR A 1385 11.27 -68.49 -1.05
N GLU A 1386 11.48 -67.35 -0.35
CA GLU A 1386 10.41 -66.58 0.22
C GLU A 1386 9.67 -65.80 -0.85
N GLY A 1387 10.28 -65.51 -2.01
CA GLY A 1387 9.66 -64.74 -3.08
C GLY A 1387 8.85 -65.54 -4.09
N LYS A 1388 8.46 -66.78 -3.76
CA LYS A 1388 7.73 -67.65 -4.69
C LYS A 1388 6.20 -67.44 -4.66
N ASN A 1389 5.57 -67.34 -3.47
CA ASN A 1389 4.14 -67.57 -3.29
C ASN A 1389 3.35 -66.42 -2.62
N VAL A 1390 3.84 -65.19 -2.70
CA VAL A 1390 3.18 -64.11 -2.00
C VAL A 1390 2.18 -63.43 -2.91
N TYR A 1391 2.67 -62.88 -4.02
CA TYR A 1391 1.85 -62.09 -4.90
C TYR A 1391 1.13 -62.96 -5.90
N THR A 1392 0.99 -64.26 -5.63
CA THR A 1392 0.42 -65.24 -6.56
C THR A 1392 -0.99 -65.64 -6.11
N GLU A 1393 -1.99 -64.87 -6.53
CA GLU A 1393 -3.40 -65.10 -6.20
C GLU A 1393 -4.14 -65.97 -7.21
N ILE A 1394 -3.72 -66.00 -8.47
CA ILE A 1394 -4.50 -66.66 -9.52
C ILE A 1394 -3.64 -67.07 -10.73
N LYS A 1395 -2.58 -67.89 -10.51
CA LYS A 1395 -1.80 -68.41 -11.63
C LYS A 1395 -1.22 -69.79 -11.36
N CYS A 1396 -1.93 -70.63 -10.60
CA CYS A 1396 -1.37 -71.84 -10.02
C CYS A 1396 -2.07 -73.07 -10.52
N ASN A 1397 -1.29 -74.06 -10.90
CA ASN A 1397 -1.84 -75.35 -11.25
C ASN A 1397 -0.68 -76.31 -11.25
N SER A 1398 -0.12 -76.57 -10.08
CA SER A 1398 1.05 -77.42 -9.96
C SER A 1398 1.10 -77.91 -8.52
N LEU A 1399 2.14 -78.69 -8.16
CA LEU A 1399 2.13 -79.48 -6.91
C LEU A 1399 3.51 -79.61 -6.25
N LEU A 1400 3.48 -80.20 -5.02
CA LEU A 1400 4.61 -80.80 -4.31
C LEU A 1400 5.58 -79.73 -3.84
N PRO A 1401 5.40 -78.49 -4.26
CA PRO A 1401 6.32 -77.46 -3.81
C PRO A 1401 6.49 -77.47 -2.31
N LEU A 1402 5.37 -77.57 -1.61
CA LEU A 1402 5.38 -77.55 -0.17
C LEU A 1402 6.30 -78.63 0.38
N ASP A 1403 6.08 -79.88 -0.02
CA ASP A 1403 6.88 -80.99 0.49
C ASP A 1403 8.38 -80.74 0.27
N ASP A 1404 8.72 -80.21 -0.89
CA ASP A 1404 10.11 -79.89 -1.21
C ASP A 1404 10.71 -78.94 -0.18
N ILE A 1405 10.06 -77.80 0.01
CA ILE A 1405 10.56 -76.87 1.01
C ILE A 1405 10.65 -77.54 2.38
N VAL A 1406 9.59 -78.25 2.81
CA VAL A 1406 9.55 -78.81 4.17
C VAL A 1406 10.72 -79.77 4.42
N ARG A 1407 10.95 -80.69 3.50
CA ARG A 1407 12.09 -81.59 3.60
C ARG A 1407 13.39 -80.80 3.70
N VAL A 1408 13.52 -79.78 2.87
CA VAL A 1408 14.70 -78.92 2.94
C VAL A 1408 14.93 -78.43 4.39
N VAL A 1409 13.88 -77.84 5.01
CA VAL A 1409 14.04 -77.24 6.35
C VAL A 1409 14.43 -78.31 7.38
N THR A 1410 13.96 -79.54 7.19
CA THR A 1410 14.36 -80.61 8.10
C THR A 1410 15.78 -81.10 7.85
N HIS A 1411 16.20 -81.18 6.60
CA HIS A 1411 17.49 -81.72 6.27
C HIS A 1411 18.64 -80.76 6.57
N GLU A 1412 18.36 -79.57 7.13
CA GLU A 1412 19.40 -78.57 7.41
C GLU A 1412 20.25 -79.00 8.61
N ASP A 1413 21.53 -78.55 8.58
CA ASP A 1413 22.51 -78.71 9.66
C ASP A 1413 23.17 -77.37 10.08
N CYS A 1414 24.32 -77.40 10.78
CA CYS A 1414 25.17 -76.21 10.98
C CYS A 1414 24.64 -75.17 11.99
N ILE A 1415 24.38 -73.94 11.54
CA ILE A 1415 24.23 -72.76 12.41
C ILE A 1415 22.91 -72.74 13.17
N PRO A 1416 22.83 -72.01 14.28
CA PRO A 1416 21.62 -72.06 15.13
C PRO A 1416 20.35 -71.78 14.34
N GLU A 1417 19.31 -72.55 14.63
CA GLU A 1417 18.06 -72.41 13.88
C GLU A 1417 17.60 -70.96 13.90
N VAL A 1418 17.76 -70.26 15.02
CA VAL A 1418 17.18 -68.93 15.16
C VAL A 1418 17.00 -68.23 13.81
N LYS A 1419 17.94 -68.46 12.84
CA LYS A 1419 17.98 -67.85 11.49
C LYS A 1419 17.29 -68.64 10.37
N ILE A 1420 17.41 -69.98 10.38
CA ILE A 1420 16.62 -70.83 9.50
C ILE A 1420 15.35 -71.29 10.19
N ALA A 1421 15.12 -70.76 11.38
CA ALA A 1421 13.96 -70.83 12.23
C ALA A 1421 13.32 -69.47 12.29
N TYR A 1422 14.02 -68.45 11.84
CA TYR A 1422 13.43 -67.21 11.39
C TYR A 1422 13.32 -67.16 9.89
N ILE A 1423 14.13 -67.94 9.17
CA ILE A 1423 13.93 -68.16 7.77
C ILE A 1423 12.98 -69.34 7.59
N ASN A 1424 13.07 -70.35 8.45
CA ASN A 1424 12.13 -71.49 8.48
C ASN A 1424 10.91 -71.24 9.37
N PHE A 1425 11.04 -70.39 10.39
CA PHE A 1425 9.86 -69.91 11.10
C PHE A 1425 9.09 -68.85 10.30
N LEU A 1426 9.81 -67.83 9.76
CA LEU A 1426 9.19 -66.90 8.81
C LEU A 1426 8.44 -67.66 7.71
N ASN A 1427 9.02 -68.75 7.19
CA ASN A 1427 8.26 -69.64 6.31
C ASN A 1427 6.93 -70.14 6.93
N HIS A 1428 6.97 -70.75 8.14
CA HIS A 1428 5.73 -71.37 8.72
C HIS A 1428 4.60 -70.36 9.01
N CYS A 1429 4.92 -69.06 9.18
CA CYS A 1429 3.88 -68.04 9.29
C CYS A 1429 3.34 -67.64 7.93
N TYR A 1430 4.24 -67.23 6.99
CA TYR A 1430 3.82 -66.89 5.65
C TYR A 1430 2.99 -68.00 5.05
N VAL A 1431 3.25 -69.23 5.46
CA VAL A 1431 2.49 -70.40 5.01
C VAL A 1431 1.24 -70.64 5.88
N ASP A 1432 1.29 -70.40 7.17
CA ASP A 1432 0.11 -70.73 7.96
C ASP A 1432 -1.04 -69.73 7.84
N THR A 1433 -0.82 -68.52 7.30
CA THR A 1433 -1.91 -67.54 7.21
C THR A 1433 -2.95 -67.86 6.12
N GLU A 1434 -2.49 -68.16 4.87
CA GLU A 1434 -3.36 -68.18 3.66
C GLU A 1434 -4.51 -69.17 3.82
N VAL A 1435 -4.22 -70.32 4.43
CA VAL A 1435 -5.27 -71.25 4.84
C VAL A 1435 -5.79 -71.99 3.60
N GLU A 1436 -6.56 -71.30 2.73
CA GLU A 1436 -7.25 -71.99 1.65
C GLU A 1436 -6.45 -72.14 0.34
N MET A 1437 -5.61 -71.18 -0.06
CA MET A 1437 -4.87 -71.32 -1.33
C MET A 1437 -3.81 -72.43 -1.26
N LYS A 1438 -3.15 -72.57 -0.12
CA LYS A 1438 -2.17 -73.65 0.06
C LYS A 1438 -2.79 -75.05 0.17
N GLU A 1439 -3.99 -75.16 0.79
CA GLU A 1439 -4.68 -76.44 0.86
C GLU A 1439 -5.08 -76.91 -0.52
N ILE A 1440 -5.39 -75.97 -1.44
CA ILE A 1440 -5.37 -76.32 -2.86
C ILE A 1440 -3.97 -76.81 -3.25
N TYR A 1441 -2.91 -76.21 -2.69
CA TYR A 1441 -1.53 -76.53 -3.08
C TYR A 1441 -1.10 -77.96 -2.76
N THR A 1442 -1.80 -78.69 -1.89
CA THR A 1442 -1.41 -80.06 -1.61
C THR A 1442 -2.51 -80.77 -0.83
N SER A 1443 -2.38 -82.09 -0.70
CA SER A 1443 -3.39 -82.84 0.03
C SER A 1443 -3.48 -82.37 1.46
N ASN A 1444 -2.36 -82.15 2.13
CA ASN A 1444 -2.41 -81.80 3.55
C ASN A 1444 -1.12 -81.10 3.97
N HIS A 1445 -1.19 -80.31 5.01
CA HIS A 1445 0.00 -79.64 5.54
C HIS A 1445 0.25 -80.03 6.98
N MET A 1446 0.09 -81.34 7.27
CA MET A 1446 0.01 -81.85 8.64
C MET A 1446 1.37 -81.92 9.32
N TRP A 1447 2.44 -82.16 8.55
CA TRP A 1447 3.81 -82.05 9.08
C TRP A 1447 4.21 -80.58 9.33
N LYS A 1448 3.39 -79.61 8.85
CA LYS A 1448 3.65 -78.17 8.90
C LYS A 1448 3.14 -77.43 10.17
N LEU A 1449 2.31 -78.09 11.01
CA LEU A 1449 1.92 -77.54 12.32
C LEU A 1449 2.63 -78.16 13.53
N PHE A 1450 3.17 -79.41 13.43
CA PHE A 1450 4.17 -79.96 14.37
C PHE A 1450 5.59 -79.46 14.08
N GLU A 1451 5.86 -78.97 12.84
CA GLU A 1451 7.04 -78.13 12.57
C GLU A 1451 6.82 -76.61 12.76
N ASN A 1452 5.62 -76.03 12.57
CA ASN A 1452 5.39 -74.64 12.98
C ASN A 1452 5.18 -74.52 14.49
N PHE A 1453 4.87 -75.64 15.16
CA PHE A 1453 4.68 -75.77 16.61
C PHE A 1453 5.85 -76.44 17.32
N LEU A 1454 6.83 -76.96 16.58
CA LEU A 1454 8.15 -77.18 17.15
C LEU A 1454 9.02 -75.95 16.92
N VAL A 1455 8.91 -75.29 15.73
CA VAL A 1455 9.63 -74.03 15.43
C VAL A 1455 9.16 -72.90 16.36
N ASP A 1456 7.88 -72.93 16.76
CA ASP A 1456 7.33 -71.93 17.68
C ASP A 1456 7.41 -72.32 19.17
N ILE A 1457 7.37 -73.62 19.48
CA ILE A 1457 7.56 -74.06 20.87
C ILE A 1457 9.00 -73.88 21.29
N CYS A 1458 9.93 -74.48 20.53
CA CYS A 1458 11.38 -74.38 20.67
C CYS A 1458 11.89 -74.45 22.10
N ARG A 1459 13.17 -74.10 22.26
CA ARG A 1459 13.85 -74.04 23.55
C ARG A 1459 14.59 -72.71 23.71
N ALA A 1460 15.80 -72.69 24.31
CA ALA A 1460 16.55 -71.47 24.63
C ALA A 1460 17.58 -71.07 23.56
N CYS A 1461 17.56 -71.73 22.43
CA CYS A 1461 18.31 -71.35 21.24
C CYS A 1461 17.83 -72.39 20.28
N ASN A 1462 18.11 -73.59 20.72
CA ASN A 1462 17.19 -74.70 20.70
C ASN A 1462 17.75 -75.68 21.72
N ASN A 1463 18.51 -75.15 22.68
CA ASN A 1463 19.14 -76.01 23.67
C ASN A 1463 19.59 -75.17 24.83
N THR A 1464 20.38 -74.16 24.52
CA THR A 1464 20.93 -73.42 25.63
C THR A 1464 21.97 -72.44 25.13
N SER A 1465 21.71 -71.71 24.06
CA SER A 1465 22.69 -70.71 23.62
C SER A 1465 22.68 -69.50 24.55
N ASP A 1466 21.48 -68.96 24.86
CA ASP A 1466 21.29 -67.90 25.86
C ASP A 1466 21.85 -66.54 25.47
N ARG A 1467 21.38 -65.92 24.37
CA ARG A 1467 22.03 -64.75 23.76
C ARG A 1467 21.11 -63.55 23.47
N LYS A 1468 19.88 -63.51 23.99
CA LYS A 1468 19.00 -62.35 23.77
C LYS A 1468 18.32 -61.95 25.08
N HIS A 1469 18.15 -60.60 25.31
CA HIS A 1469 17.65 -60.01 26.57
C HIS A 1469 16.47 -59.00 26.44
N ALA A 1470 15.80 -58.92 25.27
CA ALA A 1470 14.62 -58.08 25.03
C ALA A 1470 13.34 -58.92 24.93
N ASP A 1471 13.25 -59.95 25.79
CA ASP A 1471 12.24 -61.00 25.67
C ASP A 1471 10.85 -60.42 25.59
N SER A 1472 10.53 -59.54 26.54
CA SER A 1472 9.26 -58.83 26.48
C SER A 1472 8.99 -58.41 25.04
N ILE A 1473 10.00 -57.78 24.41
CA ILE A 1473 9.88 -57.32 23.03
C ILE A 1473 9.80 -58.50 22.04
N LEU A 1474 10.42 -59.65 22.36
CA LEU A 1474 10.43 -60.82 21.49
C LEU A 1474 9.11 -61.58 21.52
N GLU A 1475 8.86 -62.32 22.60
CA GLU A 1475 7.56 -62.94 22.84
C GLU A 1475 6.42 -61.98 22.50
N LYS A 1476 6.72 -60.70 22.58
CA LYS A 1476 5.73 -59.66 22.40
C LYS A 1476 5.40 -59.40 20.93
N TYR A 1477 6.31 -58.73 20.22
CA TYR A 1477 6.12 -58.55 18.78
C TYR A 1477 5.71 -59.84 18.15
N VAL A 1478 6.04 -60.93 18.83
CA VAL A 1478 5.62 -62.27 18.45
C VAL A 1478 4.16 -62.52 18.78
N THR A 1479 3.63 -61.90 19.83
CA THR A 1479 2.28 -62.22 20.26
C THR A 1479 1.24 -61.25 19.75
N GLU A 1480 1.67 -60.05 19.40
CA GLU A 1480 0.88 -59.14 18.59
C GLU A 1480 1.09 -59.40 17.12
N ILE A 1481 2.21 -60.03 16.78
CA ILE A 1481 2.34 -60.67 15.50
C ILE A 1481 1.57 -62.00 15.49
N VAL A 1482 1.29 -62.59 16.66
CA VAL A 1482 0.42 -63.77 16.74
C VAL A 1482 -1.04 -63.38 16.89
N MET A 1483 -1.32 -62.17 17.38
CA MET A 1483 -2.64 -61.60 17.30
C MET A 1483 -2.96 -61.12 15.88
N SER A 1484 -1.97 -60.52 15.21
CA SER A 1484 -2.11 -60.22 13.79
C SER A 1484 -2.32 -61.50 12.95
N ILE A 1485 -1.50 -62.53 13.19
CA ILE A 1485 -1.65 -63.80 12.47
C ILE A 1485 -3.06 -64.36 12.67
N VAL A 1486 -3.56 -64.34 13.92
CA VAL A 1486 -4.93 -64.81 14.15
C VAL A 1486 -5.91 -64.14 13.17
N THR A 1487 -5.86 -62.81 13.07
CA THR A 1487 -6.80 -62.11 12.18
C THR A 1487 -6.75 -62.65 10.75
N THR A 1488 -5.57 -62.79 10.18
CA THR A 1488 -5.53 -63.14 8.76
C THR A 1488 -6.39 -64.34 8.46
N PHE A 1489 -6.22 -65.38 9.26
CA PHE A 1489 -6.65 -66.69 8.86
C PHE A 1489 -8.06 -66.65 8.29
N PHE A 1490 -8.90 -65.72 8.77
CA PHE A 1490 -10.31 -65.67 8.36
C PHE A 1490 -10.51 -65.01 7.00
N SER A 1491 -9.53 -64.29 6.46
CA SER A 1491 -9.66 -63.73 5.13
C SER A 1491 -8.87 -64.52 4.09
N SER A 1492 -8.85 -65.94 4.27
CA SER A 1492 -8.05 -66.97 3.62
C SER A 1492 -8.71 -67.45 2.33
N PRO A 1493 -7.91 -67.71 1.30
CA PRO A 1493 -8.39 -68.10 -0.02
C PRO A 1493 -7.71 -69.34 -0.58
N SER A 1593 50.66 -44.69 35.09
CA SER A 1593 50.66 -43.31 35.60
C SER A 1593 49.94 -42.35 34.65
N ARG A 1594 50.02 -42.59 33.32
CA ARG A 1594 49.53 -41.64 32.32
C ARG A 1594 48.04 -41.76 32.03
N ASP A 1595 47.54 -42.99 31.83
CA ASP A 1595 46.13 -43.20 31.53
C ASP A 1595 45.23 -42.38 32.47
N TYR A 1596 45.72 -42.16 33.69
CA TYR A 1596 44.97 -41.38 34.68
C TYR A 1596 44.91 -39.91 34.31
N ARG A 1597 46.00 -39.36 33.79
CA ARG A 1597 45.92 -38.05 33.16
C ARG A 1597 44.83 -38.04 32.10
N ASN A 1598 44.90 -38.97 31.16
CA ASN A 1598 43.88 -39.01 30.12
C ASN A 1598 42.46 -39.11 30.70
N ILE A 1599 42.34 -39.76 31.85
CA ILE A 1599 41.05 -40.15 32.41
C ILE A 1599 40.46 -39.06 33.31
N ILE A 1600 41.26 -38.55 34.25
CA ILE A 1600 40.84 -37.41 35.06
C ILE A 1600 40.55 -36.21 34.16
N GLU A 1601 41.36 -36.01 33.10
CA GLU A 1601 41.03 -35.03 32.08
C GLU A 1601 39.65 -35.29 31.49
N ARG A 1602 39.45 -36.50 30.98
CA ARG A 1602 38.13 -36.81 30.43
C ARG A 1602 37.02 -36.44 31.41
N LEU A 1603 37.21 -36.73 32.70
CA LEU A 1603 36.14 -36.52 33.67
C LEU A 1603 35.88 -35.05 33.95
N GLN A 1604 36.90 -34.33 34.41
CA GLN A 1604 36.69 -32.91 34.63
C GLN A 1604 36.08 -32.27 33.40
N ASP A 1605 36.42 -32.82 32.23
CA ASP A 1605 35.81 -32.40 30.97
C ASP A 1605 34.33 -32.70 30.96
N ILE A 1606 33.94 -33.85 31.48
CA ILE A 1606 32.52 -34.16 31.50
C ILE A 1606 31.81 -33.25 32.51
N VAL A 1607 32.35 -33.16 33.73
CA VAL A 1607 31.69 -32.39 34.78
C VAL A 1607 31.66 -30.93 34.41
N SER A 1608 32.83 -30.36 34.19
CA SER A 1608 32.88 -29.04 33.61
C SER A 1608 31.91 -28.93 32.43
N ALA A 1609 32.07 -29.78 31.43
CA ALA A 1609 31.26 -29.64 30.22
C ALA A 1609 29.79 -29.53 30.57
N LEU A 1610 29.27 -30.52 31.27
CA LEU A 1610 27.89 -30.46 31.70
C LEU A 1610 27.59 -29.13 32.33
N GLU A 1611 28.27 -28.84 33.42
CA GLU A 1611 28.00 -27.65 34.20
C GLU A 1611 27.91 -26.42 33.31
N ASP A 1612 29.10 -26.10 32.83
CA ASP A 1612 29.35 -24.99 31.93
C ASP A 1612 28.33 -24.99 30.83
N ARG A 1613 28.56 -25.84 29.84
CA ARG A 1613 27.77 -25.85 28.63
C ARG A 1613 26.33 -25.58 28.99
N LEU A 1614 25.79 -26.39 29.90
CA LEU A 1614 24.41 -26.23 30.29
C LEU A 1614 24.15 -24.79 30.71
N ARG A 1615 24.98 -24.26 31.55
CA ARG A 1615 24.61 -22.97 32.12
C ARG A 1615 24.68 -21.79 31.14
N PRO A 1616 25.60 -21.74 30.20
CA PRO A 1616 25.82 -20.46 29.48
C PRO A 1616 24.92 -20.06 28.29
N LEU A 1617 24.44 -21.08 27.59
CA LEU A 1617 23.76 -20.82 26.34
C LEU A 1617 22.53 -19.94 26.53
N VAL A 1618 21.86 -20.04 27.69
CA VAL A 1618 20.68 -19.20 27.94
C VAL A 1618 21.06 -17.73 27.91
N GLN A 1619 22.17 -17.40 28.59
CA GLN A 1619 22.67 -16.03 28.55
C GLN A 1619 23.00 -15.63 27.12
N ALA A 1620 23.55 -16.57 26.34
CA ALA A 1620 23.82 -16.27 24.93
C ALA A 1620 22.54 -16.09 24.11
N GLU A 1621 21.48 -16.76 24.50
CA GLU A 1621 20.23 -16.61 23.81
C GLU A 1621 19.59 -15.27 24.13
N LEU A 1622 19.75 -14.81 25.37
CA LEU A 1622 19.31 -13.47 25.72
C LEU A 1622 20.06 -12.42 24.93
N SER A 1623 21.39 -12.52 24.86
CA SER A 1623 22.10 -11.55 24.03
C SER A 1623 21.69 -11.66 22.55
N VAL A 1624 21.60 -12.89 22.03
CA VAL A 1624 21.06 -13.11 20.69
C VAL A 1624 19.77 -12.35 20.55
N LEU A 1625 18.99 -12.31 21.64
CA LEU A 1625 17.85 -11.42 21.76
C LEU A 1625 18.25 -9.94 21.73
N VAL A 1626 19.43 -9.58 22.22
CA VAL A 1626 19.84 -8.19 22.16
C VAL A 1626 19.67 -7.67 20.74
N ASP A 1627 20.09 -8.46 19.75
CA ASP A 1627 19.89 -8.04 18.37
C ASP A 1627 18.47 -7.57 18.10
N VAL A 1628 17.49 -8.29 18.65
CA VAL A 1628 16.10 -8.13 18.25
C VAL A 1628 15.63 -6.69 18.42
N LEU A 1629 16.16 -5.99 19.42
CA LEU A 1629 15.94 -4.57 19.48
C LEU A 1629 16.04 -4.10 18.05
N HIS A 1630 17.18 -4.40 17.47
CA HIS A 1630 17.33 -4.26 16.05
C HIS A 1630 17.34 -2.78 15.72
N ARG A 1631 16.18 -2.23 15.48
CA ARG A 1631 16.02 -0.86 15.03
C ARG A 1631 16.50 0.16 16.07
N PRO A 1632 15.78 0.18 17.18
CA PRO A 1632 16.17 1.11 18.22
C PRO A 1632 17.66 1.03 18.45
N GLU A 1633 18.22 -0.18 18.38
CA GLU A 1633 19.66 -0.34 18.54
C GLU A 1633 20.44 0.62 17.64
N LEU A 1634 20.17 0.58 16.33
CA LEU A 1634 20.81 1.54 15.46
C LEU A 1634 20.52 2.97 15.91
N LEU A 1635 19.35 3.21 16.53
CA LEU A 1635 19.04 4.52 17.11
C LEU A 1635 20.02 4.93 18.23
N PHE A 1636 20.22 4.07 19.23
CA PHE A 1636 21.15 4.39 20.32
C PHE A 1636 22.63 4.29 19.87
N PRO A 1637 23.52 5.15 20.44
CA PRO A 1637 24.94 5.13 20.07
C PRO A 1637 25.22 5.41 18.60
N GLU A 1638 24.64 4.64 17.67
CA GLU A 1638 24.69 5.00 16.28
C GLU A 1638 23.69 6.05 15.95
N ASN A 1639 23.13 6.72 16.99
CA ASN A 1639 22.29 7.90 16.81
C ASN A 1639 22.71 8.54 15.52
N THR A 1640 21.85 8.41 14.50
CA THR A 1640 22.22 8.50 13.06
C THR A 1640 21.66 9.79 12.40
N ASP A 1641 22.46 10.86 12.43
CA ASP A 1641 21.96 12.20 12.16
C ASP A 1641 21.79 12.47 10.66
N ALA A 1642 21.39 13.70 10.33
CA ALA A 1642 21.10 14.06 8.96
C ALA A 1642 20.24 12.95 8.35
N ARG A 1643 19.34 12.37 9.15
CA ARG A 1643 18.37 11.38 8.67
C ARG A 1643 18.96 9.99 8.36
N ARG A 1644 20.01 9.55 9.07
CA ARG A 1644 20.56 8.21 8.80
C ARG A 1644 19.57 7.11 9.25
N LYS A 1645 19.82 5.88 8.83
CA LYS A 1645 18.76 4.90 8.88
C LYS A 1645 18.94 3.88 10.00
N CYS A 1646 18.91 4.34 11.24
CA CYS A 1646 19.16 3.45 12.34
C CYS A 1646 18.04 2.45 12.48
N GLU A 1647 16.84 2.97 12.74
CA GLU A 1647 15.70 2.11 12.83
C GLU A 1647 15.62 1.23 11.56
N SER A 1648 14.68 0.28 11.62
CA SER A 1648 14.39 -0.64 10.50
C SER A 1648 15.66 -1.37 10.00
N GLY A 1649 16.50 -1.83 10.93
CA GLY A 1649 17.69 -2.59 10.55
C GLY A 1649 17.43 -4.05 10.20
N GLY A 1650 16.32 -4.60 10.69
CA GLY A 1650 15.88 -5.94 10.35
C GLY A 1650 15.58 -6.15 8.87
N PHE A 1651 14.48 -5.58 8.36
CA PHE A 1651 13.96 -5.97 7.05
C PHE A 1651 15.02 -5.94 5.91
N ILE A 1652 16.13 -5.21 6.05
CA ILE A 1652 17.11 -5.13 4.95
C ILE A 1652 18.27 -6.09 5.14
N CYS A 1653 18.79 -6.16 6.37
CA CYS A 1653 19.62 -7.30 6.73
C CYS A 1653 18.94 -8.54 6.22
N LYS A 1654 17.64 -8.59 6.44
CA LYS A 1654 16.70 -9.50 5.83
C LYS A 1654 16.91 -9.65 4.31
N LEU A 1655 16.33 -8.77 3.49
CA LEU A 1655 16.40 -8.89 2.03
C LEU A 1655 17.77 -9.41 1.63
N ILE A 1656 18.69 -9.00 2.48
CA ILE A 1656 20.07 -9.41 2.39
C ILE A 1656 20.19 -10.92 2.52
N LYS A 1657 19.93 -11.47 3.72
CA LYS A 1657 20.24 -12.87 3.95
C LYS A 1657 19.50 -13.79 2.97
N HIS A 1658 18.24 -13.44 2.67
CA HIS A 1658 17.46 -14.10 1.62
C HIS A 1658 18.28 -14.23 0.35
N THR A 1659 18.86 -13.13 -0.09
CA THR A 1659 19.82 -13.30 -1.18
C THR A 1659 20.96 -14.31 -0.80
N LYS A 1660 21.34 -14.38 0.48
CA LYS A 1660 22.55 -15.08 0.92
C LYS A 1660 22.51 -16.60 0.72
N GLN A 1661 21.35 -17.20 0.78
CA GLN A 1661 21.48 -18.63 0.67
C GLN A 1661 21.95 -19.10 -0.68
N LEU A 1662 22.06 -18.24 -1.69
CA LEU A 1662 22.50 -18.70 -3.00
C LEU A 1662 23.72 -19.58 -2.92
N LEU A 1663 24.41 -19.57 -1.81
CA LEU A 1663 25.45 -20.54 -1.56
C LEU A 1663 24.87 -21.89 -1.18
N GLU A 1664 25.44 -22.97 -1.73
CA GLU A 1664 24.94 -24.32 -1.45
C GLU A 1664 24.94 -24.62 0.04
N GLU A 1665 25.82 -23.99 0.79
CA GLU A 1665 25.96 -24.24 2.21
C GLU A 1665 25.55 -23.00 3.00
N ASN A 1666 24.44 -23.08 3.69
CA ASN A 1666 24.06 -22.01 4.60
C ASN A 1666 24.41 -22.32 6.06
N GLU A 1667 24.41 -23.59 6.43
CA GLU A 1667 24.94 -24.14 7.68
C GLU A 1667 24.37 -23.49 8.96
N GLU A 1668 25.17 -23.52 10.04
CA GLU A 1668 24.74 -22.96 11.30
C GLU A 1668 24.36 -21.48 11.18
N LYS A 1669 24.84 -20.74 10.17
CA LYS A 1669 24.48 -19.33 9.99
C LYS A 1669 22.97 -19.15 9.91
N LEU A 1670 22.41 -19.74 8.88
CA LEU A 1670 21.01 -20.07 8.87
C LEU A 1670 20.54 -20.52 10.28
N CYS A 1671 21.03 -21.67 10.77
CA CYS A 1671 20.46 -22.20 12.01
C CYS A 1671 20.38 -21.12 13.10
N ILE A 1672 21.39 -20.24 13.15
CA ILE A 1672 21.52 -19.23 14.19
C ILE A 1672 20.50 -18.13 14.01
N LYS A 1673 20.28 -17.74 12.78
CA LYS A 1673 19.10 -16.98 12.49
C LYS A 1673 17.89 -17.64 13.15
N VAL A 1674 17.63 -18.91 12.79
CA VAL A 1674 16.46 -19.65 13.26
C VAL A 1674 16.32 -19.36 14.76
N LEU A 1675 17.42 -19.58 15.49
CA LEU A 1675 17.45 -19.27 16.92
C LEU A 1675 16.94 -17.85 17.24
N GLN A 1676 17.45 -16.84 16.53
CA GLN A 1676 17.06 -15.48 16.92
C GLN A 1676 15.56 -15.21 16.68
N THR A 1677 14.91 -15.92 15.73
CA THR A 1677 13.46 -15.69 15.50
C THR A 1677 12.59 -16.28 16.60
N LEU A 1678 12.78 -17.59 16.94
CA LEU A 1678 11.97 -18.16 18.04
C LEU A 1678 12.17 -17.37 19.33
N ARG A 1679 13.35 -16.77 19.51
CA ARG A 1679 13.52 -15.79 20.58
C ARG A 1679 12.85 -14.44 20.29
N GLU A 1680 12.52 -14.15 19.03
CA GLU A 1680 11.64 -13.03 18.74
C GLU A 1680 10.25 -13.28 19.33
N MET A 1681 9.81 -14.54 19.27
CA MET A 1681 8.76 -15.04 20.18
C MET A 1681 9.15 -14.85 21.64
N MET A 1682 10.45 -14.91 21.94
CA MET A 1682 10.95 -14.79 23.32
C MET A 1682 10.66 -13.44 23.98
N THR A 1683 10.72 -12.35 23.22
CA THR A 1683 10.45 -11.03 23.80
C THR A 1683 9.15 -11.03 24.57
N LYS A 1684 8.07 -11.55 23.96
CA LYS A 1684 6.76 -11.63 24.60
C LYS A 1684 6.61 -12.84 25.53
N ASP A 1685 7.38 -13.89 25.30
CA ASP A 1685 7.40 -15.07 26.16
C ASP A 1685 8.70 -15.20 26.94
N ARG A 1686 9.87 -15.28 26.28
CA ARG A 1686 11.16 -15.50 26.95
C ARG A 1686 11.43 -14.49 28.04
N GLY A 1687 10.94 -13.29 27.86
CA GLY A 1687 10.84 -12.37 28.97
C GLY A 1687 9.96 -12.94 30.05
N MET A 1789 4.19 -5.04 21.92
CA MET A 1789 3.27 -6.16 21.67
C MET A 1789 3.88 -7.17 20.64
N SER A 1790 3.63 -8.47 20.87
CA SER A 1790 4.23 -9.55 20.06
C SER A 1790 3.67 -9.62 18.64
N LEU A 1791 2.35 -9.55 18.48
CA LEU A 1791 1.75 -9.70 17.15
C LEU A 1791 2.08 -8.52 16.21
N ALA A 1792 2.54 -7.36 16.76
CA ALA A 1792 3.09 -6.25 15.96
C ALA A 1792 4.57 -6.42 15.69
N GLU A 1793 5.24 -7.33 16.42
CA GLU A 1793 6.57 -7.82 16.03
C GLU A 1793 6.50 -8.91 14.97
N VAL A 1794 5.66 -9.94 15.21
CA VAL A 1794 5.25 -10.88 14.18
C VAL A 1794 4.78 -10.14 12.95
N GLN A 1795 3.75 -9.38 13.12
CA GLN A 1795 3.27 -8.46 12.13
C GLN A 1795 4.29 -7.23 11.85
N CYS A 1796 5.50 -7.18 12.38
CA CYS A 1796 6.42 -6.04 12.22
C CYS A 1796 7.54 -6.35 11.24
N HIS A 1797 8.29 -7.40 11.52
CA HIS A 1797 8.95 -8.06 10.41
C HIS A 1797 7.98 -8.13 9.28
N LEU A 1798 6.83 -8.76 9.58
CA LEU A 1798 5.72 -8.72 8.66
C LEU A 1798 5.87 -7.39 7.98
N ASP A 1799 5.74 -6.35 8.79
CA ASP A 1799 5.77 -4.99 8.28
C ASP A 1799 7.05 -4.74 7.53
N LYS A 1800 8.15 -5.01 8.16
CA LYS A 1800 9.38 -4.58 7.61
C LYS A 1800 9.85 -5.86 7.00
N GLU A 1801 9.52 -6.04 5.73
CA GLU A 1801 9.93 -7.22 5.05
C GLU A 1801 9.51 -8.35 5.90
N GLY A 1802 8.34 -8.85 5.67
CA GLY A 1802 7.88 -9.91 6.51
C GLY A 1802 7.08 -10.87 5.70
N ALA A 1803 6.87 -12.03 6.33
CA ALA A 1803 6.31 -13.22 5.71
C ALA A 1803 6.85 -13.45 4.28
N SER A 1804 6.80 -12.48 3.37
CA SER A 1804 7.11 -12.75 1.96
C SER A 1804 8.48 -13.36 1.79
N ASN A 1805 9.42 -12.83 2.50
CA ASN A 1805 10.70 -13.39 2.40
C ASN A 1805 10.64 -14.89 2.69
N LEU A 1806 10.49 -15.23 3.98
CA LEU A 1806 10.78 -16.56 4.50
C LEU A 1806 10.18 -17.61 3.62
N VAL A 1807 8.95 -17.36 3.24
CA VAL A 1807 8.25 -18.17 2.29
C VAL A 1807 9.17 -18.31 1.10
N ILE A 1808 9.42 -17.20 0.44
CA ILE A 1808 10.20 -17.26 -0.77
C ILE A 1808 11.31 -18.26 -0.45
N ASP A 1809 11.69 -18.36 0.82
CA ASP A 1809 12.87 -19.11 1.22
C ASP A 1809 12.66 -20.61 1.40
N LEU A 1810 11.76 -21.01 2.27
CA LEU A 1810 11.86 -22.35 2.81
C LEU A 1810 12.07 -23.37 1.71
N ILE A 1811 11.64 -23.05 0.48
CA ILE A 1811 11.81 -23.95 -0.64
C ILE A 1811 13.20 -24.49 -0.64
N MET A 1812 14.16 -23.68 -0.23
CA MET A 1812 15.53 -24.15 -0.20
C MET A 1812 15.74 -25.36 0.74
N ASN A 1813 14.88 -25.57 1.69
CA ASN A 1813 15.24 -26.55 2.71
C ASN A 1813 15.38 -27.97 2.20
N ALA A 1814 15.25 -28.17 0.87
CA ALA A 1814 15.38 -29.50 0.27
C ALA A 1814 16.78 -30.03 0.45
N SER A 1815 17.76 -29.30 -0.07
CA SER A 1815 19.14 -29.73 -0.01
C SER A 1815 19.76 -29.27 1.32
N SER A 1816 19.83 -27.96 1.52
CA SER A 1816 20.24 -27.44 2.80
C SER A 1816 19.07 -27.52 3.76
N ASP A 1817 19.27 -27.02 4.96
CA ASP A 1817 18.15 -26.86 5.88
C ASP A 1817 17.41 -28.16 6.11
N ARG A 1818 17.64 -29.17 5.29
CA ARG A 1818 16.98 -30.43 5.49
C ARG A 1818 17.02 -30.73 6.97
N VAL A 1819 18.15 -30.46 7.62
CA VAL A 1819 18.32 -30.85 9.01
C VAL A 1819 18.18 -29.66 9.93
N PHE A 1820 17.22 -28.82 9.63
CA PHE A 1820 17.09 -27.52 10.26
C PHE A 1820 15.85 -26.88 9.68
N HIS A 1821 15.62 -27.12 8.43
CA HIS A 1821 14.37 -26.80 7.79
C HIS A 1821 13.27 -27.22 8.73
N GLU A 1822 13.50 -28.31 9.45
CA GLU A 1822 12.63 -28.61 10.57
C GLU A 1822 12.71 -27.50 11.59
N SER A 1823 13.91 -27.32 12.16
CA SER A 1823 14.15 -26.15 12.99
C SER A 1823 13.58 -24.90 12.31
N ILE A 1824 13.97 -24.69 11.07
CA ILE A 1824 13.55 -23.53 10.27
C ILE A 1824 12.03 -23.33 10.36
N LEU A 1825 11.32 -24.41 10.16
CA LEU A 1825 9.87 -24.32 10.17
C LEU A 1825 9.34 -23.87 11.51
N LEU A 1826 9.69 -24.60 12.60
CA LEU A 1826 9.14 -24.25 13.91
C LEU A 1826 9.26 -22.74 14.17
N ALA A 1827 10.43 -22.16 13.85
CA ALA A 1827 10.68 -20.74 14.19
C ALA A 1827 9.77 -19.79 13.40
N ILE A 1828 9.63 -20.02 12.10
CA ILE A 1828 8.73 -19.13 11.38
C ILE A 1828 7.34 -19.14 12.04
N ALA A 1829 6.80 -20.36 12.22
CA ALA A 1829 5.39 -20.49 12.64
C ALA A 1829 5.10 -19.72 13.93
N LEU A 1830 5.97 -19.87 14.95
CA LEU A 1830 5.67 -19.24 16.24
C LEU A 1830 5.35 -17.72 16.10
N LEU A 1831 6.28 -16.93 15.55
CA LEU A 1831 6.05 -15.48 15.50
C LEU A 1831 4.83 -15.11 14.70
N GLU A 1832 4.43 -15.92 13.72
CA GLU A 1832 3.20 -15.54 13.01
C GLU A 1832 1.90 -15.84 13.79
N GLY A 1833 1.68 -17.09 14.23
CA GLY A 1833 0.39 -17.62 14.68
C GLY A 1833 -0.43 -16.77 15.62
N GLY A 1834 -1.73 -17.06 15.81
CA GLY A 1834 -2.59 -16.21 16.64
C GLY A 1834 -2.74 -14.80 16.10
N ASN A 1835 -1.81 -14.40 15.21
CA ASN A 1835 -1.78 -13.15 14.48
C ASN A 1835 -1.96 -13.46 13.00
N THR A 1836 -2.85 -14.41 12.73
CA THR A 1836 -3.20 -14.79 11.37
C THR A 1836 -3.25 -13.54 10.49
N THR A 1837 -3.67 -12.38 11.05
CA THR A 1837 -3.78 -11.15 10.27
C THR A 1837 -2.49 -10.82 9.50
N ILE A 1838 -1.41 -10.60 10.22
CA ILE A 1838 -0.13 -10.41 9.53
C ILE A 1838 0.07 -11.51 8.49
N GLN A 1839 -0.27 -12.74 8.85
CA GLN A 1839 -0.11 -13.86 7.94
C GLN A 1839 -0.78 -13.56 6.61
N HIS A 1840 -2.10 -13.45 6.65
CA HIS A 1840 -2.82 -12.99 5.48
C HIS A 1840 -1.97 -11.95 4.75
N SER A 1841 -1.53 -10.90 5.41
CA SER A 1841 -0.66 -9.97 4.71
C SER A 1841 0.32 -10.79 3.92
N PHE A 1842 0.88 -11.76 4.58
CA PHE A 1842 1.69 -12.72 3.92
C PHE A 1842 0.97 -13.18 2.69
N PHE A 1843 0.15 -14.21 2.85
CA PHE A 1843 -0.52 -14.81 1.72
C PHE A 1843 -0.80 -13.75 0.69
N CYS A 1844 -1.69 -12.84 1.06
CA CYS A 1844 -1.98 -11.59 0.39
C CYS A 1844 -0.89 -11.28 -0.59
N ARG A 1845 0.27 -11.09 -0.08
CA ARG A 1845 1.38 -10.94 -0.99
C ARG A 1845 1.50 -12.18 -1.87
N LEU A 1846 1.45 -13.35 -1.27
CA LEU A 1846 1.90 -14.56 -1.93
C LEU A 1846 1.10 -14.89 -3.17
N THR A 1847 -0.16 -15.11 -3.00
CA THR A 1847 -0.94 -15.50 -4.13
C THR A 1847 -0.50 -14.74 -5.39
N GLU A 1848 -0.23 -13.46 -5.21
CA GLU A 1848 -0.02 -12.55 -6.32
C GLU A 1848 0.79 -13.27 -7.37
N ASP A 1849 1.83 -13.97 -6.95
CA ASP A 1849 2.68 -14.66 -7.89
C ASP A 1849 1.94 -15.89 -8.43
N LYS A 1850 0.66 -15.73 -8.72
CA LYS A 1850 -0.24 -16.78 -9.17
C LYS A 1850 0.52 -17.89 -9.86
N LYS A 1851 1.18 -17.57 -10.97
CA LYS A 1851 2.03 -18.55 -11.64
C LYS A 1851 3.29 -18.82 -10.83
N SER A 1852 4.06 -17.75 -10.58
CA SER A 1852 5.20 -17.87 -9.71
C SER A 1852 4.79 -18.65 -8.48
N GLU A 1853 3.53 -18.58 -8.08
CA GLU A 1853 3.00 -19.25 -6.90
C GLU A 1853 2.64 -20.73 -7.18
N LYS A 1854 1.88 -21.00 -8.22
CA LYS A 1854 1.12 -22.25 -8.31
C LYS A 1854 2.00 -23.46 -8.50
N PHE A 1855 3.15 -23.31 -9.10
CA PHE A 1855 3.99 -24.47 -9.31
C PHE A 1855 4.56 -25.00 -8.00
N PHE A 1856 5.19 -24.13 -7.23
CA PHE A 1856 5.86 -24.51 -6.00
C PHE A 1856 4.97 -25.34 -5.13
N LYS A 1857 3.70 -25.30 -5.42
CA LYS A 1857 2.75 -25.98 -4.59
C LYS A 1857 3.23 -27.38 -4.27
N VAL A 1858 3.33 -28.24 -5.29
CA VAL A 1858 3.25 -29.70 -5.15
C VAL A 1858 4.16 -30.21 -4.03
N PHE A 1859 5.00 -29.30 -3.55
CA PHE A 1859 6.09 -29.61 -2.68
C PHE A 1859 5.70 -30.20 -1.34
N TYR A 1860 5.58 -29.31 -0.37
CA TYR A 1860 5.36 -29.67 1.00
C TYR A 1860 4.67 -31.03 0.94
N ASP A 1861 3.65 -31.08 0.09
CA ASP A 1861 2.88 -32.27 -0.24
C ASP A 1861 3.72 -33.49 -0.46
N ARG A 1862 4.56 -33.39 -1.44
CA ARG A 1862 5.36 -34.56 -1.53
C ARG A 1862 6.30 -34.69 -0.36
N MET A 1863 6.41 -33.72 0.57
CA MET A 1863 7.36 -33.91 1.68
C MET A 1863 6.75 -34.59 2.87
N LYS A 1864 5.52 -34.31 3.14
CA LYS A 1864 4.75 -35.32 3.79
C LYS A 1864 4.75 -36.44 2.80
N VAL A 1865 3.70 -36.55 1.98
CA VAL A 1865 3.48 -37.62 1.01
C VAL A 1865 4.67 -38.53 0.98
N ALA A 1866 5.72 -38.01 0.36
CA ALA A 1866 7.04 -38.59 0.53
C ALA A 1866 7.25 -39.03 1.98
N GLN A 1867 7.27 -38.08 2.92
CA GLN A 1867 7.40 -38.49 4.31
C GLN A 1867 6.39 -39.59 4.65
N GLN A 1868 5.28 -39.63 3.94
CA GLN A 1868 4.12 -40.36 4.37
C GLN A 1868 4.15 -41.86 4.12
N GLU A 1869 3.90 -42.25 2.89
CA GLU A 1869 3.67 -43.66 2.65
C GLU A 1869 4.73 -44.48 3.32
N ILE A 1870 5.98 -44.19 2.99
CA ILE A 1870 7.07 -44.94 3.59
C ILE A 1870 7.07 -44.74 5.09
N LYS A 1871 7.07 -43.47 5.51
CA LYS A 1871 7.25 -43.20 6.93
C LYS A 1871 6.36 -44.08 7.78
N ALA A 1872 5.09 -44.22 7.38
CA ALA A 1872 4.19 -45.06 8.14
C ALA A 1872 4.74 -46.47 8.28
N THR A 1873 5.16 -47.00 7.15
CA THR A 1873 5.71 -48.34 7.09
C THR A 1873 6.82 -48.55 8.11
N VAL A 1874 7.78 -47.65 8.14
CA VAL A 1874 9.06 -47.94 8.79
C VAL A 1874 8.89 -48.49 10.22
N THR A 1875 8.31 -47.66 11.10
CA THR A 1875 8.21 -48.00 12.51
C THR A 1875 6.82 -48.42 12.93
N VAL A 1876 5.79 -48.23 12.08
CA VAL A 1876 4.46 -48.60 12.50
C VAL A 1876 4.37 -50.11 12.71
N ASN A 1877 4.97 -50.91 11.79
CA ASN A 1877 4.78 -52.36 11.74
C ASN A 1877 5.67 -53.11 12.73
N THR A 1878 6.96 -52.76 12.80
CA THR A 1878 7.81 -53.31 13.85
C THR A 1878 7.22 -52.99 15.20
N SER A 1879 6.64 -51.79 15.32
CA SER A 1879 5.89 -51.42 16.51
C SER A 1879 4.59 -52.21 16.64
N ASP A 1880 3.94 -52.59 15.53
CA ASP A 1880 2.62 -53.21 15.61
C ASP A 1880 2.68 -54.55 16.33
N LEU A 1881 3.70 -55.36 16.06
CA LEU A 1881 4.09 -56.44 16.95
C LEU A 1881 4.52 -55.81 18.27
N GLY A 1882 3.52 -55.34 19.12
CA GLY A 1882 3.79 -54.59 20.34
C GLY A 1882 4.07 -55.43 21.60
N ASN A 1883 4.56 -54.77 22.66
CA ASN A 1883 5.02 -55.45 23.87
C ASN A 1883 4.00 -55.40 25.00
N LYS A 1884 3.78 -56.48 25.79
CA LYS A 1884 4.39 -57.83 25.67
C LYS A 1884 3.46 -58.87 25.09
N LYS A 1885 2.26 -58.42 24.76
CA LYS A 1885 1.19 -59.33 24.35
C LYS A 1885 1.28 -60.66 25.10
N LYS A 1886 1.73 -60.64 26.37
CA LYS A 1886 1.62 -61.75 27.33
C LYS A 1886 1.17 -61.26 28.70
N ASP A 1887 0.11 -61.92 29.29
CA ASP A 1887 -0.73 -61.45 30.42
C ASP A 1887 -0.02 -60.74 31.57
N ASP A 1888 -0.79 -60.14 32.50
CA ASP A 1888 -0.24 -59.39 33.62
C ASP A 1888 -0.74 -59.98 34.94
N GLU A 1889 -0.02 -59.64 36.00
CA GLU A 1889 -0.32 -60.12 37.36
C GLU A 1889 -1.79 -59.91 37.69
N LYS A 1951 11.89 -58.19 36.23
CA LYS A 1951 12.18 -58.75 34.93
C LYS A 1951 11.27 -58.19 33.87
N ALA A 1952 10.76 -56.97 34.08
CA ALA A 1952 9.93 -56.34 33.07
C ALA A 1952 10.65 -56.40 31.74
N LYS A 1953 11.98 -56.25 31.78
CA LYS A 1953 12.81 -56.47 30.60
C LYS A 1953 12.23 -55.80 29.35
N ASP A 1954 11.37 -54.79 29.53
CA ASP A 1954 10.92 -54.04 28.39
C ASP A 1954 12.16 -53.72 27.58
N ASP A 1955 12.15 -54.12 26.31
CA ASP A 1955 13.34 -53.99 25.51
C ASP A 1955 14.06 -52.70 25.91
N LEU A 1956 15.38 -52.77 26.09
CA LEU A 1956 16.14 -51.63 26.60
C LEU A 1956 16.36 -50.55 25.54
N GLU A 1957 16.19 -49.28 25.95
CA GLU A 1957 16.52 -48.07 25.18
C GLU A 1957 15.61 -47.82 23.96
N MET A 1958 14.30 -48.15 24.08
CA MET A 1958 13.34 -47.97 22.97
C MET A 1958 13.19 -46.47 22.56
N SER A 1959 13.20 -45.56 23.55
CA SER A 1959 12.76 -44.18 23.32
C SER A 1959 13.70 -43.41 22.40
N ALA A 1960 15.01 -43.59 22.58
CA ALA A 1960 15.98 -42.91 21.73
C ALA A 1960 15.79 -43.26 20.24
N VAL A 1961 15.54 -44.54 19.95
CA VAL A 1961 15.39 -45.02 18.57
C VAL A 1961 14.13 -44.43 17.92
N ILE A 1962 12.99 -44.53 18.60
CA ILE A 1962 11.79 -43.94 18.01
C ILE A 1962 12.01 -42.45 17.74
N THR A 1963 12.69 -41.75 18.64
CA THR A 1963 12.97 -40.35 18.35
C THR A 1963 13.69 -40.25 17.02
N ILE A 1964 14.76 -41.01 16.86
CA ILE A 1964 15.44 -41.04 15.58
C ILE A 1964 14.45 -41.33 14.45
N MET A 1965 13.73 -42.44 14.54
CA MET A 1965 12.81 -42.80 13.47
C MET A 1965 11.88 -41.64 13.17
N GLN A 1966 11.40 -41.03 14.19
CA GLN A 1966 10.48 -39.94 14.16
C GLN A 1966 11.29 -38.67 14.08
N PRO A 1967 12.43 -38.75 13.52
CA PRO A 1967 13.08 -37.53 13.09
C PRO A 1967 12.40 -36.97 11.83
N ILE A 1968 12.47 -37.71 10.71
CA ILE A 1968 11.86 -37.25 9.46
C ILE A 1968 10.37 -37.06 9.67
N LEU A 1969 9.79 -38.03 10.33
CA LEU A 1969 8.48 -37.87 10.87
C LEU A 1969 8.42 -36.47 11.47
N ARG A 1970 9.15 -36.27 12.56
CA ARG A 1970 9.03 -35.04 13.32
C ARG A 1970 9.01 -33.82 12.41
N PHE A 1971 9.88 -33.79 11.43
CA PHE A 1971 9.76 -32.79 10.40
C PHE A 1971 8.31 -32.69 9.97
N LEU A 1972 7.79 -33.80 9.45
CA LEU A 1972 6.43 -33.77 8.96
C LEU A 1972 5.47 -33.24 10.02
N GLN A 1973 5.69 -33.59 11.27
CA GLN A 1973 4.76 -33.22 12.31
C GLN A 1973 4.73 -31.72 12.51
N LEU A 1974 5.86 -31.16 13.00
CA LEU A 1974 5.93 -29.72 13.24
C LEU A 1974 5.25 -29.05 12.05
N LEU A 1975 5.42 -29.65 10.88
CA LEU A 1975 4.67 -29.24 9.71
C LEU A 1975 3.18 -29.12 10.01
N CYS A 1976 2.58 -30.22 10.45
CA CYS A 1976 1.18 -30.15 10.82
C CYS A 1976 0.92 -28.90 11.65
N GLU A 1977 1.65 -28.73 12.76
CA GLU A 1977 1.32 -27.63 13.68
C GLU A 1977 1.28 -26.28 12.99
N ASN A 1978 2.28 -26.00 12.17
CA ASN A 1978 2.28 -24.75 11.44
C ASN A 1978 1.03 -24.64 10.58
N HIS A 1979 0.80 -25.67 9.78
CA HIS A 1979 -0.36 -25.75 8.91
C HIS A 1979 -1.63 -25.36 9.64
N ASN A 1980 -1.78 -25.82 10.88
CA ASN A 1980 -2.94 -25.44 11.66
C ASN A 1980 -2.95 -23.93 11.99
N ARG A 1981 -1.86 -23.41 12.63
CA ARG A 1981 -1.86 -22.07 13.29
C ARG A 1981 -2.04 -20.89 12.32
N ASP A 1982 -1.77 -21.06 11.02
CA ASP A 1982 -2.08 -19.94 10.11
C ASP A 1982 -3.56 -19.85 9.63
N LEU A 1983 -4.27 -21.01 9.49
CA LEU A 1983 -5.59 -21.06 8.83
C LEU A 1983 -6.56 -20.02 9.39
N GLN A 1984 -7.43 -19.53 8.53
CA GLN A 1984 -8.44 -18.53 8.91
C GLN A 1984 -9.45 -18.40 7.79
N ASN A 1985 -9.20 -17.49 6.84
CA ASN A 1985 -10.11 -17.21 5.74
C ASN A 1985 -10.19 -18.36 4.71
N PHE A 1986 -11.34 -18.40 3.96
CA PHE A 1986 -11.74 -19.54 3.09
C PHE A 1986 -10.83 -19.69 1.87
N LEU A 1987 -10.70 -18.63 1.07
CA LEU A 1987 -9.77 -18.66 -0.05
C LEU A 1987 -8.37 -19.11 0.36
N ARG A 1988 -7.92 -18.70 1.54
CA ARG A 1988 -6.74 -19.29 2.14
C ARG A 1988 -6.84 -20.82 2.15
N CYS A 1989 -7.80 -21.36 2.90
CA CYS A 1989 -8.03 -22.80 2.93
C CYS A 1989 -8.26 -23.42 1.55
N GLN A 1990 -8.45 -22.59 0.53
CA GLN A 1990 -8.92 -23.05 -0.75
C GLN A 1990 -7.83 -23.61 -1.61
N ASN A 1991 -6.59 -23.59 -1.15
CA ASN A 1991 -5.52 -24.17 -1.94
C ASN A 1991 -5.61 -23.66 -3.38
N ASN A 1992 -5.20 -22.39 -3.53
CA ASN A 1992 -5.37 -21.71 -4.80
C ASN A 1992 -5.04 -22.60 -5.99
N LYS A 1993 -5.56 -22.31 -7.18
CA LYS A 1993 -5.40 -23.17 -8.34
C LYS A 1993 -3.94 -23.58 -8.55
N THR A 1994 -3.42 -24.35 -7.62
CA THR A 1994 -2.03 -24.76 -7.69
C THR A 1994 -1.84 -25.88 -8.71
N ASN A 1995 -0.58 -26.24 -8.94
CA ASN A 1995 -0.23 -27.28 -9.91
C ASN A 1995 -0.70 -28.67 -9.47
N TYR A 1996 -0.27 -29.13 -8.29
CA TYR A 1996 -0.64 -30.45 -7.80
C TYR A 1996 -1.27 -30.37 -6.37
N ASN A 1997 -2.48 -29.77 -6.21
CA ASN A 1997 -3.07 -29.37 -4.89
C ASN A 1997 -4.19 -30.31 -4.41
N LEU A 1998 -3.77 -31.50 -3.95
CA LEU A 1998 -4.67 -32.50 -3.41
C LEU A 1998 -4.41 -32.65 -1.92
N VAL A 1999 -5.18 -31.96 -1.12
CA VAL A 1999 -5.12 -32.22 0.30
C VAL A 1999 -5.03 -33.72 0.55
N CYS A 2000 -5.43 -34.52 -0.44
CA CYS A 2000 -5.55 -35.97 -0.30
C CYS A 2000 -4.38 -36.58 0.42
N GLU A 2001 -3.18 -36.09 0.20
CA GLU A 2001 -2.06 -36.77 0.81
C GLU A 2001 -2.23 -36.87 2.33
N THR A 2002 -2.66 -35.78 2.96
CA THR A 2002 -2.86 -35.82 4.40
C THR A 2002 -3.65 -37.05 4.79
N LEU A 2003 -4.78 -37.23 4.15
CA LEU A 2003 -5.62 -38.37 4.47
C LEU A 2003 -4.88 -39.68 4.29
N GLN A 2004 -4.18 -39.77 3.18
CA GLN A 2004 -3.38 -40.93 2.96
C GLN A 2004 -2.45 -41.11 4.13
N PHE A 2005 -1.74 -40.04 4.46
CA PHE A 2005 -0.79 -40.09 5.56
C PHE A 2005 -1.50 -40.44 6.87
N LEU A 2006 -2.45 -39.62 7.25
CA LEU A 2006 -3.29 -40.06 8.32
C LEU A 2006 -3.62 -41.51 8.00
N ASP A 2007 -4.35 -41.70 6.93
CA ASP A 2007 -4.74 -43.05 6.54
C ASP A 2007 -3.58 -44.02 6.68
N CYS A 2008 -2.39 -43.56 6.37
CA CYS A 2008 -1.22 -44.43 6.33
C CYS A 2008 -0.99 -45.15 7.66
N ILE A 2009 -0.93 -44.43 8.79
CA ILE A 2009 -0.74 -45.11 10.08
C ILE A 2009 -1.99 -45.84 10.45
N CYS A 2010 -3.12 -45.24 10.13
CA CYS A 2010 -4.36 -45.97 10.15
C CYS A 2010 -4.20 -47.24 9.35
N GLY A 2011 -3.76 -47.08 8.11
CA GLY A 2011 -3.73 -48.12 7.12
C GLY A 2011 -4.58 -49.35 7.42
N SER A 2012 -4.11 -50.27 8.25
CA SER A 2012 -4.82 -51.52 8.48
C SER A 2012 -5.37 -51.44 9.88
N THR A 2013 -6.68 -51.24 9.96
CA THR A 2013 -7.35 -50.94 11.23
C THR A 2013 -8.88 -50.77 11.06
N THR A 2014 -9.51 -51.57 10.19
CA THR A 2014 -10.95 -51.44 9.96
C THR A 2014 -11.78 -51.58 11.24
N GLY A 2015 -11.42 -52.51 12.12
CA GLY A 2015 -12.14 -52.75 13.39
C GLY A 2015 -11.65 -52.00 14.62
N GLY A 2016 -11.81 -52.62 15.80
CA GLY A 2016 -11.24 -52.06 17.03
C GLY A 2016 -9.73 -52.16 17.04
N LEU A 2017 -9.04 -51.01 17.11
CA LEU A 2017 -7.64 -50.85 16.61
C LEU A 2017 -6.61 -51.81 17.19
N GLY A 2018 -5.98 -52.69 16.32
CA GLY A 2018 -4.97 -53.71 16.65
C GLY A 2018 -3.49 -53.37 16.38
N LEU A 2019 -3.18 -52.28 15.68
CA LEU A 2019 -1.84 -51.70 15.69
C LEU A 2019 -1.39 -51.40 17.10
N LEU A 2020 -2.31 -50.91 17.92
CA LEU A 2020 -2.18 -51.00 19.36
C LEU A 2020 -0.86 -50.46 19.80
N GLY A 2021 0.18 -51.27 19.77
CA GLY A 2021 1.48 -50.72 20.03
C GLY A 2021 1.69 -49.48 19.18
N LEU A 2022 1.56 -49.61 17.86
CA LEU A 2022 1.63 -48.44 16.99
C LEU A 2022 0.59 -47.44 17.42
N TYR A 2023 -0.61 -47.91 17.65
CA TYR A 2023 -1.60 -47.11 18.33
C TYR A 2023 -1.22 -46.82 19.79
N ILE A 2024 -0.67 -47.79 20.53
CA ILE A 2024 -0.25 -47.56 21.90
C ILE A 2024 1.13 -46.93 21.98
N ASN A 2025 1.76 -46.67 20.83
CA ASN A 2025 3.04 -45.96 20.71
C ASN A 2025 2.87 -44.46 20.74
N GLU A 2026 3.83 -43.77 21.35
CA GLU A 2026 3.64 -42.40 21.82
C GLU A 2026 3.72 -41.36 20.71
N LYS A 2027 4.90 -41.16 20.12
CA LYS A 2027 5.07 -40.00 19.23
C LYS A 2027 3.90 -39.85 18.26
N ASN A 2028 3.27 -40.99 17.94
CA ASN A 2028 2.12 -40.99 17.05
C ASN A 2028 1.07 -39.95 17.50
N VAL A 2029 0.82 -39.84 18.82
CA VAL A 2029 -0.38 -39.14 19.32
C VAL A 2029 -0.27 -37.63 19.14
N ALA A 2030 0.86 -37.04 19.53
CA ALA A 2030 1.06 -35.61 19.28
C ALA A 2030 0.93 -35.31 17.82
N LEU A 2031 1.68 -36.05 16.97
CA LEU A 2031 1.59 -35.82 15.53
C LEU A 2031 0.12 -35.73 15.11
N ILE A 2032 -0.66 -36.73 15.51
CA ILE A 2032 -2.03 -36.79 15.07
C ILE A 2032 -2.83 -35.56 15.55
N ASN A 2033 -3.01 -35.44 16.88
CA ASN A 2033 -3.91 -34.42 17.40
C ASN A 2033 -3.69 -33.09 16.68
N GLN A 2034 -2.44 -32.70 16.52
CA GLN A 2034 -2.18 -31.50 15.73
C GLN A 2034 -2.83 -31.64 14.34
N THR A 2035 -2.63 -32.78 13.70
CA THR A 2035 -3.29 -32.97 12.42
C THR A 2035 -4.81 -32.80 12.54
N LEU A 2036 -5.37 -33.11 13.70
CA LEU A 2036 -6.81 -33.02 13.90
C LEU A 2036 -7.25 -31.59 14.09
N GLU A 2037 -6.35 -30.74 14.55
CA GLU A 2037 -6.66 -29.34 14.73
C GLU A 2037 -6.40 -28.53 13.47
N SER A 2038 -5.37 -28.91 12.73
CA SER A 2038 -5.10 -28.27 11.44
C SER A 2038 -6.15 -28.69 10.44
N LEU A 2039 -6.17 -30.00 10.15
CA LEU A 2039 -7.32 -30.60 9.52
C LEU A 2039 -8.59 -29.97 10.07
N THR A 2040 -8.67 -29.82 11.41
CA THR A 2040 -9.88 -29.28 12.03
C THR A 2040 -10.13 -27.81 11.66
N GLU A 2041 -9.10 -27.02 11.39
CA GLU A 2041 -9.29 -25.65 10.96
C GLU A 2041 -9.59 -25.58 9.47
N TYR A 2042 -9.35 -26.67 8.73
CA TYR A 2042 -9.75 -26.81 7.33
C TYR A 2042 -11.24 -27.15 7.12
N CYS A 2043 -11.73 -28.26 7.69
CA CYS A 2043 -13.18 -28.50 7.55
C CYS A 2043 -14.00 -27.63 8.49
N GLN A 2044 -13.32 -26.80 9.32
CA GLN A 2044 -13.97 -25.84 10.22
C GLN A 2044 -14.73 -24.77 9.45
N GLY A 2045 -14.16 -24.28 8.35
CA GLY A 2045 -14.95 -23.50 7.43
C GLY A 2045 -16.17 -24.30 7.04
N PRO A 2046 -16.10 -25.62 7.19
CA PRO A 2046 -17.23 -26.49 6.81
C PRO A 2046 -17.56 -26.44 5.33
N CYS A 2047 -16.54 -26.25 4.49
CA CYS A 2047 -16.73 -26.20 3.04
C CYS A 2047 -17.44 -27.46 2.54
N HIS A 2048 -18.62 -27.26 1.91
CA HIS A 2048 -19.41 -28.37 1.36
C HIS A 2048 -18.53 -29.27 0.51
N GLU A 2049 -17.77 -28.66 -0.41
CA GLU A 2049 -16.80 -29.43 -1.17
C GLU A 2049 -15.63 -29.93 -0.29
N ASN A 2050 -15.31 -29.25 0.83
CA ASN A 2050 -14.24 -29.72 1.71
C ASN A 2050 -14.63 -30.98 2.44
N GLN A 2051 -15.64 -30.87 3.28
CA GLN A 2051 -16.20 -32.03 3.93
C GLN A 2051 -16.48 -33.16 2.92
N ASN A 2052 -16.90 -32.82 1.69
CA ASN A 2052 -17.22 -33.86 0.71
C ASN A 2052 -15.98 -34.54 0.14
N CYS A 2053 -14.95 -33.79 -0.21
CA CYS A 2053 -13.80 -34.42 -0.87
C CYS A 2053 -13.05 -35.35 0.07
N ILE A 2054 -12.89 -34.96 1.34
CA ILE A 2054 -11.98 -35.69 2.24
C ILE A 2054 -12.13 -37.23 2.27
N ALA A 2055 -13.14 -37.71 3.00
CA ALA A 2055 -13.34 -39.15 3.16
C ALA A 2055 -13.18 -39.85 1.84
N THR A 2056 -13.72 -39.24 0.81
CA THR A 2056 -13.69 -39.77 -0.52
C THR A 2056 -12.24 -40.10 -0.74
N HIS A 2057 -11.47 -39.05 -1.01
CA HIS A 2057 -10.08 -39.21 -1.43
C HIS A 2057 -9.34 -40.16 -0.47
N GLU A 2058 -9.67 -40.12 0.84
CA GLU A 2058 -9.10 -41.09 1.78
C GLU A 2058 -9.87 -42.39 1.77
N SER A 2059 -11.16 -42.33 1.50
CA SER A 2059 -12.01 -43.48 1.23
C SER A 2059 -11.68 -44.58 2.19
N ASN A 2060 -11.23 -44.20 3.35
CA ASN A 2060 -10.68 -45.16 4.27
C ASN A 2060 -10.34 -44.39 5.52
N GLY A 2061 -9.44 -43.41 5.37
CA GLY A 2061 -8.98 -42.66 6.53
C GLY A 2061 -10.18 -42.40 7.40
N ILE A 2062 -11.17 -41.77 6.79
CA ILE A 2062 -12.44 -41.57 7.45
C ILE A 2062 -12.81 -42.81 8.24
N ASP A 2063 -13.21 -43.83 7.50
CA ASP A 2063 -13.73 -45.02 8.14
C ASP A 2063 -12.93 -45.37 9.38
N ILE A 2064 -11.62 -45.36 9.25
CA ILE A 2064 -10.78 -45.64 10.40
C ILE A 2064 -11.14 -44.71 11.54
N ILE A 2065 -11.12 -43.41 11.27
CA ILE A 2065 -11.47 -42.41 12.24
C ILE A 2065 -12.64 -42.94 13.02
N THR A 2066 -13.65 -43.33 12.28
CA THR A 2066 -14.86 -43.85 12.93
C THR A 2066 -14.53 -45.06 13.80
N ALA A 2067 -13.62 -45.88 13.35
CA ALA A 2067 -13.48 -47.21 13.95
C ALA A 2067 -12.74 -47.18 15.27
N LEU A 2068 -11.80 -46.26 15.41
CA LEU A 2068 -11.05 -46.21 16.64
C LEU A 2068 -11.98 -46.00 17.83
N ILE A 2069 -12.79 -44.94 17.81
CA ILE A 2069 -13.49 -44.50 19.02
C ILE A 2069 -14.47 -45.55 19.57
N LEU A 2070 -15.05 -46.41 18.72
CA LEU A 2070 -15.91 -47.51 19.19
C LEU A 2070 -15.12 -48.70 19.70
N ASN A 2071 -13.81 -48.50 19.88
CA ASN A 2071 -12.83 -49.37 20.52
C ASN A 2071 -11.71 -48.42 20.99
N ASP A 2072 -12.12 -47.32 21.67
CA ASP A 2072 -11.36 -46.05 21.75
C ASP A 2072 -9.96 -46.23 22.33
N ILE A 2073 -9.83 -47.08 23.34
CA ILE A 2073 -8.54 -47.46 23.85
C ILE A 2073 -8.79 -48.77 24.59
N ASN A 2074 -7.93 -49.71 24.33
CA ASN A 2074 -7.99 -50.94 25.08
C ASN A 2074 -6.93 -50.73 26.16
N PRO A 2075 -5.77 -50.14 25.79
CA PRO A 2075 -4.73 -49.85 26.79
C PRO A 2075 -5.12 -48.62 27.55
N LEU A 2076 -5.67 -48.85 28.75
CA LEU A 2076 -5.94 -47.80 29.73
C LEU A 2076 -4.62 -47.26 30.31
N GLY A 2077 -4.74 -46.13 31.03
CA GLY A 2077 -3.61 -45.55 31.77
C GLY A 2077 -3.42 -44.10 31.43
N LYS A 2078 -2.33 -43.51 31.94
CA LYS A 2078 -1.96 -42.19 31.47
C LYS A 2078 -1.99 -42.21 29.94
N LYS A 2079 -1.30 -43.19 29.31
CA LYS A 2079 -1.31 -43.38 27.86
C LYS A 2079 -2.74 -43.54 27.32
N ARG A 2080 -3.58 -44.26 28.03
CA ARG A 2080 -4.95 -44.33 27.56
C ARG A 2080 -5.78 -43.09 27.87
N MET A 2081 -5.57 -42.46 29.06
CA MET A 2081 -6.30 -41.24 29.41
C MET A 2081 -6.17 -40.22 28.27
N ASP A 2082 -4.94 -40.00 27.78
CA ASP A 2082 -4.73 -39.10 26.61
C ASP A 2082 -5.34 -39.64 25.29
N LEU A 2083 -5.35 -40.98 25.11
CA LEU A 2083 -6.00 -41.54 23.91
C LEU A 2083 -7.50 -41.31 23.89
N VAL A 2084 -8.12 -41.15 25.06
CA VAL A 2084 -9.55 -40.80 25.11
C VAL A 2084 -9.77 -39.31 24.81
N LEU A 2085 -9.07 -38.39 25.54
CA LEU A 2085 -9.36 -36.94 25.40
C LEU A 2085 -8.99 -36.42 24.00
N GLU A 2086 -7.92 -36.95 23.41
CA GLU A 2086 -7.71 -36.73 21.99
C GLU A 2086 -8.79 -37.43 21.18
N LEU A 2087 -8.92 -38.77 21.37
CA LEU A 2087 -9.83 -39.62 20.61
C LEU A 2087 -11.24 -39.06 20.50
N LYS A 2088 -11.63 -38.12 21.39
CA LYS A 2088 -12.98 -37.57 21.41
C LYS A 2088 -13.07 -36.04 21.38
N ASN A 2089 -12.02 -35.31 21.76
CA ASN A 2089 -12.09 -33.85 21.62
C ASN A 2089 -11.69 -33.45 20.21
N ASN A 2090 -10.66 -34.08 19.66
CA ASN A 2090 -10.34 -33.81 18.27
C ASN A 2090 -11.38 -34.43 17.35
N ALA A 2091 -11.77 -35.66 17.63
CA ALA A 2091 -12.83 -36.29 16.88
C ALA A 2091 -14.09 -35.44 16.98
N SER A 2092 -14.38 -34.94 18.19
CA SER A 2092 -15.56 -34.10 18.37
C SER A 2092 -15.49 -32.87 17.45
N LYS A 2093 -14.48 -32.03 17.65
CA LYS A 2093 -14.41 -30.79 16.88
C LYS A 2093 -14.36 -31.08 15.39
N LEU A 2094 -13.57 -32.06 14.99
CA LEU A 2094 -13.39 -32.36 13.59
C LEU A 2094 -14.67 -32.87 12.96
N LEU A 2095 -15.15 -34.01 13.44
CA LEU A 2095 -16.45 -34.50 13.05
C LEU A 2095 -17.37 -33.32 12.82
N LEU A 2096 -17.50 -32.51 13.88
CA LEU A 2096 -18.36 -31.33 13.87
C LEU A 2096 -18.14 -30.47 12.63
N ALA A 2097 -16.89 -30.18 12.33
CA ALA A 2097 -16.61 -29.25 11.25
C ALA A 2097 -17.01 -29.84 9.90
N ILE A 2098 -16.69 -31.12 9.68
CA ILE A 2098 -17.07 -31.75 8.42
C ILE A 2098 -18.58 -31.71 8.24
N MET A 2099 -19.34 -31.89 9.33
CA MET A 2099 -20.80 -32.05 9.25
C MET A 2099 -21.65 -30.75 9.46
N GLU A 2100 -21.03 -29.57 9.58
CA GLU A 2100 -21.81 -28.36 9.85
C GLU A 2100 -22.49 -27.82 8.61
N SER A 2101 -23.30 -28.65 7.99
CA SER A 2101 -23.81 -28.30 6.67
C SER A 2101 -24.99 -29.18 6.33
N ARG A 2102 -25.45 -29.11 5.06
CA ARG A 2102 -26.60 -29.88 4.55
C ARG A 2102 -26.54 -30.17 3.05
N HIS A 2103 -26.70 -31.47 2.73
CA HIS A 2103 -26.79 -32.00 1.37
C HIS A 2103 -27.45 -33.39 1.38
N ASP A 2104 -26.69 -34.44 1.77
CA ASP A 2104 -27.15 -35.82 1.97
C ASP A 2104 -25.99 -36.79 1.70
N SER A 2105 -25.14 -36.41 0.74
CA SER A 2105 -24.04 -37.25 0.31
C SER A 2105 -22.95 -37.30 1.36
N GLU A 2106 -22.65 -36.18 2.00
CA GLU A 2106 -21.48 -36.17 2.85
C GLU A 2106 -21.66 -36.87 4.19
N ASN A 2107 -22.86 -37.35 4.53
CA ASN A 2107 -23.14 -38.01 5.81
C ASN A 2107 -23.02 -39.54 5.76
N ALA A 2108 -23.34 -40.11 4.61
CA ALA A 2108 -23.48 -41.56 4.54
C ALA A 2108 -22.14 -42.28 4.76
N GLU A 2109 -21.05 -41.78 4.17
CA GLU A 2109 -19.77 -42.51 4.16
C GLU A 2109 -19.20 -42.75 5.54
N ARG A 2110 -19.44 -41.82 6.45
CA ARG A 2110 -19.04 -42.01 7.83
C ARG A 2110 -20.02 -42.92 8.57
N ILE A 2111 -21.33 -42.75 8.38
CA ILE A 2111 -22.29 -43.55 9.16
C ILE A 2111 -22.01 -45.05 8.99
N LEU A 2112 -22.01 -45.51 7.72
CA LEU A 2112 -21.85 -46.92 7.44
C LEU A 2112 -20.60 -47.46 8.09
N TYR A 2113 -19.62 -46.59 8.33
CA TYR A 2113 -18.42 -47.00 9.05
C TYR A 2113 -18.75 -47.49 10.45
N ASN A 2114 -19.65 -46.84 11.16
CA ASN A 2114 -19.98 -47.28 12.50
C ASN A 2114 -21.21 -48.16 12.43
N MET A 2115 -21.20 -49.28 13.16
CA MET A 2115 -22.50 -49.73 13.64
C MET A 2115 -22.90 -48.53 14.48
N ARG A 2116 -23.19 -47.41 13.82
CA ARG A 2116 -23.19 -46.13 14.49
C ARG A 2116 -24.24 -46.03 15.59
N PRO A 2117 -25.52 -46.26 15.34
CA PRO A 2117 -26.45 -46.16 16.47
C PRO A 2117 -25.96 -46.90 17.74
N LYS A 2118 -25.50 -48.17 17.56
CA LYS A 2118 -25.04 -49.01 18.67
C LYS A 2118 -23.58 -48.75 19.05
N GLU A 2119 -22.70 -48.44 18.08
CA GLU A 2119 -21.31 -48.12 18.38
C GLU A 2119 -21.19 -46.79 19.14
N LEU A 2120 -22.08 -45.85 18.82
CA LEU A 2120 -22.20 -44.52 19.43
C LEU A 2120 -23.10 -44.47 20.67
N VAL A 2121 -24.04 -45.37 20.82
CA VAL A 2121 -24.84 -45.37 22.03
C VAL A 2121 -24.29 -46.27 23.12
N GLU A 2122 -23.61 -47.36 22.78
CA GLU A 2122 -22.86 -48.15 23.73
C GLU A 2122 -21.43 -47.64 23.89
N VAL A 2123 -20.96 -46.83 22.96
CA VAL A 2123 -19.77 -46.05 23.22
C VAL A 2123 -20.11 -44.74 23.93
N ILE A 2124 -21.35 -44.28 23.87
CA ILE A 2124 -21.80 -43.12 24.64
C ILE A 2124 -22.38 -43.56 25.96
N LYS A 2125 -22.67 -44.85 26.10
CA LYS A 2125 -23.03 -45.48 27.36
C LYS A 2125 -21.86 -46.21 28.01
N LYS A 2126 -20.76 -46.43 27.25
CA LYS A 2126 -19.52 -47.03 27.73
C LYS A 2126 -18.41 -46.01 27.89
N ALA A 2127 -18.42 -44.97 27.08
CA ALA A 2127 -17.73 -43.73 27.38
C ALA A 2127 -18.56 -42.79 28.24
N TYR A 2128 -19.88 -42.76 28.03
CA TYR A 2128 -20.68 -41.94 28.91
C TYR A 2128 -21.07 -42.68 30.16
N MET A 2129 -20.97 -44.00 30.19
CA MET A 2129 -21.10 -44.76 31.43
C MET A 2129 -19.74 -45.01 32.07
N GLN A 2130 -18.73 -45.38 31.26
CA GLN A 2130 -17.35 -45.46 31.75
C GLN A 2130 -16.88 -44.11 32.28
N GLY A 2131 -17.16 -43.04 31.54
CA GLY A 2131 -16.80 -41.70 31.94
C GLY A 2131 -17.76 -41.11 32.93
N GLU A 2132 -19.04 -41.49 32.86
CA GLU A 2132 -20.04 -40.98 33.79
C GLU A 2132 -19.93 -41.57 35.22
N VAL A 2133 -19.58 -42.86 35.40
CA VAL A 2133 -19.75 -43.54 36.70
C VAL A 2133 -18.78 -43.03 37.78
N GLU A 2134 -17.59 -42.55 37.40
CA GLU A 2134 -16.57 -42.07 38.34
C GLU A 2134 -16.91 -40.72 39.01
N PHE A 2135 -16.89 -39.62 38.25
CA PHE A 2135 -17.28 -38.29 38.74
C PHE A 2135 -16.40 -37.81 39.87
N GLU A 2136 -15.14 -38.23 39.87
CA GLU A 2136 -14.11 -37.66 40.72
C GLU A 2136 -13.22 -36.70 39.94
N ASP A 2137 -13.57 -36.40 38.67
CA ASP A 2137 -12.75 -35.56 37.78
C ASP A 2137 -12.50 -34.20 38.41
N GLY A 2138 -11.49 -33.49 37.90
CA GLY A 2138 -11.31 -32.09 38.23
C GLY A 2138 -12.47 -31.25 37.67
N GLU A 2139 -12.91 -30.27 38.47
CA GLU A 2139 -14.08 -29.44 38.18
C GLU A 2139 -13.65 -28.08 37.65
N ASN A 2140 -14.56 -27.43 36.93
CA ASN A 2140 -14.26 -26.19 36.20
C ASN A 2140 -12.97 -26.36 35.40
N GLY A 2141 -12.80 -27.55 34.79
CA GLY A 2141 -11.58 -27.90 34.09
C GLY A 2141 -11.50 -27.29 32.71
N GLU A 2142 -11.21 -25.98 32.62
CA GLU A 2142 -10.72 -25.39 31.39
C GLU A 2142 -9.29 -25.93 31.15
N ASP A 2143 -9.19 -26.87 30.24
CA ASP A 2143 -8.40 -28.09 30.34
C ASP A 2143 -9.38 -29.15 29.79
N GLY A 2144 -9.60 -30.29 30.43
CA GLY A 2144 -10.36 -31.38 29.81
C GLY A 2144 -11.68 -31.75 30.45
N ALA A 2145 -12.68 -32.06 29.58
CA ALA A 2145 -13.97 -32.61 29.95
C ALA A 2145 -14.23 -33.99 29.31
N ALA A 2146 -13.33 -34.47 28.45
CA ALA A 2146 -13.32 -35.84 27.92
C ALA A 2146 -14.66 -36.60 27.89
N SER A 2147 -14.78 -37.79 28.57
CA SER A 2147 -15.86 -38.77 28.32
C SER A 2147 -17.25 -38.15 28.30
N PRO A 2148 -17.37 -36.81 28.62
CA PRO A 2148 -18.69 -36.12 28.67
C PRO A 2148 -18.86 -34.84 27.82
N ARG A 2149 -17.87 -33.99 27.58
CA ARG A 2149 -18.03 -32.97 26.55
C ARG A 2149 -17.66 -33.53 25.21
N ASN A 2150 -16.86 -34.59 25.26
CA ASN A 2150 -16.73 -35.69 24.32
C ASN A 2150 -17.99 -36.58 24.30
N VAL A 2151 -18.15 -37.56 25.20
CA VAL A 2151 -19.32 -38.45 25.13
C VAL A 2151 -20.48 -37.56 24.75
N GLY A 2152 -20.44 -36.34 25.29
CA GLY A 2152 -21.33 -35.27 24.89
C GLY A 2152 -21.08 -34.78 23.49
N HIS A 2153 -19.87 -34.83 23.03
CA HIS A 2153 -19.62 -34.58 21.62
C HIS A 2153 -20.18 -35.68 20.76
N ASN A 2154 -20.21 -36.89 21.26
CA ASN A 2154 -21.01 -37.94 20.71
C ASN A 2154 -22.40 -37.39 20.59
N ILE A 2155 -23.04 -37.08 21.73
CA ILE A 2155 -24.44 -36.62 21.77
C ILE A 2155 -24.67 -35.36 20.91
N TYR A 2156 -23.60 -34.64 20.64
CA TYR A 2156 -23.69 -33.47 19.80
C TYR A 2156 -23.61 -33.85 18.35
N ILE A 2157 -22.72 -34.76 18.04
CA ILE A 2157 -22.60 -35.23 16.68
C ILE A 2157 -23.88 -35.89 16.19
N LEU A 2158 -24.30 -36.93 16.91
CA LEU A 2158 -25.63 -37.46 16.73
C LEU A 2158 -26.62 -36.31 16.54
N ALA A 2159 -26.65 -35.36 17.51
CA ALA A 2159 -27.65 -34.30 17.44
C ALA A 2159 -27.57 -33.60 16.09
N HIS A 2160 -26.38 -33.42 15.54
CA HIS A 2160 -26.22 -32.70 14.28
C HIS A 2160 -26.58 -33.52 13.05
N GLN A 2161 -26.65 -34.84 13.14
CA GLN A 2161 -26.96 -35.67 11.99
C GLN A 2161 -28.45 -35.70 11.58
N LEU A 2162 -29.40 -35.14 12.39
CA LEU A 2162 -30.87 -35.35 12.23
C LEU A 2162 -31.58 -34.42 11.19
N ALA A 2163 -30.84 -33.74 10.32
CA ALA A 2163 -31.40 -32.75 9.39
C ALA A 2163 -32.35 -33.37 8.35
N ARG A 2164 -31.97 -34.51 7.81
CA ARG A 2164 -32.82 -35.21 6.87
C ARG A 2164 -32.54 -36.71 7.03
N HIS A 2165 -33.15 -37.51 6.17
CA HIS A 2165 -32.92 -38.95 6.11
C HIS A 2165 -33.91 -39.70 6.97
N ASN A 2166 -33.89 -41.02 6.84
CA ASN A 2166 -34.71 -41.89 7.64
C ASN A 2166 -33.88 -42.75 8.58
N LYS A 2167 -32.70 -43.21 8.16
CA LYS A 2167 -31.83 -43.96 9.06
C LYS A 2167 -31.50 -43.14 10.32
N GLU A 2168 -31.18 -41.85 10.15
CA GLU A 2168 -30.84 -40.98 11.28
C GLU A 2168 -32.04 -40.63 12.15
N LEU A 2169 -33.24 -40.64 11.60
CA LEU A 2169 -34.38 -40.68 12.50
C LEU A 2169 -34.30 -41.93 13.38
N GLN A 2170 -33.78 -43.05 12.83
CA GLN A 2170 -33.61 -44.35 13.49
C GLN A 2170 -32.67 -44.33 14.67
N THR A 2171 -31.38 -44.16 14.40
CA THR A 2171 -30.50 -43.93 15.51
C THR A 2171 -30.97 -42.75 16.36
N MET A 2172 -31.86 -41.87 15.82
CA MET A 2172 -32.32 -40.67 16.51
C MET A 2172 -33.43 -40.92 17.54
N LEU A 2173 -34.16 -42.03 17.44
CA LEU A 2173 -35.23 -42.31 18.40
C LEU A 2173 -34.78 -42.35 19.89
N LYS A 2174 -33.55 -42.85 20.15
CA LYS A 2174 -33.14 -43.17 21.53
C LYS A 2174 -32.90 -41.96 22.43
N PRO A 2175 -32.01 -41.05 22.10
CA PRO A 2175 -32.11 -39.75 22.73
C PRO A 2175 -33.48 -39.15 22.55
N GLY A 2176 -34.11 -39.45 21.38
CA GLY A 2176 -35.41 -38.89 21.04
C GLY A 2176 -36.47 -39.27 22.04
N GLY A 2177 -36.37 -40.47 22.60
CA GLY A 2177 -37.28 -40.86 23.65
C GLY A 2177 -36.56 -41.64 24.73
N GLN A 2178 -37.40 -42.33 25.51
CA GLN A 2178 -37.02 -43.53 26.25
C GLN A 2178 -36.95 -43.32 27.76
N VAL A 2179 -37.57 -44.26 28.47
CA VAL A 2179 -37.46 -44.25 29.91
C VAL A 2179 -36.21 -44.99 30.36
N ASP A 2180 -35.75 -45.96 29.55
CA ASP A 2180 -34.61 -46.80 29.91
C ASP A 2180 -33.59 -45.96 30.65
N GLY A 2181 -32.96 -46.61 31.63
CA GLY A 2181 -31.98 -45.90 32.44
C GLY A 2181 -30.79 -45.45 31.62
N ASP A 2182 -30.44 -46.20 30.57
CA ASP A 2182 -29.40 -45.77 29.65
C ASP A 2182 -29.94 -44.74 28.66
N GLU A 2183 -31.20 -44.84 28.26
CA GLU A 2183 -31.82 -43.75 27.52
C GLU A 2183 -32.27 -42.60 28.40
N ALA A 2184 -32.13 -42.73 29.74
CA ALA A 2184 -32.30 -41.66 30.71
C ALA A 2184 -31.00 -41.10 31.28
N LEU A 2185 -29.86 -41.74 31.05
CA LEU A 2185 -28.58 -41.06 31.20
C LEU A 2185 -28.19 -40.41 29.89
N GLU A 2186 -28.66 -41.00 28.78
CA GLU A 2186 -28.74 -40.36 27.46
C GLU A 2186 -29.73 -39.23 27.45
N PHE A 2187 -30.90 -39.44 28.04
CA PHE A 2187 -31.68 -38.30 28.43
C PHE A 2187 -30.82 -37.37 29.31
N TYR A 2188 -30.06 -37.94 30.26
CA TYR A 2188 -29.12 -37.14 31.05
C TYR A 2188 -28.25 -36.28 30.16
N ALA A 2189 -27.98 -36.73 28.94
CA ALA A 2189 -27.55 -35.80 27.91
C ALA A 2189 -28.69 -34.94 27.38
N LYS A 2190 -29.34 -35.28 26.26
CA LYS A 2190 -30.31 -34.41 25.57
C LYS A 2190 -30.75 -33.20 26.40
N HIS A 2191 -31.08 -33.37 27.69
CA HIS A 2191 -31.32 -32.17 28.52
C HIS A 2191 -30.03 -31.65 29.14
N THR A 2192 -29.25 -32.52 29.79
CA THR A 2192 -27.92 -32.11 30.21
C THR A 2192 -26.96 -31.93 29.04
N ALA A 2193 -27.31 -32.44 27.89
CA ALA A 2193 -26.82 -31.97 26.62
C ALA A 2193 -27.67 -30.76 26.28
N GLN A 2194 -27.08 -29.81 25.57
CA GLN A 2194 -27.92 -28.74 25.08
C GLN A 2194 -29.09 -29.36 24.32
N ILE A 2195 -28.80 -30.30 23.39
CA ILE A 2195 -29.79 -30.87 22.47
C ILE A 2195 -30.74 -29.77 21.98
N GLU A 2196 -30.17 -28.75 21.24
CA GLU A 2196 -30.83 -27.62 20.54
C GLU A 2196 -29.89 -26.70 19.74
N ILE A 2197 -30.31 -26.11 18.64
CA ILE A 2197 -29.39 -25.43 17.74
C ILE A 2197 -29.53 -23.95 17.94
N VAL A 2198 -28.54 -23.27 17.57
CA VAL A 2198 -28.53 -21.82 17.67
C VAL A 2198 -29.01 -21.22 16.35
N ARG A 2199 -29.66 -20.04 16.41
CA ARG A 2199 -30.20 -19.30 15.25
C ARG A 2199 -29.12 -18.67 14.34
N LEU A 2200 -29.34 -18.74 12.98
CA LEU A 2200 -28.35 -18.35 11.97
C LEU A 2200 -28.96 -17.33 10.98
N ASP A 2201 -28.48 -16.07 11.06
CA ASP A 2201 -28.83 -15.12 10.01
C ASP A 2201 -28.27 -15.56 8.67
N ARG A 2202 -27.14 -16.32 8.71
CA ARG A 2202 -26.40 -16.88 7.59
C ARG A 2202 -25.19 -16.04 7.11
N THR A 2203 -23.97 -16.64 7.08
CA THR A 2203 -22.71 -15.97 6.72
C THR A 2203 -22.37 -16.15 5.22
N MET A 2204 -21.81 -15.08 4.61
CA MET A 2204 -21.34 -15.05 3.21
C MET A 2204 -22.37 -14.50 2.20
N GLU A 2205 -23.50 -15.13 2.00
CA GLU A 2205 -24.47 -14.48 1.12
C GLU A 2205 -25.88 -15.00 1.38
N GLN A 2206 -26.27 -15.02 2.67
CA GLN A 2206 -27.55 -15.57 3.10
C GLN A 2206 -27.74 -17.05 2.71
N ILE A 2207 -27.09 -18.04 3.39
CA ILE A 2207 -27.01 -19.47 2.98
C ILE A 2207 -27.37 -20.57 4.02
N VAL A 2208 -26.37 -21.01 4.84
CA VAL A 2208 -26.50 -22.24 5.62
C VAL A 2208 -27.39 -22.04 6.84
N PHE A 2209 -28.03 -23.10 7.23
CA PHE A 2209 -29.07 -22.97 8.21
C PHE A 2209 -28.51 -22.95 9.62
N PRO A 2210 -27.81 -24.03 10.12
CA PRO A 2210 -27.49 -24.06 11.57
C PRO A 2210 -26.53 -25.15 12.09
N VAL A 2211 -26.15 -24.93 13.34
CA VAL A 2211 -25.24 -25.79 14.10
C VAL A 2211 -25.31 -25.48 15.62
N PRO A 2212 -25.30 -26.51 16.44
CA PRO A 2212 -25.43 -26.31 17.90
C PRO A 2212 -24.31 -25.45 18.52
N SER A 2213 -24.61 -24.89 19.67
CA SER A 2213 -23.59 -24.30 20.53
C SER A 2213 -23.75 -24.78 21.97
N ILE A 2214 -22.70 -25.44 22.49
CA ILE A 2214 -22.72 -26.09 23.81
C ILE A 2214 -23.41 -25.17 24.82
N CYS A 2215 -24.24 -25.74 25.68
CA CYS A 2215 -24.96 -24.94 26.65
C CYS A 2215 -25.88 -25.85 27.42
N GLU A 2216 -25.29 -26.85 28.01
CA GLU A 2216 -26.05 -28.00 28.41
C GLU A 2216 -25.95 -28.20 29.90
N PHE A 2217 -26.29 -27.20 30.70
CA PHE A 2217 -26.13 -27.35 32.13
C PHE A 2217 -26.93 -28.50 32.66
N SER B 6 7.67 27.41 -42.32
CA SER B 6 6.85 28.55 -42.05
C SER B 6 6.12 28.45 -40.68
N SER B 7 4.93 27.79 -40.64
CA SER B 7 4.13 27.60 -39.40
C SER B 7 3.10 26.44 -39.48
N PHE B 8 2.91 25.71 -38.34
CA PHE B 8 2.19 24.43 -38.33
C PHE B 8 1.07 24.38 -37.30
N LEU B 9 0.38 23.27 -37.28
CA LEU B 9 -0.60 22.99 -36.27
C LEU B 9 -0.05 21.97 -35.29
N HIS B 10 -0.48 22.05 -34.04
CA HIS B 10 0.14 21.24 -33.01
C HIS B 10 -0.89 20.73 -32.06
N ILE B 11 -0.52 19.68 -31.36
CA ILE B 11 -1.41 19.17 -30.36
C ILE B 11 -1.62 20.27 -29.34
N GLY B 12 -2.86 20.74 -29.21
CA GLY B 12 -3.22 21.75 -28.24
C GLY B 12 -3.70 23.03 -28.87
N ASP B 13 -3.23 23.34 -30.08
CA ASP B 13 -3.81 24.42 -30.82
C ASP B 13 -5.33 24.37 -30.72
N ILE B 14 -5.93 25.55 -30.72
CA ILE B 14 -7.37 25.72 -30.83
C ILE B 14 -7.65 26.45 -32.14
N CYS B 15 -8.26 25.76 -33.10
CA CYS B 15 -8.55 26.28 -34.44
C CYS B 15 -10.03 26.08 -34.79
N SER B 16 -10.50 26.71 -35.87
CA SER B 16 -11.80 26.42 -36.46
C SER B 16 -11.61 25.77 -37.81
N LEU B 17 -12.66 25.16 -38.26
CA LEU B 17 -12.63 24.49 -39.53
C LEU B 17 -13.56 25.25 -40.42
N TYR B 18 -13.10 25.50 -41.61
CA TYR B 18 -13.89 26.18 -42.64
C TYR B 18 -13.94 25.29 -43.88
N ALA B 19 -15.13 24.70 -44.10
CA ALA B 19 -15.50 23.91 -45.29
C ALA B 19 -15.49 24.71 -46.59
N GLU B 20 -14.92 24.07 -47.64
CA GLU B 20 -14.72 24.66 -48.96
C GLU B 20 -15.23 23.74 -50.07
N GLY B 21 -16.31 23.00 -49.81
CA GLY B 21 -16.97 22.20 -50.84
C GLY B 21 -18.05 23.01 -51.52
N SER B 22 -19.15 22.36 -51.88
CA SER B 22 -20.25 23.08 -52.52
C SER B 22 -20.91 24.06 -51.56
N THR B 23 -21.25 23.60 -50.37
CA THR B 23 -21.67 24.53 -49.34
C THR B 23 -20.43 24.92 -48.59
N ASN B 24 -20.37 26.15 -48.11
CA ASN B 24 -19.20 26.64 -47.37
C ASN B 24 -19.59 27.03 -45.95
N GLY B 25 -18.65 26.98 -45.00
CA GLY B 25 -18.93 27.42 -43.62
C GLY B 25 -17.95 26.98 -42.54
N PHE B 26 -18.25 27.31 -41.27
CA PHE B 26 -17.51 26.79 -40.12
C PHE B 26 -18.41 25.97 -39.20
N ILE B 27 -17.86 24.92 -38.60
CA ILE B 27 -18.71 24.00 -37.84
C ILE B 27 -19.16 24.61 -36.52
N SER B 28 -20.38 24.26 -36.09
CA SER B 28 -20.87 24.77 -34.81
C SER B 28 -22.03 23.94 -34.30
N THR B 29 -22.31 24.10 -33.02
CA THR B 29 -23.34 23.33 -32.33
C THR B 29 -24.64 24.09 -32.27
N LEU B 30 -25.72 23.32 -32.16
CA LEU B 30 -27.02 23.88 -31.86
C LEU B 30 -27.15 24.22 -30.39
N GLY B 31 -26.16 23.92 -29.60
CA GLY B 31 -26.18 24.30 -28.20
C GLY B 31 -25.95 23.11 -27.33
N LEU B 32 -26.07 23.31 -26.03
CA LEU B 32 -25.75 22.29 -25.06
C LEU B 32 -26.86 21.30 -24.90
N VAL B 33 -28.00 21.57 -25.47
CA VAL B 33 -29.07 20.59 -25.43
C VAL B 33 -28.92 19.67 -26.65
N ASP B 34 -29.02 20.25 -27.84
CA ASP B 34 -29.11 19.48 -29.07
C ASP B 34 -27.74 19.03 -29.42
N ASP B 35 -27.54 17.73 -29.38
CA ASP B 35 -26.27 17.19 -29.82
C ASP B 35 -26.42 16.99 -31.33
N ARG B 36 -26.45 18.10 -32.04
CA ARG B 36 -26.43 18.09 -33.48
C ARG B 36 -25.34 19.03 -33.95
N CYS B 37 -24.67 18.66 -35.05
CA CYS B 37 -23.61 19.43 -35.66
C CYS B 37 -24.03 19.97 -37.02
N VAL B 38 -23.57 21.19 -37.35
CA VAL B 38 -24.03 21.78 -38.61
C VAL B 38 -23.10 22.88 -39.11
N VAL B 39 -23.32 23.30 -40.35
CA VAL B 39 -22.70 24.49 -40.93
C VAL B 39 -23.81 25.49 -41.26
N GLN B 40 -23.80 26.65 -40.57
CA GLN B 40 -24.69 27.75 -40.91
C GLN B 40 -24.07 28.68 -41.95
N PRO B 41 -24.45 28.56 -43.23
CA PRO B 41 -23.58 29.10 -44.29
C PRO B 41 -23.42 30.62 -44.29
N GLU B 42 -24.48 31.36 -44.05
CA GLU B 42 -24.42 32.81 -44.16
C GLU B 42 -23.97 33.47 -42.88
N ALA B 43 -23.88 32.67 -41.83
CA ALA B 43 -23.59 33.24 -40.54
C ALA B 43 -22.32 34.04 -40.64
N GLY B 44 -21.37 33.52 -41.37
CA GLY B 44 -20.06 34.11 -41.36
C GLY B 44 -19.13 33.36 -42.24
N ASP B 45 -18.07 34.06 -42.65
CA ASP B 45 -17.07 33.49 -43.52
C ASP B 45 -15.67 33.79 -43.00
N LEU B 46 -14.63 33.50 -43.80
CA LEU B 46 -13.27 33.95 -43.51
C LEU B 46 -13.18 35.47 -43.21
N ASN B 47 -13.45 36.29 -44.21
CA ASN B 47 -13.36 37.73 -44.00
C ASN B 47 -14.24 38.20 -42.85
N ASN B 48 -15.57 38.17 -43.07
CA ASN B 48 -16.52 38.68 -42.10
C ASN B 48 -16.64 37.64 -41.02
N PRO B 49 -15.68 37.59 -40.13
CA PRO B 49 -15.75 36.64 -39.08
C PRO B 49 -17.15 36.62 -38.49
N PRO B 50 -17.73 35.48 -38.34
CA PRO B 50 -19.10 35.42 -37.81
C PRO B 50 -19.27 36.13 -36.50
N LYS B 51 -20.42 35.89 -35.91
CA LYS B 51 -20.79 36.51 -34.64
C LYS B 51 -20.28 35.67 -33.48
N LYS B 52 -21.00 34.56 -33.18
CA LYS B 52 -20.80 33.78 -31.97
C LYS B 52 -19.63 32.81 -32.11
N PHE B 53 -18.52 33.32 -32.59
CA PHE B 53 -17.40 32.50 -33.00
C PHE B 53 -16.91 31.53 -31.94
N ARG B 54 -17.53 31.56 -30.77
CA ARG B 54 -17.11 30.63 -29.74
C ARG B 54 -17.60 29.20 -29.93
N ASP B 55 -18.58 28.95 -30.80
CA ASP B 55 -19.15 27.64 -30.98
C ASP B 55 -18.58 26.93 -32.18
N CYS B 56 -17.68 27.57 -32.91
CA CYS B 56 -16.94 26.94 -33.99
C CYS B 56 -15.45 26.88 -33.71
N LEU B 57 -15.09 26.83 -32.43
CA LEU B 57 -13.71 26.71 -32.00
C LEU B 57 -13.44 25.32 -31.41
N PHE B 58 -12.30 24.70 -31.80
CA PHE B 58 -11.89 23.35 -31.40
C PHE B 58 -10.44 23.27 -30.94
N LYS B 59 -10.19 22.33 -30.03
CA LYS B 59 -8.84 22.05 -29.56
C LYS B 59 -8.41 20.71 -30.09
N LEU B 60 -7.21 20.69 -30.60
CA LEU B 60 -6.67 19.47 -31.12
C LEU B 60 -6.34 18.55 -29.97
N CYS B 61 -6.85 17.32 -30.02
CA CYS B 61 -6.67 16.27 -29.05
C CYS B 61 -6.10 15.00 -29.66
N PRO B 62 -5.17 14.33 -29.01
CA PRO B 62 -4.56 13.13 -29.62
C PRO B 62 -5.51 11.96 -29.79
N MET B 63 -4.95 10.83 -30.21
CA MET B 63 -5.72 9.62 -30.33
C MET B 63 -6.07 9.15 -28.93
N ASN B 64 -7.34 9.21 -28.58
CA ASN B 64 -7.77 8.83 -27.24
C ASN B 64 -7.96 7.34 -27.15
N ARG B 65 -7.82 6.81 -25.94
CA ARG B 65 -7.93 5.40 -25.68
C ARG B 65 -9.40 5.07 -25.41
N TYR B 66 -9.97 4.10 -26.16
CA TYR B 66 -11.35 3.65 -25.92
C TYR B 66 -11.47 2.11 -26.06
N SER B 67 -11.04 1.34 -25.03
CA SER B 67 -11.21 -0.12 -24.95
C SER B 67 -11.76 -0.69 -23.61
N ALA B 68 -11.17 -0.29 -22.46
CA ALA B 68 -11.72 -0.66 -21.14
C ALA B 68 -12.93 0.19 -20.77
N GLN B 69 -12.99 1.42 -21.28
CA GLN B 69 -14.18 2.22 -21.14
C GLN B 69 -15.29 1.71 -22.04
N LYS B 70 -14.91 1.11 -23.18
CA LYS B 70 -15.88 0.45 -24.05
C LYS B 70 -16.34 -0.86 -23.44
N GLN B 71 -15.40 -1.61 -22.86
CA GLN B 71 -15.76 -2.77 -22.07
C GLN B 71 -16.78 -2.41 -20.99
N PHE B 72 -16.48 -1.41 -20.15
CA PHE B 72 -17.39 -1.09 -19.04
C PHE B 72 -18.77 -0.67 -19.54
N TRP B 73 -18.90 -0.31 -20.83
CA TRP B 73 -20.18 -0.01 -21.51
C TRP B 73 -20.89 -1.25 -22.04
N LYS B 74 -20.95 -2.27 -21.21
CA LYS B 74 -21.82 -3.42 -21.38
C LYS B 74 -22.54 -3.68 -20.06
N ALA B 75 -23.00 -2.59 -19.43
CA ALA B 75 -23.82 -2.63 -18.22
C ALA B 75 -25.31 -2.72 -18.60
N SER B 82 -25.60 -6.89 -19.56
CA SER B 82 -25.02 -8.19 -19.81
C SER B 82 -24.14 -8.79 -18.66
N THR B 83 -24.16 -8.22 -17.45
CA THR B 83 -23.33 -8.74 -16.36
C THR B 83 -24.14 -8.79 -15.09
N THR B 84 -24.30 -9.96 -14.52
CA THR B 84 -24.93 -10.02 -13.21
C THR B 84 -23.93 -9.68 -12.13
N ASP B 85 -22.67 -9.99 -12.35
CA ASP B 85 -21.69 -9.81 -11.31
C ASP B 85 -21.47 -8.33 -11.12
N ALA B 86 -21.46 -7.95 -9.86
CA ALA B 86 -21.20 -6.57 -9.47
C ALA B 86 -19.69 -6.32 -9.45
N VAL B 87 -18.94 -7.24 -8.80
CA VAL B 87 -17.49 -7.05 -8.64
C VAL B 87 -16.86 -6.95 -10.03
N LEU B 88 -17.49 -7.56 -11.02
CA LEU B 88 -17.08 -7.41 -12.42
C LEU B 88 -17.44 -6.04 -12.99
N LEU B 89 -18.51 -5.44 -12.52
CA LEU B 89 -18.84 -4.13 -13.06
C LEU B 89 -18.06 -2.98 -12.42
N ASN B 90 -17.62 -3.14 -11.16
CA ASN B 90 -16.81 -2.13 -10.51
C ASN B 90 -15.36 -2.29 -10.87
N LYS B 91 -14.91 -3.54 -11.02
CA LYS B 91 -13.69 -3.76 -11.78
C LYS B 91 -13.83 -3.04 -13.12
N LEU B 92 -14.75 -3.52 -13.95
CA LEU B 92 -14.92 -2.96 -15.29
C LEU B 92 -14.90 -1.45 -15.25
N HIS B 93 -15.70 -0.89 -14.37
CA HIS B 93 -15.72 0.55 -14.21
C HIS B 93 -14.34 1.06 -13.84
N HIS B 94 -13.68 0.36 -12.92
CA HIS B 94 -12.37 0.79 -12.45
C HIS B 94 -11.38 0.92 -13.62
N ALA B 95 -11.34 -0.07 -14.50
CA ALA B 95 -10.40 0.02 -15.64
C ALA B 95 -10.80 1.14 -16.57
N ALA B 96 -12.09 1.24 -16.84
CA ALA B 96 -12.54 2.34 -17.67
C ALA B 96 -11.98 3.66 -17.15
N ASP B 97 -11.93 3.81 -15.82
CA ASP B 97 -11.42 5.07 -15.27
C ASP B 97 -9.89 5.19 -15.35
N LEU B 98 -9.16 4.08 -15.15
CA LEU B 98 -7.70 4.13 -15.26
C LEU B 98 -7.25 4.43 -16.68
N GLU B 99 -7.77 3.72 -17.66
CA GLU B 99 -7.41 4.08 -19.01
C GLU B 99 -7.79 5.52 -19.29
N LYS B 100 -8.99 5.93 -18.82
CA LYS B 100 -9.45 7.31 -18.99
C LYS B 100 -8.41 8.30 -18.57
N LYS B 101 -8.01 8.22 -17.32
CA LYS B 101 -6.93 9.09 -16.91
C LYS B 101 -5.77 8.89 -17.87
N GLN B 102 -5.49 7.61 -18.20
CA GLN B 102 -4.34 7.27 -19.03
C GLN B 102 -4.29 8.19 -20.23
N ASN B 103 -5.42 8.31 -20.89
CA ASN B 103 -5.55 9.30 -21.93
C ASN B 103 -4.99 10.63 -21.46
N GLU B 104 -5.56 11.19 -20.43
CA GLU B 104 -5.17 12.52 -20.04
C GLU B 104 -3.67 12.64 -19.94
N THR B 105 -3.10 11.84 -19.06
CA THR B 105 -1.67 11.91 -18.88
C THR B 105 -1.00 11.98 -20.21
N GLU B 106 -1.03 10.85 -20.93
CA GLU B 106 -0.29 10.83 -22.16
C GLU B 106 -0.60 12.12 -22.90
N ASN B 107 -1.88 12.40 -22.99
CA ASN B 107 -2.36 13.53 -23.77
C ASN B 107 -1.65 14.78 -23.36
N ARG B 108 -1.23 14.85 -22.13
CA ARG B 108 -0.51 16.03 -21.75
C ARG B 108 0.88 16.04 -22.38
N LYS B 109 1.45 14.87 -22.64
CA LYS B 109 2.82 14.85 -23.13
C LYS B 109 2.94 15.36 -24.57
N LEU B 110 2.02 14.96 -25.43
CA LEU B 110 2.06 15.26 -26.86
C LEU B 110 1.68 16.66 -27.19
N LEU B 111 1.28 17.38 -26.16
CA LEU B 111 0.81 18.70 -26.39
C LEU B 111 1.78 19.41 -27.26
N GLY B 112 1.30 20.36 -28.01
CA GLY B 112 2.17 21.10 -28.83
C GLY B 112 2.69 20.28 -29.96
N THR B 113 2.68 18.97 -29.84
CA THR B 113 3.26 18.18 -30.87
C THR B 113 2.55 18.54 -32.14
N VAL B 114 3.35 18.82 -33.16
CA VAL B 114 2.81 19.13 -34.45
C VAL B 114 2.11 17.89 -35.00
N ILE B 115 1.11 18.12 -35.80
CA ILE B 115 0.40 17.02 -36.44
C ILE B 115 0.96 16.75 -37.84
N GLN B 116 1.21 15.47 -38.15
CA GLN B 116 1.61 15.07 -39.49
C GLN B 116 0.40 14.48 -40.20
N TYR B 117 0.38 14.67 -41.50
CA TYR B 117 -0.76 14.20 -42.24
C TYR B 117 -0.91 12.70 -42.04
N GLY B 118 -2.14 12.23 -41.86
CA GLY B 118 -2.31 10.84 -41.64
C GLY B 118 -1.95 10.45 -40.24
N ASN B 119 -1.89 11.41 -39.34
CA ASN B 119 -1.98 11.11 -37.94
C ASN B 119 -3.44 10.90 -37.59
N VAL B 120 -3.68 10.46 -36.36
CA VAL B 120 -5.00 10.04 -35.90
C VAL B 120 -5.44 10.85 -34.72
N ILE B 121 -5.94 12.04 -34.99
CA ILE B 121 -6.29 12.96 -33.96
C ILE B 121 -7.79 12.95 -33.76
N GLN B 122 -8.17 13.34 -32.56
CA GLN B 122 -9.54 13.60 -32.17
C GLN B 122 -9.71 15.08 -31.92
N LEU B 123 -10.85 15.61 -32.30
CA LEU B 123 -11.09 17.05 -32.27
C LEU B 123 -12.11 17.43 -31.22
N LEU B 124 -11.73 18.29 -30.27
CA LEU B 124 -12.59 18.61 -29.12
C LEU B 124 -13.36 19.93 -29.21
N HIS B 125 -14.72 19.88 -29.08
CA HIS B 125 -15.64 21.03 -29.20
C HIS B 125 -15.66 21.83 -27.91
N LEU B 126 -14.94 22.94 -27.94
CA LEU B 126 -14.75 23.73 -26.76
C LEU B 126 -16.10 24.01 -26.14
N LYS B 127 -16.85 24.89 -26.78
CA LYS B 127 -17.98 25.49 -26.12
C LYS B 127 -18.90 24.44 -25.59
N SER B 128 -19.06 23.39 -26.35
CA SER B 128 -19.86 22.29 -25.89
C SER B 128 -19.06 21.33 -25.08
N ASN B 129 -17.76 21.32 -25.26
CA ASN B 129 -16.93 20.34 -24.58
C ASN B 129 -17.30 18.93 -24.99
N LYS B 130 -18.04 18.74 -26.06
CA LYS B 130 -18.32 17.41 -26.52
C LYS B 130 -17.44 17.11 -27.71
N TYR B 131 -17.10 15.84 -27.84
CA TYR B 131 -16.29 15.33 -28.95
C TYR B 131 -17.17 15.11 -30.17
N LEU B 132 -16.66 15.48 -31.33
CA LEU B 132 -17.31 15.12 -32.56
C LEU B 132 -17.10 13.64 -32.87
N THR B 133 -18.17 13.00 -33.31
CA THR B 133 -18.11 11.55 -33.35
C THR B 133 -18.99 11.06 -34.46
N VAL B 134 -18.43 10.30 -35.34
CA VAL B 134 -19.23 9.58 -36.31
C VAL B 134 -19.91 8.45 -35.57
N ASN B 135 -21.19 8.25 -35.87
CA ASN B 135 -21.99 7.12 -35.37
C ASN B 135 -22.13 6.12 -36.52
N LYS B 136 -21.06 5.29 -36.68
CA LYS B 136 -20.95 4.46 -37.86
C LYS B 136 -22.23 3.67 -38.13
N ARG B 137 -22.97 3.26 -37.10
CA ARG B 137 -24.16 2.38 -37.18
C ARG B 137 -25.44 3.21 -37.04
N LEU B 138 -25.51 4.28 -37.82
CA LEU B 138 -26.70 5.10 -37.84
C LEU B 138 -26.75 5.78 -39.20
N PRO B 139 -27.94 6.03 -39.74
CA PRO B 139 -28.04 6.96 -40.87
C PRO B 139 -27.93 8.40 -40.38
N ALA B 140 -27.89 9.34 -41.34
CA ALA B 140 -27.97 10.75 -40.98
C ALA B 140 -29.40 11.24 -41.05
N LEU B 141 -29.69 12.34 -40.33
CA LEU B 141 -31.07 12.79 -40.12
C LEU B 141 -31.58 13.68 -41.26
N LEU B 142 -30.74 14.52 -41.85
CA LEU B 142 -31.13 15.31 -43.00
C LEU B 142 -30.60 14.73 -44.29
N GLU B 143 -29.66 13.83 -44.20
CA GLU B 143 -29.17 13.11 -45.34
C GLU B 143 -29.30 11.62 -45.09
N LYS B 144 -29.76 10.90 -46.11
CA LYS B 144 -30.24 9.53 -45.96
C LYS B 144 -29.10 8.53 -45.84
N ASN B 145 -28.25 8.47 -46.85
CA ASN B 145 -27.18 7.48 -46.83
C ASN B 145 -26.20 7.79 -45.71
N ALA B 146 -25.95 9.08 -45.44
CA ALA B 146 -24.80 9.47 -44.63
C ALA B 146 -25.03 9.13 -43.17
N MET B 147 -23.93 8.78 -42.51
CA MET B 147 -23.91 8.30 -41.15
C MET B 147 -24.11 9.47 -40.18
N ARG B 148 -24.52 9.13 -38.96
CA ARG B 148 -24.93 10.10 -37.93
C ARG B 148 -23.73 10.64 -37.15
N VAL B 149 -23.25 11.82 -37.54
CA VAL B 149 -22.16 12.49 -36.83
C VAL B 149 -22.74 13.37 -35.74
N THR B 150 -22.35 13.11 -34.51
CA THR B 150 -22.89 13.85 -33.38
C THR B 150 -21.77 14.41 -32.54
N LEU B 151 -22.10 14.88 -31.33
CA LEU B 151 -21.13 15.36 -30.35
C LEU B 151 -21.26 14.55 -29.05
N ASP B 152 -20.56 13.42 -28.99
CA ASP B 152 -20.55 12.57 -27.80
C ASP B 152 -19.65 13.19 -26.76
N GLU B 153 -20.15 13.26 -25.54
CA GLU B 153 -19.33 13.89 -24.54
C GLU B 153 -18.00 13.18 -24.44
N ALA B 154 -18.00 11.87 -24.17
CA ALA B 154 -16.76 11.16 -23.86
C ALA B 154 -16.08 10.58 -25.08
N GLY B 155 -16.75 10.47 -26.18
CA GLY B 155 -16.08 9.96 -27.34
C GLY B 155 -16.05 8.45 -27.38
N ASN B 156 -15.32 7.93 -28.37
CA ASN B 156 -15.16 6.50 -28.63
C ASN B 156 -14.17 6.34 -29.79
N GLU B 157 -14.10 5.14 -30.35
CA GLU B 157 -13.19 4.93 -31.47
C GLU B 157 -13.61 5.71 -32.71
N GLY B 158 -14.90 6.03 -32.88
CA GLY B 158 -15.42 6.78 -34.02
C GLY B 158 -15.25 8.28 -33.97
N SER B 159 -14.45 8.76 -33.02
CA SER B 159 -13.99 10.14 -32.98
C SER B 159 -12.56 10.28 -33.49
N TRP B 160 -11.92 9.16 -33.80
CA TRP B 160 -10.61 9.23 -34.41
C TRP B 160 -10.74 9.75 -35.85
N PHE B 161 -9.79 10.58 -36.29
CA PHE B 161 -9.86 11.12 -37.65
C PHE B 161 -8.49 11.19 -38.30
N TYR B 162 -8.36 10.52 -39.47
CA TYR B 162 -7.16 10.58 -40.29
C TYR B 162 -7.12 11.91 -40.97
N ILE B 163 -6.18 12.74 -40.53
CA ILE B 163 -5.95 14.02 -41.16
C ILE B 163 -5.12 13.72 -42.42
N GLN B 164 -5.79 13.69 -43.56
CA GLN B 164 -5.03 13.43 -44.78
C GLN B 164 -5.11 14.64 -45.71
N PRO B 165 -4.03 15.01 -46.36
CA PRO B 165 -4.09 16.23 -47.16
C PRO B 165 -5.07 16.11 -48.30
N PHE B 166 -5.67 17.26 -48.64
CA PHE B 166 -6.66 17.34 -49.70
C PHE B 166 -6.06 17.51 -51.10
N TYR B 167 -5.63 18.73 -51.43
CA TYR B 167 -4.80 18.96 -52.61
C TYR B 167 -3.39 18.47 -52.33
N LYS B 168 -2.81 17.72 -53.30
CA LYS B 168 -1.52 17.03 -53.12
C LYS B 168 -0.32 18.05 -52.97
N LEU B 169 -0.62 19.35 -52.81
CA LEU B 169 0.45 20.31 -52.56
C LEU B 169 1.36 19.81 -51.46
N ARG B 170 0.78 19.22 -50.42
CA ARG B 170 1.46 18.44 -49.42
C ARG B 170 0.91 17.01 -49.46
N SER B 171 1.65 16.06 -48.87
CA SER B 171 1.19 14.67 -48.83
C SER B 171 1.31 14.13 -47.40
N ILE B 172 1.00 12.86 -47.22
CA ILE B 172 1.06 12.24 -45.89
C ILE B 172 2.45 12.45 -45.25
N GLY B 173 2.57 12.34 -43.92
CA GLY B 173 3.88 12.53 -43.26
C GLY B 173 4.24 13.97 -43.14
N ASP B 174 4.23 14.67 -44.26
CA ASP B 174 4.43 16.08 -44.25
C ASP B 174 3.67 16.63 -43.07
N SER B 175 4.31 17.55 -42.38
CA SER B 175 3.63 18.22 -41.32
C SER B 175 2.44 18.97 -41.89
N VAL B 176 1.47 19.24 -41.03
CA VAL B 176 0.28 19.99 -41.39
C VAL B 176 0.47 21.49 -41.14
N VAL B 177 0.46 22.29 -42.24
CA VAL B 177 0.59 23.73 -42.16
C VAL B 177 -0.78 24.35 -41.89
N ILE B 178 -0.81 25.51 -41.27
CA ILE B 178 -2.11 26.11 -40.95
C ILE B 178 -2.82 26.51 -42.24
N GLY B 179 -4.13 26.58 -42.18
CA GLY B 179 -4.88 26.90 -43.37
C GLY B 179 -5.16 25.70 -44.25
N ASP B 180 -4.14 24.84 -44.44
CA ASP B 180 -4.16 23.75 -45.44
C ASP B 180 -5.54 23.10 -45.57
N LYS B 181 -5.85 22.69 -46.80
CA LYS B 181 -7.06 21.93 -47.06
C LYS B 181 -6.72 20.46 -46.89
N VAL B 182 -7.51 19.78 -46.09
CA VAL B 182 -7.30 18.38 -45.80
C VAL B 182 -8.66 17.69 -45.74
N VAL B 183 -8.63 16.38 -45.53
CA VAL B 183 -9.80 15.51 -45.43
C VAL B 183 -9.67 14.73 -44.14
N LEU B 184 -10.57 14.99 -43.22
CA LEU B 184 -10.68 14.15 -42.07
C LEU B 184 -11.39 12.91 -42.51
N ASN B 185 -10.71 11.80 -42.44
CA ASN B 185 -11.27 10.58 -42.96
C ASN B 185 -11.32 9.64 -41.82
N PRO B 186 -12.49 9.37 -41.26
CA PRO B 186 -12.54 8.53 -40.04
C PRO B 186 -11.75 7.24 -40.18
N VAL B 187 -11.34 6.70 -39.01
CA VAL B 187 -10.36 5.61 -38.96
C VAL B 187 -10.99 4.32 -39.43
N ASN B 188 -12.13 4.00 -38.86
CA ASN B 188 -12.93 2.84 -39.17
C ASN B 188 -14.38 3.24 -39.44
N ALA B 189 -14.94 4.21 -38.69
CA ALA B 189 -16.34 4.62 -38.79
C ALA B 189 -16.72 4.81 -40.24
N GLY B 190 -15.73 4.74 -41.10
CA GLY B 190 -15.99 4.63 -42.49
C GLY B 190 -15.63 5.95 -43.12
N GLN B 191 -16.66 6.57 -43.65
CA GLN B 191 -16.46 7.65 -44.59
C GLN B 191 -15.75 8.81 -43.89
N PRO B 192 -15.08 9.67 -44.65
CA PRO B 192 -14.61 10.93 -44.09
C PRO B 192 -15.76 11.92 -44.03
N LEU B 193 -15.51 13.00 -43.29
CA LEU B 193 -16.55 13.98 -42.98
C LEU B 193 -17.10 14.67 -44.23
N HIS B 194 -18.37 15.18 -44.14
CA HIS B 194 -19.04 15.91 -45.24
C HIS B 194 -20.13 16.90 -44.78
N ALA B 195 -20.07 18.16 -45.30
CA ALA B 195 -21.05 19.24 -45.03
C ALA B 195 -22.14 19.29 -46.11
N SER B 196 -23.39 19.51 -45.68
CA SER B 196 -24.58 19.10 -46.43
C SER B 196 -25.11 20.15 -47.42
N SER B 197 -25.99 19.67 -48.30
CA SER B 197 -26.85 20.48 -49.16
C SER B 197 -28.24 20.64 -48.58
N HIS B 198 -28.48 20.14 -47.36
CA HIS B 198 -29.80 20.02 -46.77
C HIS B 198 -29.84 20.92 -45.54
N GLN B 199 -30.58 22.03 -45.63
CA GLN B 199 -30.79 22.87 -44.47
C GLN B 199 -31.64 22.14 -43.40
N LEU B 200 -31.60 22.62 -42.16
CA LEU B 200 -32.39 22.04 -41.11
C LEU B 200 -33.81 22.62 -41.09
N VAL B 201 -34.76 21.77 -40.72
CA VAL B 201 -36.15 22.19 -40.71
C VAL B 201 -36.29 23.46 -39.90
N ASP B 202 -35.56 23.53 -38.79
CA ASP B 202 -35.67 24.61 -37.87
C ASP B 202 -34.71 25.69 -38.33
N GLY B 205 -31.60 27.55 -42.73
CA GLY B 205 -30.35 28.25 -43.04
C GLY B 205 -29.23 27.60 -42.31
N CYS B 206 -29.38 26.31 -42.09
CA CYS B 206 -28.42 25.54 -41.33
C CYS B 206 -28.32 24.18 -41.99
N ASN B 207 -27.12 23.79 -42.39
CA ASN B 207 -26.87 22.53 -43.05
C ASN B 207 -26.31 21.50 -42.07
N GLU B 208 -26.84 20.27 -42.10
CA GLU B 208 -26.50 19.22 -41.15
C GLU B 208 -25.28 18.44 -41.62
N VAL B 209 -24.20 18.45 -40.84
CA VAL B 209 -22.96 17.80 -41.27
C VAL B 209 -22.98 16.31 -40.96
N ASN B 210 -22.49 15.47 -41.89
CA ASN B 210 -22.54 14.00 -41.77
C ASN B 210 -21.38 13.37 -42.56
N SER B 211 -21.29 12.03 -42.49
CA SER B 211 -20.12 11.28 -42.98
C SER B 211 -20.47 10.56 -44.26
N VAL B 212 -19.89 10.99 -45.37
CA VAL B 212 -20.17 10.37 -46.65
C VAL B 212 -19.08 10.80 -47.62
N ASN B 213 -18.67 9.87 -48.49
CA ASN B 213 -17.62 10.16 -49.45
C ASN B 213 -18.03 11.32 -50.34
N CYS B 214 -17.44 12.51 -50.15
CA CYS B 214 -17.68 13.68 -50.99
C CYS B 214 -16.39 14.45 -51.17
N ASN B 215 -16.43 15.41 -52.08
CA ASN B 215 -15.20 16.14 -52.41
C ASN B 215 -15.15 17.41 -51.62
N THR B 216 -15.31 17.32 -50.35
CA THR B 216 -15.17 18.50 -49.53
C THR B 216 -13.73 18.65 -49.09
N SER B 217 -13.31 19.90 -48.88
CA SER B 217 -11.97 20.22 -48.41
C SER B 217 -12.05 21.24 -47.29
N TRP B 218 -11.41 20.93 -46.17
CA TRP B 218 -11.53 21.73 -44.96
C TRP B 218 -10.33 22.64 -44.77
N LYS B 219 -10.58 23.94 -44.60
CA LYS B 219 -9.53 24.95 -44.39
C LYS B 219 -9.22 25.10 -42.90
N ILE B 220 -7.96 24.88 -42.55
CA ILE B 220 -7.53 24.76 -41.17
C ILE B 220 -7.11 26.14 -40.75
N VAL B 221 -8.04 26.83 -40.18
CA VAL B 221 -7.78 28.13 -39.70
C VAL B 221 -7.43 27.99 -38.24
N LEU B 222 -6.29 28.52 -37.84
CA LEU B 222 -5.90 28.50 -36.41
C LEU B 222 -6.39 29.72 -35.62
N PHE B 223 -6.89 29.49 -34.38
CA PHE B 223 -7.41 30.57 -33.54
C PHE B 223 -6.47 30.98 -32.45
N MET B 224 -6.26 30.08 -31.53
CA MET B 224 -5.35 30.31 -30.43
C MET B 224 -4.30 29.23 -30.48
N LYS B 225 -3.04 29.64 -30.57
CA LYS B 225 -1.93 28.70 -30.46
C LYS B 225 -2.00 27.92 -29.15
N TRP B 226 -1.28 26.78 -29.11
CA TRP B 226 -1.26 25.91 -27.92
C TRP B 226 -0.51 26.55 -26.77
N SER B 227 -0.07 27.83 -26.90
CA SER B 227 0.64 28.55 -25.86
C SER B 227 -0.46 29.37 -25.20
N ASP B 228 -1.31 28.66 -24.41
CA ASP B 228 -2.39 29.30 -23.66
C ASP B 228 -2.37 28.57 -22.32
N ASN B 229 -1.49 29.01 -21.44
CA ASN B 229 -1.43 28.46 -20.10
C ASN B 229 -2.61 29.00 -19.27
N LYS B 230 -3.42 28.11 -18.74
CA LYS B 230 -4.57 28.51 -17.92
C LYS B 230 -4.92 27.35 -16.99
N ASP B 231 -5.40 27.54 -15.75
CA ASP B 231 -5.68 28.83 -15.09
C ASP B 231 -4.50 29.48 -14.47
N ASP B 232 -3.92 30.40 -15.21
CA ASP B 232 -2.65 30.97 -14.88
C ASP B 232 -2.68 32.39 -15.41
N ILE B 233 -3.31 32.56 -16.57
CA ILE B 233 -3.18 33.76 -17.34
C ILE B 233 -4.49 34.09 -17.99
N LEU B 234 -4.68 35.37 -18.12
CA LEU B 234 -5.82 35.90 -18.81
C LEU B 234 -5.52 35.95 -20.28
N LYS B 235 -6.25 35.20 -21.06
CA LYS B 235 -6.16 35.30 -22.48
C LYS B 235 -7.56 35.40 -23.02
N GLY B 236 -7.73 36.20 -24.06
CA GLY B 236 -9.03 36.41 -24.66
C GLY B 236 -9.96 35.26 -24.40
N GLY B 237 -11.24 35.55 -24.17
CA GLY B 237 -12.24 34.52 -24.10
C GLY B 237 -12.55 33.97 -22.72
N ASP B 238 -11.68 34.13 -21.75
CA ASP B 238 -12.07 33.62 -20.48
C ASP B 238 -13.40 34.26 -20.07
N VAL B 239 -14.04 33.69 -19.07
CA VAL B 239 -15.27 34.22 -18.52
C VAL B 239 -15.05 34.43 -17.04
N VAL B 240 -15.17 35.66 -16.58
CA VAL B 240 -14.77 35.98 -15.23
C VAL B 240 -15.83 36.85 -14.59
N ARG B 241 -15.67 37.07 -13.30
CA ARG B 241 -16.48 38.03 -12.58
C ARG B 241 -15.60 39.10 -12.00
N LEU B 242 -16.17 40.30 -11.90
CA LEU B 242 -15.42 41.51 -11.61
C LEU B 242 -15.91 41.95 -10.25
N PHE B 243 -15.07 41.77 -9.25
CA PHE B 243 -15.40 42.31 -7.93
C PHE B 243 -14.68 43.66 -7.65
N HIS B 244 -15.11 44.35 -6.56
CA HIS B 244 -14.56 45.65 -6.11
C HIS B 244 -13.91 45.61 -4.72
N ALA B 245 -12.66 46.09 -4.62
CA ALA B 245 -11.82 45.83 -3.43
C ALA B 245 -12.38 46.50 -2.19
N GLU B 246 -12.61 47.78 -2.27
CA GLU B 246 -13.11 48.50 -1.12
C GLU B 246 -14.58 48.20 -0.90
N GLN B 247 -15.40 48.56 -1.88
CA GLN B 247 -16.83 48.42 -1.71
C GLN B 247 -17.18 46.99 -1.38
N GLU B 248 -16.38 46.05 -1.87
CA GLU B 248 -16.64 44.62 -1.78
C GLU B 248 -17.94 44.21 -2.53
N LYS B 249 -17.97 44.39 -3.86
CA LYS B 249 -19.15 44.09 -4.69
C LYS B 249 -18.82 43.64 -6.13
N PHE B 250 -19.56 42.64 -6.62
CA PHE B 250 -19.29 42.09 -7.96
C PHE B 250 -19.96 42.92 -9.05
N LEU B 251 -19.30 43.01 -10.18
CA LEU B 251 -19.83 43.82 -11.28
C LEU B 251 -20.87 43.07 -12.08
N THR B 252 -22.02 43.70 -12.28
CA THR B 252 -23.18 43.07 -12.87
C THR B 252 -23.71 43.90 -14.01
N CYS B 253 -24.47 43.23 -14.82
CA CYS B 253 -25.22 43.90 -15.85
C CYS B 253 -26.58 43.25 -15.73
N ASP B 254 -27.56 44.05 -15.33
CA ASP B 254 -28.96 43.62 -15.25
C ASP B 254 -29.80 44.78 -15.76
N GLU B 255 -31.14 44.74 -15.56
CA GLU B 255 -32.08 45.79 -16.00
C GLU B 255 -33.00 46.27 -14.88
N HIS B 256 -33.40 47.55 -14.96
CA HIS B 256 -34.29 48.21 -13.98
C HIS B 256 -35.13 49.23 -14.72
N ARG B 257 -36.40 49.35 -14.34
CA ARG B 257 -37.25 50.26 -15.06
C ARG B 257 -37.15 49.93 -16.52
N LYS B 258 -36.95 48.67 -16.82
CA LYS B 258 -36.89 48.18 -18.17
C LYS B 258 -35.59 48.51 -18.88
N LYS B 259 -34.58 49.02 -18.21
CA LYS B 259 -33.38 49.49 -18.87
C LYS B 259 -32.15 48.72 -18.41
N GLN B 260 -31.23 48.38 -19.31
CA GLN B 260 -30.07 47.57 -18.94
C GLN B 260 -28.91 48.38 -18.35
N HIS B 261 -28.53 48.08 -17.12
CA HIS B 261 -27.54 48.79 -16.35
C HIS B 261 -26.43 47.83 -15.98
N VAL B 262 -25.30 48.29 -16.01
CA VAL B 262 -24.28 47.64 -15.25
C VAL B 262 -24.30 48.33 -13.91
N PHE B 263 -23.93 47.63 -12.87
CA PHE B 263 -23.96 48.21 -11.54
C PHE B 263 -23.16 47.27 -10.65
N LEU B 264 -22.86 47.71 -9.42
CA LEU B 264 -22.32 46.81 -8.41
C LEU B 264 -23.46 46.42 -7.50
N ARG B 265 -23.55 45.16 -7.15
CA ARG B 265 -24.70 44.62 -6.43
C ARG B 265 -24.36 44.54 -4.93
N THR B 266 -25.26 45.07 -4.07
CA THR B 266 -25.15 44.93 -2.62
C THR B 266 -25.69 43.57 -2.15
N THR B 267 -24.97 42.89 -1.23
CA THR B 267 -25.31 41.55 -0.72
C THR B 267 -25.53 41.55 0.81
N GLY B 268 -26.38 40.61 1.28
CA GLY B 268 -26.68 40.45 2.71
C GLY B 268 -25.87 39.35 3.36
N ARG B 269 -25.34 38.47 2.53
CA ARG B 269 -24.48 37.42 3.01
C ARG B 269 -23.43 38.04 3.91
N GLN B 270 -22.63 37.19 4.52
CA GLN B 270 -21.48 37.60 5.31
C GLN B 270 -20.15 37.16 4.66
N SER B 271 -20.12 36.91 3.33
CA SER B 271 -18.88 36.44 2.67
C SER B 271 -18.94 36.97 1.24
N ALA B 272 -18.60 38.26 1.09
CA ALA B 272 -18.81 38.98 -0.15
C ALA B 272 -18.53 38.14 -1.38
N THR B 273 -17.56 37.24 -1.26
CA THR B 273 -17.17 36.41 -2.39
C THR B 273 -18.11 35.26 -2.68
N SER B 274 -19.05 34.99 -1.83
CA SER B 274 -19.95 33.91 -2.16
C SER B 274 -21.04 34.36 -3.13
N ALA B 275 -21.25 35.69 -3.27
CA ALA B 275 -22.38 36.25 -3.99
C ALA B 275 -22.14 36.17 -5.48
N THR B 276 -22.27 34.96 -5.97
CA THR B 276 -21.99 34.64 -7.35
C THR B 276 -23.31 34.54 -8.12
N SER B 277 -23.52 35.42 -9.11
CA SER B 277 -24.71 35.45 -9.97
C SER B 277 -24.36 35.47 -11.46
N SER B 278 -25.06 34.64 -12.22
CA SER B 278 -24.76 34.53 -13.64
C SER B 278 -24.76 35.87 -14.35
N LYS B 279 -25.50 36.81 -13.84
CA LYS B 279 -25.63 38.07 -14.52
C LYS B 279 -24.38 38.89 -14.37
N ALA B 280 -23.50 38.46 -13.50
CA ALA B 280 -22.28 39.15 -13.19
C ALA B 280 -21.14 38.66 -14.05
N LEU B 281 -21.43 37.74 -14.96
CA LEU B 281 -20.39 37.15 -15.73
C LEU B 281 -20.10 38.04 -16.92
N TRP B 282 -18.83 38.02 -17.30
CA TRP B 282 -18.40 38.66 -18.52
C TRP B 282 -17.32 37.82 -19.15
N GLU B 283 -17.39 37.73 -20.47
CA GLU B 283 -16.41 37.00 -21.24
C GLU B 283 -15.41 37.97 -21.78
N VAL B 284 -14.28 37.49 -22.00
CA VAL B 284 -13.11 38.32 -22.22
C VAL B 284 -12.93 38.54 -23.69
N GLU B 285 -12.42 39.74 -24.00
CA GLU B 285 -11.94 40.08 -25.33
C GLU B 285 -10.53 40.68 -25.21
N VAL B 286 -9.48 39.85 -25.24
CA VAL B 286 -8.11 40.33 -25.34
C VAL B 286 -7.77 40.73 -26.77
N VAL B 287 -8.11 41.96 -27.16
CA VAL B 287 -8.17 42.38 -28.56
C VAL B 287 -6.98 41.96 -29.47
N GLN B 288 -7.29 41.62 -30.73
CA GLN B 288 -6.25 41.28 -31.69
C GLN B 288 -6.50 42.03 -32.95
N HIS B 289 -6.04 41.52 -34.03
CA HIS B 289 -6.37 42.10 -35.30
C HIS B 289 -7.24 41.06 -36.02
N ASP B 290 -6.70 40.06 -36.67
CA ASP B 290 -7.59 39.04 -37.16
C ASP B 290 -8.21 38.34 -35.95
N PRO B 291 -9.45 37.92 -36.06
CA PRO B 291 -10.08 37.28 -34.91
C PRO B 291 -9.25 36.09 -34.43
N CYS B 292 -8.29 36.30 -33.53
CA CYS B 292 -7.36 35.23 -33.19
C CYS B 292 -7.15 35.17 -31.69
N ARG B 293 -6.08 34.51 -31.29
CA ARG B 293 -5.84 34.25 -29.88
C ARG B 293 -5.75 35.57 -29.12
N TRP B 299 -0.20 41.51 -21.76
CA TRP B 299 0.04 42.32 -20.58
C TRP B 299 0.48 43.72 -20.99
N ASN B 300 0.50 43.95 -22.30
CA ASN B 300 0.76 45.27 -22.86
C ASN B 300 -0.38 45.76 -23.77
N SER B 301 -1.40 44.92 -24.08
CA SER B 301 -2.56 45.18 -24.97
C SER B 301 -3.90 45.05 -24.22
N LEU B 302 -5.05 45.39 -24.91
CA LEU B 302 -6.34 45.81 -24.30
C LEU B 302 -7.49 44.80 -24.36
N PHE B 303 -8.69 45.22 -23.91
CA PHE B 303 -9.79 44.29 -23.80
C PHE B 303 -11.17 44.94 -23.93
N ARG B 304 -12.17 44.10 -24.24
CA ARG B 304 -13.57 44.48 -24.21
C ARG B 304 -14.41 43.41 -23.52
N PHE B 305 -15.41 43.85 -22.74
CA PHE B 305 -16.01 43.03 -21.68
C PHE B 305 -17.44 42.67 -21.97
N LYS B 306 -17.67 41.43 -22.32
CA LYS B 306 -19.03 41.04 -22.64
C LYS B 306 -19.75 40.68 -21.35
N HIS B 307 -20.98 41.13 -21.22
CA HIS B 307 -21.80 40.72 -20.08
C HIS B 307 -22.30 39.34 -20.41
N LEU B 308 -21.59 38.37 -19.89
CA LEU B 308 -21.77 36.99 -20.26
C LEU B 308 -23.24 36.70 -20.49
N ALA B 309 -24.12 37.27 -19.67
CA ALA B 309 -25.51 36.85 -19.75
C ALA B 309 -26.18 37.38 -21.00
N THR B 310 -26.33 38.66 -21.09
CA THR B 310 -27.05 39.18 -22.22
C THR B 310 -26.29 38.93 -23.50
N GLY B 311 -25.03 39.36 -23.56
CA GLY B 311 -24.28 39.41 -24.80
C GLY B 311 -23.84 40.80 -25.20
N HIS B 312 -24.28 41.83 -24.52
CA HIS B 312 -23.77 43.14 -24.88
C HIS B 312 -22.45 43.40 -24.16
N TYR B 313 -21.78 44.46 -24.59
CA TYR B 313 -20.47 44.84 -24.10
C TYR B 313 -20.56 45.95 -23.04
N LEU B 314 -19.41 46.27 -22.44
CA LEU B 314 -19.36 47.27 -21.38
C LEU B 314 -18.65 48.51 -21.89
N ALA B 315 -19.21 49.68 -21.63
CA ALA B 315 -18.65 50.92 -22.18
C ALA B 315 -19.23 52.10 -21.44
N ALA B 316 -18.48 53.24 -21.39
CA ALA B 316 -18.78 54.41 -20.51
C ALA B 316 -19.08 55.73 -21.24
N GLU B 317 -20.34 56.18 -21.16
CA GLU B 317 -20.77 57.39 -21.86
C GLU B 317 -21.69 58.23 -21.00
N VAL B 318 -21.35 59.49 -20.83
CA VAL B 318 -22.26 60.45 -20.22
C VAL B 318 -22.99 59.86 -19.04
N MET B 351 -19.27 64.13 -13.16
CA MET B 351 -18.52 63.06 -13.87
C MET B 351 -18.77 63.15 -15.40
N VAL B 352 -17.71 62.84 -16.15
CA VAL B 352 -17.76 63.01 -17.60
C VAL B 352 -18.46 61.83 -18.29
N TYR B 353 -18.25 60.62 -17.78
CA TYR B 353 -18.83 59.46 -18.40
C TYR B 353 -19.21 58.48 -17.32
N SER B 354 -19.95 57.46 -17.74
CA SER B 354 -20.44 56.45 -16.82
C SER B 354 -20.69 55.15 -17.59
N LEU B 355 -20.60 53.98 -16.90
CA LEU B 355 -20.54 52.63 -17.53
C LEU B 355 -21.85 51.85 -17.67
N VAL B 356 -22.21 51.48 -18.91
CA VAL B 356 -23.43 50.75 -19.19
C VAL B 356 -23.17 49.78 -20.31
N SER B 357 -24.18 48.99 -20.55
CA SER B 357 -24.15 48.06 -21.65
C SER B 357 -24.25 48.78 -23.00
N VAL B 358 -23.46 48.33 -23.96
CA VAL B 358 -23.57 48.76 -25.34
C VAL B 358 -23.73 47.52 -26.19
N PRO B 359 -24.72 47.47 -27.07
CA PRO B 359 -25.10 46.20 -27.66
C PRO B 359 -23.99 45.51 -28.37
N GLU B 360 -23.32 46.23 -29.22
CA GLU B 360 -22.33 45.66 -30.09
C GLU B 360 -21.01 46.02 -29.50
N GLY B 361 -20.04 45.17 -29.71
CA GLY B 361 -18.67 45.46 -29.31
C GLY B 361 -17.74 45.74 -30.48
N ASN B 362 -17.95 46.85 -31.15
CA ASN B 362 -17.01 47.19 -32.20
C ASN B 362 -16.59 48.64 -32.14
N ASP B 363 -17.53 49.52 -31.75
CA ASP B 363 -17.20 50.93 -31.55
C ASP B 363 -16.03 51.08 -30.56
N ILE B 364 -15.37 52.25 -30.57
CA ILE B 364 -14.14 52.44 -29.78
C ILE B 364 -14.33 52.76 -28.27
N SER B 365 -15.56 52.59 -27.72
CA SER B 365 -15.87 52.84 -26.29
C SER B 365 -15.94 51.60 -25.36
N SER B 366 -16.21 50.39 -25.88
CA SER B 366 -16.33 49.18 -25.05
C SER B 366 -15.00 48.64 -24.65
N ILE B 367 -13.95 49.39 -24.95
CA ILE B 367 -12.60 48.91 -24.92
C ILE B 367 -11.95 49.53 -23.71
N PHE B 368 -11.16 48.73 -22.99
CA PHE B 368 -10.56 49.15 -21.73
C PHE B 368 -9.14 48.65 -21.57
N GLU B 369 -8.40 49.25 -20.61
CA GLU B 369 -6.99 49.01 -20.33
C GLU B 369 -6.80 48.55 -18.88
N LEU B 370 -5.67 47.90 -18.61
CA LEU B 370 -5.46 47.32 -17.29
C LEU B 370 -4.18 47.80 -16.64
N ASP B 371 -4.14 47.76 -15.29
CA ASP B 371 -3.00 48.23 -14.48
C ASP B 371 -2.88 47.49 -13.14
N PRO B 372 -1.67 47.46 -12.53
CA PRO B 372 -1.31 46.75 -11.30
C PRO B 372 -1.71 47.49 -10.04
N VAL B 382 0.22 39.20 -17.72
CA VAL B 382 -1.08 39.15 -17.04
C VAL B 382 -1.39 37.80 -16.43
N PRO B 383 -1.79 37.75 -15.17
CA PRO B 383 -1.96 36.44 -14.53
C PRO B 383 -3.37 36.09 -14.10
N ARG B 384 -3.68 34.84 -13.91
CA ARG B 384 -4.98 34.47 -13.40
C ARG B 384 -5.11 34.92 -11.96
N ASN B 385 -6.31 35.40 -11.61
CA ASN B 385 -6.67 35.88 -10.26
C ASN B 385 -5.90 37.13 -9.82
N SER B 386 -5.96 38.21 -10.62
CA SER B 386 -5.26 39.47 -10.36
C SER B 386 -6.20 40.62 -9.92
N TYR B 387 -5.60 41.66 -9.31
CA TYR B 387 -6.32 42.77 -8.66
C TYR B 387 -5.89 44.06 -9.33
N VAL B 388 -6.58 44.38 -10.41
CA VAL B 388 -6.14 45.43 -11.25
C VAL B 388 -7.00 46.64 -11.03
N ARG B 389 -6.59 47.75 -11.64
CA ARG B 389 -7.43 48.90 -11.86
C ARG B 389 -7.47 49.15 -13.37
N LEU B 390 -8.65 49.42 -13.89
CA LEU B 390 -8.81 49.57 -15.33
C LEU B 390 -8.93 51.03 -15.73
N ARG B 391 -8.54 51.33 -16.97
CA ARG B 391 -8.52 52.70 -17.49
C ARG B 391 -9.08 52.79 -18.90
N HIS B 392 -10.00 53.76 -19.12
CA HIS B 392 -10.76 53.89 -20.37
C HIS B 392 -9.93 54.57 -21.45
N LEU B 393 -9.76 53.87 -22.56
CA LEU B 393 -8.94 54.43 -23.61
C LEU B 393 -9.58 55.70 -24.14
N CYS B 394 -10.78 55.56 -24.69
CA CYS B 394 -11.40 56.64 -25.45
C CYS B 394 -11.82 57.85 -24.60
N THR B 395 -11.93 57.79 -23.30
CA THR B 395 -12.13 59.02 -22.54
C THR B 395 -10.96 59.29 -21.63
N ASN B 396 -9.98 58.40 -21.63
CA ASN B 396 -8.87 58.47 -20.70
C ASN B 396 -9.42 58.84 -19.35
N THR B 397 -9.88 57.85 -18.60
CA THR B 397 -10.37 58.07 -17.25
C THR B 397 -10.07 56.84 -16.41
N TRP B 398 -10.28 56.95 -15.10
CA TRP B 398 -10.09 55.86 -14.15
C TRP B 398 -11.41 55.61 -13.46
N VAL B 399 -11.95 54.41 -13.66
CA VAL B 399 -13.30 54.05 -13.21
C VAL B 399 -13.51 54.49 -11.77
N HIS B 400 -14.78 54.67 -11.36
CA HIS B 400 -15.10 55.07 -9.99
C HIS B 400 -16.55 54.74 -9.60
N SER B 401 -16.72 54.12 -8.41
CA SER B 401 -18.01 53.62 -7.89
C SER B 401 -18.70 54.71 -7.06
N THR B 402 -20.02 54.92 -7.28
CA THR B 402 -20.83 55.92 -6.57
C THR B 402 -21.71 55.30 -5.48
N ASN B 403 -22.40 56.15 -4.71
CA ASN B 403 -23.38 55.70 -3.71
C ASN B 403 -24.81 56.11 -4.11
N ILE B 404 -24.99 56.71 -5.27
CA ILE B 404 -26.32 57.04 -5.75
C ILE B 404 -26.79 55.97 -6.75
N PRO B 405 -27.80 55.11 -6.39
CA PRO B 405 -28.47 53.89 -6.89
C PRO B 405 -29.64 54.06 -7.92
N LYS B 408 -33.29 53.35 -6.80
CA LYS B 408 -34.17 54.42 -7.22
C LYS B 408 -35.56 54.21 -6.61
N GLU B 409 -36.40 53.48 -7.32
CA GLU B 409 -37.75 53.23 -6.83
C GLU B 409 -37.76 52.36 -5.57
N GLU B 410 -36.82 51.41 -5.43
CA GLU B 410 -36.85 50.38 -4.37
C GLU B 410 -36.62 50.95 -2.94
N GLU B 411 -37.04 50.14 -1.91
CA GLU B 411 -36.87 50.48 -0.50
C GLU B 411 -35.64 49.77 0.04
N LYS B 412 -34.59 50.53 0.30
CA LYS B 412 -33.27 49.97 0.61
C LYS B 412 -32.76 49.09 -0.51
N PRO B 413 -32.26 49.66 -1.60
CA PRO B 413 -32.01 48.86 -2.83
C PRO B 413 -30.62 48.19 -2.91
N VAL B 414 -30.17 47.85 -4.16
CA VAL B 414 -28.91 47.11 -4.38
C VAL B 414 -28.10 47.34 -5.68
N MET B 415 -28.73 47.94 -6.73
CA MET B 415 -28.01 48.09 -8.02
C MET B 415 -27.29 49.42 -8.10
N LEU B 416 -26.06 49.42 -7.61
CA LEU B 416 -25.25 50.63 -7.50
C LEU B 416 -24.79 51.12 -8.88
N LYS B 417 -24.96 52.44 -9.11
CA LYS B 417 -24.56 53.11 -10.32
C LYS B 417 -23.08 53.45 -10.28
N ILE B 418 -22.36 53.04 -11.30
CA ILE B 418 -20.92 53.22 -11.38
C ILE B 418 -20.59 54.24 -12.46
N GLY B 419 -19.56 55.07 -12.22
CA GLY B 419 -19.04 55.94 -13.26
C GLY B 419 -17.53 55.84 -13.37
N THR B 420 -16.92 56.93 -13.78
CA THR B 420 -15.48 56.92 -13.97
C THR B 420 -14.96 58.24 -13.48
N SER B 421 -13.70 58.36 -13.44
CA SER B 421 -13.14 59.55 -12.84
C SER B 421 -11.75 59.73 -13.36
N PRO B 422 -11.49 60.85 -14.03
CA PRO B 422 -10.13 61.11 -14.50
C PRO B 422 -9.05 60.80 -13.48
N LEU B 423 -9.35 60.92 -12.21
CA LEU B 423 -8.33 60.68 -11.22
C LEU B 423 -8.11 59.19 -11.11
N LYS B 424 -6.85 58.80 -11.20
CA LYS B 424 -6.51 57.41 -10.98
C LYS B 424 -6.42 57.22 -9.47
N GLU B 425 -7.34 56.45 -8.90
CA GLU B 425 -7.42 56.30 -7.46
C GLU B 425 -6.42 55.25 -7.00
N ASP B 426 -6.63 54.72 -5.80
CA ASP B 426 -5.85 53.58 -5.38
C ASP B 426 -6.77 52.45 -4.90
N LYS B 427 -7.95 52.76 -4.36
CA LYS B 427 -8.84 51.73 -3.79
C LYS B 427 -9.91 51.15 -4.73
N GLU B 428 -10.16 51.77 -5.84
CA GLU B 428 -11.13 51.25 -6.78
C GLU B 428 -10.61 50.08 -7.60
N ALA B 429 -9.87 49.17 -7.00
CA ALA B 429 -9.31 48.11 -7.81
C ALA B 429 -10.39 47.08 -8.01
N PHE B 430 -10.23 46.34 -9.07
CA PHE B 430 -11.13 45.24 -9.33
C PHE B 430 -10.35 43.96 -9.32
N ALA B 431 -11.01 42.92 -8.86
CA ALA B 431 -10.47 41.58 -8.87
C ALA B 431 -11.08 40.77 -9.99
N ILE B 432 -10.20 40.04 -10.66
CA ILE B 432 -10.57 39.27 -11.86
C ILE B 432 -10.82 37.84 -11.41
N VAL B 433 -12.00 37.59 -10.88
CA VAL B 433 -12.26 36.26 -10.38
C VAL B 433 -12.59 35.29 -11.49
N PRO B 434 -11.75 34.28 -11.65
CA PRO B 434 -12.02 33.27 -12.67
C PRO B 434 -13.25 32.46 -12.28
N VAL B 435 -14.15 32.40 -13.18
CA VAL B 435 -15.30 31.54 -13.01
C VAL B 435 -14.96 30.17 -13.54
N SER B 436 -15.45 29.13 -12.90
CA SER B 436 -15.16 27.79 -13.37
C SER B 436 -15.75 27.56 -14.76
N PRO B 437 -15.00 26.97 -15.68
CA PRO B 437 -15.57 26.71 -17.00
C PRO B 437 -16.85 25.92 -16.96
N ALA B 438 -16.87 24.90 -16.12
CA ALA B 438 -18.07 24.11 -15.96
C ALA B 438 -19.26 24.99 -15.64
N GLU B 439 -19.07 25.91 -14.72
CA GLU B 439 -20.12 26.84 -14.43
C GLU B 439 -20.65 27.36 -15.75
N VAL B 440 -19.75 27.91 -16.56
CA VAL B 440 -20.14 28.50 -17.83
C VAL B 440 -21.03 27.56 -18.64
N ARG B 441 -20.57 26.33 -18.79
CA ARG B 441 -21.40 25.43 -19.55
C ARG B 441 -22.72 25.19 -18.87
N ASP B 442 -22.76 25.35 -17.56
CA ASP B 442 -24.04 25.35 -16.92
C ASP B 442 -24.88 26.41 -17.59
N LEU B 443 -24.41 27.66 -17.53
CA LEU B 443 -25.15 28.74 -18.16
C LEU B 443 -25.57 28.37 -19.56
N ASP B 444 -24.68 27.74 -20.30
CA ASP B 444 -24.99 27.43 -21.67
C ASP B 444 -26.09 26.40 -21.75
N PHE B 445 -25.87 25.28 -21.12
CA PHE B 445 -26.86 24.27 -21.23
C PHE B 445 -28.19 24.73 -20.67
N ALA B 446 -28.23 25.80 -19.89
CA ALA B 446 -29.48 26.30 -19.31
C ALA B 446 -30.11 27.33 -20.19
N ASN B 447 -29.31 28.24 -20.70
CA ASN B 447 -29.80 29.12 -21.73
C ASN B 447 -30.39 28.29 -22.86
N ASP B 448 -29.71 27.20 -23.21
CA ASP B 448 -30.26 26.23 -24.17
C ASP B 448 -31.70 25.94 -23.81
N ALA B 449 -31.90 25.38 -22.64
CA ALA B 449 -33.25 25.18 -22.15
C ALA B 449 -34.16 26.39 -22.31
N SER B 450 -33.68 27.56 -21.91
CA SER B 450 -34.53 28.75 -21.94
C SER B 450 -35.05 28.99 -23.32
N LYS B 451 -34.19 28.89 -24.30
CA LYS B 451 -34.63 29.06 -25.67
C LYS B 451 -35.54 27.91 -26.05
N VAL B 452 -35.23 26.71 -25.54
CA VAL B 452 -35.99 25.52 -25.89
C VAL B 452 -37.43 25.64 -25.44
N LEU B 453 -37.65 25.77 -24.14
CA LEU B 453 -38.99 26.04 -23.72
C LEU B 453 -39.49 27.35 -24.31
N GLY B 454 -38.58 28.17 -24.90
CA GLY B 454 -38.91 29.46 -25.51
C GLY B 454 -39.61 29.39 -26.88
N SER B 455 -39.37 28.33 -27.68
CA SER B 455 -40.15 28.14 -28.92
C SER B 455 -41.22 27.06 -28.84
N ILE B 456 -41.09 26.13 -27.88
CA ILE B 456 -42.14 25.15 -27.63
C ILE B 456 -43.33 25.81 -26.97
N ALA B 457 -43.09 26.49 -25.86
CA ALA B 457 -44.15 27.14 -25.14
C ALA B 457 -44.76 28.32 -25.92
N GLY B 458 -44.16 28.72 -27.05
CA GLY B 458 -44.75 29.69 -27.97
C GLY B 458 -45.28 29.01 -29.22
N LYS B 459 -44.87 27.77 -29.50
CA LYS B 459 -45.42 27.00 -30.59
C LYS B 459 -46.65 26.17 -30.16
N LEU B 460 -46.96 26.09 -28.85
CA LEU B 460 -48.17 25.44 -28.31
C LEU B 460 -49.17 26.34 -27.57
N GLU B 461 -48.88 27.65 -27.39
CA GLU B 461 -49.82 28.62 -26.82
C GLU B 461 -50.77 29.25 -27.82
N LYS B 462 -50.46 29.18 -29.13
CA LYS B 462 -51.33 29.67 -30.21
C LYS B 462 -51.55 28.59 -31.29
N GLY B 463 -51.75 27.34 -30.89
CA GLY B 463 -52.06 26.28 -31.85
C GLY B 463 -51.56 24.93 -31.39
N THR B 464 -51.02 24.17 -32.35
CA THR B 464 -50.54 22.83 -32.15
C THR B 464 -49.04 22.72 -32.47
N ILE B 465 -48.43 21.67 -31.91
CA ILE B 465 -47.08 21.23 -32.18
C ILE B 465 -47.07 19.73 -32.68
N THR B 466 -45.90 19.28 -33.23
CA THR B 466 -45.77 17.99 -33.92
C THR B 466 -45.35 16.83 -33.00
N GLN B 467 -45.16 15.67 -33.56
CA GLN B 467 -44.72 14.60 -32.69
C GLN B 467 -43.23 14.59 -32.46
N ASN B 468 -42.45 15.20 -33.35
CA ASN B 468 -41.02 15.15 -33.17
C ASN B 468 -40.63 15.88 -31.93
N GLU B 469 -41.45 16.83 -31.57
CA GLU B 469 -41.19 17.64 -30.41
C GLU B 469 -41.41 16.82 -29.16
N ARG B 470 -42.67 16.37 -28.93
CA ARG B 470 -43.07 15.76 -27.66
C ARG B 470 -41.93 14.87 -27.19
N ARG B 471 -41.26 14.35 -28.19
CA ARG B 471 -40.20 13.43 -27.89
C ARG B 471 -38.99 14.13 -27.31
N SER B 472 -38.66 15.29 -27.82
CA SER B 472 -37.43 15.90 -27.42
C SER B 472 -37.59 16.70 -26.17
N VAL B 473 -38.76 17.32 -26.01
CA VAL B 473 -39.02 17.99 -24.76
C VAL B 473 -39.15 16.98 -23.64
N THR B 474 -40.01 15.99 -23.82
CA THR B 474 -40.06 14.96 -22.77
C THR B 474 -38.65 14.60 -22.38
N LYS B 475 -37.82 14.54 -23.39
CA LYS B 475 -36.42 14.31 -23.19
C LYS B 475 -35.85 15.33 -22.22
N LEU B 476 -35.91 16.60 -22.61
CA LEU B 476 -35.27 17.63 -21.82
C LEU B 476 -35.75 17.54 -20.37
N LEU B 477 -37.05 17.61 -20.15
CA LEU B 477 -37.55 17.62 -18.78
C LEU B 477 -37.16 16.40 -18.02
N GLU B 478 -36.76 15.40 -18.71
CA GLU B 478 -35.97 14.45 -17.98
C GLU B 478 -34.58 15.01 -17.71
N ASP B 479 -33.98 15.70 -18.68
CA ASP B 479 -32.60 16.10 -18.54
C ASP B 479 -32.40 17.13 -17.45
N LEU B 480 -33.35 18.06 -17.32
CA LEU B 480 -33.28 19.03 -16.26
C LEU B 480 -33.32 18.33 -14.93
N VAL B 481 -34.15 17.29 -14.84
CA VAL B 481 -34.18 16.47 -13.63
C VAL B 481 -32.79 15.86 -13.39
N TYR B 482 -32.09 15.51 -14.46
CA TYR B 482 -30.77 14.94 -14.30
C TYR B 482 -29.71 16.00 -14.01
N PHE B 483 -30.02 17.25 -14.33
CA PHE B 483 -29.11 18.35 -14.07
C PHE B 483 -29.28 18.82 -12.63
N VAL B 484 -30.49 19.27 -12.25
CA VAL B 484 -30.72 20.03 -11.02
C VAL B 484 -30.50 19.26 -9.72
N THR B 485 -30.53 17.92 -9.77
CA THR B 485 -30.15 17.07 -8.64
C THR B 485 -28.74 16.52 -8.82
N GLY B 486 -27.89 17.27 -9.54
CA GLY B 486 -26.47 16.97 -9.68
C GLY B 486 -26.21 15.69 -10.44
N GLY B 487 -27.06 15.34 -11.37
CA GLY B 487 -26.95 14.03 -11.93
C GLY B 487 -27.14 13.03 -10.83
N THR B 488 -28.13 13.25 -9.98
CA THR B 488 -28.58 12.18 -9.09
C THR B 488 -29.85 11.64 -9.70
N ASN B 489 -30.91 12.44 -9.70
CA ASN B 489 -32.22 11.94 -10.12
C ASN B 489 -32.30 11.80 -11.65
N SER B 490 -33.44 11.26 -12.12
CA SER B 490 -33.75 11.10 -13.54
C SER B 490 -35.21 11.41 -13.86
N LEU B 495 -38.03 5.56 -15.45
CA LEU B 495 -36.90 5.73 -14.56
C LEU B 495 -37.13 5.09 -13.22
N GLU B 496 -36.04 4.64 -12.58
CA GLU B 496 -36.08 3.93 -11.30
C GLU B 496 -34.96 4.48 -10.44
N VAL B 497 -35.33 5.21 -9.40
CA VAL B 497 -34.38 5.97 -8.62
C VAL B 497 -33.95 5.22 -7.37
N VAL B 498 -33.13 5.90 -6.59
CA VAL B 498 -32.74 5.42 -5.29
C VAL B 498 -32.73 6.66 -4.37
N PHE B 499 -32.06 7.78 -4.76
CA PHE B 499 -31.93 8.99 -3.93
C PHE B 499 -32.32 10.23 -4.72
N SER B 500 -32.23 11.39 -4.08
CA SER B 500 -32.64 12.60 -4.74
C SER B 500 -32.17 13.74 -3.89
N LYS B 501 -30.97 14.27 -4.11
CA LYS B 501 -30.49 15.36 -3.31
C LYS B 501 -30.27 16.59 -4.19
N PRO B 502 -30.66 17.78 -3.73
CA PRO B 502 -30.74 18.96 -4.61
C PRO B 502 -29.43 19.74 -4.70
N ASN B 503 -29.35 20.59 -5.73
CA ASN B 503 -28.12 21.25 -6.13
C ASN B 503 -28.35 22.73 -6.25
N ARG B 504 -27.70 23.48 -5.38
CA ARG B 504 -28.09 24.85 -5.18
C ARG B 504 -27.77 25.70 -6.41
N GLU B 505 -26.49 25.76 -6.80
CA GLU B 505 -26.10 26.73 -7.83
C GLU B 505 -26.97 26.56 -9.05
N ARG B 506 -27.32 25.34 -9.37
CA ARG B 506 -28.16 25.17 -10.52
C ARG B 506 -29.60 25.57 -10.22
N GLN B 507 -30.05 25.46 -8.97
CA GLN B 507 -31.38 25.98 -8.59
C GLN B 507 -31.45 27.50 -8.80
N LYS B 508 -30.42 28.19 -8.32
CA LYS B 508 -30.34 29.64 -8.52
C LYS B 508 -30.32 30.01 -10.02
N LEU B 509 -29.68 29.16 -10.89
CA LEU B 509 -29.62 29.45 -12.36
C LEU B 509 -30.97 29.32 -13.06
N MET B 510 -31.75 28.34 -12.67
CA MET B 510 -33.11 28.29 -13.17
C MET B 510 -33.84 29.59 -12.92
N ARG B 511 -33.80 30.08 -11.68
CA ARG B 511 -34.48 31.35 -11.43
C ARG B 511 -33.87 32.47 -12.28
N GLU B 512 -32.52 32.58 -12.28
CA GLU B 512 -31.82 33.72 -12.87
C GLU B 512 -31.58 33.57 -14.37
N GLN B 513 -31.76 32.39 -14.95
CA GLN B 513 -31.74 32.23 -16.40
C GLN B 513 -33.13 32.01 -16.91
N ASN B 514 -34.11 32.15 -16.03
CA ASN B 514 -35.47 32.13 -16.44
C ASN B 514 -35.75 30.78 -17.04
N ILE B 515 -35.32 29.75 -16.36
CA ILE B 515 -35.88 28.47 -16.70
C ILE B 515 -37.30 28.35 -16.16
N LEU B 516 -37.50 28.83 -14.90
CA LEU B 516 -38.79 28.65 -14.20
C LEU B 516 -39.92 29.41 -14.88
N LYS B 517 -39.67 30.68 -15.24
CA LYS B 517 -40.66 31.48 -15.96
C LYS B 517 -41.22 30.71 -17.16
N GLN B 518 -40.37 29.87 -17.82
CA GLN B 518 -40.74 29.10 -19.02
C GLN B 518 -41.54 27.84 -18.71
N ILE B 519 -41.24 27.15 -17.64
CA ILE B 519 -42.10 26.03 -17.26
C ILE B 519 -43.53 26.49 -16.96
N PHE B 520 -43.67 27.54 -16.14
CA PHE B 520 -45.00 28.00 -15.80
C PHE B 520 -45.72 28.54 -17.02
N LYS B 521 -45.01 29.32 -17.84
CA LYS B 521 -45.50 29.72 -19.15
C LYS B 521 -45.35 28.56 -20.14
N LEU B 522 -45.34 27.32 -19.66
CA LEU B 522 -45.43 26.15 -20.51
C LEU B 522 -46.60 25.24 -20.14
N LEU B 523 -46.85 25.03 -18.85
CA LEU B 523 -47.99 24.22 -18.41
C LEU B 523 -49.29 24.77 -18.97
N GLN B 524 -49.41 26.09 -18.94
CA GLN B 524 -50.66 26.77 -19.20
C GLN B 524 -51.21 26.37 -20.59
N ALA B 525 -52.46 25.94 -20.61
CA ALA B 525 -53.28 25.96 -21.86
C ALA B 525 -54.64 26.65 -21.61
N PRO B 548 -51.04 11.57 -22.91
CA PRO B 548 -50.87 12.90 -23.50
C PRO B 548 -49.87 13.67 -22.68
N PHE B 549 -50.26 13.86 -21.43
CA PHE B 549 -49.44 14.52 -20.42
C PHE B 549 -48.98 13.59 -19.33
N ARG B 550 -49.45 12.34 -19.32
CA ARG B 550 -49.08 11.39 -18.30
C ARG B 550 -47.61 11.62 -17.96
N HIS B 551 -46.88 12.03 -19.00
CA HIS B 551 -45.45 12.13 -18.97
C HIS B 551 -45.06 13.55 -19.21
N ILE B 552 -45.73 14.42 -18.50
CA ILE B 552 -45.43 15.83 -18.60
C ILE B 552 -45.71 16.32 -17.22
N CYS B 553 -46.95 16.62 -16.97
CA CYS B 553 -47.29 16.86 -15.65
C CYS B 553 -47.51 15.42 -15.20
N ARG B 554 -47.41 15.19 -13.93
CA ARG B 554 -46.78 16.16 -13.08
C ARG B 554 -45.37 15.74 -13.17
N LEU B 555 -44.81 15.69 -14.35
CA LEU B 555 -43.38 15.48 -14.39
C LEU B 555 -42.69 16.78 -14.09
N CYS B 556 -43.15 17.88 -14.68
CA CYS B 556 -42.60 19.16 -14.26
C CYS B 556 -42.76 19.29 -12.78
N TYR B 557 -43.82 18.72 -12.22
CA TYR B 557 -44.13 18.84 -10.81
C TYR B 557 -43.23 17.99 -9.93
N ARG B 558 -42.63 17.01 -10.49
CA ARG B 558 -41.62 16.36 -9.69
C ARG B 558 -40.32 17.11 -9.76
N VAL B 559 -40.04 17.67 -10.95
CA VAL B 559 -38.88 18.52 -11.11
C VAL B 559 -38.91 19.58 -10.04
N LEU B 560 -39.99 20.33 -10.02
CA LEU B 560 -40.20 21.23 -8.90
C LEU B 560 -40.00 20.50 -7.56
N ARG B 561 -40.67 19.34 -7.35
CA ARG B 561 -40.52 18.65 -6.08
C ARG B 561 -39.07 18.55 -5.69
N HIS B 562 -38.20 18.64 -6.68
CA HIS B 562 -36.78 18.66 -6.47
C HIS B 562 -36.27 20.06 -6.14
N SER B 563 -36.66 21.07 -6.94
CA SER B 563 -36.02 22.39 -6.91
C SER B 563 -36.36 23.24 -5.70
N GLN B 564 -37.25 22.79 -4.83
CA GLN B 564 -37.57 23.54 -3.62
C GLN B 564 -37.19 22.79 -2.38
N GLN B 565 -36.41 21.74 -2.51
CA GLN B 565 -36.09 20.89 -1.39
C GLN B 565 -35.07 21.55 -0.48
N ASP B 566 -35.46 21.82 0.76
CA ASP B 566 -34.52 22.35 1.76
C ASP B 566 -34.12 23.78 1.49
N TYR B 567 -34.48 24.29 0.31
CA TYR B 567 -34.01 25.59 -0.16
C TYR B 567 -35.12 26.57 0.22
N ARG B 568 -34.96 27.15 1.40
CA ARG B 568 -35.97 28.05 1.86
C ARG B 568 -36.26 29.09 0.82
N LYS B 569 -35.22 29.74 0.35
CA LYS B 569 -35.42 30.77 -0.65
C LYS B 569 -36.29 30.23 -1.75
N ASN B 570 -35.83 29.18 -2.45
CA ASN B 570 -36.62 28.72 -3.58
C ASN B 570 -37.97 28.21 -3.12
N GLN B 571 -38.10 27.77 -1.87
CA GLN B 571 -39.41 27.34 -1.38
C GLN B 571 -40.38 28.48 -1.34
N GLU B 572 -39.91 29.65 -1.04
CA GLU B 572 -40.76 30.82 -1.09
C GLU B 572 -41.12 31.21 -2.55
N TYR B 573 -40.62 30.52 -3.60
CA TYR B 573 -41.01 30.62 -5.01
C TYR B 573 -41.90 29.49 -5.42
N ILE B 574 -41.50 28.30 -5.01
CA ILE B 574 -42.26 27.08 -5.21
C ILE B 574 -43.52 27.09 -4.35
N ALA B 575 -43.45 27.62 -3.15
CA ALA B 575 -44.70 27.85 -2.42
C ALA B 575 -45.44 29.03 -2.97
N LYS B 576 -44.75 29.92 -3.69
CA LYS B 576 -45.29 31.14 -4.27
C LYS B 576 -45.51 31.02 -5.76
N GLN B 577 -45.37 29.84 -6.31
CA GLN B 577 -46.09 29.53 -7.55
C GLN B 577 -47.56 29.35 -7.25
N PHE B 578 -47.86 30.00 -6.11
CA PHE B 578 -48.53 29.37 -4.98
C PHE B 578 -49.84 28.90 -5.37
N GLY B 579 -50.81 29.82 -5.53
CA GLY B 579 -52.15 29.39 -5.82
C GLY B 579 -52.28 28.47 -7.03
N PHE B 580 -51.35 28.56 -7.95
CA PHE B 580 -51.43 27.74 -9.13
C PHE B 580 -51.61 26.26 -8.75
N MET B 581 -50.69 25.75 -7.92
CA MET B 581 -50.66 24.32 -7.65
C MET B 581 -52.07 23.81 -7.40
N GLN B 582 -52.90 24.64 -6.75
CA GLN B 582 -54.25 24.22 -6.34
C GLN B 582 -54.95 23.62 -7.52
N LYS B 583 -55.17 24.44 -8.51
CA LYS B 583 -55.75 23.92 -9.72
C LYS B 583 -55.04 22.62 -10.19
N GLN B 584 -53.70 22.61 -10.22
CA GLN B 584 -52.95 21.50 -10.83
C GLN B 584 -53.23 20.16 -10.19
N ILE B 585 -53.71 20.14 -8.96
CA ILE B 585 -53.93 18.85 -8.31
C ILE B 585 -55.17 18.17 -8.83
N GLY B 586 -56.07 18.91 -9.47
CA GLY B 586 -57.36 18.34 -9.87
C GLY B 586 -57.21 17.15 -10.78
N TYR B 587 -56.19 17.17 -11.64
CA TYR B 587 -55.92 15.99 -12.43
C TYR B 587 -55.40 14.85 -11.62
N ASP B 588 -54.79 15.09 -10.51
CA ASP B 588 -53.95 14.13 -9.98
C ASP B 588 -53.96 13.50 -8.54
N VAL B 589 -54.65 12.35 -8.52
CA VAL B 589 -54.22 11.23 -7.73
C VAL B 589 -52.62 11.24 -7.78
N LEU B 590 -52.05 11.80 -8.85
CA LEU B 590 -50.60 12.04 -8.99
C LEU B 590 -50.05 13.33 -8.34
N ALA B 591 -50.26 14.49 -8.98
CA ALA B 591 -49.95 15.83 -8.44
C ALA B 591 -50.15 15.85 -6.93
N GLU B 592 -50.99 14.94 -6.42
CA GLU B 592 -51.00 14.69 -5.00
C GLU B 592 -49.57 14.80 -4.50
N ASP B 593 -48.70 14.09 -5.17
CA ASP B 593 -47.30 14.19 -4.89
C ASP B 593 -46.84 15.61 -4.78
N THR B 594 -46.89 16.27 -5.92
CA THR B 594 -46.61 17.67 -5.93
C THR B 594 -47.14 18.26 -4.63
N ILE B 595 -48.44 18.13 -4.43
CA ILE B 595 -49.07 18.61 -3.21
C ILE B 595 -48.24 18.18 -2.03
N THR B 596 -48.38 16.93 -1.71
CA THR B 596 -47.63 16.39 -0.61
C THR B 596 -46.32 17.14 -0.49
N ALA B 597 -45.62 17.23 -1.62
CA ALA B 597 -44.29 17.80 -1.67
C ALA B 597 -44.32 19.16 -0.98
N LEU B 598 -44.97 20.15 -1.58
CA LEU B 598 -45.00 21.48 -0.98
C LEU B 598 -45.19 21.39 0.53
N LEU B 599 -46.20 20.63 0.96
CA LEU B 599 -46.58 20.55 2.35
C LEU B 599 -45.39 20.34 3.24
N HIS B 600 -44.67 19.30 2.95
CA HIS B 600 -43.52 19.06 3.77
C HIS B 600 -42.53 20.21 3.64
N ASN B 601 -42.24 20.61 2.39
CA ASN B 601 -41.15 21.56 2.08
C ASN B 601 -41.30 22.87 2.82
N ASN B 602 -42.50 23.40 2.92
CA ASN B 602 -42.69 24.62 3.68
C ASN B 602 -44.03 24.53 4.36
N ARG B 603 -44.41 25.58 5.05
CA ARG B 603 -45.67 25.54 5.72
C ARG B 603 -46.03 26.93 6.27
N LYS B 604 -46.69 27.81 5.50
CA LYS B 604 -47.22 29.03 6.13
C LYS B 604 -48.11 29.84 5.22
N LEU B 605 -47.51 30.37 4.17
CA LEU B 605 -48.28 31.23 3.29
C LEU B 605 -49.44 30.47 2.71
N LEU B 606 -49.15 29.31 2.13
CA LEU B 606 -50.22 28.52 1.60
C LEU B 606 -51.36 28.46 2.60
N GLU B 607 -51.04 28.27 3.87
CA GLU B 607 -52.09 28.12 4.84
C GLU B 607 -53.07 29.24 4.68
N LYS B 608 -52.56 30.46 4.71
CA LYS B 608 -53.42 31.61 4.52
C LYS B 608 -53.98 31.66 3.10
N HIS B 609 -53.23 31.27 2.08
CA HIS B 609 -53.68 31.50 0.70
C HIS B 609 -54.79 30.56 0.21
N ILE B 610 -54.95 29.37 0.84
CA ILE B 610 -56.00 28.42 0.48
C ILE B 610 -57.39 28.90 0.87
N THR B 611 -57.50 29.73 1.90
CA THR B 611 -58.79 30.14 2.39
C THR B 611 -59.69 29.01 2.84
N ALA B 612 -60.84 29.40 3.33
CA ALA B 612 -61.90 28.43 3.36
C ALA B 612 -61.97 27.59 2.06
N ALA B 613 -61.27 27.95 0.95
CA ALA B 613 -61.40 27.15 -0.30
C ALA B 613 -61.19 25.69 0.00
N GLU B 614 -60.31 25.41 0.96
CA GLU B 614 -60.06 24.02 1.28
C GLU B 614 -61.36 23.25 1.40
N ILE B 615 -62.31 23.85 2.08
CA ILE B 615 -63.58 23.22 2.33
C ILE B 615 -64.12 22.60 1.06
N ASP B 616 -64.29 23.44 0.02
CA ASP B 616 -64.92 22.92 -1.17
C ASP B 616 -64.34 21.57 -1.46
N THR B 617 -63.01 21.52 -1.46
CA THR B 617 -62.28 20.31 -1.81
C THR B 617 -62.78 19.11 -0.99
N PHE B 618 -62.81 19.23 0.32
CA PHE B 618 -63.32 18.12 1.11
C PHE B 618 -64.69 17.66 0.59
N VAL B 619 -65.63 18.57 0.60
CA VAL B 619 -66.99 18.20 0.30
C VAL B 619 -67.03 17.49 -1.03
N SER B 620 -66.75 18.24 -2.09
CA SER B 620 -66.69 17.67 -3.42
C SER B 620 -65.96 16.33 -3.35
N LEU B 621 -64.79 16.32 -2.74
CA LEU B 621 -64.04 15.08 -2.67
C LEU B 621 -65.01 14.01 -2.24
N VAL B 622 -65.44 14.09 -1.01
CA VAL B 622 -66.37 13.15 -0.46
C VAL B 622 -67.34 12.86 -1.57
N ARG B 623 -67.99 13.90 -2.03
CA ARG B 623 -68.89 13.72 -3.13
C ARG B 623 -68.17 13.08 -4.30
N LYS B 624 -67.29 13.83 -4.94
CA LYS B 624 -66.61 13.34 -6.13
C LYS B 624 -65.80 12.12 -5.77
N ASN B 625 -64.89 12.29 -4.85
CA ASN B 625 -64.22 11.15 -4.29
C ASN B 625 -65.16 10.69 -3.22
N ARG B 626 -65.98 9.73 -3.57
CA ARG B 626 -66.75 9.08 -2.55
C ARG B 626 -65.86 8.34 -1.57
N GLU B 627 -64.91 7.46 -2.07
CA GLU B 627 -63.94 6.71 -1.23
C GLU B 627 -63.13 7.65 -0.36
N PRO B 628 -63.25 8.97 -0.63
CA PRO B 628 -62.49 9.98 0.12
C PRO B 628 -61.02 9.62 0.21
N ARG B 629 -60.50 8.92 -0.81
CA ARG B 629 -59.06 8.81 -1.02
C ARG B 629 -58.46 10.20 -0.96
N PHE B 630 -58.75 11.05 -1.94
CA PHE B 630 -58.26 12.43 -1.91
C PHE B 630 -58.91 13.24 -0.80
N LEU B 631 -60.06 12.77 -0.31
CA LEU B 631 -60.63 13.36 0.91
C LEU B 631 -59.78 12.98 2.11
N ASP B 632 -59.52 11.69 2.30
CA ASP B 632 -58.76 11.26 3.46
C ASP B 632 -57.33 11.79 3.40
N TYR B 633 -56.86 12.11 2.20
CA TYR B 633 -55.54 12.73 2.00
C TYR B 633 -55.59 14.23 2.26
N LEU B 634 -56.54 14.92 1.66
CA LEU B 634 -56.71 16.29 2.07
C LEU B 634 -56.77 16.38 3.60
N SER B 635 -57.34 15.36 4.24
CA SER B 635 -57.33 15.27 5.69
C SER B 635 -55.93 15.08 6.23
N ASP B 636 -55.24 14.09 5.71
CA ASP B 636 -53.92 13.77 6.19
C ASP B 636 -52.99 14.95 5.97
N LEU B 637 -53.34 15.85 5.05
CA LEU B 637 -52.41 16.89 4.71
C LEU B 637 -52.04 17.72 5.91
N CYS B 638 -52.99 17.94 6.80
CA CYS B 638 -52.88 18.97 7.87
C CYS B 638 -51.55 18.93 8.65
N VAL B 639 -51.17 20.10 9.21
CA VAL B 639 -50.01 20.23 10.14
C VAL B 639 -50.03 21.62 10.78
N SER B 640 -49.54 21.74 12.04
CA SER B 640 -49.30 23.00 12.77
C SER B 640 -50.45 23.52 13.63
N MET B 641 -50.09 24.11 14.76
CA MET B 641 -51.12 24.56 15.69
C MET B 641 -52.12 25.41 14.97
N ASN B 642 -51.63 26.43 14.31
CA ASN B 642 -52.51 27.31 13.57
C ASN B 642 -53.51 26.50 12.76
N LYS B 643 -53.02 25.57 11.98
CA LYS B 643 -53.86 24.77 11.13
C LYS B 643 -55.11 24.34 11.87
N SER B 644 -54.94 24.12 13.17
CA SER B 644 -56.02 23.52 13.92
C SER B 644 -57.30 24.30 13.76
N ILE B 645 -57.19 25.61 13.56
CA ILE B 645 -58.34 26.47 13.52
C ILE B 645 -59.11 26.09 12.28
N PRO B 646 -58.59 26.33 11.07
CA PRO B 646 -59.32 25.86 9.89
C PRO B 646 -59.86 24.48 10.16
N VAL B 647 -59.00 23.59 10.67
CA VAL B 647 -59.32 22.18 10.87
C VAL B 647 -60.60 21.99 11.66
N THR B 648 -60.66 22.58 12.84
CA THR B 648 -61.81 22.32 13.70
C THR B 648 -63.12 22.78 13.05
N GLN B 649 -63.11 23.90 12.32
CA GLN B 649 -64.31 24.32 11.62
C GLN B 649 -64.87 23.15 10.83
N GLU B 650 -64.00 22.53 10.04
CA GLU B 650 -64.40 21.37 9.24
C GLU B 650 -65.17 20.34 10.07
N LEU B 651 -64.68 20.05 11.28
CA LEU B 651 -65.36 19.05 12.10
C LEU B 651 -66.87 19.31 12.10
N ILE B 652 -67.27 20.57 12.26
CA ILE B 652 -68.69 20.94 12.26
C ILE B 652 -69.34 20.67 10.88
N CYS B 653 -68.71 21.14 9.82
CA CYS B 653 -69.23 20.86 8.50
C CYS B 653 -69.33 19.36 8.28
N LYS B 654 -68.45 18.60 8.92
CA LYS B 654 -68.52 17.16 8.84
C LYS B 654 -69.73 16.66 9.61
N ALA B 655 -69.99 17.27 10.75
CA ALA B 655 -71.31 17.09 11.31
C ALA B 655 -72.34 17.36 10.26
N VAL B 656 -72.05 18.34 9.42
CA VAL B 656 -72.76 18.47 8.17
C VAL B 656 -72.45 17.28 7.27
N LEU B 657 -71.20 17.12 6.85
CA LEU B 657 -70.85 16.28 5.70
C LEU B 657 -70.34 14.86 6.03
N ASN B 658 -70.04 14.50 7.27
CA ASN B 658 -69.60 13.13 7.59
C ASN B 658 -70.73 12.17 7.34
N PRO B 659 -70.57 11.18 6.51
CA PRO B 659 -71.76 10.44 6.08
C PRO B 659 -71.40 9.11 5.48
N THR B 660 -71.46 8.97 4.14
CA THR B 660 -71.25 7.74 3.39
C THR B 660 -72.52 6.88 3.33
N ASN B 661 -73.61 7.24 4.02
CA ASN B 661 -74.95 6.62 3.94
C ASN B 661 -75.00 5.17 4.47
N ALA B 662 -74.16 4.81 5.45
CA ALA B 662 -74.04 3.44 5.92
C ALA B 662 -73.81 3.41 7.42
N ASP B 663 -73.84 2.23 8.00
CA ASP B 663 -73.81 2.06 9.45
C ASP B 663 -72.49 1.44 9.94
N ILE B 664 -71.73 2.22 10.74
CA ILE B 664 -70.44 1.81 11.29
C ILE B 664 -70.53 1.87 12.81
N LEU B 665 -70.84 0.72 13.44
CA LEU B 665 -70.97 0.66 14.90
C LEU B 665 -71.68 -0.63 15.31
N ILE B 666 -72.46 -0.58 16.40
CA ILE B 666 -72.87 -1.78 17.16
C ILE B 666 -73.64 -1.72 18.51
N GLU B 667 -73.35 -0.76 19.40
CA GLU B 667 -72.37 0.29 19.19
C GLU B 667 -70.99 -0.35 18.96
N THR B 668 -70.69 -1.41 19.75
CA THR B 668 -69.47 -2.21 19.64
C THR B 668 -69.65 -3.59 19.05
N LYS B 669 -70.74 -4.30 19.38
CA LYS B 669 -70.88 -5.70 18.95
C LYS B 669 -70.88 -5.84 17.41
N LEU B 670 -71.75 -5.10 16.70
CA LEU B 670 -71.94 -5.15 15.22
C LEU B 670 -71.07 -4.20 14.40
N VAL B 671 -70.41 -3.27 15.04
CA VAL B 671 -69.18 -2.80 14.51
C VAL B 671 -68.23 -3.97 14.47
N LEU B 672 -68.16 -4.76 15.58
CA LEU B 672 -67.40 -6.03 15.61
C LEU B 672 -67.92 -7.00 14.53
N SER B 673 -69.20 -6.92 14.17
CA SER B 673 -69.70 -7.77 13.10
C SER B 673 -69.40 -7.20 11.72
N ARG B 674 -69.50 -5.88 11.56
CA ARG B 674 -69.04 -5.28 10.33
C ARG B 674 -67.55 -5.50 10.16
N PHE B 675 -66.84 -5.75 11.26
CA PHE B 675 -65.41 -5.94 11.29
C PHE B 675 -65.01 -7.37 11.05
N GLU B 676 -65.67 -8.34 11.66
CA GLU B 676 -65.44 -9.70 11.22
C GLU B 676 -65.80 -9.81 9.75
N PHE B 677 -66.84 -9.09 9.34
CA PHE B 677 -67.23 -9.09 7.95
C PHE B 677 -66.07 -8.62 7.08
N GLU B 678 -65.74 -7.34 7.18
CA GLU B 678 -64.61 -6.81 6.45
C GLU B 678 -63.41 -7.74 6.61
N GLY B 679 -63.14 -8.06 7.86
CA GLY B 679 -61.96 -8.84 8.22
C GLY B 679 -62.03 -10.24 7.70
N VAL B 680 -63.23 -10.78 7.60
CA VAL B 680 -63.39 -11.83 6.61
C VAL B 680 -62.63 -11.22 5.48
N SER B 681 -61.41 -11.70 5.25
CA SER B 681 -60.51 -11.07 4.30
C SER B 681 -61.27 -10.71 3.04
N THR B 682 -62.52 -11.12 2.96
CA THR B 682 -63.44 -10.60 2.00
C THR B 682 -62.89 -9.32 1.47
N GLY B 683 -62.82 -9.19 0.16
CA GLY B 683 -62.49 -7.95 -0.45
C GLY B 683 -63.56 -6.94 -0.12
N GLU B 684 -63.72 -5.99 -1.01
CA GLU B 684 -64.98 -5.27 -1.12
C GLU B 684 -65.25 -4.57 0.19
N ASN B 685 -66.29 -5.02 0.91
CA ASN B 685 -66.63 -4.41 2.18
C ASN B 685 -65.41 -4.24 3.06
N ALA B 686 -64.67 -5.32 3.27
CA ALA B 686 -63.37 -5.15 3.85
C ALA B 686 -62.74 -3.93 3.23
N LEU B 687 -62.78 -3.85 1.90
CA LEU B 687 -62.09 -2.78 1.15
C LEU B 687 -62.52 -1.37 1.57
N GLU B 688 -63.78 -1.05 1.39
CA GLU B 688 -64.20 0.28 1.83
C GLU B 688 -63.76 0.53 3.27
N ALA B 689 -63.97 -0.48 4.16
CA ALA B 689 -63.65 -0.35 5.58
C ALA B 689 -62.29 0.32 5.73
N GLY B 690 -61.35 -0.16 4.93
CA GLY B 690 -60.09 0.56 4.90
C GLY B 690 -60.26 2.06 4.83
N GLU B 691 -60.92 2.56 3.79
CA GLU B 691 -61.03 3.99 3.59
C GLU B 691 -61.38 4.70 4.89
N ASP B 692 -62.32 4.16 5.62
CA ASP B 692 -62.71 4.81 6.87
C ASP B 692 -61.59 4.74 7.91
N GLU B 693 -61.16 3.53 8.26
CA GLU B 693 -60.16 3.46 9.32
C GLU B 693 -59.11 4.50 9.06
N GLU B 694 -58.74 4.63 7.81
CA GLU B 694 -57.94 5.72 7.33
C GLU B 694 -58.63 7.03 7.59
N GLU B 695 -59.32 7.51 6.57
CA GLU B 695 -60.06 8.74 6.56
C GLU B 695 -60.28 9.22 7.99
N VAL B 696 -60.90 8.35 8.75
CA VAL B 696 -60.86 8.41 10.19
C VAL B 696 -59.43 8.61 10.65
N TRP B 697 -58.86 7.60 11.32
CA TRP B 697 -57.53 7.64 11.86
C TRP B 697 -56.86 8.85 11.26
N LEU B 698 -56.43 8.81 10.00
CA LEU B 698 -55.87 9.98 9.34
C LEU B 698 -56.46 11.28 9.85
N PHE B 699 -57.69 11.51 9.49
CA PHE B 699 -58.39 12.64 10.04
C PHE B 699 -58.27 12.57 11.54
N TRP B 700 -59.07 11.70 12.13
CA TRP B 700 -59.19 11.42 13.54
C TRP B 700 -58.01 11.71 14.46
N ARG B 701 -56.95 10.97 14.29
CA ARG B 701 -55.80 11.11 15.15
C ARG B 701 -55.44 12.56 15.36
N ASP B 702 -55.63 13.38 14.33
CA ASP B 702 -55.19 14.76 14.33
C ASP B 702 -55.34 15.38 15.69
N SER B 703 -54.25 15.93 16.20
CA SER B 703 -54.34 16.69 17.45
C SER B 703 -53.00 17.19 17.89
N ASN B 704 -52.59 18.35 17.38
CA ASN B 704 -51.24 18.83 17.55
C ASN B 704 -51.05 19.33 18.96
N LYS B 705 -51.53 20.53 19.16
CA LYS B 705 -51.40 21.20 20.40
C LYS B 705 -52.68 22.00 20.49
N GLU B 706 -53.80 21.32 20.42
CA GLU B 706 -55.09 21.98 20.36
C GLU B 706 -55.55 22.31 21.79
N ILE B 707 -55.69 23.60 22.08
CA ILE B 707 -56.05 24.05 23.42
C ILE B 707 -57.54 23.91 23.51
N ARG B 708 -57.99 22.64 23.41
CA ARG B 708 -59.33 22.16 23.74
C ARG B 708 -59.93 21.32 22.60
N SER B 709 -59.66 21.75 21.38
CA SER B 709 -60.32 21.19 20.23
C SER B 709 -60.36 19.68 20.34
N LYS B 710 -59.16 19.13 20.24
CA LYS B 710 -59.02 17.68 20.25
C LYS B 710 -59.76 17.08 21.44
N SER B 711 -59.61 17.70 22.61
CA SER B 711 -60.22 17.12 23.80
C SER B 711 -61.69 16.87 23.53
N VAL B 712 -62.37 17.92 23.10
CA VAL B 712 -63.74 17.75 22.66
C VAL B 712 -63.80 16.56 21.72
N ARG B 713 -63.09 16.63 20.63
CA ARG B 713 -63.29 15.61 19.62
C ARG B 713 -63.18 14.20 20.20
N GLU B 714 -62.40 14.02 21.24
CA GLU B 714 -62.22 12.70 21.77
C GLU B 714 -63.57 12.15 22.15
N LEU B 715 -63.73 10.86 21.99
CA LEU B 715 -64.99 10.25 22.28
C LEU B 715 -64.77 9.14 23.28
N ALA B 716 -65.73 8.20 23.40
CA ALA B 716 -65.51 6.97 24.14
C ALA B 716 -64.31 6.22 23.57
N GLN B 717 -63.59 5.51 24.43
CA GLN B 717 -62.38 4.83 24.01
C GLN B 717 -62.57 3.33 24.07
N ASP B 718 -61.98 2.62 23.11
CA ASP B 718 -62.06 1.17 23.05
C ASP B 718 -60.81 0.69 22.32
N ALA B 719 -59.84 0.22 23.10
CA ALA B 719 -58.57 -0.19 22.55
C ALA B 719 -58.27 -1.68 22.67
N LYS B 720 -59.08 -2.44 23.41
CA LYS B 720 -58.82 -3.88 23.55
C LYS B 720 -58.68 -4.57 22.19
N GLU B 721 -59.62 -4.32 21.28
CA GLU B 721 -59.45 -4.75 19.90
C GLU B 721 -58.96 -3.63 19.02
N GLY B 722 -58.40 -2.57 19.63
CA GLY B 722 -57.99 -1.36 18.95
C GLY B 722 -57.56 -1.68 17.53
N GLN B 723 -57.99 -0.88 16.59
CA GLN B 723 -57.59 -1.06 15.21
C GLN B 723 -56.49 -0.08 14.86
N LYS B 724 -55.73 -0.46 13.84
CA LYS B 724 -54.60 0.34 13.41
C LYS B 724 -54.97 1.83 13.33
N GLU B 725 -54.09 2.66 13.93
CA GLU B 725 -54.03 4.12 13.74
C GLU B 725 -55.14 4.84 14.45
N ASP B 726 -55.83 4.15 15.33
CA ASP B 726 -56.83 4.82 16.15
C ASP B 726 -56.34 4.88 17.60
N ARG B 727 -56.45 3.74 18.28
CA ARG B 727 -56.28 3.71 19.72
C ARG B 727 -55.04 4.47 20.14
N ASP B 728 -53.89 4.19 19.54
CA ASP B 728 -52.69 4.92 19.91
C ASP B 728 -52.87 6.41 19.67
N ILE B 729 -53.38 6.75 18.52
CA ILE B 729 -53.74 8.14 18.29
C ILE B 729 -54.71 8.59 19.36
N LEU B 730 -55.83 7.93 19.42
CA LEU B 730 -56.85 8.33 20.36
C LEU B 730 -56.28 8.60 21.72
N SER B 731 -55.74 7.54 22.30
CA SER B 731 -54.95 7.64 23.49
C SER B 731 -54.14 8.90 23.43
N TYR B 732 -53.46 9.09 22.32
CA TYR B 732 -52.66 10.30 22.18
C TYR B 732 -53.50 11.52 22.51
N TYR B 733 -54.50 11.79 21.69
CA TYR B 733 -55.36 12.95 21.91
C TYR B 733 -55.67 13.06 23.38
N ARG B 734 -56.06 11.95 23.99
CA ARG B 734 -56.35 11.91 25.41
C ARG B 734 -55.22 12.54 26.23
N TYR B 735 -54.03 11.93 26.22
CA TYR B 735 -53.00 12.37 27.15
C TYR B 735 -52.67 13.84 26.98
N GLN B 736 -52.78 14.33 25.75
CA GLN B 736 -52.60 15.76 25.54
C GLN B 736 -53.70 16.55 26.22
N LEU B 737 -54.91 16.01 26.23
CA LEU B 737 -56.02 16.77 26.78
C LEU B 737 -55.73 17.17 28.21
N ASN B 738 -55.24 16.23 29.03
CA ASN B 738 -54.94 16.49 30.42
C ASN B 738 -53.78 17.44 30.44
N LEU B 739 -54.00 18.65 29.96
CA LEU B 739 -53.05 19.73 30.01
C LEU B 739 -51.89 19.41 29.09
N PHE B 740 -50.94 20.34 29.12
CA PHE B 740 -49.66 20.26 28.42
C PHE B 740 -48.52 20.18 29.44
N ALA B 741 -47.86 19.00 29.49
CA ALA B 741 -46.73 18.72 30.38
C ALA B 741 -45.80 19.91 30.57
N ARG B 742 -46.28 20.98 31.20
CA ARG B 742 -45.42 22.15 31.39
C ARG B 742 -44.13 21.79 32.08
N MET B 743 -44.14 20.77 32.92
CA MET B 743 -42.93 20.29 33.57
C MET B 743 -42.11 19.53 32.53
N CYS B 744 -40.82 19.18 32.71
CA CYS B 744 -39.82 19.62 33.71
C CYS B 744 -39.04 18.44 34.31
N LEU B 745 -37.80 18.73 34.70
CA LEU B 745 -37.18 18.16 35.87
C LEU B 745 -36.99 19.35 36.83
N ASP B 746 -36.37 19.13 37.97
CA ASP B 746 -36.40 20.26 38.90
C ASP B 746 -35.05 20.39 39.62
N ARG B 747 -33.94 20.11 38.92
CA ARG B 747 -32.61 20.26 39.50
C ARG B 747 -31.54 20.55 38.43
N GLN B 748 -30.37 21.06 38.90
CA GLN B 748 -29.17 21.35 38.09
C GLN B 748 -27.95 21.60 38.98
N TYR B 749 -26.94 22.26 38.44
CA TYR B 749 -25.75 22.44 39.22
C TYR B 749 -24.98 21.12 39.18
N LEU B 750 -23.88 21.07 39.90
CA LEU B 750 -22.82 20.12 39.57
C LEU B 750 -23.22 18.69 39.77
N ALA B 751 -23.95 18.42 40.83
CA ALA B 751 -24.38 17.06 41.07
C ALA B 751 -24.67 16.40 39.72
N ILE B 752 -25.39 17.14 38.88
CA ILE B 752 -25.79 16.66 37.59
C ILE B 752 -24.63 15.95 36.92
N ASN B 753 -23.63 16.74 36.59
CA ASN B 753 -22.48 16.18 35.93
C ASN B 753 -22.01 14.94 36.66
N GLU B 754 -21.85 15.05 37.97
CA GLU B 754 -21.40 13.92 38.73
C GLU B 754 -22.27 12.71 38.47
N ILE B 755 -23.55 12.89 38.64
CA ILE B 755 -24.41 11.77 38.35
C ILE B 755 -24.20 11.30 36.93
N SER B 756 -24.11 12.27 36.06
CA SER B 756 -23.62 11.99 34.74
C SER B 756 -22.45 11.05 34.89
N GLY B 757 -21.40 11.54 35.51
CA GLY B 757 -20.29 10.68 35.83
C GLY B 757 -20.80 9.35 36.35
N GLN B 758 -21.71 9.37 37.28
CA GLN B 758 -22.17 8.13 37.87
C GLN B 758 -22.56 7.07 36.86
N LEU B 759 -23.15 7.46 35.74
CA LEU B 759 -23.65 6.54 34.74
C LEU B 759 -22.72 6.45 33.55
N ASP B 760 -21.67 7.20 33.52
CA ASP B 760 -21.03 7.77 32.31
C ASP B 760 -21.10 6.97 31.00
N VAL B 761 -20.36 5.86 30.92
CA VAL B 761 -20.17 5.09 29.70
C VAL B 761 -21.54 5.07 29.07
N ASP B 762 -22.44 4.30 29.68
CA ASP B 762 -23.65 3.97 28.96
C ASP B 762 -24.28 5.24 28.33
N LEU B 763 -24.36 6.31 29.10
CA LEU B 763 -25.07 7.49 28.63
C LEU B 763 -24.44 8.06 27.39
N ILE B 764 -23.16 8.38 27.48
CA ILE B 764 -22.48 8.74 26.25
C ILE B 764 -22.95 7.76 25.18
N LEU B 765 -22.68 6.49 25.37
CA LEU B 765 -23.07 5.47 24.42
C LEU B 765 -24.52 5.61 24.04
N ARG B 766 -25.36 5.60 25.05
CA ARG B 766 -26.75 5.86 24.86
C ARG B 766 -26.73 7.17 24.15
N CYS B 767 -26.41 8.21 24.91
CA CYS B 767 -26.32 9.56 24.40
C CYS B 767 -25.64 9.50 23.04
N MET B 768 -24.93 8.42 22.79
CA MET B 768 -24.35 8.18 21.48
C MET B 768 -25.23 7.39 20.50
N SER B 769 -25.29 6.10 20.72
CA SER B 769 -25.76 5.22 19.67
C SER B 769 -27.11 5.69 19.15
N ASP B 770 -27.95 6.23 20.04
CA ASP B 770 -29.24 6.82 19.71
C ASP B 770 -29.06 8.17 19.06
N GLU B 771 -28.52 9.10 19.84
CA GLU B 771 -28.28 10.44 19.32
C GLU B 771 -27.43 10.35 18.06
N ASN B 772 -26.70 9.25 17.89
CA ASN B 772 -26.15 8.79 16.60
C ASN B 772 -26.71 7.43 16.33
N LEU B 773 -28.01 7.37 16.18
CA LEU B 773 -28.61 6.17 15.67
C LEU B 773 -28.47 6.31 14.17
N PRO B 774 -29.55 6.20 13.44
CA PRO B 774 -29.48 6.35 11.98
C PRO B 774 -28.54 5.35 11.42
N TYR B 775 -27.32 5.52 11.86
CA TYR B 775 -26.31 4.53 11.68
C TYR B 775 -26.86 3.14 11.94
N ASP B 776 -27.31 2.91 13.19
CA ASP B 776 -27.83 1.60 13.60
C ASP B 776 -26.77 0.71 14.26
N LEU B 777 -26.01 -0.12 13.53
CA LEU B 777 -25.32 -1.30 14.10
C LEU B 777 -24.62 -1.07 15.47
N ARG B 778 -24.17 0.16 15.72
CA ARG B 778 -23.47 0.59 16.94
C ARG B 778 -24.26 0.47 18.22
N ALA B 779 -25.27 1.30 18.29
CA ALA B 779 -26.28 1.05 19.26
C ALA B 779 -26.40 -0.48 19.49
N SER B 780 -26.53 -1.29 18.44
CA SER B 780 -26.74 -2.74 18.61
C SER B 780 -25.68 -3.36 19.50
N PHE B 781 -24.48 -3.34 19.02
CA PHE B 781 -23.42 -3.91 19.82
C PHE B 781 -23.52 -3.40 21.24
N CYS B 782 -23.86 -2.13 21.38
CA CYS B 782 -24.31 -1.67 22.65
C CYS B 782 -25.28 -2.73 23.20
N ARG B 783 -26.32 -3.05 22.44
CA ARG B 783 -27.27 -4.08 22.90
C ARG B 783 -26.53 -5.34 23.30
N LEU B 784 -25.41 -5.60 22.66
CA LEU B 784 -24.50 -6.59 23.22
C LEU B 784 -24.19 -6.20 24.66
N MET B 785 -24.00 -4.91 24.89
CA MET B 785 -23.95 -4.42 26.24
C MET B 785 -25.23 -4.77 26.98
N LEU B 786 -26.29 -4.02 26.74
CA LEU B 786 -27.54 -4.18 27.46
C LEU B 786 -27.75 -5.60 27.91
N HIS B 787 -27.74 -6.48 26.91
CA HIS B 787 -27.63 -7.91 27.17
C HIS B 787 -26.67 -8.19 28.31
N MET B 788 -25.45 -7.68 28.21
CA MET B 788 -24.58 -7.80 29.37
C MET B 788 -25.20 -7.09 30.57
N HIS B 789 -25.82 -5.93 30.35
CA HIS B 789 -26.31 -5.09 31.43
C HIS B 789 -27.45 -5.77 32.16
N VAL B 790 -28.46 -6.24 31.43
CA VAL B 790 -29.54 -7.02 32.04
C VAL B 790 -30.04 -6.38 33.35
N ASP B 791 -29.19 -6.34 34.37
CA ASP B 791 -29.53 -5.80 35.70
C ASP B 791 -30.32 -4.50 35.77
N SER B 825 -53.37 10.73 44.40
CA SER B 825 -53.17 11.28 43.08
C SER B 825 -53.66 10.33 42.00
N LYS B 826 -53.28 9.06 42.11
CA LYS B 826 -53.68 8.05 41.13
C LYS B 826 -55.18 8.06 40.90
N ASP B 827 -55.60 8.19 39.63
CA ASP B 827 -57.00 8.40 39.25
C ASP B 827 -57.46 7.35 38.23
N GLU B 828 -58.48 7.71 37.39
CA GLU B 828 -59.07 6.80 36.36
C GLU B 828 -58.19 6.62 35.11
N ILE B 829 -57.47 7.67 34.72
CA ILE B 829 -56.47 7.51 33.69
C ILE B 829 -55.64 6.29 34.00
N LYS B 830 -55.21 6.18 35.26
CA LYS B 830 -54.52 4.99 35.77
C LYS B 830 -55.11 3.75 35.11
N GLU B 831 -56.39 3.54 35.33
CA GLU B 831 -57.07 2.44 34.65
C GLU B 831 -56.64 2.38 33.19
N ARG B 832 -56.78 3.53 32.55
CA ARG B 832 -56.38 3.58 31.15
C ARG B 832 -55.03 2.92 30.97
N PHE B 833 -54.04 3.47 31.64
CA PHE B 833 -52.73 2.86 31.57
C PHE B 833 -52.83 1.32 31.65
N ALA B 834 -53.50 0.78 32.68
CA ALA B 834 -53.49 -0.67 32.88
C ALA B 834 -53.90 -1.40 31.62
N GLN B 835 -54.94 -0.94 30.98
CA GLN B 835 -55.21 -1.56 29.72
C GLN B 835 -53.96 -1.51 28.85
N THR B 836 -53.30 -0.35 28.85
CA THR B 836 -52.08 -0.19 28.07
C THR B 836 -51.04 -1.24 28.44
N MET B 837 -50.79 -1.37 29.73
CA MET B 837 -49.75 -2.26 30.21
C MET B 837 -50.04 -3.68 29.76
N GLU B 838 -51.32 -4.03 29.71
CA GLU B 838 -51.70 -5.20 28.96
C GLU B 838 -51.04 -5.07 27.60
N PHE B 839 -51.45 -4.08 26.83
CA PHE B 839 -51.07 -4.02 25.43
C PHE B 839 -49.56 -4.00 25.17
N VAL B 840 -48.78 -3.57 26.15
CA VAL B 840 -47.37 -3.47 25.95
C VAL B 840 -46.66 -4.69 26.46
N GLU B 841 -47.10 -5.22 27.58
CA GLU B 841 -46.68 -6.56 27.93
C GLU B 841 -46.95 -7.33 26.64
N GLU B 842 -48.21 -7.55 26.34
CA GLU B 842 -48.60 -8.11 25.07
C GLU B 842 -47.60 -7.77 23.99
N TYR B 843 -47.50 -6.51 23.67
CA TYR B 843 -46.57 -6.10 22.66
C TYR B 843 -45.30 -6.89 22.88
N LEU B 844 -44.87 -6.91 24.12
CA LEU B 844 -43.72 -7.71 24.48
C LEU B 844 -43.88 -9.11 23.93
N ARG B 845 -45.02 -9.73 24.20
CA ARG B 845 -45.26 -11.11 23.78
C ARG B 845 -45.06 -11.25 22.30
N ASP B 846 -45.70 -10.37 21.57
CA ASP B 846 -45.58 -10.35 20.13
C ASP B 846 -44.12 -10.29 19.69
N VAL B 847 -43.24 -9.66 20.47
CA VAL B 847 -41.81 -9.63 20.10
C VAL B 847 -41.15 -11.02 20.07
N VAL B 848 -41.69 -11.99 20.82
CA VAL B 848 -41.08 -13.31 20.88
C VAL B 848 -40.94 -13.93 19.50
N CYS B 849 -41.98 -13.78 18.67
CA CYS B 849 -41.93 -14.22 17.29
C CYS B 849 -40.61 -13.76 16.73
N GLN B 850 -39.62 -14.61 16.82
CA GLN B 850 -38.39 -14.30 16.17
C GLN B 850 -38.74 -13.57 14.87
N ARG B 851 -39.35 -14.22 13.88
CA ARG B 851 -39.62 -13.56 12.61
C ARG B 851 -40.33 -12.24 12.84
N PHE B 852 -39.94 -11.23 12.12
CA PHE B 852 -40.63 -9.98 12.23
C PHE B 852 -40.81 -9.58 10.78
N PRO B 853 -40.89 -10.54 9.88
CA PRO B 853 -41.32 -10.21 8.52
C PRO B 853 -42.56 -9.33 8.52
N PHE B 854 -43.04 -8.93 7.34
CA PHE B 854 -44.12 -7.97 7.11
C PHE B 854 -45.15 -7.64 8.22
N SER B 855 -45.56 -8.61 9.04
CA SER B 855 -46.51 -8.33 10.13
C SER B 855 -46.06 -7.15 10.96
N ASP B 856 -44.80 -7.18 11.35
CA ASP B 856 -44.27 -6.08 12.07
C ASP B 856 -44.74 -4.79 11.45
N LYS B 857 -44.98 -4.77 10.13
CA LYS B 857 -45.67 -3.67 9.51
C LYS B 857 -46.80 -3.29 10.45
N GLU B 858 -47.97 -3.83 10.22
CA GLU B 858 -49.02 -3.59 11.16
C GLU B 858 -48.43 -3.57 12.55
N LYS B 859 -48.04 -4.72 13.09
CA LYS B 859 -47.67 -4.81 14.50
C LYS B 859 -46.89 -3.59 14.94
N ASN B 860 -45.78 -3.40 14.26
CA ASN B 860 -44.84 -2.44 14.79
C ASN B 860 -45.47 -1.06 14.96
N LYS B 861 -46.13 -0.58 13.92
CA LYS B 861 -46.58 0.80 13.97
C LYS B 861 -47.22 1.12 15.33
N LEU B 862 -48.03 0.17 15.79
CA LEU B 862 -48.68 0.34 17.06
C LEU B 862 -47.67 0.70 18.10
N THR B 863 -46.91 -0.33 18.39
CA THR B 863 -45.84 -0.20 19.32
C THR B 863 -45.37 1.24 19.26
N PHE B 864 -45.04 1.75 18.08
CA PHE B 864 -44.35 3.03 18.00
C PHE B 864 -45.18 4.15 18.56
N GLU B 865 -46.31 4.37 17.96
CA GLU B 865 -47.17 5.28 18.65
C GLU B 865 -47.23 4.85 20.08
N VAL B 866 -47.70 3.62 20.27
CA VAL B 866 -47.73 2.96 21.57
C VAL B 866 -46.42 3.13 22.28
N VAL B 867 -45.36 3.09 21.53
CA VAL B 867 -44.07 3.25 22.11
C VAL B 867 -43.87 4.71 22.38
N ASN B 868 -43.93 5.50 21.32
CA ASN B 868 -43.94 6.93 21.50
C ASN B 868 -44.76 7.15 22.72
N LEU B 869 -46.00 6.83 22.55
CA LEU B 869 -46.87 6.65 23.66
C LEU B 869 -46.13 6.09 24.86
N ALA B 870 -45.94 4.80 24.93
CA ALA B 870 -45.46 4.16 26.15
C ALA B 870 -44.40 5.04 26.81
N ARG B 871 -43.52 5.60 26.02
CA ARG B 871 -42.48 6.41 26.59
C ARG B 871 -43.09 7.56 27.32
N ASN B 872 -43.54 8.50 26.54
CA ASN B 872 -44.24 9.59 27.13
C ASN B 872 -45.10 9.00 28.23
N LEU B 873 -45.64 7.81 27.98
CA LEU B 873 -46.50 7.11 28.92
C LEU B 873 -45.81 6.89 30.24
N ILE B 874 -44.84 6.02 30.22
CA ILE B 874 -44.06 5.90 31.43
C ILE B 874 -43.78 7.30 31.95
N TYR B 875 -43.42 8.19 31.02
CA TYR B 875 -43.04 9.56 31.34
C TYR B 875 -44.19 10.36 31.88
N PHE B 876 -45.34 10.25 31.26
CA PHE B 876 -46.44 11.03 31.75
C PHE B 876 -46.89 10.50 33.11
N GLY B 877 -46.64 9.21 33.41
CA GLY B 877 -46.96 8.63 34.73
C GLY B 877 -45.81 8.64 35.71
N PHE B 878 -45.80 9.68 36.56
CA PHE B 878 -44.66 10.04 37.40
C PHE B 878 -45.08 10.54 38.78
N TYR B 879 -44.64 9.88 39.87
CA TYR B 879 -44.91 10.26 41.27
C TYR B 879 -43.85 9.63 42.19
N ASN B 880 -43.86 10.00 43.49
CA ASN B 880 -42.77 9.70 44.42
C ASN B 880 -42.94 8.33 45.08
N PHE B 881 -42.53 7.25 44.36
CA PHE B 881 -42.59 5.85 44.83
C PHE B 881 -42.00 4.83 43.84
N SER B 882 -42.22 3.49 43.97
CA SER B 882 -41.36 2.48 43.33
C SER B 882 -41.94 1.65 42.16
N ASP B 883 -43.24 1.78 41.81
CA ASP B 883 -43.90 0.77 40.98
C ASP B 883 -44.17 1.11 39.51
N LEU B 884 -44.15 2.39 39.10
CA LEU B 884 -43.98 2.68 37.69
C LEU B 884 -42.55 2.45 37.36
N LEU B 885 -41.75 2.55 38.40
CA LEU B 885 -40.46 1.90 38.48
C LEU B 885 -40.59 0.40 38.39
N ARG B 886 -41.22 -0.24 39.36
CA ARG B 886 -41.35 -1.68 39.24
C ARG B 886 -41.83 -2.06 37.85
N LEU B 887 -42.93 -1.44 37.40
CA LEU B 887 -43.31 -1.49 36.02
C LEU B 887 -42.09 -1.25 35.15
N THR B 888 -41.18 -0.42 35.60
CA THR B 888 -40.01 -0.11 34.79
C THR B 888 -39.02 -1.26 34.76
N LYS B 889 -38.83 -1.98 35.86
CA LYS B 889 -38.11 -3.23 35.77
C LYS B 889 -38.74 -4.10 34.70
N ILE B 890 -40.06 -4.15 34.68
CA ILE B 890 -40.77 -4.75 33.55
C ILE B 890 -40.23 -4.15 32.25
N LEU B 891 -39.79 -2.89 32.29
CA LEU B 891 -39.23 -2.17 31.15
C LEU B 891 -37.75 -2.37 30.96
N LEU B 892 -37.12 -3.01 31.89
CA LEU B 892 -35.78 -3.49 31.66
C LEU B 892 -35.88 -4.83 31.01
N ALA B 893 -36.85 -5.58 31.48
CA ALA B 893 -37.26 -6.74 30.73
C ALA B 893 -37.50 -6.16 29.37
N ILE B 894 -38.73 -5.78 29.15
CA ILE B 894 -39.14 -5.12 27.94
C ILE B 894 -37.93 -4.50 27.27
N LEU B 895 -37.41 -3.47 27.90
CA LEU B 895 -36.34 -2.72 27.29
C LEU B 895 -35.35 -3.70 26.70
N ASP B 896 -34.98 -4.67 27.48
CA ASP B 896 -34.08 -5.71 27.01
C ASP B 896 -34.70 -6.50 25.87
N CYS B 897 -35.98 -6.74 25.97
CA CYS B 897 -36.61 -7.60 24.99
C CYS B 897 -36.35 -7.09 23.60
N VAL B 898 -36.39 -5.78 23.42
CA VAL B 898 -36.07 -5.23 22.10
C VAL B 898 -34.74 -5.79 21.65
N HIS B 899 -33.84 -5.92 22.60
CA HIS B 899 -32.52 -6.44 22.35
C HIS B 899 -32.67 -7.88 21.96
N VAL B 900 -31.55 -8.58 21.98
CA VAL B 900 -31.49 -9.98 21.63
C VAL B 900 -32.21 -10.87 22.65
N PRO B 960 -33.62 0.54 -0.87
CA PRO B 960 -33.49 0.38 -2.33
C PRO B 960 -33.89 -1.00 -2.79
N GLU B 961 -35.06 -1.59 -2.48
CA GLU B 961 -36.05 -1.15 -1.46
C GLU B 961 -36.67 -2.38 -0.69
N LYS B 962 -35.96 -3.50 -0.60
CA LYS B 962 -36.48 -4.68 0.11
C LYS B 962 -36.02 -4.60 1.57
N GLU B 963 -34.71 -4.71 1.77
CA GLU B 963 -34.15 -4.49 3.08
C GLU B 963 -34.51 -3.08 3.56
N ASP B 964 -33.89 -2.06 2.93
CA ASP B 964 -34.15 -0.67 3.29
C ASP B 964 -35.65 -0.41 3.40
N ILE B 965 -36.35 -0.47 2.27
CA ILE B 965 -37.75 -0.09 2.30
C ILE B 965 -38.54 -0.96 3.26
N MET B 966 -38.08 -2.17 3.56
CA MET B 966 -38.74 -2.92 4.63
C MET B 966 -38.34 -2.41 6.02
N VAL B 967 -37.25 -1.71 6.11
CA VAL B 967 -36.72 -1.36 7.42
C VAL B 967 -37.32 -0.07 7.91
N MET B 968 -37.53 0.90 7.01
CA MET B 968 -37.88 2.27 7.37
C MET B 968 -38.57 2.44 8.73
N ASP B 969 -39.22 1.40 9.17
CA ASP B 969 -39.96 1.42 10.41
C ASP B 969 -39.05 1.26 11.59
N THR B 970 -38.28 0.18 11.57
CA THR B 970 -37.46 -0.19 12.68
C THR B 970 -36.89 1.10 13.27
N LYS B 971 -36.56 2.01 12.35
CA LYS B 971 -36.02 3.32 12.66
C LYS B 971 -36.81 4.05 13.72
N LEU B 972 -37.95 4.56 13.30
CA LEU B 972 -38.86 5.12 14.26
C LEU B 972 -38.83 4.24 15.52
N LYS B 973 -38.60 2.91 15.40
CA LYS B 973 -38.48 2.05 16.60
C LYS B 973 -37.15 2.21 17.29
N ILE B 974 -36.30 2.96 16.68
CA ILE B 974 -35.03 3.30 17.22
C ILE B 974 -35.21 4.63 17.89
N ILE B 975 -35.42 5.70 17.13
CA ILE B 975 -35.63 7.02 17.71
C ILE B 975 -36.55 6.79 18.90
N GLU B 976 -37.51 5.92 18.68
CA GLU B 976 -38.48 5.47 19.65
C GLU B 976 -37.79 4.65 20.70
N ILE B 977 -37.41 3.42 20.38
CA ILE B 977 -36.90 2.50 21.40
C ILE B 977 -35.88 3.27 22.24
N LEU B 978 -35.33 4.30 21.61
CA LEU B 978 -34.35 5.28 22.05
C LEU B 978 -34.80 6.29 23.09
N GLN B 979 -35.39 7.37 22.64
CA GLN B 979 -35.95 8.34 23.55
C GLN B 979 -36.52 7.60 24.74
N PHE B 980 -37.16 6.44 24.50
CA PHE B 980 -37.72 5.61 25.58
C PHE B 980 -36.66 5.19 26.61
N ILE B 981 -35.93 4.13 26.28
CA ILE B 981 -34.97 3.62 27.26
C ILE B 981 -34.14 4.77 27.79
N LEU B 982 -33.98 5.81 26.96
CA LEU B 982 -33.44 7.09 27.36
C LEU B 982 -34.23 7.60 28.53
N ASN B 983 -34.99 8.67 28.29
CA ASN B 983 -35.86 9.31 29.25
C ASN B 983 -35.88 8.52 30.55
N VAL B 984 -36.37 7.26 30.50
CA VAL B 984 -36.36 6.49 31.74
C VAL B 984 -34.97 6.52 32.30
N ARG B 985 -34.15 5.76 31.63
CA ARG B 985 -32.76 5.73 31.94
C ARG B 985 -32.26 7.11 32.32
N LEU B 986 -32.41 8.05 31.41
CA LEU B 986 -31.75 9.33 31.50
C LEU B 986 -32.54 10.34 32.30
N ASP B 987 -33.50 10.99 31.67
CA ASP B 987 -34.39 11.92 32.35
C ASP B 987 -34.70 11.44 33.76
N TYR B 988 -34.56 10.14 33.99
CA TYR B 988 -34.94 9.61 35.27
C TYR B 988 -33.96 8.61 35.88
N ARG B 989 -33.48 7.64 35.13
CA ARG B 989 -32.84 6.56 35.87
C ARG B 989 -31.72 7.10 36.73
N ILE B 990 -32.06 7.65 37.90
CA ILE B 990 -31.11 8.12 38.91
C ILE B 990 -31.74 9.04 39.96
N SER B 991 -32.75 9.81 39.58
CA SER B 991 -33.12 10.98 40.36
C SER B 991 -33.30 10.62 41.81
N CYS B 992 -33.77 9.40 42.08
CA CYS B 992 -33.86 8.94 43.45
C CYS B 992 -32.50 8.87 44.06
N LEU B 993 -31.61 8.12 43.44
CA LEU B 993 -30.23 8.07 43.89
C LEU B 993 -29.81 9.44 44.37
N LEU B 994 -30.37 10.49 43.76
CA LEU B 994 -30.06 11.88 44.09
C LEU B 994 -30.01 12.19 45.60
N CYS B 995 -31.06 11.90 46.36
CA CYS B 995 -31.12 12.35 47.76
C CYS B 995 -31.08 11.22 48.78
N ILE B 996 -30.53 10.07 48.41
CA ILE B 996 -30.75 8.83 49.15
C ILE B 996 -30.00 8.86 50.48
N PHE B 997 -28.75 9.22 50.45
CA PHE B 997 -27.95 9.08 51.63
C PHE B 997 -28.02 10.26 52.57
N LYS B 998 -28.92 11.23 52.31
CA LYS B 998 -29.00 12.44 53.11
C LYS B 998 -28.75 12.10 54.58
N ARG B 999 -27.92 12.92 55.23
CA ARG B 999 -27.28 12.60 56.50
C ARG B 999 -25.86 13.12 56.51
N GLU B 1000 -25.63 14.36 56.93
CA GLU B 1000 -24.29 14.93 56.93
C GLU B 1000 -23.65 14.74 58.30
N PHE B 1001 -22.38 14.36 58.32
CA PHE B 1001 -21.62 14.30 59.55
C PHE B 1001 -21.20 15.72 59.91
N ASP B 1002 -21.71 16.22 61.03
CA ASP B 1002 -21.37 17.57 61.51
C ASP B 1002 -22.06 17.84 62.85
N GLU B 1003 -23.23 17.23 63.04
CA GLU B 1003 -23.93 17.31 64.32
C GLU B 1003 -24.78 16.05 64.36
N SER B 1004 -24.16 14.97 64.82
CA SER B 1004 -24.86 13.73 65.19
C SER B 1004 -25.66 13.23 63.97
N ASN B 1005 -26.88 12.77 64.19
CA ASN B 1005 -27.70 12.16 63.17
C ASN B 1005 -28.72 13.23 62.76
N SER B 1006 -28.46 13.89 61.63
CA SER B 1006 -29.44 14.78 61.01
C SER B 1006 -29.61 14.40 59.55
N GLN B 1007 -30.12 13.17 59.33
CA GLN B 1007 -30.42 12.56 58.04
C GLN B 1007 -31.86 12.90 57.57
N SER B 1008 -32.13 12.60 56.26
CA SER B 1008 -33.39 12.71 55.48
C SER B 1008 -34.71 13.07 56.19
N SER B 1009 -35.77 12.27 55.95
CA SER B 1009 -37.05 12.47 56.54
C SER B 1009 -38.11 11.49 55.97
N GLY B 1026 -36.95 28.54 52.77
CA GLY B 1026 -35.84 28.93 51.86
C GLY B 1026 -36.47 29.75 50.87
N ALA B 1027 -36.97 30.91 51.16
CA ALA B 1027 -38.01 31.58 50.40
C ALA B 1027 -39.24 30.65 50.38
N LEU B 1028 -39.91 30.46 49.26
CA LEU B 1028 -40.92 29.43 49.12
C LEU B 1028 -40.81 28.83 47.73
N ASP B 1029 -40.06 27.70 47.64
CA ASP B 1029 -39.68 27.08 46.35
C ASP B 1029 -40.77 26.16 45.79
N PHE B 1030 -41.20 25.14 46.56
CA PHE B 1030 -42.31 24.29 46.11
C PHE B 1030 -43.52 25.13 45.82
N GLU B 1031 -43.67 26.24 46.56
CA GLU B 1031 -44.65 27.27 46.25
C GLU B 1031 -44.49 27.77 44.82
N HIS B 1032 -43.34 28.36 44.52
CA HIS B 1032 -43.12 28.88 43.18
C HIS B 1032 -43.34 27.79 42.09
N ILE B 1033 -42.64 26.65 42.18
CA ILE B 1033 -42.69 25.66 41.10
C ILE B 1033 -44.11 25.13 40.91
N GLU B 1034 -44.91 25.10 41.97
CA GLU B 1034 -46.33 24.80 41.82
C GLU B 1034 -47.06 25.89 41.06
N GLU B 1035 -46.76 27.16 41.34
CA GLU B 1035 -47.20 28.20 40.43
C GLU B 1035 -46.86 27.83 39.00
N GLN B 1036 -45.67 27.21 38.78
CA GLN B 1036 -45.25 26.75 37.45
C GLN B 1036 -46.14 25.65 36.97
N ALA B 1037 -46.68 24.85 37.88
CA ALA B 1037 -47.73 23.92 37.53
C ALA B 1037 -48.96 24.69 37.04
N GLU B 1038 -49.45 25.62 37.85
CA GLU B 1038 -50.34 26.66 37.36
C GLU B 1038 -49.94 27.07 35.93
N GLY B 1039 -48.64 27.26 35.71
CA GLY B 1039 -48.17 27.72 34.40
C GLY B 1039 -48.33 26.70 33.30
N ILE B 1040 -48.30 25.42 33.62
CA ILE B 1040 -48.77 24.42 32.68
C ILE B 1040 -50.20 24.71 32.24
N PHE B 1041 -51.13 24.66 33.19
CA PHE B 1041 -52.56 24.83 32.83
C PHE B 1041 -52.74 26.03 31.90
N GLY B 1042 -52.11 27.15 32.27
CA GLY B 1042 -52.12 28.30 31.40
C GLY B 1042 -51.74 27.87 30.01
N GLY B 1043 -50.51 27.33 29.92
CA GLY B 1043 -50.04 26.84 28.66
C GLY B 1043 -51.23 26.15 28.02
N SER B 1044 -51.87 25.25 28.76
CA SER B 1044 -52.96 24.47 28.20
C SER B 1044 -54.10 25.36 27.73
N GLU B 1045 -54.46 26.35 28.51
CA GLU B 1045 -55.61 27.17 28.15
C GLU B 1045 -55.47 27.66 26.71
N GLU B 1046 -56.61 27.80 26.01
CA GLU B 1046 -56.67 28.41 24.69
C GLU B 1046 -57.28 29.80 24.81
N ASN B 1047 -57.17 30.57 23.74
CA ASN B 1047 -57.74 31.92 23.72
C ASN B 1047 -59.25 31.90 23.57
N THR B 1048 -59.77 30.82 23.10
CA THR B 1048 -61.20 30.65 22.98
C THR B 1048 -61.87 30.81 24.34
N PRO B 1049 -61.11 30.63 25.44
CA PRO B 1049 -61.70 30.66 26.80
C PRO B 1049 -62.20 32.05 27.27
N LEU B 1050 -63.18 32.04 28.21
CA LEU B 1050 -63.92 33.28 28.62
C LEU B 1050 -63.55 33.72 30.03
N ASP B 1051 -64.17 33.19 31.09
CA ASP B 1051 -63.91 33.68 32.45
C ASP B 1051 -62.44 33.50 32.85
N LEU B 1052 -61.90 32.27 32.74
CA LEU B 1052 -60.58 31.91 33.29
C LEU B 1052 -59.41 32.77 32.79
N ASP B 1053 -59.28 32.99 31.48
CA ASP B 1053 -58.10 33.69 30.98
C ASP B 1053 -57.98 35.14 31.48
N ASP B 1054 -59.13 35.78 31.75
CA ASP B 1054 -59.15 37.08 32.42
C ASP B 1054 -59.78 37.02 33.80
N HIS B 1055 -61.01 36.42 33.96
CA HIS B 1055 -61.66 36.28 35.28
C HIS B 1055 -60.83 35.39 36.19
N GLY B 1056 -60.20 34.36 35.62
CA GLY B 1056 -59.11 33.66 36.29
C GLY B 1056 -57.73 34.29 36.07
N GLY B 1057 -57.49 34.89 34.89
CA GLY B 1057 -56.17 35.38 34.47
C GLY B 1057 -55.48 36.51 35.21
N ARG B 1058 -54.43 36.15 35.89
CA ARG B 1058 -53.96 36.92 37.00
C ARG B 1058 -52.62 37.52 36.66
N THR B 1059 -52.11 38.22 37.63
CA THR B 1059 -50.74 38.71 37.58
C THR B 1059 -49.84 37.85 38.46
N PHE B 1060 -49.86 36.56 38.19
CA PHE B 1060 -48.83 35.75 38.78
C PHE B 1060 -47.51 36.46 38.62
N LEU B 1061 -47.35 37.21 37.53
CA LEU B 1061 -46.14 37.93 37.18
C LEU B 1061 -45.52 38.55 38.40
N ARG B 1062 -46.39 39.05 39.26
CA ARG B 1062 -45.90 39.66 40.47
C ARG B 1062 -44.73 38.87 41.02
N VAL B 1063 -44.98 37.63 41.43
CA VAL B 1063 -43.98 36.80 42.09
C VAL B 1063 -42.63 36.95 41.37
N LEU B 1064 -42.64 36.77 40.07
CA LEU B 1064 -41.39 36.78 39.33
C LEU B 1064 -40.62 38.05 39.56
N LEU B 1065 -41.30 39.18 39.37
CA LEU B 1065 -40.70 40.48 39.65
C LEU B 1065 -39.97 40.45 40.98
N HIS B 1066 -40.68 40.07 42.03
CA HIS B 1066 -40.01 39.97 43.30
C HIS B 1066 -38.94 38.90 43.27
N LEU B 1067 -39.24 37.77 42.67
CA LEU B 1067 -38.40 36.58 42.66
C LEU B 1067 -37.34 36.63 41.60
N THR B 1068 -37.21 37.72 40.89
CA THR B 1068 -36.14 37.80 39.92
C THR B 1068 -34.76 37.66 40.59
N MET B 1069 -34.51 38.43 41.65
CA MET B 1069 -33.14 38.65 42.14
C MET B 1069 -32.38 37.35 42.34
N HIS B 1070 -33.03 36.36 42.90
CA HIS B 1070 -32.38 35.09 43.11
C HIS B 1070 -32.07 34.45 41.79
N ASP B 1071 -31.43 33.30 41.86
CA ASP B 1071 -31.07 32.63 40.64
C ASP B 1071 -32.25 31.86 40.09
N TYR B 1072 -32.11 31.47 38.88
CA TYR B 1072 -33.17 30.81 38.14
C TYR B 1072 -33.31 29.37 38.63
N PRO B 1073 -34.53 28.87 38.80
CA PRO B 1073 -34.69 27.46 39.14
C PRO B 1073 -34.19 26.56 38.03
N PRO B 1074 -33.80 25.32 38.34
CA PRO B 1074 -33.31 24.42 37.28
C PRO B 1074 -34.39 23.96 36.32
N LEU B 1075 -35.59 23.79 36.84
CA LEU B 1075 -36.76 23.62 36.04
C LEU B 1075 -37.17 24.92 35.41
N VAL B 1076 -36.30 25.94 35.36
CA VAL B 1076 -36.54 27.14 34.59
C VAL B 1076 -36.64 26.83 33.13
N SER B 1077 -36.05 25.71 32.69
CA SER B 1077 -36.37 25.18 31.36
C SER B 1077 -37.89 25.31 31.17
N GLY B 1078 -38.67 24.78 32.13
CA GLY B 1078 -40.14 24.79 32.03
C GLY B 1078 -40.81 26.18 32.07
N ALA B 1079 -40.08 27.20 32.54
CA ALA B 1079 -40.53 28.58 32.37
C ALA B 1079 -40.86 28.89 30.92
N LEU B 1080 -39.96 28.49 30.02
CA LEU B 1080 -40.19 28.76 28.62
C LEU B 1080 -41.61 28.40 28.21
N GLN B 1081 -42.18 27.35 28.85
CA GLN B 1081 -43.53 26.87 28.52
C GLN B 1081 -44.40 28.08 28.35
N LEU B 1082 -44.58 28.77 29.47
CA LEU B 1082 -45.25 30.05 29.45
C LEU B 1082 -44.91 30.75 28.14
N LEU B 1083 -43.69 31.28 28.07
CA LEU B 1083 -43.12 31.80 26.85
C LEU B 1083 -43.69 31.15 25.59
N PHE B 1084 -43.28 29.90 25.36
CA PHE B 1084 -43.73 29.19 24.20
C PHE B 1084 -45.22 29.37 23.91
N ARG B 1085 -46.06 28.95 24.85
CA ARG B 1085 -47.49 29.11 24.68
C ARG B 1085 -47.77 30.53 24.20
N HIS B 1086 -47.30 31.46 24.98
CA HIS B 1086 -47.43 32.86 24.69
C HIS B 1086 -47.15 33.14 23.24
N PHE B 1087 -46.13 32.52 22.69
CA PHE B 1087 -45.74 32.85 21.35
C PHE B 1087 -46.90 32.84 20.35
N SER B 1088 -48.08 32.39 20.78
CA SER B 1088 -49.22 32.27 19.88
C SER B 1088 -49.58 33.52 19.06
N GLN B 1089 -50.23 34.51 19.67
CA GLN B 1089 -50.86 35.63 18.95
C GLN B 1089 -51.10 36.83 19.88
N ARG B 1090 -51.77 37.91 19.39
CA ARG B 1090 -51.86 39.22 20.09
C ARG B 1090 -53.22 39.96 19.97
N GLN B 1091 -53.76 40.45 21.11
CA GLN B 1091 -55.05 41.14 21.12
C GLN B 1091 -55.28 42.19 22.22
N GLU B 1092 -54.56 42.11 23.36
CA GLU B 1092 -54.91 42.95 24.49
C GLU B 1092 -53.70 43.37 25.29
N VAL B 1093 -53.86 44.49 25.96
CA VAL B 1093 -52.78 45.01 26.78
C VAL B 1093 -52.32 43.95 27.77
N LEU B 1094 -53.25 43.28 28.46
CA LEU B 1094 -52.94 42.46 29.63
C LEU B 1094 -51.62 41.72 29.43
N GLN B 1095 -51.41 41.27 28.19
CA GLN B 1095 -50.16 40.70 27.74
C GLN B 1095 -49.05 41.22 28.63
N ALA B 1096 -48.57 42.42 28.31
CA ALA B 1096 -47.44 43.03 28.97
C ALA B 1096 -47.36 42.70 30.45
N PHE B 1097 -48.31 43.09 31.28
CA PHE B 1097 -48.11 42.84 32.69
C PHE B 1097 -47.70 41.39 32.86
N LYS B 1098 -48.64 40.51 32.57
CA LYS B 1098 -48.37 39.12 32.31
C LYS B 1098 -47.06 39.01 31.51
N GLN B 1099 -47.10 39.36 30.24
CA GLN B 1099 -45.93 39.20 29.38
C GLN B 1099 -44.66 39.74 29.99
N VAL B 1100 -44.73 40.91 30.61
CA VAL B 1100 -43.50 41.57 31.00
C VAL B 1100 -42.76 40.70 31.95
N GLN B 1101 -43.49 39.87 32.67
CA GLN B 1101 -42.85 39.04 33.65
C GLN B 1101 -41.72 38.24 33.02
N LEU B 1102 -41.96 37.66 31.85
CA LEU B 1102 -40.92 36.87 31.22
C LEU B 1102 -39.61 37.60 31.32
N LEU B 1103 -39.65 38.88 30.99
CA LEU B 1103 -38.52 39.72 31.25
C LEU B 1103 -37.93 39.41 32.63
N VAL B 1104 -38.76 39.25 33.66
CA VAL B 1104 -38.25 38.94 34.99
C VAL B 1104 -37.52 37.60 34.95
N THR B 1105 -36.21 37.63 35.22
CA THR B 1105 -35.35 36.49 34.97
C THR B 1105 -34.38 36.30 36.14
N SER B 1106 -33.78 35.10 36.24
CA SER B 1106 -32.81 34.79 37.30
C SER B 1106 -31.53 34.14 36.74
N GLN B 1107 -31.07 34.62 35.55
CA GLN B 1107 -29.70 34.55 34.98
C GLN B 1107 -29.66 34.66 33.45
N ASP B 1108 -29.14 35.79 32.87
CA ASP B 1108 -29.22 36.01 31.42
C ASP B 1108 -28.18 35.20 30.67
N VAL B 1109 -27.03 34.88 31.29
CA VAL B 1109 -25.98 34.05 30.72
C VAL B 1109 -26.38 32.58 30.54
N ASP B 1110 -26.63 31.86 31.65
CA ASP B 1110 -26.97 30.44 31.55
C ASP B 1110 -28.31 30.20 30.84
N ASN B 1111 -29.16 31.22 30.78
CA ASN B 1111 -30.44 31.18 30.09
C ASN B 1111 -30.31 31.38 28.57
N TYR B 1112 -29.51 32.36 28.15
CA TYR B 1112 -29.45 32.71 26.72
C TYR B 1112 -29.17 31.47 25.83
N LYS B 1113 -28.15 30.65 26.20
CA LYS B 1113 -27.66 29.56 25.34
C LYS B 1113 -28.70 28.50 25.09
N GLN B 1114 -29.58 28.27 26.05
CA GLN B 1114 -30.76 27.48 25.82
C GLN B 1114 -31.93 28.30 25.21
N ILE B 1115 -31.85 29.62 25.26
CA ILE B 1115 -32.91 30.49 24.75
C ILE B 1115 -33.12 30.25 23.26
N LYS B 1116 -32.04 30.11 22.51
CA LYS B 1116 -32.14 29.92 21.08
C LYS B 1116 -32.96 28.65 20.77
N GLN B 1117 -33.90 28.29 21.64
CA GLN B 1117 -34.83 27.26 21.31
C GLN B 1117 -35.55 27.64 20.03
N ASP B 1118 -36.06 28.87 19.98
CA ASP B 1118 -36.74 29.37 18.80
C ASP B 1118 -36.34 30.85 18.62
N LEU B 1119 -35.05 31.05 18.53
CA LEU B 1119 -34.60 32.35 18.09
C LEU B 1119 -35.48 32.89 16.96
N ASP B 1120 -35.56 32.14 15.85
CA ASP B 1120 -36.15 32.60 14.59
C ASP B 1120 -37.44 33.36 14.84
N GLN B 1121 -38.21 32.76 15.73
CA GLN B 1121 -39.33 33.47 16.27
C GLN B 1121 -38.90 34.85 16.75
N LEU B 1122 -37.87 34.88 17.58
CA LEU B 1122 -37.46 36.15 18.17
C LEU B 1122 -37.26 37.20 17.08
N ARG B 1123 -36.70 36.78 15.95
CA ARG B 1123 -36.50 37.71 14.85
C ARG B 1123 -37.83 38.17 14.25
N SER B 1124 -38.70 37.23 13.90
CA SER B 1124 -39.96 37.68 13.32
C SER B 1124 -40.67 38.69 14.25
N ILE B 1125 -40.43 38.63 15.58
CA ILE B 1125 -41.07 39.56 16.53
C ILE B 1125 -40.38 40.92 16.51
N VAL B 1126 -39.06 40.93 16.37
CA VAL B 1126 -38.38 42.21 16.31
C VAL B 1126 -38.69 42.94 15.00
N GLU B 1127 -39.03 42.21 13.92
CA GLU B 1127 -39.34 42.84 12.63
C GLU B 1127 -40.72 43.45 12.63
N LYS B 1128 -41.72 42.68 13.04
CA LYS B 1128 -42.96 43.30 13.45
C LYS B 1128 -42.71 44.32 14.55
N SER B 1129 -41.53 44.40 15.12
CA SER B 1129 -41.13 45.69 15.64
C SER B 1129 -40.85 46.70 14.55
N GLU B 1130 -39.60 46.88 14.12
CA GLU B 1130 -39.20 47.98 13.19
C GLU B 1130 -40.27 48.65 12.28
N LEU B 1131 -41.07 47.83 11.58
CA LEU B 1131 -42.15 48.32 10.68
C LEU B 1131 -43.41 48.62 11.46
N TRP B 1132 -43.89 47.62 12.19
CA TRP B 1132 -45.00 47.84 13.13
C TRP B 1132 -44.59 48.74 14.27
N VAL B 1133 -43.31 48.77 14.49
CA VAL B 1133 -42.80 49.46 15.65
C VAL B 1133 -41.65 50.24 15.03
N TYR B 1134 -41.89 51.49 14.74
CA TYR B 1134 -40.82 52.48 14.73
C TYR B 1134 -39.75 52.17 13.67
N VAL B 1176 -49.96 45.40 25.50
CA VAL B 1176 -50.08 45.78 24.09
C VAL B 1176 -48.84 46.61 23.53
N LYS B 1177 -48.19 47.47 24.33
CA LYS B 1177 -46.95 48.14 23.91
C LYS B 1177 -45.69 47.29 24.11
N GLU B 1178 -45.83 46.01 24.52
CA GLU B 1178 -44.74 45.15 25.04
C GLU B 1178 -44.10 44.20 24.03
N ILE B 1179 -44.51 44.20 22.78
CA ILE B 1179 -43.76 43.44 21.80
C ILE B 1179 -42.52 44.23 21.38
N LEU B 1180 -42.69 45.54 21.31
CA LEU B 1180 -41.63 46.52 21.20
C LEU B 1180 -40.71 46.46 22.42
N ILE B 1181 -41.19 46.95 23.57
CA ILE B 1181 -40.32 47.01 24.75
C ILE B 1181 -39.78 45.63 25.11
N ARG B 1182 -40.63 44.58 24.99
CA ARG B 1182 -40.18 43.23 25.32
C ARG B 1182 -39.17 42.72 24.32
N LEU B 1183 -39.42 42.96 23.03
CA LEU B 1183 -38.38 42.70 22.05
C LEU B 1183 -37.08 43.42 22.43
N SER B 1184 -37.17 44.65 23.00
CA SER B 1184 -35.99 45.45 23.34
C SER B 1184 -35.22 44.87 24.53
N LYS B 1185 -35.92 44.58 25.62
CA LYS B 1185 -35.33 43.85 26.73
C LYS B 1185 -34.64 42.59 26.25
N LEU B 1186 -35.34 41.74 25.52
CA LEU B 1186 -34.75 40.50 25.04
C LEU B 1186 -33.45 40.73 24.27
N CYS B 1187 -33.52 41.60 23.23
CA CYS B 1187 -32.35 41.84 22.38
C CYS B 1187 -31.21 42.47 23.15
N VAL B 1188 -31.50 43.25 24.18
CA VAL B 1188 -30.46 43.67 25.10
C VAL B 1188 -29.88 42.47 25.83
N GLN B 1189 -30.74 41.62 26.44
CA GLN B 1189 -30.31 40.44 27.19
C GLN B 1189 -29.40 39.54 26.35
N GLU B 1190 -29.54 39.53 25.03
CA GLU B 1190 -28.62 38.80 24.17
C GLU B 1190 -27.38 39.61 23.71
N SER B 1191 -27.55 40.89 23.40
CA SER B 1191 -26.41 41.74 22.98
C SER B 1191 -25.41 41.95 24.12
N ALA B 1192 -25.94 42.06 25.32
CA ALA B 1192 -25.13 41.87 26.50
C ALA B 1192 -24.37 40.57 26.40
N SER B 1193 -24.86 39.57 25.68
CA SER B 1193 -24.35 38.21 25.83
C SER B 1193 -22.97 38.10 25.18
N VAL B 1194 -22.35 36.94 25.43
CA VAL B 1194 -20.90 36.74 25.42
C VAL B 1194 -20.30 37.35 24.17
N ARG B 1195 -18.99 37.56 24.21
CA ARG B 1195 -18.21 37.69 23.00
C ARG B 1195 -18.49 36.50 22.11
N LYS B 1196 -18.85 35.34 22.72
CA LYS B 1196 -19.40 34.20 22.01
C LYS B 1196 -20.91 34.29 21.77
N SER B 1197 -21.59 35.22 22.43
CA SER B 1197 -22.92 35.63 22.00
C SER B 1197 -22.86 36.59 20.82
N ARG B 1198 -22.25 37.74 21.04
CA ARG B 1198 -22.04 38.70 19.96
C ARG B 1198 -21.54 37.99 18.69
N LYS B 1199 -20.62 37.05 18.86
CA LYS B 1199 -20.16 36.27 17.71
C LYS B 1199 -21.18 35.24 17.22
N GLN B 1200 -21.71 34.39 18.13
CA GLN B 1200 -22.67 33.37 17.69
C GLN B 1200 -23.68 33.96 16.72
N GLN B 1201 -23.98 35.25 16.90
CA GLN B 1201 -24.69 36.02 15.90
C GLN B 1201 -24.22 35.70 14.49
N GLN B 1202 -22.93 35.61 14.31
CA GLN B 1202 -22.42 35.11 13.06
C GLN B 1202 -22.71 33.61 12.93
N ARG B 1203 -23.90 33.18 13.33
CA ARG B 1203 -24.37 31.87 12.93
C ARG B 1203 -24.75 31.93 11.47
N LEU B 1204 -25.45 32.98 11.10
CA LEU B 1204 -25.77 33.32 9.76
C LEU B 1204 -25.93 34.82 9.77
N LEU B 1205 -26.35 35.40 8.62
CA LEU B 1205 -26.33 36.84 8.38
C LEU B 1205 -27.57 37.54 8.95
N ARG B 1206 -28.25 36.95 9.90
CA ARG B 1206 -29.57 37.39 10.24
C ARG B 1206 -29.57 38.83 10.75
N ASN B 1207 -28.52 39.24 11.43
CA ASN B 1207 -28.48 40.59 11.99
C ASN B 1207 -28.79 41.59 10.90
N MET B 1208 -28.09 41.48 9.78
CA MET B 1208 -28.28 42.39 8.67
C MET B 1208 -29.78 42.66 8.47
N GLY B 1209 -30.55 41.62 8.17
CA GLY B 1209 -31.94 41.84 7.81
C GLY B 1209 -32.71 42.60 8.86
N ALA B 1210 -32.55 42.19 10.10
CA ALA B 1210 -33.12 42.97 11.17
C ALA B 1210 -32.83 44.43 10.99
N HIS B 1211 -31.56 44.77 10.99
CA HIS B 1211 -31.23 46.17 10.80
C HIS B 1211 -32.08 46.76 9.70
N ALA B 1212 -31.84 46.24 8.48
CA ALA B 1212 -32.44 46.83 7.32
C ALA B 1212 -33.91 46.97 7.55
N VAL B 1213 -34.44 46.14 8.40
CA VAL B 1213 -35.81 46.31 8.72
C VAL B 1213 -35.93 47.40 9.77
N VAL B 1214 -34.92 47.59 10.60
CA VAL B 1214 -34.82 48.83 11.34
C VAL B 1214 -34.70 49.87 10.26
N LEU B 1215 -33.57 50.53 10.17
CA LEU B 1215 -33.41 51.59 9.16
C LEU B 1215 -34.56 51.72 8.14
N GLU B 1216 -34.83 50.65 7.39
CA GLU B 1216 -35.88 50.69 6.36
C GLU B 1216 -37.24 51.00 6.96
N LEU B 1217 -37.48 50.55 8.20
CA LEU B 1217 -38.74 50.83 8.88
C LEU B 1217 -38.55 51.61 10.16
N LEU B 1218 -37.30 51.91 10.51
CA LEU B 1218 -36.93 52.64 11.70
C LEU B 1218 -35.96 53.77 11.43
N GLN B 1219 -35.37 53.84 10.22
CA GLN B 1219 -34.74 55.07 9.72
C GLN B 1219 -35.75 55.96 9.13
N ILE B 1220 -36.85 56.04 9.86
CA ILE B 1220 -38.03 56.79 9.54
C ILE B 1220 -37.81 58.10 10.28
N PRO B 1221 -38.80 58.57 11.05
CA PRO B 1221 -38.56 59.79 11.84
C PRO B 1221 -37.99 59.52 13.24
N TYR B 1222 -38.21 58.32 13.78
CA TYR B 1222 -37.74 57.95 15.12
C TYR B 1222 -38.63 58.49 16.24
N GLU B 1223 -38.30 58.21 17.49
CA GLU B 1223 -39.24 58.44 18.58
C GLU B 1223 -38.92 59.71 19.32
N LYS B 1224 -39.94 60.36 19.86
CA LYS B 1224 -39.69 61.53 20.68
C LYS B 1224 -38.96 61.09 21.93
N ALA B 1225 -37.83 61.75 22.24
CA ALA B 1225 -37.04 61.52 23.42
C ALA B 1225 -37.68 62.22 24.64
N GLU B 1226 -37.26 61.91 25.87
CA GLU B 1226 -36.17 60.97 26.18
C GLU B 1226 -36.40 59.57 25.59
N ASP B 1227 -37.67 59.20 25.47
CA ASP B 1227 -38.08 57.97 24.83
C ASP B 1227 -37.44 57.80 23.46
N THR B 1228 -36.53 56.85 23.37
CA THR B 1228 -35.76 56.71 22.16
C THR B 1228 -35.41 55.23 22.05
N LYS B 1229 -36.24 54.46 21.36
CA LYS B 1229 -36.11 53.01 21.39
C LYS B 1229 -35.05 52.51 20.40
N MET B 1230 -35.11 52.95 19.14
CA MET B 1230 -34.19 52.43 18.14
C MET B 1230 -32.74 52.44 18.61
N GLN B 1231 -32.42 53.33 19.59
CA GLN B 1231 -31.07 53.56 20.10
C GLN B 1231 -30.55 52.49 21.05
N GLU B 1232 -31.42 51.89 21.86
CA GLU B 1232 -31.03 50.89 22.86
C GLU B 1232 -30.99 49.48 22.28
N ILE B 1233 -31.77 49.22 21.25
CA ILE B 1233 -31.77 47.93 20.58
C ILE B 1233 -30.62 47.98 19.61
N MET B 1234 -30.78 48.85 18.60
CA MET B 1234 -29.66 49.19 17.76
C MET B 1234 -28.42 49.23 18.62
N ARG B 1235 -28.42 50.10 19.60
CA ARG B 1235 -27.32 50.16 20.54
C ARG B 1235 -26.98 48.78 21.08
N LEU B 1236 -27.97 48.09 21.63
CA LEU B 1236 -27.70 46.81 22.29
C LEU B 1236 -26.82 45.93 21.44
N ALA B 1237 -27.13 45.85 20.14
CA ALA B 1237 -26.30 45.08 19.20
C ALA B 1237 -24.77 45.33 19.31
N HIS B 1238 -24.32 46.58 19.42
CA HIS B 1238 -22.88 46.89 19.36
C HIS B 1238 -22.07 46.41 20.57
N GLU B 1239 -22.75 45.93 21.62
CA GLU B 1239 -22.12 45.34 22.79
C GLU B 1239 -20.95 44.55 22.26
N PHE B 1240 -19.81 45.19 22.30
CA PHE B 1240 -18.61 44.54 21.79
C PHE B 1240 -17.66 44.53 22.98
N LEU B 1241 -18.16 44.00 24.08
CA LEU B 1241 -17.40 43.80 25.31
C LEU B 1241 -17.46 45.02 26.20
N GLN B 1242 -18.58 45.73 26.19
CA GLN B 1242 -18.69 47.00 26.87
C GLN B 1242 -17.75 48.02 26.21
N ASN B 1243 -17.70 47.99 24.88
CA ASN B 1243 -16.83 48.83 23.99
C ASN B 1243 -15.51 48.05 23.65
N PHE B 1244 -14.78 48.35 22.56
CA PHE B 1244 -15.22 49.13 21.39
C PHE B 1244 -16.10 48.25 20.58
N CYS B 1245 -15.99 48.39 19.28
CA CYS B 1245 -16.51 47.37 18.41
C CYS B 1245 -15.37 46.45 18.02
N ALA B 1246 -14.61 46.02 19.03
CA ALA B 1246 -13.42 45.21 18.81
C ALA B 1246 -13.79 43.89 18.14
N GLY B 1247 -12.85 43.35 17.39
CA GLY B 1247 -13.07 42.09 16.70
C GLY B 1247 -14.44 42.02 16.04
N ASN B 1248 -15.07 43.17 15.86
CA ASN B 1248 -16.36 43.26 15.20
C ASN B 1248 -16.17 43.45 13.73
N GLN B 1249 -15.22 42.72 13.14
CA GLN B 1249 -15.01 42.70 11.70
C GLN B 1249 -16.37 42.66 11.05
N GLN B 1250 -17.29 41.95 11.70
CA GLN B 1250 -18.67 41.83 11.27
C GLN B 1250 -19.37 43.18 11.07
N ASN B 1251 -18.84 44.26 11.62
CA ASN B 1251 -19.54 45.55 11.53
C ASN B 1251 -19.50 46.15 10.11
N GLN B 1252 -18.31 46.24 9.52
CA GLN B 1252 -18.13 46.93 8.26
C GLN B 1252 -19.25 46.57 7.29
N ALA B 1253 -19.41 45.26 7.02
CA ALA B 1253 -20.40 44.79 6.04
C ALA B 1253 -21.81 45.24 6.38
N LEU B 1254 -22.25 45.07 7.62
CA LEU B 1254 -23.58 45.55 7.94
C LEU B 1254 -23.73 47.01 7.53
N LEU B 1255 -22.72 47.78 7.80
CA LEU B 1255 -22.77 49.16 7.38
C LEU B 1255 -23.11 49.35 5.92
N HIS B 1256 -22.82 48.33 5.11
CA HIS B 1256 -22.54 48.47 3.69
C HIS B 1256 -23.69 49.00 2.85
N LYS B 1257 -24.93 49.00 3.33
CA LYS B 1257 -25.95 49.57 2.47
C LYS B 1257 -27.21 49.79 3.25
N HIS B 1258 -28.00 50.77 2.83
CA HIS B 1258 -29.18 51.18 3.57
C HIS B 1258 -29.88 52.40 2.98
N ILE B 1259 -30.73 53.05 3.78
CA ILE B 1259 -31.28 54.38 3.49
C ILE B 1259 -30.73 55.33 4.55
N ASN B 1260 -30.19 56.45 4.11
CA ASN B 1260 -29.26 57.23 4.92
C ASN B 1260 -29.96 58.27 5.78
N LEU B 1261 -29.14 59.03 6.52
CA LEU B 1261 -29.48 60.35 7.01
C LEU B 1261 -28.76 61.36 6.11
N PHE B 1262 -29.52 62.33 5.54
CA PHE B 1262 -29.04 63.21 4.46
C PHE B 1262 -28.40 64.51 4.99
N LEU B 1263 -27.96 65.41 4.08
CA LEU B 1263 -27.11 66.58 4.42
C LEU B 1263 -27.65 67.90 3.85
N ASN B 1264 -28.44 68.63 4.69
CA ASN B 1264 -28.87 69.97 4.38
C ASN B 1264 -29.36 70.69 5.65
N PRO B 1265 -29.92 71.84 5.50
CA PRO B 1265 -30.47 72.51 6.69
C PRO B 1265 -31.73 71.84 7.19
N GLY B 1266 -32.37 72.41 8.20
CA GLY B 1266 -33.69 72.00 8.65
C GLY B 1266 -33.70 71.56 10.12
N ILE B 1267 -34.94 71.38 10.64
CA ILE B 1267 -35.20 70.98 12.05
C ILE B 1267 -36.53 70.21 12.24
N LEU B 1268 -36.51 69.22 13.17
CA LEU B 1268 -37.59 68.23 13.38
C LEU B 1268 -37.66 67.53 14.77
N GLU B 1269 -37.71 66.15 14.86
CA GLU B 1269 -37.99 65.32 16.07
C GLU B 1269 -36.97 64.16 16.30
N ALA B 1270 -37.11 63.35 17.40
CA ALA B 1270 -35.98 62.78 18.19
C ALA B 1270 -35.81 61.23 18.27
N VAL B 1271 -34.95 60.82 19.21
CA VAL B 1271 -34.78 59.45 19.69
C VAL B 1271 -34.28 58.54 18.59
N THR B 1272 -33.29 59.02 17.85
CA THR B 1272 -32.70 58.18 16.82
C THR B 1272 -31.31 58.63 16.39
N MET B 1273 -31.21 59.75 15.65
CA MET B 1273 -29.98 60.03 14.89
C MET B 1273 -28.74 59.92 15.76
N GLN B 1274 -28.87 60.08 17.07
CA GLN B 1274 -27.79 59.74 18.00
C GLN B 1274 -27.48 58.25 17.91
N HIS B 1275 -28.46 57.44 18.29
CA HIS B 1275 -28.34 56.00 18.13
C HIS B 1275 -27.78 55.63 16.78
N ILE B 1276 -28.23 56.37 15.77
CA ILE B 1276 -27.74 56.16 14.43
C ILE B 1276 -26.23 56.35 14.39
N PHE B 1277 -25.76 57.50 14.86
CA PHE B 1277 -24.34 57.75 14.87
C PHE B 1277 -23.61 56.70 15.67
N MET B 1278 -23.68 56.81 16.99
CA MET B 1278 -22.97 55.87 17.84
C MET B 1278 -23.02 54.48 17.26
N ASN B 1279 -24.22 54.00 16.95
CA ASN B 1279 -24.34 52.76 16.21
C ASN B 1279 -23.30 52.71 15.10
N ASN B 1280 -23.26 53.77 14.29
CA ASN B 1280 -22.30 53.85 13.20
C ASN B 1280 -20.88 53.71 13.71
N PHE B 1281 -20.59 54.36 14.83
CA PHE B 1281 -19.35 54.10 15.54
C PHE B 1281 -19.12 52.59 15.68
N GLN B 1282 -20.12 51.86 16.20
CA GLN B 1282 -19.97 50.42 16.45
C GLN B 1282 -19.81 49.60 15.20
N LEU B 1283 -20.11 50.16 14.02
CA LEU B 1283 -19.90 49.49 12.74
C LEU B 1283 -18.53 49.73 12.08
N CYS B 1284 -17.94 50.93 12.18
CA CYS B 1284 -16.56 51.08 11.69
C CYS B 1284 -15.64 50.04 12.33
N SER B 1285 -16.05 49.50 13.49
CA SER B 1285 -15.44 48.41 14.23
C SER B 1285 -14.31 47.78 13.45
N GLU B 1286 -14.53 47.58 12.16
CA GLU B 1286 -13.49 47.07 11.29
C GLU B 1286 -12.40 48.12 11.18
N ILE B 1287 -11.90 48.62 12.32
CA ILE B 1287 -10.59 49.25 12.36
C ILE B 1287 -9.56 48.17 12.09
N ASN B 1288 -8.62 48.44 11.19
CA ASN B 1288 -7.76 47.41 10.61
C ASN B 1288 -8.33 47.05 9.26
N GLU B 1289 -9.59 46.65 9.20
CA GLU B 1289 -10.35 46.91 8.00
C GLU B 1289 -10.25 48.40 7.88
N ARG B 1290 -9.15 48.87 7.29
CA ARG B 1290 -8.99 50.28 7.04
C ARG B 1290 -10.35 50.84 6.75
N VAL B 1291 -11.27 50.02 6.23
CA VAL B 1291 -12.69 50.35 6.16
C VAL B 1291 -13.00 51.42 7.20
N VAL B 1292 -12.69 51.13 8.46
CA VAL B 1292 -13.17 51.98 9.55
C VAL B 1292 -12.91 53.47 9.26
N GLN B 1293 -11.74 53.80 8.70
CA GLN B 1293 -11.31 55.19 8.44
C GLN B 1293 -12.15 55.91 7.40
N HIS B 1294 -12.34 55.32 6.19
CA HIS B 1294 -13.30 55.92 5.25
C HIS B 1294 -14.67 55.84 5.84
N PHE B 1295 -14.84 54.85 6.74
CA PHE B 1295 -16.01 54.70 7.59
C PHE B 1295 -16.14 55.82 8.60
N VAL B 1296 -15.04 56.51 8.89
CA VAL B 1296 -15.10 57.70 9.70
C VAL B 1296 -15.38 58.95 8.86
N HIS B 1297 -15.27 58.92 7.52
CA HIS B 1297 -15.52 60.13 6.71
C HIS B 1297 -16.79 60.14 5.90
N CYS B 1298 -17.42 59.00 5.62
CA CYS B 1298 -18.57 58.94 4.72
C CYS B 1298 -19.91 59.14 5.47
N ILE B 1299 -20.86 59.78 4.79
CA ILE B 1299 -22.18 60.09 5.33
C ILE B 1299 -22.08 61.02 6.52
N GLU B 1300 -21.04 61.87 6.55
CA GLU B 1300 -20.85 62.90 7.57
C GLU B 1300 -19.47 63.57 7.52
N THR B 1301 -19.29 64.61 6.69
CA THR B 1301 -17.97 65.13 6.34
C THR B 1301 -17.63 66.41 7.11
N HIS B 1302 -16.55 67.08 6.69
CA HIS B 1302 -16.12 68.34 7.34
C HIS B 1302 -17.21 69.42 7.33
N GLY B 1303 -18.00 69.48 6.24
CA GLY B 1303 -19.12 70.39 6.24
C GLY B 1303 -19.98 70.24 7.49
N ARG B 1304 -20.01 69.02 8.03
CA ARG B 1304 -20.73 68.71 9.26
C ARG B 1304 -20.40 69.65 10.42
N ASN B 1305 -19.11 69.87 10.73
CA ASN B 1305 -18.77 70.66 11.91
C ASN B 1305 -19.43 72.01 11.86
N VAL B 1306 -19.90 72.41 10.66
CA VAL B 1306 -20.63 73.65 10.53
C VAL B 1306 -21.82 73.64 11.48
N GLN B 1307 -22.55 72.52 11.55
CA GLN B 1307 -23.64 72.36 12.49
C GLN B 1307 -23.20 72.43 13.96
N TYR B 1308 -21.91 72.27 14.28
CA TYR B 1308 -21.43 72.57 15.62
C TYR B 1308 -21.29 74.07 15.90
N ILE B 1309 -21.74 74.96 15.00
CA ILE B 1309 -21.90 76.41 15.24
C ILE B 1309 -23.35 76.91 15.34
N LYS B 1310 -24.35 76.08 15.03
CA LYS B 1310 -25.79 76.27 15.37
C LYS B 1310 -26.64 75.11 14.76
N PHE B 1311 -27.92 75.02 15.20
CA PHE B 1311 -29.01 74.24 14.56
C PHE B 1311 -29.65 73.12 15.39
N LEU B 1312 -28.85 72.26 15.96
CA LEU B 1312 -29.39 71.06 16.58
C LEU B 1312 -30.39 71.40 17.68
N GLN B 1313 -29.98 72.31 18.55
CA GLN B 1313 -30.86 72.77 19.59
C GLN B 1313 -32.24 72.99 19.01
N THR B 1314 -32.31 73.97 18.14
CA THR B 1314 -33.61 74.44 17.67
C THR B 1314 -34.50 73.26 17.35
N ILE B 1315 -33.94 72.29 16.64
CA ILE B 1315 -34.68 71.07 16.39
C ILE B 1315 -35.23 70.57 17.70
N VAL B 1316 -34.29 70.29 18.61
CA VAL B 1316 -34.64 69.86 19.95
C VAL B 1316 -35.91 70.64 20.34
N LYS B 1317 -35.90 71.96 20.18
CA LYS B 1317 -37.02 72.78 20.65
C LYS B 1317 -38.30 72.53 19.85
N ALA B 1318 -38.14 72.14 18.61
CA ALA B 1318 -39.30 71.93 17.80
C ALA B 1318 -40.11 70.81 18.38
N GLU B 1319 -39.44 69.78 18.88
CA GLU B 1319 -40.15 68.52 19.08
C GLU B 1319 -40.27 67.95 20.49
N GLY B 1320 -39.72 68.57 21.52
CA GLY B 1320 -39.68 67.92 22.82
C GLY B 1320 -40.10 68.88 23.92
N LYS B 1321 -40.58 68.29 25.02
CA LYS B 1321 -40.91 69.10 26.17
C LYS B 1321 -39.66 69.63 26.83
N PHE B 1322 -38.66 68.79 26.94
CA PHE B 1322 -37.32 69.16 27.38
C PHE B 1322 -36.40 68.87 26.22
N ILE B 1323 -36.04 69.92 25.51
CA ILE B 1323 -35.10 69.80 24.40
C ILE B 1323 -33.65 69.72 24.92
N LYS B 1324 -33.41 70.29 26.10
CA LYS B 1324 -32.04 70.37 26.60
C LYS B 1324 -31.40 68.99 26.63
N LYS B 1325 -32.10 68.01 27.20
CA LYS B 1325 -31.56 66.66 27.31
C LYS B 1325 -31.09 66.14 25.94
N CYS B 1326 -31.96 66.23 24.95
CA CYS B 1326 -31.64 65.69 23.62
C CYS B 1326 -30.44 66.40 22.98
N GLN B 1327 -30.47 67.73 22.95
CA GLN B 1327 -29.36 68.39 22.31
C GLN B 1327 -28.02 68.12 23.02
N ASP B 1328 -28.03 67.86 24.34
CA ASP B 1328 -26.76 67.60 25.06
C ASP B 1328 -26.15 66.25 24.67
N MET B 1329 -26.98 65.21 24.61
CA MET B 1329 -26.51 63.97 23.99
C MET B 1329 -25.83 64.36 22.70
N VAL B 1330 -26.34 65.41 22.06
CA VAL B 1330 -25.72 65.91 20.82
C VAL B 1330 -24.29 66.42 21.08
N MET B 1331 -24.09 67.26 22.10
CA MET B 1331 -22.72 67.74 22.28
C MET B 1331 -21.80 66.57 22.53
N ALA B 1332 -22.26 65.59 23.32
CA ALA B 1332 -21.47 64.39 23.56
C ALA B 1332 -21.19 63.64 22.26
N GLU B 1333 -22.22 63.34 21.48
CA GLU B 1333 -21.99 62.61 20.24
C GLU B 1333 -21.05 63.39 19.33
N LEU B 1334 -21.15 64.74 19.38
CA LEU B 1334 -20.21 65.63 18.67
C LEU B 1334 -18.79 65.44 19.18
N VAL B 1335 -18.59 64.97 20.42
CA VAL B 1335 -17.23 64.76 20.95
C VAL B 1335 -16.77 63.27 20.92
N ASN B 1336 -17.55 62.34 20.35
CA ASN B 1336 -17.30 60.90 20.42
C ASN B 1336 -16.79 60.27 19.13
N SER B 1337 -16.31 61.06 18.20
CA SER B 1337 -15.81 60.46 16.99
C SER B 1337 -14.44 59.85 17.22
N GLY B 1338 -13.66 60.43 18.14
CA GLY B 1338 -12.34 59.90 18.42
C GLY B 1338 -12.39 58.48 18.91
N GLU B 1339 -13.44 58.11 19.62
CA GLU B 1339 -13.42 56.90 20.44
C GLU B 1339 -13.30 55.61 19.63
N ASP B 1340 -13.91 55.56 18.45
CA ASP B 1340 -14.09 54.31 17.72
C ASP B 1340 -13.02 54.08 16.64
N VAL B 1341 -12.46 52.85 16.60
CA VAL B 1341 -11.50 52.38 15.60
C VAL B 1341 -10.30 53.30 15.48
N LEU B 1342 -9.86 53.88 16.62
CA LEU B 1342 -8.75 54.83 16.61
C LEU B 1342 -7.49 54.24 15.94
N VAL B 1343 -7.34 52.92 15.96
CA VAL B 1343 -6.16 52.32 15.37
C VAL B 1343 -6.14 52.44 13.87
N PHE B 1344 -7.25 52.76 13.23
CA PHE B 1344 -7.19 52.89 11.77
C PHE B 1344 -8.17 53.87 11.13
N TYR B 1345 -8.74 54.84 11.86
CA TYR B 1345 -9.77 55.73 11.31
C TYR B 1345 -9.25 57.04 10.69
N ASN B 1346 -8.59 57.88 11.48
CA ASN B 1346 -7.83 58.92 10.83
C ASN B 1346 -6.83 58.29 9.90
N ASP B 1347 -6.33 57.12 10.28
CA ASP B 1347 -5.13 56.55 9.65
C ASP B 1347 -4.14 57.70 9.53
N ARG B 1348 -3.26 57.67 8.51
CA ARG B 1348 -2.17 58.62 8.36
C ARG B 1348 -2.59 59.90 7.64
N ALA B 1349 -3.52 59.77 6.70
CA ALA B 1349 -3.84 60.87 5.80
C ALA B 1349 -4.53 62.01 6.51
N SER B 1350 -5.25 61.69 7.59
CA SER B 1350 -6.12 62.62 8.26
C SER B 1350 -5.39 63.95 8.48
N PHE B 1351 -4.40 63.94 9.36
CA PHE B 1351 -3.80 65.20 9.80
C PHE B 1351 -3.65 66.24 8.68
N GLN B 1352 -3.14 65.83 7.50
CA GLN B 1352 -2.66 66.77 6.48
C GLN B 1352 -3.78 67.61 5.85
N THR B 1353 -4.84 66.97 5.41
CA THR B 1353 -5.85 67.70 4.68
C THR B 1353 -6.48 68.79 5.55
N LEU B 1354 -7.14 68.39 6.65
CA LEU B 1354 -7.83 69.29 7.57
C LEU B 1354 -6.92 69.87 8.64
N ILE B 1355 -5.65 69.58 8.53
CA ILE B 1355 -4.65 70.27 9.32
C ILE B 1355 -5.15 71.68 9.52
N GLN B 1356 -5.40 72.04 10.77
CA GLN B 1356 -5.54 73.44 11.16
C GLN B 1356 -6.96 73.96 11.12
N MET B 1357 -7.80 73.38 10.28
CA MET B 1357 -9.21 73.74 10.33
C MET B 1357 -9.83 73.17 11.59
N MET B 1358 -9.34 72.03 12.01
CA MET B 1358 -10.01 71.26 13.03
C MET B 1358 -9.85 71.89 14.40
N ARG B 1359 -8.62 71.94 14.90
CA ARG B 1359 -8.39 72.49 16.23
C ARG B 1359 -9.06 73.85 16.43
N SER B 1360 -8.86 74.75 15.48
CA SER B 1360 -9.49 76.07 15.58
C SER B 1360 -11.01 75.97 15.67
N GLU B 1361 -11.65 75.08 14.88
CA GLU B 1361 -13.12 74.93 14.94
C GLU B 1361 -13.58 74.34 16.26
N ARG B 1362 -12.74 73.49 16.87
CA ARG B 1362 -12.94 73.10 18.26
C ARG B 1362 -13.12 74.34 19.11
N ASP B 1363 -12.22 75.33 18.97
CA ASP B 1363 -12.34 76.56 19.77
C ASP B 1363 -13.78 77.17 19.80
N ARG B 1364 -14.70 76.79 18.90
CA ARG B 1364 -16.01 77.46 18.84
C ARG B 1364 -17.04 76.96 19.87
N MET B 1365 -16.95 75.71 20.34
CA MET B 1365 -17.96 75.09 21.21
C MET B 1365 -17.54 75.05 22.69
N ASP B 1366 -16.99 76.15 23.20
CA ASP B 1366 -16.08 76.14 24.36
C ASP B 1366 -16.80 76.07 25.68
N GLU B 1367 -17.93 76.70 25.71
CA GLU B 1367 -18.53 77.06 26.95
C GLU B 1367 -19.60 76.05 27.26
N ASN B 1368 -20.00 76.04 28.52
CA ASN B 1368 -20.82 74.95 29.04
C ASN B 1368 -21.22 75.19 30.53
N SER B 1369 -22.08 74.33 31.01
CA SER B 1369 -22.70 74.43 32.32
C SER B 1369 -22.66 73.13 33.06
N PRO B 1370 -23.14 73.07 34.36
CA PRO B 1370 -23.04 71.83 35.18
C PRO B 1370 -24.28 70.97 35.35
N LEU B 1371 -24.10 69.68 35.07
CA LEU B 1371 -25.19 68.71 35.18
C LEU B 1371 -24.59 67.35 35.41
N MET B 1372 -25.39 66.47 36.01
CA MET B 1372 -25.02 65.08 36.14
C MET B 1372 -24.58 64.57 34.77
N TYR B 1373 -25.55 64.41 33.86
CA TYR B 1373 -25.29 64.07 32.46
C TYR B 1373 -24.09 64.85 31.89
N HIS B 1374 -23.91 66.05 32.40
CA HIS B 1374 -22.80 66.87 31.96
C HIS B 1374 -21.44 66.31 32.41
N ILE B 1375 -21.35 65.83 33.64
CA ILE B 1375 -20.06 65.40 34.18
C ILE B 1375 -19.65 64.05 33.64
N HIS B 1376 -20.62 63.20 33.30
CA HIS B 1376 -20.30 62.14 32.38
C HIS B 1376 -19.69 62.76 31.12
N LEU B 1377 -20.41 63.70 30.48
CA LEU B 1377 -19.84 64.39 29.32
C LEU B 1377 -18.53 65.09 29.66
N VAL B 1378 -18.08 65.01 30.91
CA VAL B 1378 -16.89 65.69 31.37
C VAL B 1378 -15.80 64.68 31.49
N GLU B 1379 -16.17 63.48 31.83
CA GLU B 1379 -15.25 62.39 31.58
C GLU B 1379 -15.09 62.19 30.07
N LEU B 1380 -16.20 62.06 29.36
CA LEU B 1380 -16.15 61.92 27.91
C LEU B 1380 -15.44 63.09 27.31
N LEU B 1381 -15.92 64.27 27.62
CA LEU B 1381 -15.18 65.40 27.17
C LEU B 1381 -13.76 65.30 27.67
N ALA B 1382 -13.51 64.58 28.78
CA ALA B 1382 -12.14 64.44 29.28
C ALA B 1382 -11.30 63.51 28.39
N VAL B 1383 -11.94 62.57 27.75
CA VAL B 1383 -11.27 61.76 26.76
C VAL B 1383 -11.09 62.55 25.46
N CYS B 1384 -12.21 63.00 24.86
CA CYS B 1384 -12.19 63.67 23.57
C CYS B 1384 -11.10 64.71 23.54
N THR B 1385 -10.98 65.49 24.62
CA THR B 1385 -9.85 66.42 24.69
C THR B 1385 -8.50 65.72 24.90
N GLU B 1386 -8.42 64.64 25.70
CA GLU B 1386 -7.10 64.05 25.84
C GLU B 1386 -6.59 63.57 24.50
N GLY B 1387 -7.47 63.40 23.52
CA GLY B 1387 -7.15 62.72 22.29
C GLY B 1387 -6.30 63.53 21.37
N LYS B 1388 -6.71 64.74 21.05
CA LYS B 1388 -6.21 65.45 19.89
C LYS B 1388 -4.71 65.31 19.61
N ASN B 1389 -3.93 64.92 20.63
CA ASN B 1389 -2.50 65.16 20.62
C ASN B 1389 -1.60 63.93 20.65
N VAL B 1390 -2.14 62.73 20.86
CA VAL B 1390 -1.24 61.61 21.05
C VAL B 1390 -0.32 61.42 19.85
N TYR B 1391 -0.73 61.82 18.65
CA TYR B 1391 -0.04 61.37 17.44
C TYR B 1391 -0.10 62.30 16.22
N THR B 1392 -0.89 63.37 16.31
CA THR B 1392 -0.98 64.22 15.12
C THR B 1392 -0.01 65.33 15.19
N GLU B 1393 1.19 65.07 15.67
CA GLU B 1393 2.15 66.13 15.85
C GLU B 1393 2.40 66.87 14.57
N ILE B 1394 2.25 66.18 13.43
CA ILE B 1394 2.58 66.78 12.16
C ILE B 1394 1.56 67.85 11.77
N LYS B 1395 0.30 67.73 12.24
CA LYS B 1395 -0.76 68.66 11.81
C LYS B 1395 -0.62 70.05 12.46
N CYS B 1396 -0.26 70.08 13.74
CA CYS B 1396 -0.48 71.26 14.56
C CYS B 1396 0.50 72.39 14.30
N ASN B 1397 -0.02 73.62 14.38
CA ASN B 1397 0.78 74.84 14.36
C ASN B 1397 -0.08 76.09 14.62
N SER B 1398 -0.38 76.39 15.91
CA SER B 1398 -1.15 77.57 16.33
C SER B 1398 -1.08 77.68 17.87
N LEU B 1399 -1.67 78.77 18.43
CA LEU B 1399 -1.60 79.08 19.86
C LEU B 1399 -2.98 79.42 20.45
N LEU B 1400 -3.55 78.52 21.33
CA LEU B 1400 -4.85 78.79 21.98
C LEU B 1400 -5.36 77.76 23.02
N PRO B 1401 -4.94 76.48 23.03
CA PRO B 1401 -5.55 75.49 23.94
C PRO B 1401 -4.81 75.12 25.23
N LEU B 1402 -3.63 75.74 25.51
CA LEU B 1402 -2.72 75.34 26.59
C LEU B 1402 -3.39 75.34 27.98
N ASP B 1403 -4.10 76.40 28.28
CA ASP B 1403 -4.85 76.45 29.51
C ASP B 1403 -6.29 76.90 29.27
N ASP B 1404 -6.79 76.75 28.02
CA ASP B 1404 -8.23 76.83 27.75
C ASP B 1404 -8.92 75.56 28.23
N ILE B 1405 -8.42 74.43 27.76
CA ILE B 1405 -8.51 73.21 28.53
C ILE B 1405 -8.35 73.56 30.01
N VAL B 1406 -7.13 73.96 30.43
CA VAL B 1406 -6.88 74.15 31.86
C VAL B 1406 -8.04 74.90 32.55
N ARG B 1407 -8.64 75.84 31.82
CA ARG B 1407 -9.66 76.73 32.38
C ARG B 1407 -11.00 76.05 32.57
N VAL B 1408 -11.45 75.26 31.60
CA VAL B 1408 -12.62 74.46 31.92
C VAL B 1408 -12.28 73.46 33.04
N VAL B 1409 -11.00 73.12 33.23
CA VAL B 1409 -10.59 71.92 34.00
C VAL B 1409 -10.67 72.11 35.52
N THR B 1410 -10.11 73.19 36.05
CA THR B 1410 -10.32 73.34 37.49
C THR B 1410 -11.80 73.59 37.84
N HIS B 1411 -12.60 74.04 36.85
CA HIS B 1411 -14.02 74.37 37.00
C HIS B 1411 -14.86 73.11 37.01
N GLU B 1412 -14.65 72.32 38.05
CA GLU B 1412 -15.33 71.06 38.17
C GLU B 1412 -16.79 71.30 38.56
N ASP B 1413 -17.65 70.36 38.14
CA ASP B 1413 -19.08 70.39 38.43
C ASP B 1413 -19.54 69.01 38.90
N CYS B 1414 -20.65 68.98 39.66
CA CYS B 1414 -21.32 67.75 40.10
C CYS B 1414 -20.41 66.95 41.04
N ILE B 1415 -20.06 65.68 40.73
CA ILE B 1415 -19.38 64.75 41.65
C ILE B 1415 -17.89 65.05 41.90
N PRO B 1416 -17.17 64.28 42.80
CA PRO B 1416 -15.71 64.44 42.94
C PRO B 1416 -15.03 63.83 41.72
N GLU B 1417 -13.72 63.98 41.63
CA GLU B 1417 -13.05 63.76 40.36
C GLU B 1417 -12.69 62.30 40.09
N VAL B 1418 -12.98 61.36 41.00
CA VAL B 1418 -12.42 60.01 40.91
C VAL B 1418 -12.56 59.46 39.49
N LYS B 1419 -13.76 59.49 38.93
CA LYS B 1419 -13.90 59.11 37.53
C LYS B 1419 -13.23 60.15 36.64
N ILE B 1420 -13.65 61.39 36.77
CA ILE B 1420 -13.11 62.43 35.93
C ILE B 1420 -11.65 62.77 36.19
N ALA B 1421 -11.09 62.46 37.35
CA ALA B 1421 -9.69 62.64 37.73
C ALA B 1421 -8.90 61.36 37.62
N TYR B 1422 -9.55 60.27 37.27
CA TYR B 1422 -8.82 59.28 36.54
C TYR B 1422 -8.69 59.77 35.11
N ILE B 1423 -9.68 60.52 34.64
CA ILE B 1423 -9.57 61.17 33.35
C ILE B 1423 -8.62 62.36 33.37
N ASN B 1424 -8.32 62.90 34.56
CA ASN B 1424 -7.50 64.10 34.77
C ASN B 1424 -6.19 63.85 35.50
N PHE B 1425 -6.10 62.81 36.33
CA PHE B 1425 -4.80 62.32 36.76
C PHE B 1425 -4.18 61.52 35.64
N LEU B 1426 -5.04 60.82 34.90
CA LEU B 1426 -4.77 60.27 33.59
C LEU B 1426 -4.31 61.31 32.59
N ASN B 1427 -5.20 62.22 32.20
CA ASN B 1427 -4.75 63.27 31.30
C ASN B 1427 -3.49 63.94 31.84
N HIS B 1428 -3.38 64.04 33.18
CA HIS B 1428 -2.24 64.67 33.85
C HIS B 1428 -0.96 63.87 33.71
N CYS B 1429 -1.00 62.55 33.52
CA CYS B 1429 0.19 61.81 33.10
C CYS B 1429 0.39 61.72 31.56
N TYR B 1430 -0.69 61.95 30.77
CA TYR B 1430 -0.64 61.87 29.29
C TYR B 1430 0.13 63.05 28.67
N VAL B 1431 -0.17 64.29 29.08
CA VAL B 1431 0.69 65.42 28.63
C VAL B 1431 2.18 65.21 29.03
N ASP B 1432 2.41 64.31 29.96
CA ASP B 1432 3.71 63.94 30.50
C ASP B 1432 4.30 62.66 29.90
N THR B 1433 3.74 62.12 28.81
CA THR B 1433 4.45 61.12 28.02
C THR B 1433 4.77 61.60 26.60
N GLU B 1434 4.58 62.90 26.31
CA GLU B 1434 5.11 63.59 25.14
C GLU B 1434 6.28 64.51 25.49
N VAL B 1435 6.10 65.50 26.35
CA VAL B 1435 7.22 66.35 26.77
C VAL B 1435 7.58 67.36 25.67
N GLU B 1436 8.42 66.98 24.68
CA GLU B 1436 8.96 67.94 23.70
C GLU B 1436 7.85 68.71 22.97
N MET B 1437 6.90 68.00 22.34
CA MET B 1437 5.91 68.64 21.48
C MET B 1437 5.05 69.71 22.20
N LYS B 1438 4.93 69.66 23.54
CA LYS B 1438 4.11 70.62 24.30
C LYS B 1438 4.64 72.05 24.26
N GLU B 1439 5.89 72.29 23.81
CA GLU B 1439 6.41 73.67 23.87
C GLU B 1439 6.07 74.53 22.65
N ILE B 1440 5.78 73.93 21.49
CA ILE B 1440 5.64 74.69 20.25
C ILE B 1440 4.36 75.56 20.25
N TYR B 1441 3.27 75.08 20.86
CA TYR B 1441 1.97 75.76 20.75
C TYR B 1441 1.89 77.05 21.58
N THR B 1442 2.34 76.98 22.84
CA THR B 1442 2.35 78.14 23.73
C THR B 1442 3.52 77.99 24.70
N SER B 1443 3.72 79.00 25.59
CA SER B 1443 5.03 79.15 26.26
C SER B 1443 5.00 79.55 27.76
N ASN B 1444 3.95 79.17 28.52
CA ASN B 1444 3.94 79.42 29.98
C ASN B 1444 3.30 78.27 30.78
N HIS B 1445 4.10 77.59 31.61
CA HIS B 1445 3.67 76.48 32.44
C HIS B 1445 3.80 76.96 33.90
N MET B 1446 4.40 76.12 34.79
CA MET B 1446 4.43 76.45 36.20
C MET B 1446 3.09 76.19 36.88
N TRP B 1447 1.98 76.60 36.24
CA TRP B 1447 0.63 76.54 36.83
C TRP B 1447 -0.08 75.20 36.62
N LYS B 1448 -0.04 74.64 35.40
CA LYS B 1448 -0.66 73.34 35.19
C LYS B 1448 -0.06 72.29 36.12
N LEU B 1449 1.28 72.29 36.30
CA LEU B 1449 1.89 71.44 37.32
C LEU B 1449 1.12 71.57 38.61
N PHE B 1450 0.48 72.73 38.83
CA PHE B 1450 -0.31 73.01 40.03
C PHE B 1450 -1.78 72.62 39.92
N GLU B 1451 -2.39 72.76 38.77
CA GLU B 1451 -3.77 72.34 38.68
C GLU B 1451 -3.86 70.84 38.62
N ASN B 1452 -3.00 70.25 37.76
CA ASN B 1452 -2.78 68.82 37.72
C ASN B 1452 -2.34 68.31 39.06
N PHE B 1453 -1.31 68.94 39.64
CA PHE B 1453 -1.01 68.68 41.04
C PHE B 1453 -2.24 68.87 41.94
N LEU B 1454 -3.22 69.65 41.53
CA LEU B 1454 -4.42 69.89 42.31
C LEU B 1454 -5.45 68.80 42.12
N VAL B 1455 -5.36 68.06 41.02
CA VAL B 1455 -6.22 66.93 40.75
C VAL B 1455 -5.63 65.61 41.20
N ASP B 1456 -4.30 65.42 41.12
CA ASP B 1456 -3.66 64.22 41.64
C ASP B 1456 -3.41 64.27 43.17
N ILE B 1457 -3.38 65.48 43.78
CA ILE B 1457 -3.13 65.61 45.24
C ILE B 1457 -4.36 65.20 46.05
N CYS B 1458 -5.57 65.50 45.56
CA CYS B 1458 -6.81 65.09 46.26
C CYS B 1458 -7.04 63.55 46.22
N ARG B 1459 -6.03 62.78 46.64
CA ARG B 1459 -6.02 61.30 46.57
C ARG B 1459 -7.12 60.70 47.43
N ALA B 1460 -7.54 59.49 47.08
CA ALA B 1460 -8.65 58.84 47.75
C ALA B 1460 -9.93 59.69 47.76
N CYS B 1461 -9.82 60.98 47.29
CA CYS B 1461 -10.81 62.06 47.41
C CYS B 1461 -10.33 63.36 48.07
N ASN B 1462 -9.20 63.23 48.79
CA ASN B 1462 -8.85 64.04 49.93
C ASN B 1462 -9.00 63.14 51.16
N ASN B 1463 -8.55 61.86 51.05
CA ASN B 1463 -8.67 60.68 51.93
C ASN B 1463 -9.55 60.73 53.18
N THR B 1464 -10.62 61.54 53.13
CA THR B 1464 -11.68 61.45 54.12
C THR B 1464 -12.51 60.16 53.91
N SER B 1465 -12.75 59.77 52.63
CA SER B 1465 -13.74 58.74 52.28
C SER B 1465 -13.29 57.35 52.67
N ASP B 1466 -12.00 57.08 52.57
CA ASP B 1466 -11.52 55.76 52.83
C ASP B 1466 -12.24 54.77 51.90
N ARG B 1467 -12.52 55.23 50.67
CA ARG B 1467 -13.05 54.38 49.61
C ARG B 1467 -11.95 53.59 48.90
N LYS B 1468 -10.71 53.84 49.27
CA LYS B 1468 -9.60 53.00 48.90
C LYS B 1468 -9.38 52.06 50.09
N HIS B 1469 -9.89 50.83 49.98
CA HIS B 1469 -9.89 49.87 51.08
C HIS B 1469 -8.53 49.23 51.28
N ALA B 1470 -7.94 48.72 50.21
CA ALA B 1470 -6.62 48.13 50.32
C ALA B 1470 -5.60 49.17 50.79
N ASP B 1471 -5.35 50.21 49.95
CA ASP B 1471 -4.61 51.44 50.28
C ASP B 1471 -3.29 51.67 49.52
N SER B 1472 -2.65 50.62 48.99
CA SER B 1472 -1.39 50.80 48.28
C SER B 1472 -1.47 50.48 46.79
N ILE B 1473 -2.49 49.76 46.34
CA ILE B 1473 -2.54 49.22 44.97
C ILE B 1473 -2.54 50.36 43.95
N LEU B 1474 -3.46 51.29 44.11
CA LEU B 1474 -3.53 52.40 43.18
C LEU B 1474 -2.18 53.13 43.12
N GLU B 1475 -1.55 53.32 44.27
CA GLU B 1475 -0.23 53.96 44.28
C GLU B 1475 0.79 53.11 43.51
N LYS B 1476 0.84 51.84 43.79
CA LYS B 1476 1.54 50.85 43.00
C LYS B 1476 1.49 50.93 41.47
N TYR B 1477 0.28 51.00 40.98
CA TYR B 1477 0.13 51.15 39.56
C TYR B 1477 0.44 52.56 39.09
N VAL B 1478 0.52 53.55 40.00
CA VAL B 1478 0.80 54.94 39.63
C VAL B 1478 2.27 55.36 39.77
N THR B 1479 3.01 54.70 40.68
CA THR B 1479 4.47 54.72 40.71
C THR B 1479 5.03 53.76 39.68
N GLU B 1480 4.20 52.76 39.28
CA GLU B 1480 4.29 51.99 38.03
C GLU B 1480 4.26 52.94 36.81
N ILE B 1481 3.06 53.45 36.48
CA ILE B 1481 2.86 54.45 35.43
C ILE B 1481 3.80 55.65 35.59
N VAL B 1482 4.40 55.81 36.77
CA VAL B 1482 5.25 56.98 37.05
C VAL B 1482 6.68 56.79 36.53
N MET B 1483 7.41 55.73 36.97
CA MET B 1483 8.81 55.54 36.48
C MET B 1483 8.84 54.98 35.06
N SER B 1484 7.71 54.42 34.58
CA SER B 1484 7.43 54.42 33.15
C SER B 1484 7.43 55.83 32.63
N ILE B 1485 6.61 56.72 33.22
CA ILE B 1485 6.64 58.15 32.87
C ILE B 1485 8.07 58.68 32.95
N VAL B 1486 8.93 58.02 33.75
CA VAL B 1486 10.36 58.31 33.89
C VAL B 1486 11.12 57.89 32.63
N THR B 1487 11.21 56.60 32.36
CA THR B 1487 11.97 56.17 31.18
C THR B 1487 11.34 56.74 29.90
N THR B 1488 10.02 57.02 29.90
CA THR B 1488 9.34 57.86 28.91
C THR B 1488 9.99 59.24 28.79
N PHE B 1489 10.21 59.93 29.92
CA PHE B 1489 10.63 61.36 29.94
C PHE B 1489 11.80 61.77 29.04
N PHE B 1490 12.77 60.88 28.74
CA PHE B 1490 13.88 61.19 27.82
C PHE B 1490 13.56 60.87 26.35
N SER B 1491 12.60 59.95 26.10
CA SER B 1491 12.04 59.62 24.78
C SER B 1491 10.55 59.95 24.65
N SER B 1492 9.63 59.43 25.55
CA SER B 1492 8.27 59.96 25.79
C SER B 1492 8.38 61.12 26.80
N PRO B 1493 7.48 61.27 27.82
CA PRO B 1493 7.71 62.48 28.69
C PRO B 1493 7.65 62.26 30.16
N SER B 1593 -35.57 26.85 57.65
CA SER B 1593 -34.27 27.38 58.04
C SER B 1593 -33.42 27.53 56.82
N ARG B 1594 -33.93 28.03 55.71
CA ARG B 1594 -33.15 28.00 54.48
C ARG B 1594 -32.69 29.34 53.84
N ASP B 1595 -32.10 30.19 54.70
CA ASP B 1595 -30.95 31.04 54.57
C ASP B 1595 -29.73 30.66 55.44
N TYR B 1596 -29.96 29.89 56.48
CA TYR B 1596 -28.94 29.08 57.13
C TYR B 1596 -28.92 27.66 56.56
N ARG B 1597 -30.09 27.14 56.16
CA ARG B 1597 -30.21 25.87 55.42
C ARG B 1597 -29.75 26.03 53.96
N ASN B 1598 -29.99 27.20 53.34
CA ASN B 1598 -29.41 27.45 52.01
C ASN B 1598 -27.97 27.97 52.06
N ILE B 1599 -27.48 28.41 53.23
CA ILE B 1599 -26.05 28.71 53.43
C ILE B 1599 -25.23 27.46 53.77
N ILE B 1600 -25.81 26.49 54.50
CA ILE B 1600 -25.15 25.22 54.81
C ILE B 1600 -25.37 24.17 53.71
N GLU B 1601 -26.39 24.36 52.85
CA GLU B 1601 -26.53 23.60 51.60
C GLU B 1601 -25.74 24.23 50.46
N ARG B 1602 -25.68 25.56 50.41
CA ARG B 1602 -24.73 26.22 49.51
C ARG B 1602 -23.31 25.78 49.85
N LEU B 1603 -23.00 25.66 51.15
CA LEU B 1603 -21.69 25.13 51.55
C LEU B 1603 -21.56 23.61 51.26
N GLN B 1604 -22.65 22.83 51.44
CA GLN B 1604 -22.56 21.39 51.28
C GLN B 1604 -22.38 20.98 49.80
N ASP B 1605 -23.05 21.68 48.87
CA ASP B 1605 -22.83 21.44 47.45
C ASP B 1605 -21.34 21.57 47.08
N ILE B 1606 -20.68 22.61 47.58
CA ILE B 1606 -19.28 22.87 47.21
C ILE B 1606 -18.32 21.86 47.84
N VAL B 1607 -18.49 21.53 49.12
CA VAL B 1607 -17.58 20.53 49.71
C VAL B 1607 -17.78 19.16 49.05
N SER B 1608 -19.00 18.87 48.59
CA SER B 1608 -19.21 17.69 47.78
C SER B 1608 -18.45 17.79 46.46
N ALA B 1609 -18.72 18.83 45.67
CA ALA B 1609 -18.11 18.95 44.34
C ALA B 1609 -16.58 18.93 44.45
N LEU B 1610 -16.04 19.60 45.45
CA LEU B 1610 -14.59 19.65 45.65
C LEU B 1610 -14.04 18.31 46.08
N GLU B 1611 -14.48 17.79 47.23
CA GLU B 1611 -13.88 16.57 47.71
C GLU B 1611 -14.15 15.42 46.75
N ASP B 1612 -15.42 15.18 46.47
CA ASP B 1612 -15.82 14.10 45.58
C ASP B 1612 -15.33 14.32 44.17
N ARG B 1613 -15.73 15.44 43.56
CA ARG B 1613 -15.40 15.67 42.16
C ARG B 1613 -13.91 15.64 41.96
N LEU B 1614 -13.18 16.26 42.88
CA LEU B 1614 -11.73 16.15 42.83
C LEU B 1614 -11.31 14.67 42.83
N ARG B 1615 -11.87 13.86 43.77
CA ARG B 1615 -11.42 12.47 43.98
C ARG B 1615 -11.87 11.45 42.92
N PRO B 1616 -12.88 11.73 42.15
CA PRO B 1616 -13.36 10.69 41.21
C PRO B 1616 -12.75 10.70 39.80
N LEU B 1617 -12.19 11.85 39.36
CA LEU B 1617 -11.81 12.08 37.96
C LEU B 1617 -10.77 11.08 37.47
N VAL B 1618 -9.89 10.62 38.37
CA VAL B 1618 -8.97 9.52 38.07
C VAL B 1618 -9.75 8.29 37.60
N GLN B 1619 -10.58 7.73 38.49
CA GLN B 1619 -11.27 6.49 38.16
C GLN B 1619 -12.16 6.63 36.92
N ALA B 1620 -12.68 7.84 36.66
CA ALA B 1620 -13.51 8.04 35.46
C ALA B 1620 -12.68 8.08 34.18
N GLU B 1621 -11.67 8.95 34.11
CA GLU B 1621 -10.77 8.86 32.98
C GLU B 1621 -10.43 7.38 32.74
N LEU B 1622 -10.31 6.61 33.84
CA LEU B 1622 -10.09 5.16 33.81
C LEU B 1622 -11.15 4.46 32.98
N SER B 1623 -12.37 4.38 33.49
CA SER B 1623 -13.41 3.67 32.73
C SER B 1623 -13.41 4.10 31.27
N VAL B 1624 -13.08 5.36 31.02
CA VAL B 1624 -12.94 5.83 29.64
C VAL B 1624 -11.93 4.95 28.88
N LEU B 1625 -10.72 4.83 29.42
CA LEU B 1625 -9.83 3.88 28.78
C LEU B 1625 -10.52 2.51 28.65
N VAL B 1626 -11.39 2.17 29.60
CA VAL B 1626 -12.18 0.94 29.45
C VAL B 1626 -12.85 0.94 28.08
N ASP B 1627 -13.38 2.08 27.68
CA ASP B 1627 -13.70 2.25 26.26
C ASP B 1627 -12.52 1.76 25.43
N VAL B 1628 -11.32 2.16 25.82
CA VAL B 1628 -10.14 1.70 25.08
C VAL B 1628 -10.02 0.16 25.04
N LEU B 1629 -10.91 -0.58 25.71
CA LEU B 1629 -10.83 -2.06 25.63
C LEU B 1629 -11.17 -2.61 24.26
N HIS B 1630 -12.07 -1.94 23.55
CA HIS B 1630 -12.08 -2.08 22.13
C HIS B 1630 -12.59 -3.41 21.67
N ARG B 1631 -12.35 -3.67 20.38
CA ARG B 1631 -12.71 -4.94 19.78
C ARG B 1631 -12.59 -6.04 20.79
N PRO B 1632 -11.45 -6.24 21.44
CA PRO B 1632 -11.39 -7.07 22.62
C PRO B 1632 -12.75 -7.16 23.20
N GLU B 1633 -13.10 -6.19 23.97
CA GLU B 1633 -14.40 -6.21 24.60
C GLU B 1633 -15.51 -6.75 23.69
N LEU B 1634 -15.32 -6.70 22.37
CA LEU B 1634 -16.25 -7.36 21.46
C LEU B 1634 -15.96 -8.83 21.32
N LEU B 1635 -14.71 -9.21 21.32
CA LEU B 1635 -14.29 -10.58 21.57
C LEU B 1635 -14.70 -11.03 22.95
N PHE B 1636 -14.11 -10.47 24.01
CA PHE B 1636 -14.54 -10.76 25.38
C PHE B 1636 -16.05 -10.58 25.48
N PRO B 1637 -16.74 -11.39 26.29
CA PRO B 1637 -18.21 -11.34 26.24
C PRO B 1637 -18.75 -11.60 24.82
N GLU B 1638 -18.43 -10.81 23.79
CA GLU B 1638 -18.89 -11.15 22.46
C GLU B 1638 -17.83 -11.98 21.69
N ASN B 1639 -17.09 -12.86 22.38
CA ASN B 1639 -16.25 -13.89 21.77
C ASN B 1639 -17.05 -14.28 20.60
N THR B 1640 -16.86 -13.52 19.58
CA THR B 1640 -17.90 -13.31 18.61
C THR B 1640 -17.74 -14.52 17.72
N ASP B 1641 -18.49 -15.57 18.03
CA ASP B 1641 -18.40 -16.87 17.35
C ASP B 1641 -19.09 -16.83 15.97
N ALA B 1642 -18.98 -17.95 15.22
CA ALA B 1642 -19.24 -18.01 13.76
C ALA B 1642 -18.99 -16.70 13.04
N ARG B 1643 -17.90 -16.01 13.39
CA ARG B 1643 -17.46 -14.74 12.79
C ARG B 1643 -18.12 -13.46 13.32
N ARG B 1644 -18.77 -13.47 14.47
CA ARG B 1644 -19.22 -12.20 15.02
C ARG B 1644 -17.98 -11.30 15.18
N LYS B 1645 -18.16 -10.04 14.89
CA LYS B 1645 -16.98 -9.24 14.61
C LYS B 1645 -16.37 -8.78 15.93
N CYS B 1646 -16.12 -9.74 16.79
CA CYS B 1646 -15.58 -9.42 18.08
C CYS B 1646 -14.25 -8.72 17.95
N GLU B 1647 -13.50 -9.02 16.91
CA GLU B 1647 -12.23 -8.39 16.66
C GLU B 1647 -12.40 -7.35 15.58
N SER B 1648 -11.49 -6.38 15.61
CA SER B 1648 -11.46 -5.29 14.63
C SER B 1648 -12.76 -4.44 14.67
N GLY B 1649 -13.24 -4.16 15.88
CA GLY B 1649 -14.46 -3.35 16.02
C GLY B 1649 -14.22 -1.86 15.86
N GLY B 1650 -13.22 -1.34 16.56
CA GLY B 1650 -12.90 0.04 16.46
C GLY B 1650 -13.25 0.49 15.06
N PHE B 1651 -12.42 0.02 14.13
CA PHE B 1651 -12.41 0.49 12.76
C PHE B 1651 -13.76 1.10 12.41
N ILE B 1652 -14.73 0.24 12.35
CA ILE B 1652 -16.03 0.70 11.92
C ILE B 1652 -16.36 1.98 12.66
N CYS B 1653 -16.25 1.88 13.95
CA CYS B 1653 -16.44 3.04 14.77
C CYS B 1653 -15.77 4.25 14.12
N LYS B 1654 -14.46 4.14 14.13
CA LYS B 1654 -13.62 5.24 13.69
C LYS B 1654 -14.34 5.94 12.58
N LEU B 1655 -14.58 5.16 11.56
CA LEU B 1655 -15.25 5.69 10.42
C LEU B 1655 -16.29 6.67 10.92
N ILE B 1656 -17.18 6.14 11.70
CA ILE B 1656 -18.43 6.86 11.87
C ILE B 1656 -18.21 8.29 12.36
N LYS B 1657 -17.40 8.46 13.40
CA LYS B 1657 -17.48 9.73 14.13
C LYS B 1657 -17.37 10.93 13.20
N HIS B 1658 -16.31 10.93 12.40
CA HIS B 1658 -16.02 12.02 11.51
C HIS B 1658 -17.28 12.45 10.77
N THR B 1659 -18.04 11.48 10.28
CA THR B 1659 -19.33 11.81 9.69
C THR B 1659 -20.25 12.50 10.68
N LYS B 1660 -20.09 12.22 11.94
CA LYS B 1660 -21.07 12.71 12.91
C LYS B 1660 -20.98 14.21 13.19
N GLN B 1661 -19.79 14.76 13.38
CA GLN B 1661 -19.76 16.15 13.87
C GLN B 1661 -20.50 17.12 12.97
N LEU B 1662 -20.79 16.71 11.73
CA LEU B 1662 -21.53 17.53 10.78
C LEU B 1662 -22.63 18.24 11.55
N LEU B 1663 -23.18 17.56 12.56
CA LEU B 1663 -24.17 18.12 13.48
C LEU B 1663 -23.86 19.57 13.78
N GLU B 1664 -24.70 20.50 13.30
CA GLU B 1664 -24.67 21.88 13.78
C GLU B 1664 -24.38 21.86 15.27
N GLU B 1665 -25.21 21.17 16.03
CA GLU B 1665 -24.93 21.00 17.46
C GLU B 1665 -23.95 19.82 17.67
N ASN B 1666 -22.79 19.95 17.02
CA ASN B 1666 -21.71 19.03 17.21
C ASN B 1666 -21.69 18.65 18.67
N GLU B 1667 -21.90 19.65 19.53
CA GLU B 1667 -22.04 19.40 20.96
C GLU B 1667 -20.76 18.71 21.48
N GLU B 1668 -20.83 18.12 22.69
CA GLU B 1668 -19.65 17.71 23.46
C GLU B 1668 -19.09 16.33 23.12
N LYS B 1669 -19.90 15.42 22.58
CA LYS B 1669 -19.47 14.04 22.38
C LYS B 1669 -18.16 13.99 21.63
N LEU B 1670 -17.99 14.90 20.67
CA LEU B 1670 -16.68 15.19 20.11
C LEU B 1670 -15.65 15.31 21.21
N CYS B 1671 -15.90 16.18 22.18
CA CYS B 1671 -14.95 16.36 23.27
C CYS B 1671 -14.75 15.08 24.09
N ILE B 1672 -15.78 14.24 24.18
CA ILE B 1672 -15.64 12.94 24.84
C ILE B 1672 -14.70 12.04 24.06
N LYS B 1673 -14.89 12.01 22.75
CA LYS B 1673 -13.92 11.41 21.86
C LYS B 1673 -12.51 11.90 22.18
N VAL B 1674 -12.25 13.24 22.05
CA VAL B 1674 -10.91 13.83 22.28
C VAL B 1674 -10.35 13.37 23.61
N LEU B 1675 -11.23 13.19 24.61
CA LEU B 1675 -10.82 12.66 25.92
C LEU B 1675 -10.27 11.21 25.83
N GLN B 1676 -10.93 10.30 25.07
CA GLN B 1676 -10.46 8.91 24.99
C GLN B 1676 -9.13 8.78 24.24
N THR B 1677 -8.97 9.51 23.12
CA THR B 1677 -7.72 9.47 22.36
C THR B 1677 -6.56 10.17 23.06
N LEU B 1678 -6.68 11.50 23.27
CA LEU B 1678 -5.65 12.24 24.00
C LEU B 1678 -5.31 11.61 25.35
N ARG B 1679 -6.28 11.04 26.04
CA ARG B 1679 -5.96 10.23 27.22
C ARG B 1679 -5.43 8.85 26.86
N GLU B 1680 -5.40 8.50 25.57
CA GLU B 1680 -4.86 7.25 25.10
C GLU B 1680 -3.35 7.26 24.83
N MET B 1681 -2.66 8.44 24.76
CA MET B 1681 -1.19 8.58 24.85
C MET B 1681 -0.65 8.39 26.28
N MET B 1682 -1.58 8.27 27.24
CA MET B 1682 -1.29 8.25 28.67
C MET B 1682 -1.18 6.85 29.24
N THR B 1683 -1.71 5.80 28.66
CA THR B 1683 -1.30 4.50 29.16
C THR B 1683 0.25 4.46 29.31
N LYS B 1684 1.01 5.07 28.35
CA LYS B 1684 2.46 5.36 28.50
C LYS B 1684 2.72 6.42 29.59
N ASP B 1685 1.68 7.08 30.09
CA ASP B 1685 1.68 7.88 31.31
C ASP B 1685 0.41 7.66 32.18
N ARG B 1686 -0.81 7.82 31.66
CA ARG B 1686 -2.08 7.43 32.30
C ARG B 1686 -2.95 6.36 31.60
N GLY B 1687 -3.72 6.74 30.59
CA GLY B 1687 -4.58 5.76 29.91
C GLY B 1687 -4.65 5.63 28.41
N MET B 1789 4.34 -2.31 21.75
CA MET B 1789 3.09 -1.96 22.42
C MET B 1789 2.61 -0.53 22.05
N SER B 1790 3.40 0.49 22.46
CA SER B 1790 3.08 1.89 22.16
C SER B 1790 3.26 2.23 20.67
N LEU B 1791 4.36 1.77 20.04
CA LEU B 1791 4.54 1.93 18.59
C LEU B 1791 3.54 1.08 17.77
N ALA B 1792 3.28 -0.18 18.22
CA ALA B 1792 2.25 -1.04 17.67
C ALA B 1792 0.83 -0.51 17.94
N GLU B 1793 0.69 0.45 18.87
CA GLU B 1793 -0.56 1.13 19.20
C GLU B 1793 -0.79 2.50 18.52
N VAL B 1794 0.21 3.40 18.49
CA VAL B 1794 0.14 4.60 17.66
C VAL B 1794 0.00 4.18 16.19
N GLN B 1795 0.92 3.32 15.75
CA GLN B 1795 0.64 2.46 14.59
C GLN B 1795 -0.81 1.98 14.58
N CYS B 1796 -1.30 1.29 15.61
CA CYS B 1796 -2.65 0.72 15.55
C CYS B 1796 -3.73 1.74 15.09
N HIS B 1797 -3.81 2.89 15.78
CA HIS B 1797 -4.58 4.02 15.29
C HIS B 1797 -4.48 4.00 13.78
N LEU B 1798 -3.27 4.26 13.26
CA LEU B 1798 -3.12 4.24 11.81
C LEU B 1798 -3.59 2.93 11.23
N ASP B 1799 -3.30 1.86 11.93
CA ASP B 1799 -3.00 0.58 11.33
C ASP B 1799 -4.26 0.03 10.80
N LYS B 1800 -5.30 0.10 11.60
CA LYS B 1800 -6.59 0.13 10.98
C LYS B 1800 -6.63 1.36 10.08
N GLU B 1801 -6.61 2.54 10.68
CA GLU B 1801 -6.89 3.71 9.86
C GLU B 1801 -6.75 5.01 10.58
N GLY B 1802 -5.84 5.02 11.50
CA GLY B 1802 -5.51 6.29 12.07
C GLY B 1802 -5.04 7.20 10.98
N ALA B 1803 -4.70 8.41 11.41
CA ALA B 1803 -4.23 9.56 10.64
C ALA B 1803 -5.27 10.10 9.66
N SER B 1804 -5.84 9.29 8.80
CA SER B 1804 -6.62 9.83 7.70
C SER B 1804 -7.84 10.62 8.17
N ASN B 1805 -8.62 10.02 9.03
CA ASN B 1805 -9.97 10.54 9.27
C ASN B 1805 -9.97 11.96 9.83
N LEU B 1806 -9.37 12.13 11.00
CA LEU B 1806 -9.34 13.46 11.61
C LEU B 1806 -8.95 14.49 10.56
N VAL B 1807 -7.94 14.14 9.76
CA VAL B 1807 -7.46 14.92 8.64
C VAL B 1807 -8.69 15.43 7.90
N ILE B 1808 -9.60 14.56 7.52
CA ILE B 1808 -10.74 15.12 6.80
C ILE B 1808 -11.59 16.05 7.68
N ASP B 1809 -11.55 15.86 9.01
CA ASP B 1809 -12.55 16.49 9.89
C ASP B 1809 -12.25 17.93 10.37
N LEU B 1810 -10.99 18.31 10.57
CA LEU B 1810 -10.74 19.66 11.12
C LEU B 1810 -11.50 20.76 10.37
N ILE B 1811 -11.67 20.58 9.05
CA ILE B 1811 -12.39 21.56 8.21
C ILE B 1811 -13.73 21.88 8.83
N MET B 1812 -14.52 20.82 9.10
CA MET B 1812 -15.79 21.01 9.80
C MET B 1812 -15.58 21.58 11.21
N ASN B 1813 -14.44 21.29 11.84
CA ASN B 1813 -14.13 22.03 13.05
C ASN B 1813 -14.41 23.50 12.84
N ALA B 1814 -13.68 24.12 11.91
CA ALA B 1814 -13.70 25.58 11.73
C ALA B 1814 -14.93 26.29 12.31
N SER B 1815 -16.11 25.98 11.78
CA SER B 1815 -17.32 26.53 12.34
C SER B 1815 -17.34 26.18 13.82
N SER B 1816 -17.60 27.18 14.66
CA SER B 1816 -17.57 26.97 16.11
C SER B 1816 -18.03 25.55 16.45
N ASP B 1817 -17.22 24.84 17.22
CA ASP B 1817 -17.18 23.38 17.21
C ASP B 1817 -15.75 23.04 16.87
N ARG B 1818 -15.18 23.87 15.99
CA ARG B 1818 -13.74 23.94 15.86
C ARG B 1818 -13.09 24.31 17.16
N VAL B 1819 -13.76 25.15 17.97
CA VAL B 1819 -13.13 25.67 19.17
C VAL B 1819 -12.60 24.50 20.01
N PHE B 1820 -13.20 23.30 19.86
CA PHE B 1820 -12.86 22.04 20.58
C PHE B 1820 -11.97 21.08 19.78
N HIS B 1821 -11.78 21.34 18.51
CA HIS B 1821 -10.86 20.53 17.76
C HIS B 1821 -9.42 20.72 18.19
N GLU B 1822 -9.10 21.77 18.95
CA GLU B 1822 -7.81 21.80 19.60
C GLU B 1822 -7.67 20.55 20.46
N SER B 1823 -8.64 20.30 21.32
CA SER B 1823 -8.66 19.05 22.08
C SER B 1823 -8.60 17.86 21.14
N ILE B 1824 -9.58 17.78 20.29
CA ILE B 1824 -9.45 16.81 19.22
C ILE B 1824 -8.05 16.87 18.67
N LEU B 1825 -7.65 18.07 18.27
CA LEU B 1825 -6.30 18.29 17.81
C LEU B 1825 -5.33 17.62 18.73
N LEU B 1826 -5.20 18.16 19.94
CA LEU B 1826 -4.28 17.61 20.90
C LEU B 1826 -4.28 16.09 20.78
N ALA B 1827 -5.45 15.49 20.99
CA ALA B 1827 -5.50 14.06 21.02
C ALA B 1827 -4.68 13.47 19.90
N ILE B 1828 -5.05 13.86 18.72
CA ILE B 1828 -4.31 13.46 17.55
C ILE B 1828 -2.81 13.48 17.87
N ALA B 1829 -2.23 14.67 17.91
CA ALA B 1829 -0.77 14.78 17.87
C ALA B 1829 -0.09 13.79 18.83
N LEU B 1830 -0.60 13.68 20.07
CA LEU B 1830 0.18 12.97 21.07
C LEU B 1830 0.41 11.52 20.66
N LEU B 1831 -0.61 10.90 20.10
CA LEU B 1831 -0.52 9.47 19.80
C LEU B 1831 0.51 9.19 18.73
N GLU B 1832 0.75 10.17 17.86
CA GLU B 1832 1.54 9.91 16.68
C GLU B 1832 3.00 10.30 16.88
N GLY B 1833 3.24 11.51 17.41
CA GLY B 1833 4.54 12.15 17.41
C GLY B 1833 5.59 11.34 18.10
N GLY B 1834 6.84 11.78 18.06
CA GLY B 1834 7.97 10.95 18.42
C GLY B 1834 8.17 9.81 17.40
N ASN B 1835 7.11 9.50 16.65
CA ASN B 1835 7.07 8.48 15.59
C ASN B 1835 6.78 9.22 14.28
N THR B 1836 7.79 9.96 13.78
CA THR B 1836 7.59 10.78 12.58
C THR B 1836 7.14 9.91 11.40
N THR B 1837 7.57 8.64 11.34
CA THR B 1837 7.20 7.69 10.29
C THR B 1837 5.68 7.60 10.13
N ILE B 1838 4.99 7.40 11.22
CA ILE B 1838 3.56 7.60 11.19
C ILE B 1838 3.24 8.91 10.46
N GLN B 1839 3.81 10.02 10.93
CA GLN B 1839 3.54 11.34 10.36
C GLN B 1839 3.56 11.30 8.85
N HIS B 1840 4.62 10.73 8.31
CA HIS B 1840 4.74 10.50 6.89
C HIS B 1840 3.55 9.72 6.33
N SER B 1841 3.39 8.45 6.72
CA SER B 1841 2.27 7.67 6.18
C SER B 1841 1.08 8.58 5.97
N PHE B 1842 0.81 9.37 7.02
CA PHE B 1842 -0.15 10.46 6.99
C PHE B 1842 0.00 11.37 5.78
N PHE B 1843 1.05 12.17 5.78
CA PHE B 1843 1.26 13.07 4.66
C PHE B 1843 1.04 12.33 3.34
N CYS B 1844 1.67 11.15 3.20
CA CYS B 1844 1.54 10.21 2.08
C CYS B 1844 0.12 10.27 1.55
N ARG B 1845 -0.77 10.06 2.48
CA ARG B 1845 -2.14 10.45 2.21
C ARG B 1845 -2.31 11.89 1.70
N LEU B 1846 -2.12 12.90 2.56
CA LEU B 1846 -2.56 14.26 2.22
C LEU B 1846 -1.94 14.79 0.92
N THR B 1847 -0.66 14.70 0.82
CA THR B 1847 -0.02 14.90 -0.46
C THR B 1847 -0.76 14.15 -1.58
N GLU B 1848 -1.12 12.87 -1.35
CA GLU B 1848 -1.87 12.17 -2.37
C GLU B 1848 -3.11 12.96 -2.76
N ASP B 1849 -3.83 13.56 -1.80
CA ASP B 1849 -5.05 14.29 -2.13
C ASP B 1849 -4.83 15.74 -2.54
N LYS B 1850 -3.57 16.20 -2.61
CA LYS B 1850 -3.24 17.55 -3.08
C LYS B 1850 -4.51 18.32 -3.40
N LYS B 1851 -4.99 18.34 -4.62
CA LYS B 1851 -6.24 19.07 -4.84
C LYS B 1851 -7.12 19.04 -3.61
N SER B 1852 -7.29 17.88 -2.97
CA SER B 1852 -8.18 17.69 -1.81
C SER B 1852 -7.48 17.96 -0.49
N GLU B 1853 -6.41 17.23 -0.23
CA GLU B 1853 -5.61 17.52 0.95
C GLU B 1853 -5.08 18.93 0.88
N LYS B 1854 -4.33 19.23 -0.16
CA LYS B 1854 -3.88 20.59 -0.51
C LYS B 1854 -4.96 21.68 -0.43
N PHE B 1855 -6.06 21.52 -1.16
CA PHE B 1855 -7.08 22.53 -1.02
C PHE B 1855 -7.39 22.72 0.47
N PHE B 1856 -7.71 21.62 1.15
CA PHE B 1856 -7.81 21.64 2.61
C PHE B 1856 -6.63 22.43 3.19
N LYS B 1857 -5.49 22.32 2.56
CA LYS B 1857 -4.28 22.80 3.18
C LYS B 1857 -4.37 24.27 3.52
N VAL B 1858 -5.11 25.01 2.71
CA VAL B 1858 -5.18 26.42 2.96
C VAL B 1858 -5.76 26.70 4.32
N PHE B 1859 -6.85 26.03 4.65
CA PHE B 1859 -7.64 26.45 5.80
C PHE B 1859 -6.76 26.66 7.04
N TYR B 1860 -6.07 25.60 7.49
CA TYR B 1860 -5.24 25.70 8.68
C TYR B 1860 -4.44 26.99 8.66
N ASP B 1861 -3.78 27.17 7.54
CA ASP B 1861 -3.12 28.41 7.24
C ASP B 1861 -3.97 29.65 7.58
N ARG B 1862 -5.05 29.85 6.85
CA ARG B 1862 -5.76 31.11 6.98
C ARG B 1862 -6.15 31.36 8.44
N MET B 1863 -6.46 30.29 9.16
CA MET B 1863 -6.99 30.38 10.51
C MET B 1863 -5.99 30.97 11.45
N LYS B 1864 -4.91 30.23 11.67
CA LYS B 1864 -3.90 30.85 12.50
C LYS B 1864 -3.73 32.28 11.99
N VAL B 1865 -3.56 32.36 10.67
CA VAL B 1865 -3.12 33.58 10.01
C VAL B 1865 -3.92 34.75 10.52
N ALA B 1866 -5.20 34.53 10.72
CA ALA B 1866 -6.08 35.64 10.96
C ALA B 1866 -5.79 36.30 12.30
N GLN B 1867 -5.77 35.51 13.35
CA GLN B 1867 -5.81 36.04 14.68
C GLN B 1867 -4.42 36.15 15.26
N GLN B 1868 -3.39 35.92 14.47
CA GLN B 1868 -2.06 36.30 14.93
C GLN B 1868 -1.88 37.79 15.10
N GLU B 1869 -1.79 38.48 13.97
CA GLU B 1869 -1.68 39.93 14.00
C GLU B 1869 -2.73 40.50 14.92
N ILE B 1870 -3.96 40.01 14.79
CA ILE B 1870 -5.05 40.61 15.53
C ILE B 1870 -4.92 40.31 17.02
N LYS B 1871 -4.51 39.10 17.37
CA LYS B 1871 -4.45 38.74 18.78
C LYS B 1871 -3.27 39.36 19.49
N ALA B 1872 -2.10 39.27 18.85
CA ALA B 1872 -0.95 40.07 19.22
C ALA B 1872 -1.47 41.48 19.45
N THR B 1873 -1.94 42.19 18.43
CA THR B 1873 -2.48 43.53 18.62
C THR B 1873 -3.58 43.57 19.69
N VAL B 1874 -4.02 42.41 20.13
CA VAL B 1874 -5.19 42.32 20.96
C VAL B 1874 -4.85 42.48 22.43
N THR B 1875 -3.76 41.84 22.90
CA THR B 1875 -3.40 41.98 24.31
C THR B 1875 -1.90 41.96 24.65
N VAL B 1876 -0.97 42.25 23.72
CA VAL B 1876 0.46 42.16 24.02
C VAL B 1876 1.09 43.52 24.35
N ASN B 1877 0.71 44.60 23.63
CA ASN B 1877 1.40 45.90 23.68
C ASN B 1877 1.38 46.55 25.08
N THR B 1878 0.21 46.54 25.71
CA THR B 1878 0.03 47.21 26.99
C THR B 1878 1.04 46.70 28.01
N SER B 1879 1.33 45.40 27.97
CA SER B 1879 2.34 44.89 28.86
C SER B 1879 3.64 45.70 28.70
N ASP B 1880 3.91 46.23 27.50
CA ASP B 1880 5.18 46.93 27.24
C ASP B 1880 5.33 48.21 28.05
N LEU B 1881 4.25 48.91 28.29
CA LEU B 1881 4.36 50.01 29.21
C LEU B 1881 4.31 49.51 30.65
N GLY B 1882 5.14 48.51 30.96
CA GLY B 1882 5.19 47.98 32.30
C GLY B 1882 5.84 48.96 33.25
N ASN B 1883 5.81 48.59 34.53
CA ASN B 1883 5.89 49.61 35.55
C ASN B 1883 6.23 49.06 36.98
N LYS B 1884 7.23 49.67 37.67
CA LYS B 1884 7.78 51.04 37.43
C LYS B 1884 8.82 51.43 36.39
N LYS B 1885 9.90 50.69 36.22
CA LYS B 1885 11.12 51.29 35.70
C LYS B 1885 11.61 52.37 36.61
N LYS B 1886 11.18 52.28 37.86
CA LYS B 1886 11.75 52.99 39.00
C LYS B 1886 12.28 51.89 39.89
N ASP B 1887 13.59 51.87 40.07
CA ASP B 1887 14.35 50.85 40.79
C ASP B 1887 13.76 50.37 42.13
N ASP B 1888 14.56 49.57 42.86
CA ASP B 1888 14.13 48.85 44.04
C ASP B 1888 14.93 49.30 45.28
N GLU B 1889 14.57 48.74 46.42
CA GLU B 1889 15.22 49.08 47.66
C GLU B 1889 14.76 48.11 48.71
N LYS B 1951 5.78 50.74 47.30
CA LYS B 1951 5.88 49.31 47.57
C LYS B 1951 5.92 48.46 46.28
N ALA B 1952 5.51 47.19 46.34
CA ALA B 1952 5.75 46.22 45.25
C ALA B 1952 5.09 46.65 43.92
N LYS B 1953 3.79 46.81 43.95
CA LYS B 1953 3.05 47.34 42.81
C LYS B 1953 2.63 46.28 41.81
N ASP B 1954 2.39 45.09 42.33
CA ASP B 1954 2.01 43.96 41.51
C ASP B 1954 0.57 44.19 41.02
N ASP B 1955 0.40 44.32 39.70
CA ASP B 1955 -0.93 44.32 39.10
C ASP B 1955 -1.76 43.12 39.58
N LEU B 1956 -3.08 43.22 39.51
CA LEU B 1956 -4.04 42.21 39.97
C LEU B 1956 -4.61 41.36 38.82
N GLU B 1957 -4.49 40.03 38.95
CA GLU B 1957 -5.07 39.10 37.97
C GLU B 1957 -4.50 39.32 36.57
N MET B 1958 -3.20 39.68 36.48
CA MET B 1958 -2.54 39.84 35.19
C MET B 1958 -2.27 38.49 34.54
N SER B 1959 -2.06 37.43 35.35
CA SER B 1959 -1.82 36.06 34.87
C SER B 1959 -3.10 35.35 34.37
N ALA B 1960 -4.32 35.79 34.80
CA ALA B 1960 -5.59 35.26 34.26
C ALA B 1960 -6.03 35.98 32.98
N VAL B 1961 -5.73 37.29 32.83
CA VAL B 1961 -5.90 38.00 31.55
C VAL B 1961 -4.92 37.49 30.48
N ILE B 1962 -3.71 37.08 30.90
CA ILE B 1962 -2.69 36.54 29.98
C ILE B 1962 -2.89 35.04 29.68
N THR B 1963 -3.34 34.22 30.63
CA THR B 1963 -3.64 32.83 30.28
C THR B 1963 -4.91 32.75 29.47
N ILE B 1964 -5.85 33.65 29.74
CA ILE B 1964 -7.01 33.88 28.88
C ILE B 1964 -6.56 34.23 27.46
N MET B 1965 -5.81 35.31 27.29
CA MET B 1965 -5.30 35.54 25.94
C MET B 1965 -4.46 34.37 25.44
N GLN B 1966 -3.96 33.49 26.36
CA GLN B 1966 -3.16 32.27 26.18
C GLN B 1966 -4.07 31.08 25.93
N PRO B 1967 -5.27 31.31 25.41
CA PRO B 1967 -6.12 30.20 24.98
C PRO B 1967 -6.34 30.23 23.47
N ILE B 1968 -6.45 31.44 22.89
CA ILE B 1968 -6.30 31.62 21.45
C ILE B 1968 -4.84 31.56 21.09
N LEU B 1969 -4.06 32.36 21.81
CA LEU B 1969 -2.65 32.10 21.94
C LEU B 1969 -2.41 30.62 22.24
N ARG B 1970 -2.86 30.12 23.41
CA ARG B 1970 -2.54 28.74 23.78
C ARG B 1970 -2.90 27.75 22.65
N PHE B 1971 -4.01 27.98 21.99
CA PHE B 1971 -4.40 27.06 20.93
C PHE B 1971 -3.40 27.09 19.77
N LEU B 1972 -3.11 28.28 19.26
CA LEU B 1972 -2.12 28.38 18.20
C LEU B 1972 -0.86 27.60 18.56
N GLN B 1973 -0.35 27.81 19.78
CA GLN B 1973 0.85 27.09 20.17
C GLN B 1973 0.69 25.58 19.97
N LEU B 1974 -0.39 25.00 20.49
CA LEU B 1974 -0.62 23.56 20.32
C LEU B 1974 -0.36 23.13 18.89
N LEU B 1975 -0.88 23.91 17.97
CA LEU B 1975 -0.48 23.72 16.61
C LEU B 1975 1.04 23.49 16.52
N CYS B 1976 1.81 24.48 17.00
CA CYS B 1976 3.28 24.38 16.88
C CYS B 1976 3.76 22.98 17.24
N GLU B 1977 3.54 22.58 18.49
CA GLU B 1977 4.10 21.31 18.93
C GLU B 1977 3.80 20.21 17.92
N ASN B 1978 2.56 20.16 17.46
CA ASN B 1978 2.27 19.19 16.43
C ASN B 1978 3.29 19.30 15.30
N HIS B 1979 3.45 20.51 14.78
CA HIS B 1979 4.26 20.74 13.59
C HIS B 1979 5.70 20.30 13.78
N ASN B 1980 6.24 20.53 14.97
CA ASN B 1980 7.59 20.07 15.19
C ASN B 1980 7.63 18.54 15.13
N ARG B 1981 6.65 17.87 15.77
CA ARG B 1981 6.69 16.40 15.92
C ARG B 1981 6.68 15.67 14.56
N ASP B 1982 5.78 16.06 13.65
CA ASP B 1982 5.74 15.27 12.43
C ASP B 1982 6.92 15.53 11.50
N LEU B 1983 7.49 16.75 11.56
CA LEU B 1983 8.62 17.10 10.71
C LEU B 1983 9.66 16.01 10.77
N GLN B 1984 9.92 15.40 9.65
CA GLN B 1984 10.92 14.37 9.61
C GLN B 1984 11.35 14.29 8.16
N ASN B 1985 10.55 13.63 7.34
CA ASN B 1985 10.81 13.54 5.92
C ASN B 1985 10.55 14.87 5.22
N PHE B 1986 11.40 15.18 4.24
CA PHE B 1986 11.21 16.35 3.38
C PHE B 1986 9.87 16.31 2.64
N LEU B 1987 9.78 15.80 1.40
CA LEU B 1987 8.58 15.91 0.56
C LEU B 1987 7.32 16.19 1.37
N ARG B 1988 7.27 15.61 2.57
CA ARG B 1988 6.38 16.03 3.64
C ARG B 1988 6.72 17.43 4.16
N CYS B 1989 7.88 17.65 4.84
CA CYS B 1989 8.25 18.97 5.38
C CYS B 1989 8.47 20.01 4.29
N GLN B 1990 8.33 19.54 3.04
CA GLN B 1990 8.75 20.19 1.82
C GLN B 1990 7.68 21.07 1.25
N ASN B 1991 6.73 21.51 2.05
CA ASN B 1991 5.64 22.35 1.55
C ASN B 1991 5.17 21.90 0.14
N ASN B 1992 4.61 20.66 0.09
CA ASN B 1992 4.16 20.08 -1.19
C ASN B 1992 3.36 21.07 -2.09
N LYS B 1993 3.05 20.70 -3.34
CA LYS B 1993 2.51 21.64 -4.34
C LYS B 1993 1.06 21.95 -4.10
N THR B 1994 0.76 23.20 -3.75
CA THR B 1994 -0.59 23.62 -3.38
C THR B 1994 -0.93 24.94 -4.04
N ASN B 1995 -2.14 25.41 -3.73
CA ASN B 1995 -2.46 26.79 -4.05
C ASN B 1995 -1.45 27.72 -3.38
N TYR B 1996 -0.94 27.36 -2.18
CA TYR B 1996 0.03 28.19 -1.48
C TYR B 1996 0.71 27.46 -0.32
N ASN B 1997 1.78 26.74 -0.58
CA ASN B 1997 2.30 25.79 0.39
C ASN B 1997 3.76 26.09 0.70
N LEU B 1998 4.05 26.37 1.96
CA LEU B 1998 5.40 26.73 2.38
C LEU B 1998 5.43 26.85 3.90
N VAL B 1999 6.55 26.44 4.54
CA VAL B 1999 6.70 26.44 6.01
C VAL B 1999 6.97 27.85 6.58
N CYS B 2000 6.68 28.88 5.77
CA CYS B 2000 7.10 30.25 6.04
C CYS B 2000 6.17 30.95 7.01
N GLU B 2001 4.88 30.87 6.76
CA GLU B 2001 3.98 31.64 7.60
C GLU B 2001 4.44 31.57 9.03
N THR B 2002 4.88 30.36 9.46
CA THR B 2002 5.47 30.21 10.78
C THR B 2002 6.27 31.45 11.05
N LEU B 2003 7.10 31.79 10.07
CA LEU B 2003 7.85 33.03 10.14
C LEU B 2003 6.95 34.24 10.38
N GLN B 2004 5.98 34.45 9.51
CA GLN B 2004 5.24 35.70 9.58
C GLN B 2004 4.74 35.93 11.00
N PHE B 2005 4.49 34.84 11.72
CA PHE B 2005 3.84 34.94 13.00
C PHE B 2005 4.81 35.19 14.12
N LEU B 2006 5.86 34.39 14.22
CA LEU B 2006 6.87 34.75 15.20
C LEU B 2006 7.17 36.22 15.07
N ASP B 2007 7.41 36.66 13.83
CA ASP B 2007 7.61 38.07 13.58
C ASP B 2007 6.44 38.86 14.09
N CYS B 2008 5.25 38.28 14.03
CA CYS B 2008 4.10 38.94 14.63
C CYS B 2008 4.15 38.92 16.15
N ILE B 2009 5.00 38.10 16.75
CA ILE B 2009 5.29 38.25 18.15
C ILE B 2009 6.34 39.33 18.33
N CYS B 2010 7.24 39.55 17.35
CA CYS B 2010 8.35 40.50 17.49
C CYS B 2010 8.87 40.99 16.12
N GLY B 2011 8.28 42.07 15.63
CA GLY B 2011 8.73 42.69 14.40
C GLY B 2011 9.98 43.56 14.55
N SER B 2012 9.90 44.57 15.44
CA SER B 2012 10.90 45.64 15.51
C SER B 2012 12.16 45.15 16.23
N THR B 2013 12.68 46.00 17.12
CA THR B 2013 13.76 45.58 18.03
C THR B 2013 14.85 44.80 17.28
N THR B 2014 15.22 45.33 16.12
CA THR B 2014 16.35 44.73 15.43
C THR B 2014 17.57 44.62 16.36
N GLY B 2015 17.71 45.59 17.32
CA GLY B 2015 18.80 45.62 18.30
C GLY B 2015 18.67 44.71 19.52
N GLY B 2016 19.21 45.19 20.65
CA GLY B 2016 18.92 44.59 21.93
C GLY B 2016 17.51 44.94 22.31
N LEU B 2017 16.65 43.93 22.42
CA LEU B 2017 15.20 44.15 22.46
C LEU B 2017 14.80 45.15 23.55
N GLY B 2018 13.80 46.03 23.22
CA GLY B 2018 13.32 47.13 24.07
C GLY B 2018 11.99 46.95 24.83
N LEU B 2019 11.17 45.95 24.49
CA LEU B 2019 10.01 45.54 25.30
C LEU B 2019 10.24 44.10 25.83
N LEU B 2020 10.83 43.99 27.02
CA LEU B 2020 11.13 42.69 27.64
C LEU B 2020 9.93 42.07 28.35
N GLY B 2021 8.82 42.80 28.49
CA GLY B 2021 7.71 42.37 29.36
C GLY B 2021 6.77 41.33 28.76
N LEU B 2022 6.27 41.53 27.54
CA LEU B 2022 5.35 40.55 26.98
C LEU B 2022 6.09 39.27 26.62
N TYR B 2023 7.39 39.39 26.31
CA TYR B 2023 8.37 38.31 26.36
C TYR B 2023 8.29 37.60 27.71
N ILE B 2024 8.75 38.25 28.78
CA ILE B 2024 8.96 37.60 30.08
C ILE B 2024 7.80 36.73 30.59
N ASN B 2025 6.63 36.74 29.90
CA ASN B 2025 5.44 36.00 30.35
C ASN B 2025 5.53 34.51 29.99
N GLU B 2026 5.40 33.66 30.99
CA GLU B 2026 5.81 32.28 30.85
C GLU B 2026 5.13 31.59 29.68
N LYS B 2027 3.82 31.78 29.59
CA LYS B 2027 3.11 31.27 28.43
C LYS B 2027 3.96 31.56 27.19
N ASN B 2028 4.29 32.84 26.99
CA ASN B 2028 5.08 33.25 25.84
C ASN B 2028 6.28 32.33 25.65
N VAL B 2029 6.94 32.01 26.75
CA VAL B 2029 8.08 31.11 26.79
C VAL B 2029 7.78 29.83 26.02
N ALA B 2030 7.01 28.97 26.64
CA ALA B 2030 6.88 27.66 26.05
C ALA B 2030 6.50 27.73 24.57
N LEU B 2031 5.66 28.70 24.20
CA LEU B 2031 5.22 28.78 22.80
C LEU B 2031 6.36 29.06 21.84
N ILE B 2032 7.19 30.00 22.19
CA ILE B 2032 8.26 30.32 21.31
C ILE B 2032 9.13 29.09 21.13
N ASN B 2033 9.62 28.52 22.24
CA ASN B 2033 10.60 27.42 22.11
C ASN B 2033 10.02 26.30 21.23
N GLN B 2034 8.81 25.90 21.52
CA GLN B 2034 8.16 24.99 20.60
C GLN B 2034 8.30 25.49 19.16
N THR B 2035 7.98 26.77 18.98
CA THR B 2035 8.15 27.33 17.67
C THR B 2035 9.53 26.99 17.12
N LEU B 2036 10.60 27.29 17.88
CA LEU B 2036 11.97 27.13 17.37
C LEU B 2036 12.30 25.69 17.05
N GLU B 2037 11.68 24.76 17.75
CA GLU B 2037 11.92 23.37 17.48
C GLU B 2037 11.23 22.98 16.18
N SER B 2038 10.06 23.54 15.93
CA SER B 2038 9.34 23.17 14.73
C SER B 2038 9.94 23.79 13.51
N LEU B 2039 10.18 25.09 13.57
CA LEU B 2039 10.89 25.77 12.49
C LEU B 2039 12.26 25.17 12.31
N THR B 2040 12.95 24.91 13.41
CA THR B 2040 14.17 24.15 13.30
C THR B 2040 13.89 22.75 12.76
N GLU B 2041 12.61 22.31 12.67
CA GLU B 2041 12.19 21.00 12.16
C GLU B 2041 11.67 21.02 10.74
N TYR B 2042 11.23 22.15 10.24
CA TYR B 2042 11.08 22.32 8.81
C TYR B 2042 12.41 22.73 8.17
N CYS B 2043 13.25 23.59 8.81
CA CYS B 2043 14.62 24.05 8.41
C CYS B 2043 15.79 23.16 8.93
N GLN B 2044 15.50 21.95 9.43
CA GLN B 2044 16.51 20.98 9.89
C GLN B 2044 16.77 19.79 8.94
N GLY B 2045 15.79 19.44 8.05
CA GLY B 2045 15.97 18.42 7.02
C GLY B 2045 17.10 18.81 6.12
N PRO B 2046 17.83 19.84 6.56
CA PRO B 2046 19.02 20.31 5.86
C PRO B 2046 18.65 20.74 4.46
N CYS B 2047 17.41 21.16 4.31
CA CYS B 2047 17.00 21.73 3.04
C CYS B 2047 17.58 23.14 2.91
N HIS B 2048 18.35 23.36 1.83
CA HIS B 2048 18.94 24.67 1.59
C HIS B 2048 17.87 25.76 1.42
N GLU B 2049 16.81 25.48 0.64
CA GLU B 2049 15.80 26.51 0.36
C GLU B 2049 15.07 26.95 1.63
N ASN B 2050 15.05 26.09 2.63
CA ASN B 2050 14.36 26.45 3.86
C ASN B 2050 15.15 27.50 4.59
N GLN B 2051 16.44 27.28 4.69
CA GLN B 2051 17.24 28.30 5.31
C GLN B 2051 17.30 29.51 4.41
N ASN B 2052 17.53 29.31 3.13
CA ASN B 2052 17.66 30.45 2.25
C ASN B 2052 16.35 31.19 2.19
N CYS B 2053 15.36 30.55 1.60
CA CYS B 2053 14.04 31.13 1.57
C CYS B 2053 13.70 31.69 2.92
N ILE B 2054 13.79 30.86 3.93
CA ILE B 2054 13.55 31.29 5.29
C ILE B 2054 14.13 32.68 5.44
N ALA B 2055 15.44 32.77 5.40
CA ALA B 2055 16.14 34.03 5.72
C ALA B 2055 15.63 35.18 4.89
N THR B 2056 15.29 34.86 3.66
CA THR B 2056 15.02 35.93 2.73
C THR B 2056 13.69 36.59 3.05
N HIS B 2057 12.61 35.80 3.07
CA HIS B 2057 11.29 36.43 3.11
C HIS B 2057 11.17 37.37 4.29
N GLU B 2058 11.63 36.90 5.44
CA GLU B 2058 11.59 37.71 6.64
C GLU B 2058 12.48 38.92 6.46
N SER B 2059 13.75 38.69 6.22
CA SER B 2059 14.69 39.77 5.99
C SER B 2059 15.01 40.54 7.26
N ASN B 2060 14.77 40.00 8.45
CA ASN B 2060 15.01 40.80 9.64
C ASN B 2060 14.92 40.00 10.91
N GLY B 2061 13.90 39.17 10.97
CA GLY B 2061 13.80 38.22 12.03
C GLY B 2061 15.17 37.66 12.22
N ILE B 2062 15.67 36.90 11.26
CA ILE B 2062 16.98 36.28 11.38
C ILE B 2062 17.92 37.31 11.96
N ASP B 2063 17.70 38.56 11.59
CA ASP B 2063 18.39 39.68 12.22
C ASP B 2063 17.82 39.98 13.59
N ILE B 2064 16.55 39.70 13.80
CA ILE B 2064 15.99 39.81 15.12
C ILE B 2064 16.55 38.74 16.04
N ILE B 2065 16.25 37.47 15.70
CA ILE B 2065 16.85 36.27 16.29
C ILE B 2065 18.35 36.43 16.53
N THR B 2066 19.06 37.05 15.57
CA THR B 2066 20.49 37.37 15.73
C THR B 2066 20.71 38.56 16.69
N ALA B 2067 19.65 39.29 17.06
CA ALA B 2067 19.74 40.44 17.94
C ALA B 2067 19.48 40.12 19.42
N LEU B 2068 18.49 39.29 19.72
CA LEU B 2068 18.25 38.90 21.09
C LEU B 2068 19.49 38.39 21.75
N ILE B 2069 20.29 37.61 21.02
CA ILE B 2069 21.44 37.01 21.65
C ILE B 2069 22.63 37.95 21.69
N LEU B 2070 22.84 38.78 20.68
CA LEU B 2070 23.90 39.76 20.83
C LEU B 2070 23.69 40.46 22.16
N ASN B 2071 22.46 40.89 22.40
CA ASN B 2071 22.04 41.52 23.64
C ASN B 2071 21.33 40.46 24.43
N ASP B 2072 22.03 39.85 25.37
CA ASP B 2072 21.36 38.96 26.29
C ASP B 2072 20.12 39.65 26.82
N ILE B 2073 19.14 38.85 27.21
CA ILE B 2073 18.06 39.40 28.02
C ILE B 2073 18.66 39.88 29.34
N ASN B 2074 17.92 40.77 30.03
CA ASN B 2074 18.35 41.40 31.29
C ASN B 2074 17.26 41.20 32.35
N PRO B 2075 17.22 40.00 33.04
CA PRO B 2075 16.35 39.81 34.23
C PRO B 2075 16.68 38.56 35.06
N LEU B 2076 17.06 38.73 36.34
CA LEU B 2076 17.54 37.63 37.20
C LEU B 2076 16.35 36.93 37.85
N GLY B 2077 16.18 35.63 37.58
CA GLY B 2077 15.10 34.83 38.19
C GLY B 2077 15.16 33.36 37.79
N LYS B 2078 14.28 32.57 38.41
CA LYS B 2078 14.20 31.16 38.03
C LYS B 2078 13.69 31.01 36.60
N LYS B 2079 12.95 32.02 36.10
CA LYS B 2079 12.51 32.06 34.69
C LYS B 2079 13.68 32.27 33.71
N ARG B 2080 14.59 33.19 34.05
CA ARG B 2080 15.69 33.48 33.14
C ARG B 2080 16.53 32.22 32.82
N MET B 2081 16.78 31.38 33.83
CA MET B 2081 17.69 30.22 33.70
C MET B 2081 17.31 29.29 32.56
N ASP B 2082 16.04 28.97 32.49
CA ASP B 2082 15.56 28.23 31.35
C ASP B 2082 15.76 29.05 30.08
N LEU B 2083 15.36 30.32 30.13
CA LEU B 2083 15.53 31.17 28.97
C LEU B 2083 16.82 30.84 28.28
N VAL B 2084 17.90 31.07 29.02
CA VAL B 2084 19.24 30.94 28.50
C VAL B 2084 19.15 29.76 27.55
N LEU B 2085 18.86 28.60 28.11
CA LEU B 2085 18.62 27.42 27.31
C LEU B 2085 17.79 27.74 26.08
N GLU B 2086 16.60 28.27 26.25
CA GLU B 2086 15.72 28.39 25.10
C GLU B 2086 16.26 29.33 24.02
N LEU B 2087 16.70 30.50 24.41
CA LEU B 2087 17.09 31.48 23.42
C LEU B 2087 18.28 30.98 22.64
N LYS B 2088 19.24 30.44 23.36
CA LYS B 2088 20.39 29.85 22.69
C LYS B 2088 19.99 28.60 21.95
N ASN B 2089 19.43 27.63 22.63
CA ASN B 2089 19.11 26.39 21.96
C ASN B 2089 18.25 26.66 20.75
N ASN B 2090 17.22 27.44 20.95
CA ASN B 2090 16.47 27.94 19.85
C ASN B 2090 17.40 28.55 18.84
N ALA B 2091 18.36 29.31 19.31
CA ALA B 2091 19.07 30.22 18.44
C ALA B 2091 20.37 29.64 17.92
N SER B 2092 20.88 28.62 18.57
CA SER B 2092 22.09 27.88 18.25
C SER B 2092 21.74 26.59 17.57
N LYS B 2093 20.56 26.07 17.86
CA LYS B 2093 19.92 24.93 17.24
C LYS B 2093 19.12 25.33 16.01
N LEU B 2094 18.48 26.46 16.09
CA LEU B 2094 17.75 27.01 14.96
C LEU B 2094 18.66 27.84 14.08
N LEU B 2095 19.50 28.70 14.69
CA LEU B 2095 20.63 29.27 13.96
C LEU B 2095 21.41 28.16 13.27
N LEU B 2096 21.68 27.07 14.00
CA LEU B 2096 22.31 25.88 13.41
C LEU B 2096 21.45 25.27 12.28
N ALA B 2097 20.15 25.27 12.44
CA ALA B 2097 19.35 24.61 11.44
C ALA B 2097 19.31 25.39 10.15
N ILE B 2098 19.31 26.73 10.25
CA ILE B 2098 19.32 27.61 9.09
C ILE B 2098 20.71 27.76 8.47
N MET B 2099 21.78 27.63 9.26
CA MET B 2099 23.13 27.91 8.76
C MET B 2099 23.99 26.65 8.60
N GLU B 2100 23.38 25.46 8.46
CA GLU B 2100 24.15 24.21 8.30
C GLU B 2100 24.88 24.14 6.94
N SER B 2101 24.20 24.53 5.86
CA SER B 2101 24.73 24.39 4.51
C SER B 2101 25.67 25.54 4.14
N ARG B 2102 26.67 25.21 3.33
CA ARG B 2102 27.56 26.23 2.79
C ARG B 2102 26.84 26.97 1.68
N HIS B 2103 26.26 28.14 2.00
CA HIS B 2103 25.64 29.04 1.02
C HIS B 2103 25.70 30.49 1.50
N ASP B 2104 25.98 31.42 0.55
CA ASP B 2104 26.44 32.80 0.84
C ASP B 2104 25.30 33.72 1.31
N SER B 2105 24.17 33.70 0.61
CA SER B 2105 23.13 34.66 0.90
C SER B 2105 22.75 34.63 2.39
N GLU B 2106 22.43 33.44 2.92
CA GLU B 2106 21.97 33.29 4.30
C GLU B 2106 22.87 33.93 5.33
N ASN B 2107 24.06 33.37 5.43
CA ASN B 2107 25.03 33.97 6.32
C ASN B 2107 25.18 35.47 6.06
N ALA B 2108 25.05 35.92 4.81
CA ALA B 2108 25.25 37.34 4.52
C ALA B 2108 24.21 38.19 5.25
N GLU B 2109 22.92 37.92 5.00
CA GLU B 2109 21.90 38.67 5.71
C GLU B 2109 22.13 38.60 7.22
N ARG B 2110 22.10 37.38 7.77
CA ARG B 2110 22.17 37.21 9.23
C ARG B 2110 23.39 37.88 9.80
N ILE B 2111 24.48 37.80 9.08
CA ILE B 2111 25.68 38.48 9.52
C ILE B 2111 25.43 39.98 9.55
N LEU B 2112 25.11 40.52 8.38
CA LEU B 2112 24.68 41.89 8.26
C LEU B 2112 23.97 42.22 9.56
N TYR B 2113 23.18 41.25 10.06
CA TYR B 2113 22.40 41.48 11.27
C TYR B 2113 23.23 42.02 12.41
N ASN B 2114 24.50 41.75 12.42
CA ASN B 2114 25.23 42.33 13.49
C ASN B 2114 26.53 42.69 12.88
N MET B 2115 27.24 43.51 13.58
CA MET B 2115 28.56 43.86 13.21
C MET B 2115 29.21 43.72 14.57
N ARG B 2116 30.56 43.65 14.66
CA ARG B 2116 31.49 43.29 13.54
C ARG B 2116 32.59 42.32 14.01
N PRO B 2117 32.32 41.01 13.94
CA PRO B 2117 33.24 40.04 14.57
C PRO B 2117 33.33 40.28 16.07
N LYS B 2118 32.33 41.02 16.58
CA LYS B 2118 32.26 41.44 17.97
C LYS B 2118 30.98 40.95 18.64
N GLU B 2119 29.82 41.40 18.23
CA GLU B 2119 28.60 41.03 18.94
C GLU B 2119 28.57 39.53 19.17
N LEU B 2120 29.05 38.78 18.18
CA LEU B 2120 29.17 37.34 18.28
C LEU B 2120 30.22 36.88 19.28
N VAL B 2121 31.47 37.18 19.00
CA VAL B 2121 32.54 36.90 19.95
C VAL B 2121 32.04 37.30 21.33
N GLU B 2122 31.69 38.58 21.49
CA GLU B 2122 31.15 39.14 22.73
C GLU B 2122 30.25 38.15 23.42
N VAL B 2123 29.24 37.71 22.68
CA VAL B 2123 28.39 36.63 23.12
C VAL B 2123 29.22 35.47 23.67
N ILE B 2124 30.04 34.86 22.81
CA ILE B 2124 30.65 33.58 23.14
C ILE B 2124 31.48 33.67 24.42
N LYS B 2125 32.18 34.79 24.62
CA LYS B 2125 33.00 35.05 25.80
C LYS B 2125 32.18 35.26 27.08
N LYS B 2126 31.37 36.33 27.13
CA LYS B 2126 30.52 36.59 28.30
C LYS B 2126 29.91 35.29 28.82
N ALA B 2127 29.45 34.45 27.89
CA ALA B 2127 28.88 33.16 28.25
C ALA B 2127 29.92 32.23 28.88
N TYR B 2128 30.96 31.89 28.11
CA TYR B 2128 31.98 31.02 28.65
C TYR B 2128 32.36 31.49 30.03
N MET B 2129 32.29 32.80 30.26
CA MET B 2129 32.37 33.40 31.58
C MET B 2129 31.20 32.91 32.43
N GLN B 2130 30.18 33.74 32.60
CA GLN B 2130 29.15 33.51 33.60
C GLN B 2130 29.03 32.03 33.92
N GLY B 2131 28.95 31.25 32.84
CA GLY B 2131 28.77 29.83 32.97
C GLY B 2131 30.00 29.19 33.55
N GLU B 2132 31.13 29.35 32.87
CA GLU B 2132 32.37 28.73 33.33
C GLU B 2132 32.72 29.15 34.77
N VAL B 2133 32.31 30.35 35.15
CA VAL B 2133 32.78 30.91 36.39
C VAL B 2133 31.97 30.37 37.54
N GLU B 2134 30.66 30.60 37.47
CA GLU B 2134 29.81 30.21 38.56
C GLU B 2134 30.28 28.88 39.11
N PHE B 2135 30.25 27.85 38.28
CA PHE B 2135 30.67 26.51 38.67
C PHE B 2135 30.09 26.11 40.06
N GLU B 2136 28.71 26.00 40.08
CA GLU B 2136 27.98 25.48 41.24
C GLU B 2136 26.67 24.68 40.92
N ASP B 2137 26.52 24.09 39.69
CA ASP B 2137 25.30 23.38 39.27
C ASP B 2137 25.40 21.88 39.54
N GLY B 2138 24.62 21.07 38.81
CA GLY B 2138 24.67 19.62 38.94
C GLY B 2138 25.36 18.91 37.78
N GLU B 2139 25.85 17.70 38.07
CA GLU B 2139 26.83 16.99 37.25
C GLU B 2139 26.21 16.12 36.18
N ASN B 2140 26.84 16.13 35.01
CA ASN B 2140 26.37 15.37 33.88
C ASN B 2140 24.89 15.65 33.67
N GLY B 2141 24.59 16.94 33.54
CA GLY B 2141 23.24 17.42 33.63
C GLY B 2141 22.47 17.12 32.36
N GLU B 2142 21.49 16.25 32.50
CA GLU B 2142 20.58 16.02 31.43
C GLU B 2142 19.21 15.77 32.00
N ASP B 2143 18.48 16.78 32.51
CA ASP B 2143 18.92 18.16 32.85
C ASP B 2143 19.42 18.98 31.68
N GLY B 2144 20.41 19.83 31.90
CA GLY B 2144 20.81 20.82 30.90
C GLY B 2144 22.32 21.05 30.82
N ALA B 2145 22.72 21.93 29.84
CA ALA B 2145 24.12 22.21 29.43
C ALA B 2145 24.54 23.68 29.58
N ALA B 2146 23.66 24.64 29.28
CA ALA B 2146 23.81 26.08 29.55
C ALA B 2146 24.54 26.82 28.48
N SER B 2147 24.77 28.11 28.79
CA SER B 2147 25.34 29.00 27.77
C SER B 2147 26.70 28.46 27.31
N PRO B 2148 27.49 27.86 28.15
CA PRO B 2148 28.66 27.19 27.65
C PRO B 2148 28.42 26.28 26.44
N ARG B 2149 27.54 25.31 26.53
CA ARG B 2149 27.23 24.54 25.34
C ARG B 2149 26.65 25.45 24.25
N ASN B 2150 25.67 26.28 24.62
CA ASN B 2150 25.20 27.34 23.75
C ASN B 2150 26.32 28.26 23.29
N VAL B 2151 27.23 28.57 24.19
CA VAL B 2151 28.34 29.40 23.83
C VAL B 2151 29.36 28.56 23.10
N GLY B 2152 29.38 27.28 23.45
CA GLY B 2152 29.94 26.29 22.54
C GLY B 2152 29.20 26.28 21.24
N HIS B 2153 27.90 26.54 21.29
CA HIS B 2153 27.13 26.89 20.10
C HIS B 2153 27.28 28.34 19.68
N ASN B 2154 27.94 29.17 20.49
CA ASN B 2154 28.34 30.51 20.09
C ASN B 2154 29.77 30.58 19.63
N ILE B 2155 30.69 30.06 20.42
CA ILE B 2155 31.99 29.66 19.87
C ILE B 2155 31.76 28.73 18.67
N TYR B 2156 30.86 27.76 18.78
CA TYR B 2156 30.42 27.03 17.58
C TYR B 2156 29.78 27.96 16.58
N ILE B 2157 28.92 28.86 17.05
CA ILE B 2157 28.33 29.81 16.15
C ILE B 2157 29.38 30.75 15.57
N LEU B 2158 30.61 30.79 16.13
CA LEU B 2158 31.74 31.43 15.44
C LEU B 2158 32.50 30.44 14.56
N ALA B 2159 32.86 29.26 15.12
CA ALA B 2159 33.54 28.25 14.32
C ALA B 2159 32.71 27.89 13.11
N HIS B 2160 31.38 27.77 13.31
CA HIS B 2160 30.41 27.48 12.27
C HIS B 2160 30.06 28.69 11.42
N GLN B 2161 30.24 29.92 11.91
CA GLN B 2161 29.91 31.12 11.12
C GLN B 2161 31.09 31.63 10.29
N LEU B 2162 32.20 30.88 10.27
CA LEU B 2162 33.36 31.27 9.50
C LEU B 2162 33.53 30.48 8.20
N ALA B 2163 32.50 29.76 7.69
CA ALA B 2163 32.66 28.88 6.51
C ALA B 2163 32.76 29.64 5.19
N ARG B 2164 32.51 30.93 5.17
CA ARG B 2164 32.79 31.77 4.02
C ARG B 2164 32.60 33.22 4.45
N HIS B 2165 32.95 34.13 3.54
CA HIS B 2165 32.78 35.58 3.73
C HIS B 2165 33.95 36.22 4.43
N ASN B 2166 34.43 37.38 3.95
CA ASN B 2166 35.56 38.06 4.61
C ASN B 2166 35.25 38.32 6.09
N LYS B 2167 33.99 38.64 6.38
CA LYS B 2167 33.61 39.00 7.75
C LYS B 2167 33.78 37.84 8.73
N GLU B 2168 33.27 36.65 8.37
CA GLU B 2168 33.25 35.51 9.28
C GLU B 2168 34.65 35.07 9.68
N LEU B 2169 35.63 35.30 8.80
CA LEU B 2169 37.04 35.14 9.15
C LEU B 2169 37.45 36.15 10.20
N GLN B 2170 37.13 37.42 9.94
CA GLN B 2170 37.36 38.38 10.99
C GLN B 2170 36.88 37.79 12.34
N THR B 2171 35.57 37.60 12.49
CA THR B 2171 35.03 37.08 13.74
C THR B 2171 35.70 35.78 14.17
N MET B 2172 36.04 34.96 13.20
CA MET B 2172 36.51 33.63 13.54
C MET B 2172 37.90 33.68 14.10
N LEU B 2173 38.68 34.63 13.64
CA LEU B 2173 40.00 34.82 14.17
C LEU B 2173 39.97 34.70 15.68
N LYS B 2174 39.04 35.37 16.33
CA LYS B 2174 38.90 35.30 17.79
C LYS B 2174 38.88 33.89 18.36
N PRO B 2175 37.95 33.06 17.93
CA PRO B 2175 38.01 31.65 18.35
C PRO B 2175 39.23 30.93 17.82
N GLY B 2176 39.71 31.41 16.68
CA GLY B 2176 40.95 30.92 16.14
C GLY B 2176 41.97 30.84 17.27
N GLY B 2177 42.55 31.99 17.63
CA GLY B 2177 43.83 32.01 18.31
C GLY B 2177 43.85 32.88 19.55
N GLN B 2178 45.06 33.44 19.75
CA GLN B 2178 45.33 34.56 20.61
C GLN B 2178 46.03 34.10 21.87
N VAL B 2179 47.03 34.89 22.26
CA VAL B 2179 47.76 34.62 23.48
C VAL B 2179 46.97 35.04 24.70
N ASP B 2180 46.17 36.10 24.58
CA ASP B 2180 45.39 36.57 25.72
C ASP B 2180 44.58 35.40 26.28
N GLY B 2181 44.31 35.47 27.59
CA GLY B 2181 43.66 34.38 28.34
C GLY B 2181 42.18 34.21 28.04
N ASP B 2182 41.56 35.22 27.45
CA ASP B 2182 40.22 35.10 26.91
C ASP B 2182 40.25 34.14 25.72
N GLU B 2183 40.87 34.56 24.62
CA GLU B 2183 41.06 33.68 23.47
C GLU B 2183 41.69 32.37 23.90
N ALA B 2184 42.07 32.29 25.16
CA ALA B 2184 42.32 31.03 25.81
C ALA B 2184 41.08 30.46 26.47
N LEU B 2185 40.07 31.27 26.74
CA LEU B 2185 38.77 30.71 27.04
C LEU B 2185 37.98 30.43 25.76
N GLU B 2186 38.19 31.20 24.70
CA GLU B 2186 37.63 30.99 23.39
C GLU B 2186 38.36 29.85 22.74
N PHE B 2187 39.61 30.05 22.44
CA PHE B 2187 40.48 28.93 22.20
C PHE B 2187 40.02 27.82 23.12
N TYR B 2188 39.82 28.08 24.43
CA TYR B 2188 39.30 27.06 25.35
C TYR B 2188 38.00 26.49 24.82
N ALA B 2189 37.33 27.24 23.96
CA ALA B 2189 36.19 26.70 23.24
C ALA B 2189 36.63 25.94 21.98
N LYS B 2190 37.49 26.50 21.14
CA LYS B 2190 37.87 25.82 19.91
C LYS B 2190 38.52 24.45 20.18
N HIS B 2191 39.25 24.34 21.27
CA HIS B 2191 39.82 23.06 21.67
C HIS B 2191 38.89 22.26 22.57
N THR B 2192 38.39 22.85 23.67
CA THR B 2192 37.38 22.15 24.44
C THR B 2192 36.31 21.62 23.50
N ALA B 2193 35.63 22.55 22.82
CA ALA B 2193 34.71 22.17 21.76
C ALA B 2193 35.46 21.36 20.71
N GLN B 2194 34.81 20.29 20.24
CA GLN B 2194 35.26 19.57 19.05
C GLN B 2194 35.29 20.55 17.90
N ILE B 2195 36.03 21.66 18.02
CA ILE B 2195 36.05 22.66 16.97
C ILE B 2195 36.60 21.90 15.77
N GLU B 2196 35.72 21.14 15.07
CA GLU B 2196 36.06 20.28 13.91
C GLU B 2196 34.91 19.40 13.38
N ILE B 2197 34.56 19.62 12.11
CA ILE B 2197 33.36 19.05 11.51
C ILE B 2197 33.24 17.56 11.72
N VAL B 2198 32.16 17.02 11.21
CA VAL B 2198 31.98 15.59 11.27
C VAL B 2198 31.85 15.05 9.87
N ARG B 2199 32.97 14.91 9.18
CA ARG B 2199 33.06 14.45 7.79
C ARG B 2199 32.16 13.22 7.47
N LEU B 2200 31.48 13.30 6.27
CA LEU B 2200 30.32 12.43 5.92
C LEU B 2200 30.29 11.92 4.45
N ASP B 2201 29.81 10.67 4.24
CA ASP B 2201 29.70 9.98 2.95
C ASP B 2201 28.29 10.00 2.31
N ARG B 2202 27.42 10.98 2.71
CA ARG B 2202 26.14 11.38 2.09
C ARG B 2202 24.97 10.39 2.18
N THR B 2203 23.79 10.98 2.41
CA THR B 2203 22.57 10.23 2.69
C THR B 2203 21.77 10.17 1.41
N MET B 2204 22.22 9.26 0.57
CA MET B 2204 21.45 8.87 -0.59
C MET B 2204 21.88 9.58 -1.87
N GLU B 2205 23.02 10.26 -1.90
CA GLU B 2205 23.34 10.86 -3.19
C GLU B 2205 24.78 11.31 -3.38
N GLN B 2206 25.54 11.49 -2.29
CA GLN B 2206 26.92 11.99 -2.36
C GLN B 2206 27.05 13.52 -2.52
N ILE B 2207 26.86 14.30 -1.43
CA ILE B 2207 26.73 15.77 -1.54
C ILE B 2207 27.75 16.57 -0.73
N VAL B 2208 27.27 17.32 0.28
CA VAL B 2208 28.11 18.28 1.01
C VAL B 2208 28.84 17.56 2.10
N PHE B 2209 29.63 18.29 2.83
CA PHE B 2209 30.52 17.64 3.75
C PHE B 2209 29.89 17.51 5.12
N PRO B 2210 30.15 18.40 6.07
CA PRO B 2210 29.95 17.99 7.47
C PRO B 2210 29.53 19.10 8.41
N VAL B 2211 28.82 18.70 9.47
CA VAL B 2211 28.55 19.55 10.62
C VAL B 2211 29.16 18.90 11.87
N PRO B 2212 30.28 19.40 12.34
CA PRO B 2212 30.80 18.95 13.63
C PRO B 2212 29.71 18.82 14.64
N SER B 2213 29.59 17.70 15.28
CA SER B 2213 28.82 17.63 16.51
C SER B 2213 29.79 17.83 17.65
N ILE B 2214 29.73 19.02 18.27
CA ILE B 2214 30.51 19.32 19.47
C ILE B 2214 30.50 18.07 20.35
N CYS B 2215 31.68 17.65 20.79
CA CYS B 2215 31.78 16.47 21.60
C CYS B 2215 33.01 16.66 22.48
N GLU B 2216 32.98 17.74 23.28
CA GLU B 2216 34.13 18.07 24.12
C GLU B 2216 34.29 17.09 25.25
N PHE B 2217 33.18 16.50 25.70
CA PHE B 2217 33.15 15.55 26.82
C PHE B 2217 33.77 14.20 26.48
C1 I3P C . 25.27 -28.49 -18.97
C2 I3P C . 24.90 -29.95 -18.59
C3 I3P C . 23.47 -30.27 -19.08
C4 I3P C . 23.41 -30.09 -20.61
C5 I3P C . 23.79 -28.64 -20.99
C6 I3P C . 25.21 -28.30 -20.51
O1 I3P C . 26.65 -28.11 -18.58
O2 I3P C . 25.82 -30.88 -19.18
O3 I3P C . 23.15 -31.60 -18.74
O4 I3P C . 22.04 -30.41 -21.06
O5 I3P C . 23.72 -28.50 -22.45
O6 I3P C . 25.55 -26.96 -20.83
P1 I3P C . 27.04 -27.46 -17.18
O11 I3P C . 26.18 -26.27 -17.19
O12 I3P C . 26.62 -28.47 -16.18
O13 I3P C . 28.50 -27.24 -17.25
P4 I3P C . 21.56 -31.72 -21.83
O41 I3P C . 20.12 -31.59 -22.14
O42 I3P C . 21.84 -32.80 -20.88
O43 I3P C . 22.49 -31.69 -22.99
P5 I3P C . 23.12 -27.31 -23.31
O51 I3P C . 23.96 -26.18 -22.89
O52 I3P C . 21.69 -27.23 -22.89
O53 I3P C . 23.39 -27.80 -24.69
H1 I3P C . 24.64 -27.88 -18.56
H2 I3P C . 24.92 -30.04 -17.63
H3 I3P C . 22.85 -29.67 -18.65
H4 I3P C . 24.04 -30.70 -21.03
H5 I3P C . 23.15 -28.03 -20.58
H6 I3P C . 25.84 -28.91 -20.92
HO2 I3P C . 26.14 -31.37 -18.58
HO3 I3P C . 22.76 -31.61 -17.99
HO6 I3P C . 26.35 -26.93 -21.11
C1 I3P D . -29.89 32.78 1.92
C2 I3P D . -29.78 34.24 2.48
C3 I3P D . -28.67 34.99 1.74
C4 I3P D . -28.99 35.02 0.23
C5 I3P D . -29.11 33.60 -0.32
C6 I3P D . -30.23 32.82 0.42
O1 I3P D . -30.99 31.99 2.55
O2 I3P D . -31.02 34.94 2.31
O3 I3P D . -28.58 36.30 2.24
O4 I3P D . -27.91 35.76 -0.46
O5 I3P D . -29.44 33.66 -1.75
O6 I3P D . -30.33 31.48 -0.09
P1 I3P D . -30.81 31.09 3.85
O11 I3P D . -30.37 32.05 4.89
O12 I3P D . -32.15 30.49 4.08
O13 I3P D . -29.74 30.20 3.41
P4 I3P D . -27.99 37.25 -1.05
O41 I3P D . -28.24 38.07 0.13
O42 I3P D . -29.18 37.10 -1.94
O43 I3P D . -26.69 37.55 -1.72
P5 I3P D . -28.84 32.78 -2.95
O51 I3P D . -27.38 33.06 -2.90
O52 I3P D . -29.58 33.37 -4.10
O53 I3P D . -29.24 31.44 -2.57
H1 I3P D . -29.05 32.32 2.06
H2 I3P D . -29.56 34.19 3.42
H3 I3P D . -27.83 34.53 1.88
H4 I3P D . -29.84 35.49 0.10
H5 I3P D . -28.28 33.13 -0.20
H6 I3P D . -31.08 33.28 0.28
HO2 I3P D . -31.27 35.25 3.06
HO3 I3P D . -28.03 36.32 2.89
HO6 I3P D . -31.15 31.28 -0.16
#